data_2JVZ
#
_entry.id   2JVZ
#
_entity_poly.entity_id   1
_entity_poly.type   'polypeptide(L)'
_entity_poly.pdbx_seq_one_letter_code
;GTVQEIMIPAGKAGLVIGKGGETIKQLQERAGVKMILIQDGSQNTNVDKPLRIIGDPYKVQQACEMVMDILRERDQGGFG
DRNEYGSRIGGGIDVPVPRHSVGVVIGRSGEMIKKIQNDAGVRIQFKQDDGTGPEKIAHIMGPPDRCEHAARIINDLLQS
LRSG
;
_entity_poly.pdbx_strand_id   A
#
# COMPACT_ATOMS: atom_id res chain seq x y z
N GLY A 1 15.91 16.35 -1.30
CA GLY A 1 14.52 16.11 -1.73
C GLY A 1 13.53 16.60 -0.70
N THR A 2 12.25 16.37 -0.93
CA THR A 2 11.21 16.81 -0.01
C THR A 2 11.12 15.85 1.18
N VAL A 3 11.24 16.38 2.38
CA VAL A 3 11.18 15.57 3.59
C VAL A 3 10.27 16.20 4.64
N GLN A 4 9.18 15.51 4.95
CA GLN A 4 8.27 15.94 6.00
C GLN A 4 8.27 14.91 7.12
N GLU A 5 8.21 15.38 8.36
CA GLU A 5 8.32 14.49 9.51
C GLU A 5 7.02 14.34 10.27
N ILE A 6 6.72 13.09 10.62
CA ILE A 6 5.58 12.76 11.46
C ILE A 6 6.08 11.97 12.66
N MET A 7 5.43 12.11 13.80
CA MET A 7 5.92 11.48 15.02
C MET A 7 5.14 10.21 15.34
N ILE A 8 5.87 9.14 15.57
CA ILE A 8 5.29 7.84 15.88
C ILE A 8 5.45 7.52 17.36
N PRO A 9 4.35 7.59 18.12
CA PRO A 9 4.34 7.25 19.54
C PRO A 9 4.42 5.75 19.75
N ALA A 10 4.97 5.34 20.89
CA ALA A 10 5.02 3.93 21.24
C ALA A 10 3.60 3.39 21.38
N GLY A 11 3.32 2.29 20.71
CA GLY A 11 1.97 1.82 20.58
C GLY A 11 1.49 1.93 19.15
N LYS A 12 2.22 2.70 18.34
CA LYS A 12 1.94 2.81 16.92
C LYS A 12 3.07 2.17 16.11
N ALA A 13 3.97 1.49 16.81
CA ALA A 13 5.13 0.89 16.16
C ALA A 13 4.70 -0.17 15.16
N GLY A 14 3.72 -0.97 15.54
CA GLY A 14 3.24 -2.01 14.64
C GLY A 14 2.54 -1.43 13.42
N LEU A 15 2.19 -0.15 13.50
CA LEU A 15 1.53 0.52 12.41
C LEU A 15 2.55 1.10 11.45
N VAL A 16 3.40 1.97 11.97
CA VAL A 16 4.32 2.71 11.13
C VAL A 16 5.58 1.93 10.75
N ILE A 17 6.25 1.30 11.72
CA ILE A 17 7.43 0.54 11.37
C ILE A 17 7.09 -0.92 11.08
N GLY A 18 6.00 -1.39 11.67
CA GLY A 18 5.59 -2.76 11.49
C GLY A 18 6.27 -3.67 12.49
N LYS A 19 6.51 -3.14 13.69
CA LYS A 19 7.18 -3.86 14.77
C LYS A 19 8.58 -4.34 14.35
N GLY A 20 9.23 -3.60 13.44
CA GLY A 20 10.56 -3.97 13.04
C GLY A 20 10.94 -3.44 11.67
N GLY A 21 9.96 -3.35 10.77
CA GLY A 21 10.26 -2.92 9.41
C GLY A 21 9.23 -3.36 8.38
N GLU A 22 8.27 -4.19 8.81
CA GLU A 22 7.24 -4.72 7.91
C GLU A 22 6.53 -3.60 7.16
N THR A 23 6.14 -2.56 7.87
CA THR A 23 5.46 -1.45 7.25
C THR A 23 6.41 -0.60 6.42
N ILE A 24 7.61 -0.34 6.95
CA ILE A 24 8.55 0.56 6.28
C ILE A 24 8.95 -0.01 4.92
N LYS A 25 8.87 -1.33 4.78
CA LYS A 25 9.07 -1.98 3.48
C LYS A 25 8.15 -1.37 2.45
N GLN A 26 6.87 -1.42 2.77
CA GLN A 26 5.83 -0.99 1.87
C GLN A 26 5.80 0.52 1.77
N LEU A 27 6.22 1.19 2.81
CA LEU A 27 6.34 2.64 2.77
C LEU A 27 7.44 3.04 1.80
N GLN A 28 8.41 2.15 1.62
CA GLN A 28 9.47 2.35 0.64
C GLN A 28 9.02 1.87 -0.74
N GLU A 29 8.44 0.67 -0.82
CA GLU A 29 7.99 0.10 -2.09
C GLU A 29 6.65 0.69 -2.55
N ARG A 30 5.61 0.45 -1.76
CA ARG A 30 4.24 0.82 -2.12
C ARG A 30 4.09 2.32 -2.29
N ALA A 31 4.77 3.09 -1.44
CA ALA A 31 4.74 4.54 -1.54
C ALA A 31 5.82 5.06 -2.48
N GLY A 32 6.90 4.30 -2.62
CA GLY A 32 7.95 4.67 -3.55
C GLY A 32 8.85 5.76 -3.01
N VAL A 33 8.86 5.90 -1.70
CA VAL A 33 9.70 6.91 -1.06
C VAL A 33 10.55 6.26 0.03
N LYS A 34 11.66 6.89 0.36
CA LYS A 34 12.51 6.38 1.41
C LYS A 34 12.16 7.04 2.72
N MET A 35 11.56 6.29 3.61
CA MET A 35 11.22 6.81 4.92
C MET A 35 12.24 6.37 5.92
N ILE A 36 12.97 7.32 6.45
CA ILE A 36 13.97 7.04 7.44
C ILE A 36 13.56 7.61 8.79
N LEU A 37 13.31 6.72 9.70
CA LEU A 37 12.81 7.09 11.01
C LEU A 37 13.62 6.36 12.07
N ILE A 38 13.90 7.06 13.16
CA ILE A 38 14.77 6.54 14.21
C ILE A 38 14.20 5.24 14.78
N GLN A 39 14.79 4.13 14.36
CA GLN A 39 14.44 2.83 14.89
C GLN A 39 15.63 2.30 15.66
N ASP A 40 16.51 3.21 16.04
CA ASP A 40 17.70 2.89 16.80
C ASP A 40 17.34 2.61 18.26
N GLY A 41 17.70 1.43 18.73
CA GLY A 41 17.33 1.01 20.06
C GLY A 41 18.20 1.62 21.15
N SER A 42 19.18 2.41 20.76
CA SER A 42 20.07 3.04 21.73
C SER A 42 19.54 4.39 22.16
N GLN A 43 18.74 5.03 21.29
CA GLN A 43 18.18 6.34 21.62
C GLN A 43 16.66 6.27 21.71
N ASN A 44 15.98 6.34 20.57
CA ASN A 44 14.52 6.35 20.56
C ASN A 44 13.96 4.96 20.32
N THR A 45 14.16 4.08 21.30
CA THR A 45 13.59 2.75 21.22
C THR A 45 12.14 2.76 21.71
N ASN A 46 11.93 3.23 22.94
CA ASN A 46 10.61 3.26 23.53
C ASN A 46 9.94 4.62 23.31
N VAL A 47 10.76 5.63 23.06
CA VAL A 47 10.28 6.99 22.86
C VAL A 47 9.77 7.18 21.43
N ASP A 48 8.90 8.19 21.25
CA ASP A 48 8.37 8.56 19.95
C ASP A 48 9.46 8.69 18.90
N LYS A 49 9.13 8.36 17.66
CA LYS A 49 10.10 8.33 16.58
C LYS A 49 9.67 9.26 15.46
N PRO A 50 10.59 10.07 14.93
CA PRO A 50 10.29 10.97 13.83
C PRO A 50 10.47 10.30 12.45
N LEU A 51 9.39 10.25 11.70
CA LEU A 51 9.38 9.62 10.38
C LEU A 51 9.80 10.65 9.33
N ARG A 52 10.97 10.47 8.74
CA ARG A 52 11.44 11.35 7.68
C ARG A 52 11.13 10.76 6.31
N ILE A 53 10.07 11.24 5.69
CA ILE A 53 9.68 10.76 4.37
C ILE A 53 10.51 11.47 3.30
N ILE A 54 11.35 10.72 2.63
CA ILE A 54 12.20 11.26 1.57
C ILE A 54 11.66 10.86 0.20
N GLY A 55 11.35 11.85 -0.62
CA GLY A 55 10.85 11.57 -1.96
C GLY A 55 10.43 12.83 -2.68
N ASP A 56 9.79 12.65 -3.84
CA ASP A 56 9.28 13.77 -4.61
C ASP A 56 8.11 14.43 -3.88
N PRO A 57 7.87 15.72 -4.11
CA PRO A 57 6.85 16.50 -3.39
C PRO A 57 5.48 15.80 -3.29
N TYR A 58 4.92 15.41 -4.43
CA TYR A 58 3.59 14.80 -4.45
C TYR A 58 3.60 13.45 -3.74
N LYS A 59 4.76 12.81 -3.73
CA LYS A 59 4.92 11.53 -3.08
C LYS A 59 4.83 11.69 -1.57
N VAL A 60 5.61 12.61 -1.04
CA VAL A 60 5.59 12.91 0.38
C VAL A 60 4.23 13.43 0.80
N GLN A 61 3.54 14.08 -0.13
CA GLN A 61 2.20 14.60 0.12
C GLN A 61 1.24 13.45 0.38
N GLN A 62 1.17 12.52 -0.56
CA GLN A 62 0.29 11.37 -0.42
C GLN A 62 0.72 10.49 0.75
N ALA A 63 2.02 10.35 0.94
CA ALA A 63 2.55 9.53 2.03
C ALA A 63 2.22 10.13 3.39
N CYS A 64 2.44 11.44 3.55
CA CYS A 64 2.15 12.11 4.80
C CYS A 64 0.68 11.91 5.19
N GLU A 65 -0.18 11.90 4.17
CA GLU A 65 -1.60 11.65 4.36
C GLU A 65 -1.85 10.25 4.91
N MET A 66 -1.26 9.25 4.25
CA MET A 66 -1.48 7.87 4.63
C MET A 66 -0.83 7.57 5.99
N VAL A 67 0.35 8.14 6.22
CA VAL A 67 1.04 7.94 7.48
C VAL A 67 0.16 8.41 8.64
N MET A 68 -0.51 9.54 8.47
CA MET A 68 -1.37 10.08 9.51
C MET A 68 -2.60 9.20 9.71
N ASP A 69 -2.98 8.46 8.67
CA ASP A 69 -4.18 7.64 8.75
C ASP A 69 -3.90 6.28 9.38
N ILE A 70 -2.94 5.54 8.85
CA ILE A 70 -2.71 4.18 9.36
C ILE A 70 -2.09 4.21 10.76
N LEU A 71 -1.48 5.34 11.10
CA LEU A 71 -0.91 5.55 12.43
C LEU A 71 -2.01 5.84 13.46
N ARG A 72 -3.20 6.21 12.99
CA ARG A 72 -4.33 6.50 13.88
C ARG A 72 -4.58 5.29 14.77
N GLU A 73 -4.40 4.11 14.16
CA GLU A 73 -4.62 2.85 14.82
C GLU A 73 -6.10 2.66 15.17
N ARG A 74 -6.79 1.91 14.34
CA ARG A 74 -8.21 1.61 14.56
C ARG A 74 -8.33 0.25 15.24
N ASP A 75 -7.34 -0.59 14.97
CA ASP A 75 -7.35 -1.99 15.38
C ASP A 75 -5.92 -2.49 15.60
N GLN A 76 -5.04 -1.55 15.97
CA GLN A 76 -3.59 -1.77 16.00
C GLN A 76 -3.08 -2.62 14.83
N GLY A 77 -3.70 -2.45 13.67
CA GLY A 77 -3.23 -3.09 12.47
C GLY A 77 -2.72 -2.07 11.47
N GLY A 78 -3.49 -0.99 11.32
CA GLY A 78 -3.09 0.11 10.46
C GLY A 78 -2.99 -0.27 9.01
N PHE A 79 -3.75 -1.30 8.63
CA PHE A 79 -3.78 -1.83 7.25
C PHE A 79 -2.46 -2.48 6.86
N GLY A 80 -1.36 -1.77 7.07
CA GLY A 80 -0.06 -2.22 6.64
C GLY A 80 0.42 -1.33 5.52
N ASP A 81 1.29 -0.37 5.86
CA ASP A 81 1.67 0.71 4.93
C ASP A 81 0.52 1.70 4.78
N ARG A 82 -0.57 1.20 4.17
CA ARG A 82 -1.76 2.00 3.91
C ARG A 82 -2.69 1.21 3.00
N ASN A 83 -2.12 0.57 1.98
CA ASN A 83 -2.91 -0.25 1.04
C ASN A 83 -3.99 0.60 0.37
N GLU A 84 -3.57 1.39 -0.62
CA GLU A 84 -4.46 2.33 -1.29
C GLU A 84 -3.72 3.01 -2.46
N TYR A 85 -2.74 3.84 -2.19
CA TYR A 85 -1.96 4.44 -3.26
C TYR A 85 -0.49 4.56 -2.92
N GLY A 86 -0.17 5.42 -1.97
CA GLY A 86 1.22 5.68 -1.67
C GLY A 86 1.92 6.39 -2.80
N SER A 87 1.64 7.69 -2.93
CA SER A 87 2.28 8.57 -3.92
C SER A 87 1.74 8.32 -5.35
N ARG A 88 1.49 7.07 -5.69
CA ARG A 88 1.11 6.69 -7.05
C ARG A 88 -0.25 7.24 -7.45
N ILE A 89 -1.31 6.51 -7.17
CA ILE A 89 -2.63 6.91 -7.63
C ILE A 89 -3.53 7.33 -6.47
N GLY A 90 -3.48 8.61 -6.12
CA GLY A 90 -4.30 9.11 -5.04
C GLY A 90 -5.78 9.01 -5.34
N GLY A 91 -6.38 7.89 -4.94
CA GLY A 91 -7.78 7.65 -5.21
C GLY A 91 -8.01 6.21 -5.63
N GLY A 92 -8.33 5.36 -4.66
CA GLY A 92 -8.46 3.95 -4.93
C GLY A 92 -7.37 3.17 -4.23
N ILE A 93 -7.53 1.86 -4.14
CA ILE A 93 -6.60 1.02 -3.39
C ILE A 93 -5.52 0.43 -4.29
N ASP A 94 -4.37 0.08 -3.70
CA ASP A 94 -3.30 -0.57 -4.42
C ASP A 94 -3.42 -2.07 -4.19
N VAL A 95 -3.04 -2.88 -5.19
CA VAL A 95 -3.30 -4.32 -5.11
C VAL A 95 -2.09 -5.15 -5.58
N PRO A 96 -1.30 -5.68 -4.64
CA PRO A 96 -0.25 -6.65 -4.97
C PRO A 96 -0.86 -8.00 -5.36
N VAL A 97 -0.81 -8.33 -6.65
CA VAL A 97 -1.36 -9.59 -7.13
C VAL A 97 -0.23 -10.52 -7.56
N PRO A 98 -0.25 -11.78 -7.09
CA PRO A 98 0.76 -12.80 -7.43
C PRO A 98 0.94 -12.97 -8.94
N ARG A 99 2.19 -13.23 -9.32
CA ARG A 99 2.60 -13.27 -10.72
C ARG A 99 1.93 -14.40 -11.50
N HIS A 100 1.46 -15.42 -10.80
CA HIS A 100 0.79 -16.54 -11.47
C HIS A 100 -0.70 -16.24 -11.65
N SER A 101 -1.13 -15.11 -11.12
CA SER A 101 -2.54 -14.77 -11.12
C SER A 101 -2.83 -13.53 -11.97
N VAL A 102 -1.86 -12.62 -12.06
CA VAL A 102 -2.06 -11.34 -12.74
C VAL A 102 -2.52 -11.51 -14.19
N GLY A 103 -1.94 -12.48 -14.89
CA GLY A 103 -2.31 -12.72 -16.27
C GLY A 103 -3.72 -13.27 -16.39
N VAL A 104 -4.18 -13.94 -15.36
CA VAL A 104 -5.53 -14.50 -15.32
C VAL A 104 -6.53 -13.39 -15.01
N VAL A 105 -6.09 -12.44 -14.19
CA VAL A 105 -6.89 -11.27 -13.87
C VAL A 105 -7.22 -10.48 -15.13
N ILE A 106 -6.23 -10.39 -16.01
CA ILE A 106 -6.42 -9.71 -17.28
C ILE A 106 -7.29 -10.54 -18.21
N GLY A 107 -6.84 -11.76 -18.49
CA GLY A 107 -7.52 -12.60 -19.44
C GLY A 107 -6.73 -12.73 -20.73
N ARG A 108 -7.40 -12.66 -21.86
CA ARG A 108 -6.71 -12.69 -23.15
C ARG A 108 -6.55 -11.27 -23.68
N SER A 109 -7.67 -10.58 -23.83
CA SER A 109 -7.67 -9.19 -24.23
C SER A 109 -8.02 -8.30 -23.03
N GLY A 110 -8.70 -8.90 -22.06
CA GLY A 110 -9.06 -8.18 -20.86
C GLY A 110 -10.49 -8.46 -20.43
N GLU A 111 -11.05 -9.58 -20.89
CA GLU A 111 -12.45 -9.93 -20.62
C GLU A 111 -12.76 -9.83 -19.14
N MET A 112 -11.84 -10.35 -18.33
CA MET A 112 -12.04 -10.41 -16.89
C MET A 112 -11.85 -9.06 -16.24
N ILE A 113 -10.72 -8.41 -16.49
CA ILE A 113 -10.39 -7.18 -15.81
C ILE A 113 -11.30 -6.02 -16.25
N LYS A 114 -11.83 -6.11 -17.46
CA LYS A 114 -12.75 -5.09 -17.95
C LYS A 114 -14.10 -5.22 -17.24
N LYS A 115 -14.45 -6.45 -16.84
CA LYS A 115 -15.73 -6.66 -16.16
C LYS A 115 -15.62 -6.25 -14.70
N ILE A 116 -14.40 -6.24 -14.16
CA ILE A 116 -14.18 -5.72 -12.80
C ILE A 116 -14.59 -4.25 -12.76
N GLN A 117 -14.14 -3.53 -13.78
CA GLN A 117 -14.44 -2.11 -13.91
C GLN A 117 -15.92 -1.90 -14.23
N ASN A 118 -16.53 -2.92 -14.83
CA ASN A 118 -17.94 -2.90 -15.17
C ASN A 118 -18.78 -3.20 -13.93
N ASP A 119 -18.32 -4.13 -13.12
CA ASP A 119 -19.04 -4.58 -11.94
C ASP A 119 -18.91 -3.60 -10.79
N ALA A 120 -17.67 -3.28 -10.43
CA ALA A 120 -17.42 -2.45 -9.25
C ALA A 120 -17.43 -0.97 -9.59
N GLY A 121 -17.34 -0.65 -10.88
CA GLY A 121 -17.25 0.73 -11.30
C GLY A 121 -15.91 1.33 -10.93
N VAL A 122 -14.85 0.71 -11.41
CA VAL A 122 -13.50 1.07 -11.01
C VAL A 122 -12.59 1.24 -12.22
N ARG A 123 -11.37 1.69 -11.97
CA ARG A 123 -10.35 1.77 -13.01
C ARG A 123 -9.11 1.00 -12.55
N ILE A 124 -8.35 0.49 -13.49
CA ILE A 124 -7.14 -0.25 -13.14
C ILE A 124 -5.89 0.49 -13.57
N GLN A 125 -4.91 0.53 -12.69
CA GLN A 125 -3.63 1.15 -12.98
C GLN A 125 -2.50 0.21 -12.60
N PHE A 126 -1.79 -0.30 -13.59
CA PHE A 126 -0.58 -1.04 -13.29
C PHE A 126 0.55 -0.07 -13.05
N LYS A 127 0.88 0.11 -11.78
CA LYS A 127 1.91 1.05 -11.39
C LYS A 127 3.20 0.29 -11.12
N GLN A 128 4.30 1.03 -11.06
CA GLN A 128 5.59 0.48 -10.68
C GLN A 128 5.45 -0.40 -9.44
N ASP A 129 5.41 -1.70 -9.67
CA ASP A 129 5.18 -2.67 -8.61
C ASP A 129 6.29 -2.67 -7.59
N ASP A 130 5.90 -2.98 -6.35
CA ASP A 130 6.81 -3.10 -5.24
C ASP A 130 7.93 -4.07 -5.62
N GLY A 131 9.15 -3.55 -5.67
CA GLY A 131 10.26 -4.25 -6.27
C GLY A 131 10.74 -5.43 -5.46
N THR A 132 9.98 -6.51 -5.47
CA THR A 132 10.35 -7.72 -4.78
C THR A 132 10.37 -8.91 -5.73
N GLY A 133 9.49 -8.88 -6.74
CA GLY A 133 9.47 -9.96 -7.72
C GLY A 133 8.11 -10.63 -7.84
N PRO A 134 7.67 -11.38 -6.80
CA PRO A 134 6.43 -12.17 -6.84
C PRO A 134 5.18 -11.36 -7.20
N GLU A 135 4.79 -10.44 -6.33
CA GLU A 135 3.53 -9.74 -6.51
C GLU A 135 3.69 -8.45 -7.29
N LYS A 136 2.64 -8.11 -8.03
CA LYS A 136 2.62 -6.90 -8.84
C LYS A 136 1.38 -6.07 -8.52
N ILE A 137 1.60 -4.84 -8.12
CA ILE A 137 0.51 -3.95 -7.69
C ILE A 137 -0.33 -3.45 -8.87
N ALA A 138 -1.54 -3.97 -8.97
CA ALA A 138 -2.53 -3.46 -9.91
C ALA A 138 -3.49 -2.54 -9.16
N HIS A 139 -3.34 -1.24 -9.35
CA HIS A 139 -4.10 -0.28 -8.58
C HIS A 139 -5.56 -0.22 -9.01
N ILE A 140 -6.45 -0.24 -8.03
CA ILE A 140 -7.87 -0.12 -8.26
C ILE A 140 -8.32 1.31 -7.95
N MET A 141 -8.72 2.04 -8.99
CA MET A 141 -9.12 3.44 -8.84
C MET A 141 -10.63 3.57 -8.72
N GLY A 142 -11.08 4.42 -7.81
CA GLY A 142 -12.50 4.67 -7.68
C GLY A 142 -12.87 5.09 -6.27
N PRO A 143 -14.16 4.99 -5.90
CA PRO A 143 -14.62 5.27 -4.53
C PRO A 143 -14.16 4.19 -3.56
N PRO A 144 -13.73 4.58 -2.35
CA PRO A 144 -13.11 3.67 -1.36
C PRO A 144 -13.82 2.33 -1.22
N ASP A 145 -15.14 2.37 -1.09
CA ASP A 145 -15.92 1.15 -0.87
C ASP A 145 -15.86 0.24 -2.10
N ARG A 146 -15.90 0.83 -3.28
CA ARG A 146 -15.85 0.06 -4.52
C ARG A 146 -14.44 -0.42 -4.79
N CYS A 147 -13.46 0.34 -4.30
CA CYS A 147 -12.07 -0.04 -4.37
C CYS A 147 -11.85 -1.38 -3.72
N GLU A 148 -12.18 -1.47 -2.43
CA GLU A 148 -12.03 -2.70 -1.70
C GLU A 148 -12.89 -3.81 -2.31
N HIS A 149 -14.10 -3.44 -2.72
CA HIS A 149 -15.03 -4.37 -3.36
C HIS A 149 -14.39 -5.06 -4.56
N ALA A 150 -13.49 -4.35 -5.24
CA ALA A 150 -12.82 -4.88 -6.42
C ALA A 150 -11.70 -5.84 -6.00
N ALA A 151 -11.05 -5.52 -4.89
CA ALA A 151 -9.95 -6.33 -4.39
C ALA A 151 -10.45 -7.66 -3.82
N ARG A 152 -11.73 -7.69 -3.46
CA ARG A 152 -12.32 -8.90 -2.92
C ARG A 152 -12.60 -9.89 -4.04
N ILE A 153 -12.87 -9.36 -5.22
CA ILE A 153 -13.04 -10.17 -6.41
C ILE A 153 -11.70 -10.77 -6.82
N ILE A 154 -10.69 -9.91 -6.94
CA ILE A 154 -9.35 -10.33 -7.34
C ILE A 154 -8.79 -11.35 -6.35
N ASN A 155 -8.96 -11.09 -5.06
CA ASN A 155 -8.48 -12.00 -4.02
C ASN A 155 -9.14 -13.36 -4.13
N ASP A 156 -10.38 -13.38 -4.57
CA ASP A 156 -11.10 -14.64 -4.73
C ASP A 156 -10.56 -15.40 -5.93
N LEU A 157 -10.18 -14.64 -6.96
CA LEU A 157 -9.56 -15.22 -8.15
C LEU A 157 -8.25 -15.90 -7.78
N LEU A 158 -7.51 -15.28 -6.85
CA LEU A 158 -6.25 -15.83 -6.38
C LEU A 158 -6.50 -17.20 -5.73
N GLN A 159 -7.58 -17.27 -4.96
CA GLN A 159 -7.95 -18.50 -4.27
C GLN A 159 -8.47 -19.55 -5.25
N SER A 160 -9.12 -19.09 -6.32
CA SER A 160 -9.59 -19.98 -7.37
C SER A 160 -8.38 -20.63 -8.07
N LEU A 161 -7.34 -19.83 -8.30
CA LEU A 161 -6.14 -20.32 -8.94
C LEU A 161 -5.32 -21.18 -7.98
N ARG A 162 -5.53 -20.97 -6.68
CA ARG A 162 -4.93 -21.81 -5.66
C ARG A 162 -5.59 -23.18 -5.62
N SER A 163 -6.81 -23.24 -6.13
CA SER A 163 -7.55 -24.48 -6.19
C SER A 163 -7.33 -25.16 -7.53
N GLY A 164 -6.36 -26.06 -7.58
CA GLY A 164 -6.01 -26.73 -8.81
C GLY A 164 -7.14 -27.62 -9.32
N GLY A 1 15.60 18.29 -0.59
CA GLY A 1 14.42 17.66 -1.22
C GLY A 1 13.21 17.70 -0.32
N THR A 2 12.12 17.08 -0.76
CA THR A 2 10.91 17.03 0.03
C THR A 2 10.99 15.96 1.11
N VAL A 3 11.35 16.39 2.31
CA VAL A 3 11.39 15.52 3.48
C VAL A 3 10.56 16.10 4.61
N GLN A 4 9.46 15.41 4.93
CA GLN A 4 8.61 15.80 6.03
C GLN A 4 8.78 14.84 7.20
N GLU A 5 8.64 15.37 8.42
CA GLU A 5 8.79 14.54 9.61
C GLU A 5 7.45 14.34 10.30
N ILE A 6 7.07 13.07 10.43
CA ILE A 6 5.88 12.69 11.18
C ILE A 6 6.31 12.00 12.47
N MET A 7 5.80 12.48 13.60
CA MET A 7 6.17 11.90 14.89
C MET A 7 5.39 10.62 15.17
N ILE A 8 6.13 9.53 15.35
CA ILE A 8 5.55 8.23 15.62
C ILE A 8 5.62 7.90 17.12
N PRO A 9 4.46 7.71 17.75
CA PRO A 9 4.35 7.23 19.14
C PRO A 9 4.95 5.83 19.33
N ALA A 10 5.49 5.55 20.51
CA ALA A 10 5.88 4.19 20.85
C ALA A 10 4.62 3.34 20.99
N GLY A 11 4.65 2.16 20.42
CA GLY A 11 3.44 1.37 20.30
C GLY A 11 2.84 1.54 18.93
N LYS A 12 2.76 2.79 18.49
CA LYS A 12 2.36 3.09 17.12
C LYS A 12 3.47 2.69 16.18
N ALA A 13 4.72 2.84 16.64
CA ALA A 13 5.89 2.45 15.89
C ALA A 13 5.77 1.03 15.37
N GLY A 14 5.26 0.15 16.21
CA GLY A 14 5.13 -1.25 15.85
C GLY A 14 4.21 -1.48 14.66
N LEU A 15 3.20 -0.62 14.51
CA LEU A 15 2.30 -0.74 13.38
C LEU A 15 2.76 0.11 12.20
N VAL A 16 3.58 1.13 12.48
CA VAL A 16 4.10 2.01 11.43
C VAL A 16 5.30 1.39 10.72
N ILE A 17 6.25 0.85 11.48
CA ILE A 17 7.40 0.22 10.87
C ILE A 17 7.15 -1.26 10.67
N GLY A 18 6.28 -1.81 11.50
CA GLY A 18 6.07 -3.24 11.52
C GLY A 18 6.95 -3.90 12.56
N LYS A 19 6.38 -4.77 13.38
CA LYS A 19 7.14 -5.44 14.42
C LYS A 19 8.22 -6.34 13.81
N GLY A 20 8.05 -6.65 12.52
CA GLY A 20 9.10 -7.34 11.78
C GLY A 20 9.50 -6.55 10.56
N GLY A 21 9.10 -5.28 10.51
CA GLY A 21 9.45 -4.42 9.39
C GLY A 21 8.41 -4.43 8.29
N GLU A 22 7.36 -5.22 8.47
CA GLU A 22 6.37 -5.46 7.42
C GLU A 22 5.80 -4.16 6.86
N THR A 23 5.31 -3.31 7.75
CA THR A 23 4.66 -2.07 7.35
C THR A 23 5.62 -1.15 6.60
N ILE A 24 6.88 -1.12 7.01
CA ILE A 24 7.83 -0.19 6.41
C ILE A 24 8.10 -0.54 4.95
N LYS A 25 8.07 -1.82 4.60
CA LYS A 25 8.25 -2.23 3.20
C LYS A 25 7.22 -1.56 2.32
N GLN A 26 6.00 -1.51 2.81
CA GLN A 26 4.90 -0.96 2.06
C GLN A 26 5.03 0.55 1.97
N LEU A 27 5.69 1.14 2.93
CA LEU A 27 5.95 2.58 2.90
C LEU A 27 7.14 2.89 2.01
N GLN A 28 8.12 1.99 2.01
CA GLN A 28 9.35 2.21 1.26
C GLN A 28 9.18 1.79 -0.20
N GLU A 29 8.85 0.52 -0.39
CA GLU A 29 8.81 -0.07 -1.72
C GLU A 29 7.46 0.16 -2.40
N ARG A 30 6.38 -0.08 -1.66
CA ARG A 30 5.04 0.11 -2.24
C ARG A 30 4.78 1.58 -2.56
N ALA A 31 4.98 2.44 -1.57
CA ALA A 31 4.69 3.85 -1.72
C ALA A 31 5.69 4.54 -2.65
N GLY A 32 6.91 4.02 -2.69
CA GLY A 32 7.91 4.54 -3.59
C GLY A 32 8.74 5.66 -2.98
N VAL A 33 8.70 5.78 -1.66
CA VAL A 33 9.49 6.80 -0.97
C VAL A 33 10.49 6.12 -0.04
N LYS A 34 11.39 6.90 0.53
CA LYS A 34 12.26 6.39 1.56
C LYS A 34 11.97 7.08 2.88
N MET A 35 11.38 6.32 3.77
CA MET A 35 11.09 6.76 5.10
C MET A 35 12.20 6.35 6.03
N ILE A 36 12.90 7.33 6.53
CA ILE A 36 14.01 7.09 7.43
C ILE A 36 13.64 7.59 8.81
N LEU A 37 13.32 6.65 9.67
CA LEU A 37 12.82 6.95 10.99
C LEU A 37 13.54 6.12 12.03
N ILE A 38 13.79 6.73 13.18
CA ILE A 38 14.47 6.05 14.27
C ILE A 38 13.58 4.93 14.79
N GLN A 39 13.94 3.71 14.46
CA GLN A 39 13.17 2.56 14.90
C GLN A 39 13.65 2.12 16.28
N ASP A 40 14.93 1.81 16.38
CA ASP A 40 15.55 1.45 17.65
C ASP A 40 17.05 1.29 17.45
N GLY A 41 17.83 2.11 18.14
CA GLY A 41 19.27 2.02 18.00
C GLY A 41 19.99 3.27 18.46
N SER A 42 19.54 4.43 17.99
CA SER A 42 20.20 5.68 18.32
C SER A 42 19.95 6.08 19.78
N GLN A 43 18.75 6.58 20.07
CA GLN A 43 18.43 7.01 21.42
C GLN A 43 16.92 7.02 21.65
N ASN A 44 16.15 7.35 20.62
CA ASN A 44 14.70 7.37 20.74
C ASN A 44 14.14 5.96 20.64
N THR A 45 14.44 5.16 21.65
CA THR A 45 13.97 3.78 21.71
C THR A 45 12.56 3.71 22.27
N ASN A 46 12.40 4.23 23.49
CA ASN A 46 11.09 4.29 24.13
C ASN A 46 10.43 5.64 23.85
N VAL A 47 11.23 6.56 23.36
CA VAL A 47 10.76 7.90 23.06
C VAL A 47 10.10 7.92 21.67
N ASP A 48 9.25 8.92 21.44
CA ASP A 48 8.61 9.11 20.14
C ASP A 48 9.66 9.25 19.05
N LYS A 49 9.32 8.82 17.84
CA LYS A 49 10.30 8.67 16.79
C LYS A 49 9.89 9.41 15.53
N PRO A 50 10.74 10.31 15.05
CA PRO A 50 10.46 11.13 13.86
C PRO A 50 10.67 10.37 12.55
N LEU A 51 9.64 10.34 11.74
CA LEU A 51 9.66 9.66 10.45
C LEU A 51 9.91 10.68 9.34
N ARG A 52 11.01 10.53 8.62
CA ARG A 52 11.30 11.41 7.49
C ARG A 52 10.87 10.75 6.19
N ILE A 53 9.96 11.39 5.48
CA ILE A 53 9.53 10.90 4.18
C ILE A 53 10.36 11.53 3.08
N ILE A 54 11.20 10.74 2.44
CA ILE A 54 12.03 11.23 1.34
C ILE A 54 11.47 10.73 0.02
N GLY A 55 11.12 11.65 -0.87
CA GLY A 55 10.59 11.25 -2.16
C GLY A 55 10.08 12.41 -2.97
N ASP A 56 9.42 12.09 -4.08
CA ASP A 56 8.81 13.08 -4.95
C ASP A 56 7.76 13.89 -4.20
N PRO A 57 7.75 15.22 -4.37
CA PRO A 57 6.85 16.11 -3.61
C PRO A 57 5.41 15.61 -3.49
N TYR A 58 4.86 15.16 -4.61
CA TYR A 58 3.47 14.69 -4.63
C TYR A 58 3.32 13.44 -3.77
N LYS A 59 4.31 12.56 -3.84
CA LYS A 59 4.27 11.31 -3.10
C LYS A 59 4.39 11.60 -1.60
N VAL A 60 5.28 12.52 -1.26
CA VAL A 60 5.48 12.89 0.13
C VAL A 60 4.21 13.45 0.74
N GLN A 61 3.41 14.13 -0.08
CA GLN A 61 2.16 14.72 0.40
C GLN A 61 1.18 13.61 0.74
N GLN A 62 1.02 12.69 -0.19
CA GLN A 62 0.10 11.59 -0.03
C GLN A 62 0.55 10.69 1.10
N ALA A 63 1.86 10.47 1.18
CA ALA A 63 2.43 9.64 2.24
C ALA A 63 2.17 10.26 3.60
N CYS A 64 2.37 11.57 3.73
CA CYS A 64 2.10 12.26 4.99
C CYS A 64 0.66 12.03 5.41
N GLU A 65 -0.26 12.15 4.46
CA GLU A 65 -1.67 11.93 4.71
C GLU A 65 -1.94 10.48 5.14
N MET A 66 -1.28 9.54 4.48
CA MET A 66 -1.51 8.13 4.76
C MET A 66 -0.81 7.69 6.03
N VAL A 67 0.36 8.26 6.31
CA VAL A 67 1.06 7.98 7.55
C VAL A 67 0.22 8.42 8.74
N MET A 68 -0.46 9.55 8.61
CA MET A 68 -1.35 10.03 9.66
C MET A 68 -2.58 9.13 9.77
N ASP A 69 -2.87 8.42 8.69
CA ASP A 69 -4.05 7.57 8.63
C ASP A 69 -3.79 6.19 9.23
N ILE A 70 -2.83 5.45 8.70
CA ILE A 70 -2.62 4.08 9.15
C ILE A 70 -2.10 4.04 10.58
N LEU A 71 -1.54 5.17 11.01
CA LEU A 71 -1.07 5.34 12.38
C LEU A 71 -2.24 5.58 13.35
N ARG A 72 -3.45 5.80 12.81
CA ARG A 72 -4.65 6.04 13.62
C ARG A 72 -5.00 4.78 14.42
N GLU A 73 -4.44 3.65 13.97
CA GLU A 73 -4.76 2.36 14.53
C GLU A 73 -4.50 2.31 16.04
N ARG A 74 -5.51 1.87 16.78
CA ARG A 74 -5.43 1.83 18.23
C ARG A 74 -5.03 0.44 18.71
N ASP A 75 -5.22 -0.58 17.87
CA ASP A 75 -4.99 -1.95 18.29
C ASP A 75 -3.95 -2.64 17.40
N GLN A 76 -2.95 -1.87 16.97
CA GLN A 76 -1.80 -2.40 16.21
C GLN A 76 -2.21 -2.96 14.86
N GLY A 77 -1.89 -2.21 13.81
CA GLY A 77 -2.20 -2.63 12.46
C GLY A 77 -2.09 -1.47 11.49
N GLY A 78 -3.23 -0.94 11.08
CA GLY A 78 -3.23 0.23 10.22
C GLY A 78 -3.24 -0.13 8.76
N PHE A 79 -3.90 -1.24 8.43
CA PHE A 79 -4.03 -1.72 7.04
C PHE A 79 -2.69 -2.18 6.46
N GLY A 80 -1.71 -1.30 6.48
CA GLY A 80 -0.44 -1.53 5.83
C GLY A 80 -0.26 -0.54 4.70
N ASP A 81 0.62 0.44 4.91
CA ASP A 81 0.82 1.55 3.95
C ASP A 81 -0.37 2.51 4.00
N ARG A 82 -1.54 1.96 3.68
CA ARG A 82 -2.81 2.65 3.73
C ARG A 82 -3.87 1.78 3.05
N ASN A 83 -3.39 0.89 2.18
CA ASN A 83 -4.24 -0.06 1.45
C ASN A 83 -5.12 0.70 0.48
N GLU A 84 -4.59 1.81 -0.02
CA GLU A 84 -5.39 2.71 -0.85
C GLU A 84 -4.58 3.27 -2.02
N TYR A 85 -3.32 3.63 -1.80
CA TYR A 85 -2.51 4.17 -2.90
C TYR A 85 -1.02 4.08 -2.64
N GLY A 86 -0.57 4.42 -1.45
CA GLY A 86 0.86 4.44 -1.18
C GLY A 86 1.58 5.52 -1.99
N SER A 87 1.38 6.78 -1.61
CA SER A 87 2.07 7.94 -2.20
C SER A 87 1.69 8.22 -3.67
N ARG A 88 1.49 7.18 -4.47
CA ARG A 88 1.27 7.34 -5.90
C ARG A 88 -0.07 8.01 -6.21
N ILE A 89 -1.13 7.21 -6.20
CA ILE A 89 -2.41 7.65 -6.71
C ILE A 89 -3.05 8.78 -5.88
N GLY A 90 -3.67 8.42 -4.76
CA GLY A 90 -4.47 9.37 -4.02
C GLY A 90 -5.95 9.03 -4.13
N GLY A 91 -6.36 7.98 -3.43
CA GLY A 91 -7.72 7.48 -3.55
C GLY A 91 -7.74 6.06 -4.08
N GLY A 92 -8.85 5.35 -3.87
CA GLY A 92 -8.96 4.00 -4.36
C GLY A 92 -8.46 2.98 -3.34
N ILE A 93 -7.89 1.90 -3.84
CA ILE A 93 -7.22 0.91 -3.00
C ILE A 93 -6.08 0.26 -3.80
N ASP A 94 -5.15 -0.37 -3.12
CA ASP A 94 -4.09 -1.10 -3.79
C ASP A 94 -4.35 -2.60 -3.64
N VAL A 95 -4.10 -3.36 -4.69
CA VAL A 95 -4.33 -4.80 -4.66
C VAL A 95 -3.13 -5.57 -5.23
N PRO A 96 -2.23 -6.03 -4.35
CA PRO A 96 -1.11 -6.90 -4.72
C PRO A 96 -1.59 -8.20 -5.37
N VAL A 97 -1.37 -8.32 -6.67
CA VAL A 97 -1.73 -9.54 -7.38
C VAL A 97 -0.50 -10.42 -7.54
N PRO A 98 -0.55 -11.64 -6.98
CA PRO A 98 0.47 -12.66 -7.18
C PRO A 98 0.93 -12.73 -8.64
N ARG A 99 2.25 -12.78 -8.81
CA ARG A 99 2.88 -12.71 -10.13
C ARG A 99 2.46 -13.89 -11.02
N HIS A 100 2.11 -15.00 -10.39
CA HIS A 100 1.67 -16.19 -11.11
C HIS A 100 0.15 -16.20 -11.28
N SER A 101 -0.50 -15.11 -10.89
CA SER A 101 -1.95 -15.04 -10.93
C SER A 101 -2.43 -13.87 -11.78
N VAL A 102 -1.62 -12.81 -11.86
CA VAL A 102 -1.94 -11.62 -12.66
C VAL A 102 -2.32 -11.98 -14.10
N GLY A 103 -1.73 -13.06 -14.62
CA GLY A 103 -2.07 -13.51 -15.96
C GLY A 103 -3.55 -13.83 -16.10
N VAL A 104 -4.09 -14.53 -15.13
CA VAL A 104 -5.50 -14.91 -15.14
C VAL A 104 -6.38 -13.69 -14.86
N VAL A 105 -5.90 -12.81 -14.00
CA VAL A 105 -6.63 -11.59 -13.64
C VAL A 105 -6.78 -10.67 -14.86
N ILE A 106 -5.72 -10.53 -15.64
CA ILE A 106 -5.76 -9.70 -16.82
C ILE A 106 -6.52 -10.40 -17.95
N GLY A 107 -6.22 -11.67 -18.15
CA GLY A 107 -6.88 -12.44 -19.18
C GLY A 107 -5.94 -12.74 -20.32
N ARG A 108 -6.48 -12.82 -21.53
CA ARG A 108 -5.68 -13.08 -22.70
C ARG A 108 -5.57 -11.83 -23.57
N SER A 109 -6.69 -11.14 -23.75
CA SER A 109 -6.72 -9.91 -24.50
C SER A 109 -6.91 -8.73 -23.54
N GLY A 110 -6.79 -9.02 -22.25
CA GLY A 110 -7.02 -8.02 -21.24
C GLY A 110 -8.50 -7.78 -21.04
N GLU A 111 -9.30 -8.80 -21.30
CA GLU A 111 -10.74 -8.69 -21.17
C GLU A 111 -11.21 -9.12 -19.79
N MET A 112 -10.37 -9.89 -19.09
CA MET A 112 -10.72 -10.35 -17.74
C MET A 112 -10.59 -9.19 -16.76
N ILE A 113 -9.52 -8.43 -16.90
CA ILE A 113 -9.26 -7.28 -16.05
C ILE A 113 -10.36 -6.22 -16.25
N LYS A 114 -10.93 -6.21 -17.45
CA LYS A 114 -11.97 -5.24 -17.79
C LYS A 114 -13.32 -5.64 -17.21
N LYS A 115 -13.47 -6.91 -16.86
CA LYS A 115 -14.72 -7.38 -16.25
C LYS A 115 -14.90 -6.71 -14.90
N ILE A 116 -13.77 -6.44 -14.24
CA ILE A 116 -13.78 -5.73 -12.97
C ILE A 116 -14.24 -4.29 -13.21
N GLN A 117 -13.79 -3.73 -14.32
CA GLN A 117 -14.10 -2.35 -14.69
C GLN A 117 -15.56 -2.24 -15.13
N ASN A 118 -16.08 -3.35 -15.64
CA ASN A 118 -17.45 -3.40 -16.12
C ASN A 118 -18.42 -3.54 -14.95
N ASP A 119 -18.03 -4.33 -13.97
CA ASP A 119 -18.87 -4.56 -12.80
C ASP A 119 -18.74 -3.42 -11.79
N ALA A 120 -17.51 -3.13 -11.37
CA ALA A 120 -17.28 -2.18 -10.31
C ALA A 120 -17.03 -0.77 -10.83
N GLY A 121 -16.98 -0.64 -12.15
CA GLY A 121 -16.78 0.67 -12.76
C GLY A 121 -15.47 1.33 -12.34
N VAL A 122 -14.48 0.52 -12.02
CA VAL A 122 -13.22 1.01 -11.49
C VAL A 122 -12.18 1.17 -12.59
N ARG A 123 -11.02 1.66 -12.21
CA ARG A 123 -9.89 1.81 -13.12
C ARG A 123 -8.66 1.19 -12.48
N ILE A 124 -7.91 0.39 -13.25
CA ILE A 124 -6.76 -0.32 -12.71
C ILE A 124 -5.45 0.40 -13.05
N GLN A 125 -4.66 0.67 -12.02
CA GLN A 125 -3.37 1.33 -12.20
C GLN A 125 -2.25 0.47 -11.61
N PHE A 126 -1.59 -0.29 -12.47
CA PHE A 126 -0.43 -1.07 -12.04
C PHE A 126 0.76 -0.15 -11.85
N LYS A 127 1.11 0.08 -10.59
CA LYS A 127 2.20 0.98 -10.25
C LYS A 127 3.23 0.30 -9.35
N GLN A 128 4.51 0.44 -9.71
CA GLN A 128 5.63 0.02 -8.86
C GLN A 128 5.53 -1.45 -8.42
N ASP A 129 6.44 -1.82 -7.51
CA ASP A 129 6.45 -3.15 -6.85
C ASP A 129 6.78 -4.30 -7.81
N ASP A 130 6.34 -4.19 -9.05
CA ASP A 130 6.60 -5.20 -10.06
C ASP A 130 8.10 -5.41 -10.25
N GLY A 131 8.55 -6.63 -10.00
CA GLY A 131 9.95 -6.95 -10.18
C GLY A 131 10.74 -6.82 -8.89
N THR A 132 10.41 -5.83 -8.09
CA THR A 132 11.10 -5.59 -6.84
C THR A 132 10.39 -6.32 -5.69
N GLY A 133 9.18 -6.77 -5.96
CA GLY A 133 8.43 -7.54 -4.99
C GLY A 133 7.89 -8.83 -5.59
N PRO A 134 7.30 -9.70 -4.77
CA PRO A 134 6.74 -10.98 -5.23
C PRO A 134 5.39 -10.82 -5.90
N GLU A 135 4.66 -9.78 -5.52
CA GLU A 135 3.33 -9.52 -6.06
C GLU A 135 3.34 -8.24 -6.86
N LYS A 136 2.34 -8.06 -7.70
CA LYS A 136 2.20 -6.87 -8.51
C LYS A 136 1.01 -6.06 -8.01
N ILE A 137 1.28 -4.91 -7.42
CA ILE A 137 0.24 -4.04 -6.90
C ILE A 137 -0.58 -3.43 -8.03
N ALA A 138 -1.75 -3.98 -8.24
CA ALA A 138 -2.73 -3.35 -9.09
C ALA A 138 -3.42 -2.27 -8.27
N HIS A 139 -3.72 -1.14 -8.86
CA HIS A 139 -4.43 -0.13 -8.11
C HIS A 139 -5.87 -0.04 -8.56
N ILE A 140 -6.78 -0.37 -7.67
CA ILE A 140 -8.19 -0.19 -7.91
C ILE A 140 -8.54 1.27 -7.64
N MET A 141 -8.86 1.98 -8.70
CA MET A 141 -9.13 3.41 -8.60
C MET A 141 -10.61 3.69 -8.82
N GLY A 142 -11.21 4.35 -7.85
CA GLY A 142 -12.61 4.70 -7.91
C GLY A 142 -13.12 5.16 -6.55
N PRO A 143 -14.45 5.15 -6.34
CA PRO A 143 -15.04 5.49 -5.05
C PRO A 143 -14.71 4.46 -3.97
N PRO A 144 -14.44 4.91 -2.74
CA PRO A 144 -13.97 4.04 -1.64
C PRO A 144 -14.70 2.70 -1.51
N ASP A 145 -16.03 2.75 -1.48
CA ASP A 145 -16.85 1.55 -1.32
C ASP A 145 -16.71 0.65 -2.55
N ARG A 146 -16.66 1.29 -3.70
CA ARG A 146 -16.60 0.58 -4.97
C ARG A 146 -15.23 -0.07 -5.16
N CYS A 147 -14.21 0.57 -4.58
CA CYS A 147 -12.85 0.04 -4.57
C CYS A 147 -12.81 -1.35 -3.95
N GLU A 148 -13.27 -1.44 -2.71
CA GLU A 148 -13.28 -2.71 -1.99
C GLU A 148 -14.19 -3.73 -2.65
N HIS A 149 -15.23 -3.27 -3.35
CA HIS A 149 -16.11 -4.17 -4.10
C HIS A 149 -15.33 -4.83 -5.25
N ALA A 150 -14.36 -4.11 -5.77
CA ALA A 150 -13.56 -4.61 -6.89
C ALA A 150 -12.54 -5.63 -6.40
N ALA A 151 -12.04 -5.38 -5.19
CA ALA A 151 -11.06 -6.27 -4.58
C ALA A 151 -11.67 -7.61 -4.21
N ARG A 152 -13.00 -7.67 -4.18
CA ARG A 152 -13.70 -8.91 -3.85
C ARG A 152 -13.68 -9.85 -5.05
N ILE A 153 -13.90 -9.29 -6.23
CA ILE A 153 -13.89 -10.08 -7.46
C ILE A 153 -12.48 -10.55 -7.76
N ILE A 154 -11.51 -9.65 -7.57
CA ILE A 154 -10.10 -9.99 -7.79
C ILE A 154 -9.63 -10.99 -6.74
N ASN A 155 -10.15 -10.87 -5.52
CA ASN A 155 -9.81 -11.80 -4.46
C ASN A 155 -10.27 -13.20 -4.85
N ASP A 156 -11.51 -13.30 -5.28
CA ASP A 156 -12.07 -14.56 -5.76
C ASP A 156 -11.18 -15.14 -6.84
N LEU A 157 -10.75 -14.28 -7.77
CA LEU A 157 -9.83 -14.68 -8.83
C LEU A 157 -8.55 -15.29 -8.26
N LEU A 158 -7.89 -14.57 -7.35
CA LEU A 158 -6.65 -15.04 -6.75
C LEU A 158 -6.85 -16.35 -5.97
N GLN A 159 -8.05 -16.53 -5.44
CA GLN A 159 -8.37 -17.74 -4.68
C GLN A 159 -8.73 -18.89 -5.61
N SER A 160 -9.52 -18.60 -6.63
CA SER A 160 -10.05 -19.61 -7.54
C SER A 160 -8.95 -20.24 -8.38
N LEU A 161 -8.04 -19.42 -8.90
CA LEU A 161 -7.02 -19.91 -9.82
C LEU A 161 -5.99 -20.78 -9.10
N ARG A 162 -5.92 -20.68 -7.78
CA ARG A 162 -4.95 -21.45 -7.02
C ARG A 162 -5.60 -22.68 -6.39
N SER A 163 -6.82 -22.97 -6.82
CA SER A 163 -7.56 -24.13 -6.33
C SER A 163 -8.55 -24.62 -7.37
N GLY A 164 -9.46 -25.50 -6.97
CA GLY A 164 -10.44 -26.03 -7.89
C GLY A 164 -10.69 -27.50 -7.65
N GLY A 1 14.26 19.61 -1.66
CA GLY A 1 13.52 18.33 -1.84
C GLY A 1 12.46 18.14 -0.78
N THR A 2 11.47 17.30 -1.09
CA THR A 2 10.37 17.08 -0.18
C THR A 2 10.70 16.03 0.89
N VAL A 3 11.17 16.51 2.04
CA VAL A 3 11.37 15.65 3.20
C VAL A 3 10.65 16.26 4.41
N GLN A 4 9.61 15.58 4.87
CA GLN A 4 8.88 16.03 6.05
C GLN A 4 9.07 15.04 7.19
N GLU A 5 9.13 15.56 8.41
CA GLU A 5 9.38 14.73 9.58
C GLU A 5 8.14 14.61 10.44
N ILE A 6 7.60 13.40 10.48
CA ILE A 6 6.49 13.09 11.36
C ILE A 6 7.03 12.25 12.51
N MET A 7 6.57 12.51 13.72
CA MET A 7 7.12 11.84 14.89
C MET A 7 6.27 10.63 15.25
N ILE A 8 6.92 9.48 15.31
CA ILE A 8 6.25 8.21 15.55
C ILE A 8 6.34 7.83 17.03
N PRO A 9 5.18 7.78 17.69
CA PRO A 9 5.07 7.41 19.11
C PRO A 9 5.50 5.97 19.37
N ALA A 10 6.05 5.74 20.56
CA ALA A 10 6.27 4.38 21.03
C ALA A 10 4.92 3.73 21.28
N GLY A 11 4.74 2.53 20.79
CA GLY A 11 3.42 1.93 20.79
C GLY A 11 2.79 2.03 19.41
N LYS A 12 2.92 3.20 18.80
CA LYS A 12 2.48 3.40 17.43
C LYS A 12 3.42 2.68 16.47
N ALA A 13 4.66 2.51 16.91
CA ALA A 13 5.69 1.85 16.11
C ALA A 13 5.21 0.50 15.58
N GLY A 14 4.37 -0.18 16.36
CA GLY A 14 3.88 -1.47 15.96
C GLY A 14 3.09 -1.42 14.66
N LEU A 15 2.30 -0.38 14.46
CA LEU A 15 1.58 -0.21 13.22
C LEU A 15 2.38 0.59 12.20
N VAL A 16 3.27 1.47 12.68
CA VAL A 16 4.10 2.28 11.79
C VAL A 16 5.16 1.44 11.08
N ILE A 17 6.01 0.77 11.85
CA ILE A 17 7.05 -0.05 11.23
C ILE A 17 6.58 -1.49 11.05
N GLY A 18 5.59 -1.87 11.84
CA GLY A 18 5.09 -3.22 11.80
C GLY A 18 5.91 -4.14 12.66
N LYS A 19 6.65 -3.53 13.59
CA LYS A 19 7.59 -4.22 14.47
C LYS A 19 8.76 -4.82 13.69
N GLY A 20 8.47 -5.83 12.88
CA GLY A 20 9.50 -6.48 12.09
C GLY A 20 9.78 -5.77 10.78
N GLY A 21 9.16 -4.61 10.58
CA GLY A 21 9.41 -3.84 9.39
C GLY A 21 8.41 -4.11 8.29
N GLU A 22 7.33 -4.84 8.62
CA GLU A 22 6.33 -5.22 7.64
C GLU A 22 5.58 -4.00 7.10
N THR A 23 5.28 -3.04 7.97
CA THR A 23 4.61 -1.84 7.53
C THR A 23 5.60 -0.90 6.85
N ILE A 24 6.84 -0.89 7.31
CA ILE A 24 7.87 -0.06 6.69
C ILE A 24 8.17 -0.55 5.28
N LYS A 25 8.00 -1.86 5.08
CA LYS A 25 8.02 -2.43 3.74
C LYS A 25 7.07 -1.63 2.85
N GLN A 26 5.84 -1.53 3.30
CA GLN A 26 4.79 -0.87 2.56
C GLN A 26 5.01 0.64 2.52
N LEU A 27 5.45 1.21 3.61
CA LEU A 27 5.67 2.65 3.67
C LEU A 27 6.82 3.07 2.75
N GLN A 28 7.73 2.15 2.47
CA GLN A 28 8.78 2.41 1.50
C GLN A 28 8.32 2.09 0.08
N GLU A 29 7.59 0.98 -0.07
CA GLU A 29 7.18 0.53 -1.41
C GLU A 29 5.87 1.18 -1.84
N ARG A 30 4.82 1.05 -1.02
CA ARG A 30 3.49 1.56 -1.35
C ARG A 30 3.50 3.08 -1.37
N ALA A 31 4.02 3.68 -0.32
CA ALA A 31 4.11 5.14 -0.25
C ALA A 31 5.15 5.66 -1.24
N GLY A 32 5.91 4.73 -1.81
CA GLY A 32 6.84 5.04 -2.88
C GLY A 32 7.91 6.03 -2.46
N VAL A 33 8.15 6.10 -1.17
CA VAL A 33 9.11 7.04 -0.62
C VAL A 33 10.04 6.33 0.36
N LYS A 34 11.22 6.88 0.55
CA LYS A 34 12.15 6.32 1.50
C LYS A 34 11.91 6.97 2.85
N MET A 35 11.37 6.20 3.78
CA MET A 35 11.16 6.68 5.12
C MET A 35 12.30 6.23 6.00
N ILE A 36 13.06 7.19 6.50
CA ILE A 36 14.16 6.89 7.38
C ILE A 36 13.79 7.34 8.79
N LEU A 37 13.52 6.35 9.61
CA LEU A 37 13.07 6.56 10.98
C LEU A 37 13.86 5.66 11.90
N ILE A 38 14.15 6.14 13.10
CA ILE A 38 14.87 5.36 14.09
C ILE A 38 14.14 4.05 14.37
N GLN A 39 14.82 2.94 14.16
CA GLN A 39 14.25 1.62 14.36
C GLN A 39 15.18 0.78 15.23
N ASP A 40 15.02 -0.55 15.17
CA ASP A 40 15.84 -1.44 15.98
C ASP A 40 17.27 -1.46 15.46
N GLY A 41 18.11 -0.71 16.15
CA GLY A 41 19.50 -0.55 15.76
C GLY A 41 20.05 0.72 16.36
N SER A 42 19.22 1.75 16.37
CA SER A 42 19.53 2.99 17.04
C SER A 42 19.06 2.89 18.49
N GLN A 43 19.41 3.87 19.30
CA GLN A 43 19.16 3.80 20.73
C GLN A 43 17.80 4.39 21.10
N ASN A 44 17.19 5.10 20.16
CA ASN A 44 15.90 5.76 20.42
C ASN A 44 14.73 4.84 20.15
N THR A 45 14.89 3.55 20.43
CA THR A 45 13.84 2.57 20.13
C THR A 45 12.57 2.82 20.96
N ASN A 46 12.76 3.05 22.25
CA ASN A 46 11.63 3.29 23.16
C ASN A 46 11.25 4.76 23.13
N VAL A 47 12.15 5.56 22.57
CA VAL A 47 11.99 7.00 22.47
C VAL A 47 11.06 7.37 21.32
N ASP A 48 10.44 8.54 21.39
CA ASP A 48 9.64 9.04 20.27
C ASP A 48 10.56 9.34 19.09
N LYS A 49 10.19 8.84 17.92
CA LYS A 49 11.14 8.78 16.80
C LYS A 49 10.63 9.56 15.59
N PRO A 50 11.45 10.48 15.07
CA PRO A 50 11.11 11.26 13.89
C PRO A 50 11.36 10.49 12.60
N LEU A 51 10.37 10.48 11.73
CA LEU A 51 10.44 9.77 10.47
C LEU A 51 10.56 10.76 9.32
N ARG A 52 11.55 10.57 8.45
CA ARG A 52 11.71 11.43 7.29
C ARG A 52 11.10 10.78 6.06
N ILE A 53 10.11 11.44 5.48
CA ILE A 53 9.53 10.99 4.23
C ILE A 53 10.32 11.59 3.06
N ILE A 54 11.07 10.76 2.36
CA ILE A 54 11.87 11.21 1.24
C ILE A 54 11.29 10.69 -0.07
N GLY A 55 10.88 11.58 -0.96
CA GLY A 55 10.31 11.14 -2.21
C GLY A 55 9.72 12.28 -3.02
N ASP A 56 9.02 11.92 -4.08
CA ASP A 56 8.33 12.88 -4.94
C ASP A 56 7.22 13.59 -4.17
N PRO A 57 7.09 14.93 -4.36
CA PRO A 57 6.12 15.75 -3.64
C PRO A 57 4.76 15.09 -3.46
N TYR A 58 4.20 14.56 -4.54
CA TYR A 58 2.89 13.94 -4.49
C TYR A 58 2.89 12.72 -3.57
N LYS A 59 3.92 11.88 -3.72
CA LYS A 59 4.05 10.69 -2.91
C LYS A 59 4.20 11.06 -1.45
N VAL A 60 5.02 12.07 -1.20
CA VAL A 60 5.24 12.57 0.15
C VAL A 60 3.95 13.14 0.72
N GLN A 61 3.09 13.66 -0.16
CA GLN A 61 1.90 14.35 0.28
C GLN A 61 0.83 13.34 0.64
N GLN A 62 0.66 12.36 -0.22
CA GLN A 62 -0.27 11.29 0.06
C GLN A 62 0.23 10.48 1.23
N ALA A 63 1.55 10.36 1.35
CA ALA A 63 2.15 9.64 2.45
C ALA A 63 1.97 10.39 3.77
N CYS A 64 2.21 11.70 3.78
CA CYS A 64 2.02 12.47 5.01
C CYS A 64 0.56 12.45 5.44
N GLU A 65 -0.32 12.27 4.47
CA GLU A 65 -1.73 12.12 4.74
C GLU A 65 -2.01 10.73 5.31
N MET A 66 -1.47 9.72 4.64
CA MET A 66 -1.71 8.33 5.02
C MET A 66 -1.05 7.99 6.36
N VAL A 67 0.16 8.51 6.61
CA VAL A 67 0.87 8.20 7.85
C VAL A 67 0.11 8.72 9.07
N MET A 68 -0.61 9.82 8.91
CA MET A 68 -1.41 10.36 10.00
C MET A 68 -2.74 9.62 10.10
N ASP A 69 -3.10 8.97 8.99
CA ASP A 69 -4.35 8.23 8.91
C ASP A 69 -4.20 6.83 9.50
N ILE A 70 -3.21 6.09 9.04
CA ILE A 70 -3.02 4.73 9.51
C ILE A 70 -2.49 4.68 10.94
N LEU A 71 -1.89 5.79 11.36
CA LEU A 71 -1.33 5.91 12.70
C LEU A 71 -2.40 6.36 13.71
N ARG A 72 -3.61 6.66 13.20
CA ARG A 72 -4.75 6.99 14.07
C ARG A 72 -4.92 5.92 15.13
N GLU A 73 -4.76 4.67 14.69
CA GLU A 73 -4.76 3.50 15.56
C GLU A 73 -6.05 3.32 16.34
N ARG A 74 -6.87 2.40 15.87
CA ARG A 74 -8.05 1.94 16.59
C ARG A 74 -7.74 0.59 17.24
N ASP A 75 -6.98 -0.21 16.52
CA ASP A 75 -6.65 -1.57 16.94
C ASP A 75 -5.14 -1.75 17.09
N GLN A 76 -4.41 -0.64 16.99
CA GLN A 76 -2.95 -0.62 17.05
C GLN A 76 -2.35 -1.28 15.80
N GLY A 77 -3.20 -1.51 14.81
CA GLY A 77 -2.73 -1.91 13.51
C GLY A 77 -2.99 -0.82 12.50
N GLY A 78 -3.92 0.06 12.85
CA GLY A 78 -4.30 1.15 11.98
C GLY A 78 -4.94 0.63 10.71
N PHE A 79 -4.20 0.62 9.61
CA PHE A 79 -4.66 0.00 8.38
C PHE A 79 -3.56 -0.83 7.73
N GLY A 80 -2.30 -0.42 7.97
CA GLY A 80 -1.18 -1.14 7.44
C GLY A 80 -0.67 -0.44 6.21
N ASP A 81 0.12 0.62 6.44
CA ASP A 81 0.57 1.52 5.37
C ASP A 81 -0.59 2.36 4.85
N ARG A 82 -1.60 1.66 4.33
CA ARG A 82 -2.86 2.22 3.82
C ARG A 82 -3.26 1.41 2.60
N ASN A 83 -4.06 0.37 2.84
CA ASN A 83 -4.59 -0.50 1.77
C ASN A 83 -5.59 0.26 0.88
N GLU A 84 -5.17 1.42 0.39
CA GLU A 84 -6.01 2.30 -0.40
C GLU A 84 -5.17 3.13 -1.36
N TYR A 85 -4.07 3.70 -0.88
CA TYR A 85 -3.19 4.50 -1.72
C TYR A 85 -1.97 4.98 -0.94
N GLY A 86 -0.84 5.05 -1.63
CA GLY A 86 0.38 5.60 -1.05
C GLY A 86 0.97 6.66 -1.95
N SER A 87 1.91 6.26 -2.80
CA SER A 87 2.50 7.17 -3.78
C SER A 87 1.67 7.17 -5.06
N ARG A 88 0.47 6.61 -4.96
CA ARG A 88 -0.35 6.36 -6.13
C ARG A 88 -1.80 6.57 -5.83
N ILE A 89 -2.60 6.47 -6.88
CA ILE A 89 -4.05 6.51 -6.81
C ILE A 89 -4.57 7.82 -6.21
N GLY A 90 -4.55 7.92 -4.89
CA GLY A 90 -5.14 9.05 -4.23
C GLY A 90 -6.65 9.07 -4.37
N GLY A 91 -7.25 7.90 -4.26
CA GLY A 91 -8.70 7.78 -4.41
C GLY A 91 -9.09 6.41 -4.92
N GLY A 92 -8.84 5.38 -4.11
CA GLY A 92 -9.08 4.02 -4.52
C GLY A 92 -8.46 3.06 -3.54
N ILE A 93 -7.92 1.95 -4.03
CA ILE A 93 -7.21 0.99 -3.18
C ILE A 93 -6.00 0.41 -3.89
N ASP A 94 -4.94 0.17 -3.13
CA ASP A 94 -3.73 -0.44 -3.66
C ASP A 94 -3.82 -1.94 -3.54
N VAL A 95 -3.61 -2.64 -4.64
CA VAL A 95 -3.85 -4.07 -4.70
C VAL A 95 -2.59 -4.89 -4.96
N PRO A 96 -1.93 -5.40 -3.91
CA PRO A 96 -0.85 -6.37 -4.09
C PRO A 96 -1.39 -7.73 -4.54
N VAL A 97 -1.19 -8.07 -5.80
CA VAL A 97 -1.65 -9.34 -6.32
C VAL A 97 -0.47 -10.29 -6.48
N PRO A 98 -0.62 -11.51 -5.93
CA PRO A 98 0.41 -12.55 -6.02
C PRO A 98 0.87 -12.82 -7.44
N ARG A 99 2.19 -12.79 -7.62
CA ARG A 99 2.83 -12.96 -8.92
C ARG A 99 2.44 -14.29 -9.58
N HIS A 100 2.07 -15.26 -8.76
CA HIS A 100 1.73 -16.59 -9.24
C HIS A 100 0.23 -16.72 -9.50
N SER A 101 -0.47 -15.59 -9.60
CA SER A 101 -1.90 -15.62 -9.87
C SER A 101 -2.40 -14.32 -10.51
N VAL A 102 -1.48 -13.47 -10.96
CA VAL A 102 -1.88 -12.21 -11.59
C VAL A 102 -2.35 -12.47 -13.03
N GLY A 103 -1.95 -13.62 -13.58
CA GLY A 103 -2.33 -13.97 -14.93
C GLY A 103 -3.83 -14.13 -15.10
N VAL A 104 -4.51 -14.60 -14.06
CA VAL A 104 -5.96 -14.80 -14.13
C VAL A 104 -6.68 -13.46 -14.04
N VAL A 105 -6.01 -12.48 -13.45
CA VAL A 105 -6.57 -11.14 -13.28
C VAL A 105 -6.59 -10.42 -14.61
N ILE A 106 -5.56 -10.64 -15.41
CA ILE A 106 -5.47 -10.03 -16.73
C ILE A 106 -6.23 -10.87 -17.75
N GLY A 107 -6.13 -12.18 -17.61
CA GLY A 107 -6.75 -13.07 -18.57
C GLY A 107 -5.77 -13.49 -19.64
N ARG A 108 -6.21 -13.43 -20.89
CA ARG A 108 -5.33 -13.74 -22.01
C ARG A 108 -4.87 -12.47 -22.69
N SER A 109 -5.77 -11.84 -23.43
CA SER A 109 -5.44 -10.62 -24.14
C SER A 109 -5.72 -9.39 -23.26
N GLY A 110 -6.27 -9.62 -22.08
CA GLY A 110 -6.50 -8.53 -21.15
C GLY A 110 -7.97 -8.27 -20.90
N GLU A 111 -8.84 -9.12 -21.43
CA GLU A 111 -10.27 -8.94 -21.30
C GLU A 111 -10.75 -9.05 -19.86
N MET A 112 -9.98 -9.75 -19.03
CA MET A 112 -10.38 -9.99 -17.64
C MET A 112 -10.16 -8.74 -16.79
N ILE A 113 -9.04 -8.07 -17.02
CA ILE A 113 -8.72 -6.84 -16.30
C ILE A 113 -9.68 -5.72 -16.73
N LYS A 114 -10.09 -5.77 -17.99
CA LYS A 114 -11.07 -4.84 -18.52
C LYS A 114 -12.45 -5.16 -17.94
N LYS A 115 -12.64 -6.43 -17.64
CA LYS A 115 -13.88 -6.91 -17.06
C LYS A 115 -14.07 -6.35 -15.65
N ILE A 116 -12.98 -6.21 -14.89
CA ILE A 116 -13.05 -5.60 -13.57
C ILE A 116 -13.45 -4.14 -13.69
N GLN A 117 -12.91 -3.48 -14.71
CA GLN A 117 -13.24 -2.09 -15.01
C GLN A 117 -14.71 -1.96 -15.39
N ASN A 118 -15.27 -3.07 -15.89
CA ASN A 118 -16.65 -3.09 -16.33
C ASN A 118 -17.60 -3.42 -15.18
N ASP A 119 -17.28 -4.48 -14.45
CA ASP A 119 -18.17 -5.01 -13.42
C ASP A 119 -18.08 -4.21 -12.14
N ALA A 120 -16.88 -3.79 -11.75
CA ALA A 120 -16.72 -3.01 -10.53
C ALA A 120 -16.68 -1.52 -10.83
N GLY A 121 -16.45 -1.19 -12.10
CA GLY A 121 -16.40 0.21 -12.51
C GLY A 121 -15.18 0.93 -12.00
N VAL A 122 -14.04 0.26 -12.07
CA VAL A 122 -12.81 0.79 -11.50
C VAL A 122 -11.79 1.11 -12.58
N ARG A 123 -10.94 2.09 -12.31
CA ARG A 123 -9.89 2.50 -13.23
C ARG A 123 -8.58 1.83 -12.85
N ILE A 124 -8.01 1.07 -13.77
CA ILE A 124 -6.87 0.20 -13.47
C ILE A 124 -5.58 0.73 -14.08
N GLN A 125 -4.48 0.58 -13.34
CA GLN A 125 -3.15 0.89 -13.83
C GLN A 125 -2.13 0.14 -12.97
N PHE A 126 -1.05 -0.32 -13.56
CA PHE A 126 -0.03 -1.00 -12.78
C PHE A 126 1.07 -0.03 -12.44
N LYS A 127 1.13 0.35 -11.17
CA LYS A 127 2.01 1.41 -10.73
C LYS A 127 3.12 0.87 -9.82
N GLN A 128 4.34 1.32 -10.10
CA GLN A 128 5.51 1.00 -9.26
C GLN A 128 5.81 -0.50 -9.19
N ASP A 129 5.06 -1.21 -8.36
CA ASP A 129 5.34 -2.62 -8.06
C ASP A 129 4.91 -3.54 -9.20
N ASP A 130 5.66 -3.50 -10.28
CA ASP A 130 5.52 -4.44 -11.38
C ASP A 130 6.90 -4.77 -11.93
N GLY A 131 7.42 -5.90 -11.50
CA GLY A 131 8.76 -6.30 -11.90
C GLY A 131 9.82 -5.78 -10.94
N THR A 132 9.40 -4.93 -10.00
CA THR A 132 10.30 -4.39 -9.01
C THR A 132 10.33 -5.29 -7.77
N GLY A 133 9.17 -5.82 -7.42
CA GLY A 133 9.06 -6.70 -6.28
C GLY A 133 8.35 -7.99 -6.63
N PRO A 134 8.16 -8.88 -5.66
CA PRO A 134 7.48 -10.17 -5.90
C PRO A 134 6.02 -9.99 -6.32
N GLU A 135 5.21 -9.40 -5.46
CA GLU A 135 3.80 -9.20 -5.76
C GLU A 135 3.60 -7.90 -6.53
N LYS A 136 2.52 -7.83 -7.28
CA LYS A 136 2.25 -6.70 -8.14
C LYS A 136 1.06 -5.89 -7.63
N ILE A 137 1.33 -4.66 -7.21
CA ILE A 137 0.27 -3.76 -6.75
C ILE A 137 -0.47 -3.12 -7.93
N ALA A 138 -1.74 -3.44 -8.04
CA ALA A 138 -2.61 -2.84 -9.05
C ALA A 138 -3.23 -1.55 -8.51
N HIS A 139 -3.36 -0.56 -9.39
CA HIS A 139 -4.04 0.69 -9.07
C HIS A 139 -5.53 0.56 -9.33
N ILE A 140 -6.31 0.49 -8.27
CA ILE A 140 -7.75 0.53 -8.38
C ILE A 140 -8.25 1.89 -7.94
N MET A 141 -8.96 2.57 -8.83
CA MET A 141 -9.44 3.91 -8.55
C MET A 141 -10.92 4.04 -8.84
N GLY A 142 -11.61 4.76 -7.97
CA GLY A 142 -13.03 4.95 -8.12
C GLY A 142 -13.69 5.23 -6.78
N PRO A 143 -14.98 4.95 -6.62
CA PRO A 143 -15.66 5.08 -5.34
C PRO A 143 -15.20 4.02 -4.35
N PRO A 144 -15.01 4.40 -3.07
CA PRO A 144 -14.44 3.53 -2.04
C PRO A 144 -14.99 2.11 -2.07
N ASP A 145 -16.31 2.00 -2.15
CA ASP A 145 -16.99 0.72 -2.18
C ASP A 145 -16.58 -0.11 -3.39
N ARG A 146 -16.60 0.50 -4.57
CA ARG A 146 -16.25 -0.20 -5.80
C ARG A 146 -14.78 -0.58 -5.81
N CYS A 147 -13.96 0.21 -5.13
CA CYS A 147 -12.54 -0.09 -5.01
C CYS A 147 -12.35 -1.43 -4.33
N GLU A 148 -12.81 -1.54 -3.09
CA GLU A 148 -12.72 -2.77 -2.33
C GLU A 148 -13.43 -3.91 -3.05
N HIS A 149 -14.62 -3.60 -3.58
CA HIS A 149 -15.42 -4.59 -4.31
C HIS A 149 -14.65 -5.16 -5.51
N ALA A 150 -13.68 -4.40 -6.00
CA ALA A 150 -12.92 -4.79 -7.18
C ALA A 150 -11.81 -5.77 -6.81
N ALA A 151 -11.00 -5.39 -5.82
CA ALA A 151 -9.88 -6.22 -5.39
C ALA A 151 -10.35 -7.55 -4.84
N ARG A 152 -11.57 -7.56 -4.33
CA ARG A 152 -12.14 -8.75 -3.73
C ARG A 152 -12.65 -9.69 -4.82
N ILE A 153 -12.86 -9.17 -6.02
CA ILE A 153 -13.09 -10.01 -7.19
C ILE A 153 -11.78 -10.66 -7.58
N ILE A 154 -10.72 -9.86 -7.54
CA ILE A 154 -9.37 -10.34 -7.80
C ILE A 154 -8.97 -11.42 -6.80
N ASN A 155 -9.17 -11.13 -5.52
CA ASN A 155 -8.87 -12.06 -4.43
C ASN A 155 -9.56 -13.40 -4.65
N ASP A 156 -10.79 -13.38 -5.13
CA ASP A 156 -11.54 -14.60 -5.41
C ASP A 156 -10.82 -15.44 -6.45
N LEU A 157 -10.33 -14.78 -7.49
CA LEU A 157 -9.57 -15.45 -8.55
C LEU A 157 -8.28 -16.04 -8.00
N LEU A 158 -7.64 -15.28 -7.11
CA LEU A 158 -6.38 -15.70 -6.52
C LEU A 158 -6.58 -16.93 -5.65
N GLN A 159 -7.71 -16.99 -4.98
CA GLN A 159 -8.04 -18.13 -4.13
C GLN A 159 -8.55 -19.30 -4.99
N SER A 160 -8.92 -18.99 -6.23
CA SER A 160 -9.36 -20.00 -7.17
C SER A 160 -8.15 -20.73 -7.77
N LEU A 161 -7.06 -19.99 -8.00
CA LEU A 161 -5.84 -20.58 -8.53
C LEU A 161 -4.95 -21.09 -7.39
N ARG A 162 -4.88 -20.30 -6.32
CA ARG A 162 -4.04 -20.58 -5.16
C ARG A 162 -2.56 -20.46 -5.53
N SER A 163 -2.07 -21.43 -6.27
CA SER A 163 -0.70 -21.42 -6.75
C SER A 163 -0.68 -21.86 -8.21
N GLY A 164 -0.07 -21.04 -9.07
CA GLY A 164 0.01 -21.37 -10.46
C GLY A 164 1.28 -20.84 -11.11
N GLY A 1 15.76 15.82 -2.66
CA GLY A 1 14.47 15.11 -2.79
C GLY A 1 13.44 15.64 -1.82
N THR A 2 12.21 15.16 -1.94
CA THR A 2 11.12 15.62 -1.10
C THR A 2 11.10 14.84 0.21
N VAL A 3 11.25 15.55 1.33
CA VAL A 3 11.23 14.93 2.65
C VAL A 3 10.23 15.63 3.56
N GLN A 4 9.34 14.84 4.13
CA GLN A 4 8.38 15.32 5.13
C GLN A 4 8.53 14.54 6.41
N GLU A 5 8.35 15.19 7.55
CA GLU A 5 8.50 14.53 8.84
C GLU A 5 7.18 14.40 9.57
N ILE A 6 6.89 13.17 9.97
CA ILE A 6 5.73 12.87 10.80
C ILE A 6 6.24 12.24 12.09
N MET A 7 5.84 12.77 13.22
CA MET A 7 6.32 12.24 14.49
C MET A 7 5.50 11.03 14.91
N ILE A 8 6.19 9.93 15.16
CA ILE A 8 5.55 8.69 15.57
C ILE A 8 5.68 8.49 17.08
N PRO A 9 4.54 8.42 17.79
CA PRO A 9 4.48 8.14 19.22
C PRO A 9 5.08 6.78 19.59
N ALA A 10 5.54 6.66 20.83
CA ALA A 10 6.02 5.38 21.34
C ALA A 10 4.83 4.46 21.55
N GLY A 11 4.93 3.25 21.02
CA GLY A 11 3.79 2.36 20.99
C GLY A 11 3.12 2.41 19.64
N LYS A 12 3.04 3.62 19.07
CA LYS A 12 2.50 3.81 17.75
C LYS A 12 3.44 3.23 16.71
N ALA A 13 4.73 3.26 17.05
CA ALA A 13 5.79 2.76 16.16
C ALA A 13 5.53 1.31 15.76
N GLY A 14 4.96 0.54 16.68
CA GLY A 14 4.71 -0.86 16.43
C GLY A 14 3.78 -1.08 15.24
N LEU A 15 2.85 -0.18 15.03
CA LEU A 15 1.96 -0.27 13.88
C LEU A 15 2.53 0.47 12.67
N VAL A 16 3.36 1.47 12.92
CA VAL A 16 3.92 2.29 11.85
C VAL A 16 5.06 1.58 11.13
N ILE A 17 6.01 1.03 11.88
CA ILE A 17 7.09 0.28 11.26
C ILE A 17 6.72 -1.20 11.19
N GLY A 18 5.70 -1.59 11.93
CA GLY A 18 5.30 -2.97 12.00
C GLY A 18 6.02 -3.69 13.11
N LYS A 19 6.78 -2.92 13.89
CA LYS A 19 7.61 -3.41 15.00
C LYS A 19 8.73 -4.30 14.46
N GLY A 20 8.36 -5.43 13.88
CA GLY A 20 9.32 -6.30 13.24
C GLY A 20 9.72 -5.81 11.87
N GLY A 21 9.05 -4.75 11.40
CA GLY A 21 9.43 -4.13 10.15
C GLY A 21 8.46 -4.39 9.02
N GLU A 22 7.36 -5.09 9.29
CA GLU A 22 6.41 -5.44 8.25
C GLU A 22 5.78 -4.21 7.60
N THR A 23 5.37 -3.26 8.42
CA THR A 23 4.68 -2.07 7.90
C THR A 23 5.64 -1.16 7.15
N ILE A 24 6.88 -1.04 7.64
CA ILE A 24 7.84 -0.13 7.02
C ILE A 24 8.18 -0.59 5.60
N LYS A 25 8.02 -1.89 5.37
CA LYS A 25 8.24 -2.45 4.04
C LYS A 25 7.31 -1.81 3.02
N GLN A 26 6.05 -1.70 3.38
CA GLN A 26 5.05 -1.10 2.52
C GLN A 26 5.32 0.38 2.36
N LEU A 27 5.73 1.03 3.43
CA LEU A 27 6.02 2.45 3.38
C LEU A 27 7.24 2.73 2.50
N GLN A 28 8.13 1.75 2.40
CA GLN A 28 9.32 1.87 1.57
C GLN A 28 9.03 1.49 0.11
N GLU A 29 8.45 0.31 -0.09
CA GLU A 29 8.21 -0.21 -1.44
C GLU A 29 6.88 0.29 -1.99
N ARG A 30 5.81 0.04 -1.24
CA ARG A 30 4.46 0.40 -1.67
C ARG A 30 4.31 1.90 -1.84
N ALA A 31 4.77 2.64 -0.84
CA ALA A 31 4.74 4.08 -0.90
C ALA A 31 5.88 4.60 -1.76
N GLY A 32 6.70 3.68 -2.24
CA GLY A 32 7.77 4.03 -3.18
C GLY A 32 8.74 5.07 -2.65
N VAL A 33 8.80 5.21 -1.34
CA VAL A 33 9.64 6.22 -0.72
C VAL A 33 10.42 5.60 0.42
N LYS A 34 11.57 6.16 0.74
CA LYS A 34 12.33 5.69 1.87
C LYS A 34 11.97 6.50 3.10
N MET A 35 11.26 5.87 4.01
CA MET A 35 10.93 6.51 5.26
C MET A 35 11.98 6.15 6.28
N ILE A 36 12.74 7.13 6.72
CA ILE A 36 13.82 6.90 7.65
C ILE A 36 13.45 7.49 9.00
N LEU A 37 13.16 6.60 9.92
CA LEU A 37 12.79 6.95 11.28
C LEU A 37 13.57 6.05 12.21
N ILE A 38 14.01 6.60 13.35
CA ILE A 38 14.80 5.82 14.28
C ILE A 38 13.99 4.66 14.85
N GLN A 39 14.19 3.49 14.28
CA GLN A 39 13.49 2.30 14.74
C GLN A 39 14.21 1.73 15.94
N ASP A 40 15.46 1.39 15.73
CA ASP A 40 16.32 0.88 16.79
C ASP A 40 17.55 1.78 16.90
N GLY A 41 18.46 1.40 17.79
CA GLY A 41 19.59 2.25 18.08
C GLY A 41 19.44 2.92 19.43
N SER A 42 20.55 3.34 20.02
CA SER A 42 20.54 3.87 21.38
C SER A 42 20.14 5.34 21.41
N GLN A 43 19.33 5.76 20.45
CA GLN A 43 18.82 7.13 20.43
C GLN A 43 17.35 7.15 20.84
N ASN A 44 16.45 7.15 19.87
CA ASN A 44 15.03 7.09 20.14
C ASN A 44 14.53 5.67 19.93
N THR A 45 15.13 4.75 20.67
CA THR A 45 14.87 3.33 20.52
C THR A 45 13.41 2.95 20.79
N ASN A 46 12.92 3.20 22.00
CA ASN A 46 11.54 2.87 22.33
C ASN A 46 10.63 4.09 22.18
N VAL A 47 11.23 5.28 22.24
CA VAL A 47 10.47 6.51 22.33
C VAL A 47 10.01 7.04 20.97
N ASP A 48 9.53 8.29 20.99
CA ASP A 48 9.01 8.96 19.79
C ASP A 48 10.05 9.00 18.68
N LYS A 49 9.60 8.95 17.44
CA LYS A 49 10.50 8.86 16.30
C LYS A 49 10.07 9.82 15.20
N PRO A 50 11.04 10.56 14.63
CA PRO A 50 10.79 11.45 13.50
C PRO A 50 10.82 10.68 12.18
N LEU A 51 9.65 10.57 11.56
CA LEU A 51 9.51 9.81 10.33
C LEU A 51 9.79 10.70 9.12
N ARG A 52 10.89 10.43 8.43
CA ARG A 52 11.24 11.19 7.24
C ARG A 52 10.83 10.45 5.98
N ILE A 53 9.85 10.97 5.29
CA ILE A 53 9.43 10.40 4.01
C ILE A 53 10.29 11.00 2.89
N ILE A 54 11.15 10.19 2.31
CA ILE A 54 12.05 10.65 1.25
C ILE A 54 11.64 10.05 -0.08
N GLY A 55 11.31 10.88 -1.05
CA GLY A 55 10.91 10.37 -2.35
C GLY A 55 10.38 11.45 -3.27
N ASP A 56 9.82 11.01 -4.39
CA ASP A 56 9.17 11.92 -5.34
C ASP A 56 7.98 12.62 -4.69
N PRO A 57 7.76 13.90 -5.01
CA PRO A 57 6.81 14.77 -4.30
C PRO A 57 5.42 14.17 -4.16
N TYR A 58 4.85 13.71 -5.27
CA TYR A 58 3.49 13.17 -5.30
C TYR A 58 3.36 12.01 -4.31
N LYS A 59 4.35 11.13 -4.32
CA LYS A 59 4.35 9.96 -3.47
C LYS A 59 4.50 10.34 -2.01
N VAL A 60 5.37 11.32 -1.75
CA VAL A 60 5.59 11.81 -0.40
C VAL A 60 4.30 12.43 0.16
N GLN A 61 3.53 13.07 -0.72
CA GLN A 61 2.29 13.71 -0.32
C GLN A 61 1.29 12.66 0.13
N GLN A 62 1.05 11.68 -0.74
CA GLN A 62 0.08 10.64 -0.46
C GLN A 62 0.53 9.78 0.71
N ALA A 63 1.83 9.71 0.91
CA ALA A 63 2.39 8.95 2.03
C ALA A 63 2.30 9.75 3.33
N CYS A 64 2.50 11.06 3.23
CA CYS A 64 2.46 11.92 4.41
C CYS A 64 1.11 11.77 5.10
N GLU A 65 0.05 11.72 4.31
CA GLU A 65 -1.29 11.59 4.86
C GLU A 65 -1.60 10.13 5.22
N MET A 66 -0.96 9.17 4.54
CA MET A 66 -1.17 7.76 4.90
C MET A 66 -0.63 7.50 6.28
N VAL A 67 0.59 7.96 6.52
CA VAL A 67 1.27 7.69 7.77
C VAL A 67 0.49 8.26 8.94
N MET A 68 0.06 9.50 8.82
CA MET A 68 -0.66 10.16 9.92
C MET A 68 -2.06 9.56 10.10
N ASP A 69 -2.56 8.91 9.05
CA ASP A 69 -3.89 8.31 9.08
C ASP A 69 -3.90 6.91 9.68
N ILE A 70 -2.95 6.07 9.30
CA ILE A 70 -2.93 4.71 9.79
C ILE A 70 -2.31 4.63 11.18
N LEU A 71 -1.50 5.64 11.53
CA LEU A 71 -0.95 5.72 12.88
C LEU A 71 -1.98 6.22 13.88
N ARG A 72 -3.18 6.56 13.39
CA ARG A 72 -4.27 6.99 14.28
C ARG A 72 -4.65 5.84 15.19
N GLU A 73 -4.28 4.63 14.77
CA GLU A 73 -4.57 3.42 15.51
C GLU A 73 -4.11 3.53 16.96
N ARG A 74 -4.88 2.93 17.86
CA ARG A 74 -4.58 2.98 19.27
C ARG A 74 -3.64 1.84 19.67
N ASP A 75 -4.07 0.61 19.45
CA ASP A 75 -3.31 -0.55 19.92
C ASP A 75 -2.76 -1.38 18.76
N GLN A 76 -2.02 -0.72 17.88
CA GLN A 76 -1.31 -1.37 16.77
C GLN A 76 -2.26 -1.94 15.70
N GLY A 77 -2.18 -1.36 14.51
CA GLY A 77 -3.03 -1.78 13.42
C GLY A 77 -3.18 -0.69 12.38
N GLY A 78 -4.26 0.07 12.49
CA GLY A 78 -4.50 1.16 11.56
C GLY A 78 -5.01 0.66 10.23
N PHE A 79 -4.10 0.55 9.27
CA PHE A 79 -4.43 0.07 7.95
C PHE A 79 -3.31 -0.81 7.41
N GLY A 80 -2.08 -0.39 7.65
CA GLY A 80 -0.94 -1.04 7.05
C GLY A 80 -0.61 -0.37 5.73
N ASP A 81 0.28 0.62 5.80
CA ASP A 81 0.50 1.56 4.69
C ASP A 81 -0.72 2.48 4.58
N ARG A 82 -1.83 1.90 4.15
CA ARG A 82 -3.14 2.56 4.09
C ARG A 82 -4.12 1.67 3.35
N ASN A 83 -3.64 1.04 2.30
CA ASN A 83 -4.46 0.17 1.47
C ASN A 83 -5.59 0.96 0.84
N GLU A 84 -5.20 1.97 0.09
CA GLU A 84 -6.13 2.93 -0.49
C GLU A 84 -5.36 3.87 -1.43
N TYR A 85 -4.14 4.23 -1.02
CA TYR A 85 -3.19 4.87 -1.91
C TYR A 85 -1.79 4.93 -1.29
N GLY A 86 -1.02 3.88 -1.53
CA GLY A 86 0.38 3.90 -1.18
C GLY A 86 1.18 4.58 -2.26
N SER A 87 1.45 5.87 -2.03
CA SER A 87 2.14 6.77 -2.97
C SER A 87 1.30 7.04 -4.22
N ARG A 88 0.87 5.97 -4.87
CA ARG A 88 0.09 6.07 -6.08
C ARG A 88 -1.38 5.92 -5.77
N ILE A 89 -2.16 5.73 -6.82
CA ILE A 89 -3.60 5.53 -6.70
C ILE A 89 -4.31 6.84 -6.40
N GLY A 90 -4.06 7.39 -5.22
CA GLY A 90 -4.68 8.62 -4.80
C GLY A 90 -6.20 8.59 -4.95
N GLY A 91 -6.84 7.66 -4.27
CA GLY A 91 -8.27 7.51 -4.35
C GLY A 91 -8.68 6.13 -4.84
N GLY A 92 -8.85 5.21 -3.89
CA GLY A 92 -9.21 3.85 -4.23
C GLY A 92 -8.76 2.88 -3.17
N ILE A 93 -8.05 1.83 -3.59
CA ILE A 93 -7.44 0.88 -2.68
C ILE A 93 -6.16 0.34 -3.30
N ASP A 94 -5.22 -0.11 -2.46
CA ASP A 94 -4.01 -0.73 -2.96
C ASP A 94 -4.23 -2.21 -3.12
N VAL A 95 -3.90 -2.71 -4.30
CA VAL A 95 -4.16 -4.10 -4.64
C VAL A 95 -2.87 -4.85 -4.95
N PRO A 96 -2.31 -5.57 -3.99
CA PRO A 96 -1.15 -6.42 -4.23
C PRO A 96 -1.56 -7.71 -4.93
N VAL A 97 -1.23 -7.83 -6.20
CA VAL A 97 -1.53 -9.05 -6.93
C VAL A 97 -0.28 -9.91 -7.04
N PRO A 98 -0.37 -11.17 -6.59
CA PRO A 98 0.68 -12.16 -6.80
C PRO A 98 1.10 -12.19 -8.27
N ARG A 99 2.41 -12.10 -8.50
CA ARG A 99 2.97 -11.95 -9.84
C ARG A 99 2.55 -13.09 -10.77
N HIS A 100 2.29 -14.26 -10.22
CA HIS A 100 1.88 -15.41 -11.02
C HIS A 100 0.39 -15.34 -11.36
N SER A 101 -0.30 -14.39 -10.77
CA SER A 101 -1.74 -14.28 -10.93
C SER A 101 -2.13 -13.02 -11.71
N VAL A 102 -1.30 -11.98 -11.62
CA VAL A 102 -1.57 -10.71 -12.27
C VAL A 102 -1.76 -10.87 -13.78
N GLY A 103 -1.10 -11.87 -14.36
CA GLY A 103 -1.25 -12.13 -15.78
C GLY A 103 -2.65 -12.58 -16.13
N VAL A 104 -3.26 -13.33 -15.21
CA VAL A 104 -4.61 -13.86 -15.42
C VAL A 104 -5.64 -12.75 -15.27
N VAL A 105 -5.31 -11.76 -14.45
CA VAL A 105 -6.17 -10.60 -14.25
C VAL A 105 -6.36 -9.84 -15.56
N ILE A 106 -5.30 -9.82 -16.37
CA ILE A 106 -5.36 -9.18 -17.67
C ILE A 106 -5.94 -10.15 -18.71
N GLY A 107 -5.42 -11.36 -18.71
CA GLY A 107 -5.84 -12.36 -19.67
C GLY A 107 -4.90 -12.44 -20.84
N ARG A 108 -5.41 -12.11 -22.03
CA ARG A 108 -4.59 -12.09 -23.23
C ARG A 108 -4.75 -10.77 -23.96
N SER A 109 -6.00 -10.42 -24.24
CA SER A 109 -6.31 -9.19 -24.93
C SER A 109 -6.90 -8.17 -23.95
N GLY A 110 -6.62 -8.38 -22.67
CA GLY A 110 -7.08 -7.49 -21.63
C GLY A 110 -8.58 -7.57 -21.41
N GLU A 111 -9.18 -8.66 -21.88
CA GLU A 111 -10.62 -8.81 -21.84
C GLU A 111 -11.12 -8.98 -20.40
N MET A 112 -10.34 -9.67 -19.59
CA MET A 112 -10.74 -10.01 -18.23
C MET A 112 -10.78 -8.78 -17.33
N ILE A 113 -9.76 -7.93 -17.45
CA ILE A 113 -9.64 -6.76 -16.58
C ILE A 113 -10.75 -5.75 -16.89
N LYS A 114 -11.24 -5.77 -18.12
CA LYS A 114 -12.35 -4.91 -18.52
C LYS A 114 -13.62 -5.30 -17.76
N LYS A 115 -13.74 -6.59 -17.45
CA LYS A 115 -14.89 -7.10 -16.73
C LYS A 115 -14.85 -6.66 -15.27
N ILE A 116 -13.64 -6.54 -14.73
CA ILE A 116 -13.45 -6.03 -13.38
C ILE A 116 -13.93 -4.58 -13.32
N GLN A 117 -13.44 -3.80 -14.27
CA GLN A 117 -13.76 -2.38 -14.37
C GLN A 117 -15.25 -2.17 -14.62
N ASN A 118 -15.87 -3.12 -15.29
CA ASN A 118 -17.28 -3.01 -15.66
C ASN A 118 -18.18 -3.36 -14.48
N ASP A 119 -17.80 -4.36 -13.71
CA ASP A 119 -18.68 -4.86 -12.64
C ASP A 119 -18.62 -3.97 -11.41
N ALA A 120 -17.44 -3.49 -11.08
CA ALA A 120 -17.27 -2.64 -9.91
C ALA A 120 -17.31 -1.16 -10.27
N GLY A 121 -17.25 -0.87 -11.56
CA GLY A 121 -17.21 0.52 -12.00
C GLY A 121 -15.85 1.15 -11.75
N VAL A 122 -14.84 0.30 -11.65
CA VAL A 122 -13.49 0.74 -11.29
C VAL A 122 -12.64 0.95 -12.53
N ARG A 123 -11.44 1.48 -12.32
CA ARG A 123 -10.46 1.64 -13.38
C ARG A 123 -9.10 1.21 -12.85
N ILE A 124 -8.31 0.53 -13.67
CA ILE A 124 -7.08 -0.07 -13.19
C ILE A 124 -5.83 0.63 -13.74
N GLN A 125 -4.85 0.80 -12.86
CA GLN A 125 -3.52 1.27 -13.24
C GLN A 125 -2.47 0.42 -12.56
N PHE A 126 -1.43 0.06 -13.26
CA PHE A 126 -0.29 -0.56 -12.63
C PHE A 126 0.62 0.54 -12.09
N LYS A 127 0.58 0.70 -10.78
CA LYS A 127 1.20 1.85 -10.15
C LYS A 127 2.61 1.56 -9.67
N GLN A 128 3.14 2.46 -8.84
CA GLN A 128 4.51 2.40 -8.36
C GLN A 128 4.72 1.23 -7.40
N ASP A 129 4.79 0.03 -7.96
CA ASP A 129 5.13 -1.19 -7.23
C ASP A 129 5.50 -2.27 -8.21
N ASP A 130 6.74 -2.24 -8.68
CA ASP A 130 7.21 -3.22 -9.64
C ASP A 130 7.75 -4.44 -8.90
N GLY A 131 6.92 -4.97 -8.01
CA GLY A 131 7.31 -6.13 -7.23
C GLY A 131 7.29 -7.40 -8.04
N THR A 132 8.35 -7.63 -8.80
CA THR A 132 8.47 -8.83 -9.61
C THR A 132 8.98 -9.99 -8.77
N GLY A 133 9.20 -9.71 -7.49
CA GLY A 133 9.52 -10.75 -6.54
C GLY A 133 8.30 -11.22 -5.79
N PRO A 134 7.67 -10.34 -4.98
CA PRO A 134 6.46 -10.67 -4.25
C PRO A 134 5.18 -10.42 -5.05
N GLU A 135 4.69 -9.19 -5.04
CA GLU A 135 3.40 -8.86 -5.64
C GLU A 135 3.45 -7.48 -6.28
N LYS A 136 2.46 -7.17 -7.11
CA LYS A 136 2.39 -5.87 -7.76
C LYS A 136 1.07 -5.17 -7.42
N ILE A 137 1.18 -4.02 -6.77
CA ILE A 137 0.00 -3.22 -6.42
C ILE A 137 -0.64 -2.59 -7.65
N ALA A 138 -1.93 -2.86 -7.83
CA ALA A 138 -2.72 -2.24 -8.89
C ALA A 138 -3.59 -1.14 -8.32
N HIS A 139 -3.71 -0.05 -9.07
CA HIS A 139 -4.54 1.08 -8.68
C HIS A 139 -5.99 0.84 -9.07
N ILE A 140 -6.83 0.67 -8.08
CA ILE A 140 -8.26 0.65 -8.29
C ILE A 140 -8.82 2.06 -8.13
N MET A 141 -9.50 2.53 -9.17
CA MET A 141 -10.10 3.86 -9.16
C MET A 141 -11.60 3.76 -8.93
N GLY A 142 -12.12 4.64 -8.09
CA GLY A 142 -13.54 4.67 -7.82
C GLY A 142 -13.84 4.88 -6.36
N PRO A 143 -15.11 4.73 -5.95
CA PRO A 143 -15.52 4.82 -4.53
C PRO A 143 -15.01 3.63 -3.73
N PRO A 144 -14.53 3.90 -2.50
CA PRO A 144 -13.89 2.91 -1.62
C PRO A 144 -14.67 1.60 -1.47
N ASP A 145 -16.00 1.68 -1.51
CA ASP A 145 -16.83 0.48 -1.41
C ASP A 145 -16.71 -0.37 -2.67
N ARG A 146 -16.75 0.29 -3.82
CA ARG A 146 -16.60 -0.40 -5.11
C ARG A 146 -15.15 -0.86 -5.28
N CYS A 147 -14.26 -0.14 -4.64
CA CYS A 147 -12.85 -0.49 -4.63
C CYS A 147 -12.65 -1.91 -4.11
N GLU A 148 -13.12 -2.17 -2.89
CA GLU A 148 -12.97 -3.49 -2.29
C GLU A 148 -13.73 -4.55 -3.10
N HIS A 149 -14.83 -4.12 -3.73
CA HIS A 149 -15.62 -5.00 -4.60
C HIS A 149 -14.74 -5.56 -5.71
N ALA A 150 -13.81 -4.75 -6.18
CA ALA A 150 -12.99 -5.10 -7.33
C ALA A 150 -11.87 -6.05 -6.92
N ALA A 151 -11.31 -5.82 -5.74
CA ALA A 151 -10.25 -6.67 -5.22
C ALA A 151 -10.77 -8.07 -4.94
N ARG A 152 -12.07 -8.16 -4.70
CA ARG A 152 -12.71 -9.44 -4.40
C ARG A 152 -12.95 -10.24 -5.68
N ILE A 153 -13.06 -9.55 -6.80
CA ILE A 153 -13.18 -10.23 -8.09
C ILE A 153 -11.83 -10.82 -8.46
N ILE A 154 -10.78 -10.08 -8.15
CA ILE A 154 -9.41 -10.53 -8.38
C ILE A 154 -9.04 -11.65 -7.40
N ASN A 155 -9.60 -11.55 -6.20
CA ASN A 155 -9.35 -12.53 -5.15
C ASN A 155 -9.89 -13.90 -5.57
N ASP A 156 -11.06 -13.89 -6.20
CA ASP A 156 -11.66 -15.10 -6.74
C ASP A 156 -10.78 -15.71 -7.82
N LEU A 157 -10.05 -14.87 -8.53
CA LEU A 157 -9.16 -15.33 -9.59
C LEU A 157 -8.02 -16.15 -8.99
N LEU A 158 -7.62 -15.78 -7.77
CA LEU A 158 -6.60 -16.52 -7.05
C LEU A 158 -7.09 -17.92 -6.72
N GLN A 159 -8.39 -18.00 -6.43
CA GLN A 159 -9.02 -19.27 -6.07
C GLN A 159 -9.18 -20.17 -7.30
N SER A 160 -9.48 -19.55 -8.44
CA SER A 160 -9.68 -20.30 -9.67
C SER A 160 -8.38 -20.88 -10.21
N LEU A 161 -7.25 -20.31 -9.80
CA LEU A 161 -5.95 -20.73 -10.29
C LEU A 161 -5.48 -22.04 -9.63
N ARG A 162 -6.41 -22.77 -9.04
CA ARG A 162 -6.11 -24.09 -8.50
C ARG A 162 -6.29 -25.13 -9.60
N SER A 163 -6.78 -24.68 -10.74
CA SER A 163 -6.96 -25.53 -11.90
C SER A 163 -6.17 -24.95 -13.07
N GLY A 164 -5.61 -25.82 -13.90
CA GLY A 164 -4.78 -25.36 -15.01
C GLY A 164 -5.48 -25.48 -16.35
N GLY A 1 14.60 16.03 -3.03
CA GLY A 1 14.49 15.20 -1.80
C GLY A 1 13.69 15.89 -0.72
N THR A 2 12.38 15.86 -0.84
CA THR A 2 11.50 16.49 0.13
C THR A 2 11.35 15.61 1.36
N VAL A 3 11.43 16.21 2.54
CA VAL A 3 11.38 15.47 3.79
C VAL A 3 10.44 16.12 4.79
N GLN A 4 9.56 15.33 5.38
CA GLN A 4 8.69 15.78 6.47
C GLN A 4 8.71 14.72 7.57
N GLU A 5 8.54 15.14 8.83
CA GLU A 5 8.60 14.22 9.96
C GLU A 5 7.22 13.96 10.54
N ILE A 6 6.95 12.69 10.83
CA ILE A 6 5.74 12.28 11.53
C ILE A 6 6.13 11.59 12.84
N MET A 7 5.30 11.73 13.86
CA MET A 7 5.59 11.16 15.17
C MET A 7 5.00 9.76 15.33
N ILE A 8 5.87 8.77 15.44
CA ILE A 8 5.46 7.39 15.65
C ILE A 8 5.59 7.02 17.13
N PRO A 9 4.47 6.88 17.83
CA PRO A 9 4.46 6.44 19.22
C PRO A 9 4.69 4.94 19.33
N ALA A 10 5.20 4.49 20.47
CA ALA A 10 5.39 3.06 20.71
C ALA A 10 4.04 2.37 20.73
N GLY A 11 3.93 1.30 19.94
CA GLY A 11 2.63 0.70 19.70
C GLY A 11 2.20 0.93 18.27
N LYS A 12 2.56 2.10 17.75
CA LYS A 12 2.29 2.43 16.36
C LYS A 12 3.49 2.10 15.49
N ALA A 13 4.56 1.68 16.12
CA ALA A 13 5.75 1.25 15.41
C ALA A 13 5.42 0.06 14.53
N GLY A 14 4.66 -0.87 15.10
CA GLY A 14 4.21 -2.04 14.36
C GLY A 14 3.26 -1.70 13.23
N LEU A 15 2.79 -0.46 13.20
CA LEU A 15 1.95 0.00 12.10
C LEU A 15 2.82 0.48 10.96
N VAL A 16 3.82 1.29 11.31
CA VAL A 16 4.70 1.89 10.32
C VAL A 16 5.75 0.91 9.80
N ILE A 17 6.38 0.16 10.70
CA ILE A 17 7.39 -0.80 10.27
C ILE A 17 6.76 -2.15 9.99
N GLY A 18 5.53 -2.33 10.46
CA GLY A 18 4.83 -3.59 10.28
C GLY A 18 5.21 -4.61 11.33
N LYS A 19 6.11 -4.19 12.22
CA LYS A 19 6.66 -5.04 13.28
C LYS A 19 7.62 -6.08 12.72
N GLY A 20 7.24 -6.71 11.61
CA GLY A 20 8.11 -7.65 10.96
C GLY A 20 8.89 -7.00 9.83
N GLY A 21 8.50 -5.78 9.45
CA GLY A 21 9.19 -5.09 8.39
C GLY A 21 8.34 -4.93 7.14
N GLU A 22 7.19 -5.61 7.15
CA GLU A 22 6.27 -5.64 6.00
C GLU A 22 5.90 -4.23 5.53
N THR A 23 5.49 -3.39 6.47
CA THR A 23 4.94 -2.09 6.13
C THR A 23 6.01 -1.13 5.59
N ILE A 24 7.18 -1.09 6.21
CA ILE A 24 8.20 -0.12 5.79
C ILE A 24 8.61 -0.38 4.34
N LYS A 25 8.46 -1.62 3.91
CA LYS A 25 8.73 -1.99 2.53
C LYS A 25 7.80 -1.25 1.59
N GLN A 26 6.54 -1.18 1.97
CA GLN A 26 5.54 -0.57 1.15
C GLN A 26 5.53 0.94 1.37
N LEU A 27 5.92 1.38 2.53
CA LEU A 27 6.12 2.79 2.75
C LEU A 27 7.28 3.29 1.90
N GLN A 28 8.18 2.37 1.58
CA GLN A 28 9.26 2.66 0.65
C GLN A 28 8.83 2.45 -0.80
N GLU A 29 8.33 1.26 -1.12
CA GLU A 29 7.99 0.91 -2.50
C GLU A 29 6.61 1.46 -2.90
N ARG A 30 5.64 1.30 -2.03
CA ARG A 30 4.26 1.71 -2.33
C ARG A 30 4.10 3.22 -2.22
N ALA A 31 4.69 3.80 -1.20
CA ALA A 31 4.62 5.24 -1.04
C ALA A 31 5.68 5.92 -1.89
N GLY A 32 6.58 5.11 -2.47
CA GLY A 32 7.56 5.62 -3.42
C GLY A 32 8.58 6.55 -2.80
N VAL A 33 8.74 6.46 -1.49
CA VAL A 33 9.66 7.33 -0.76
C VAL A 33 10.49 6.51 0.21
N LYS A 34 11.57 7.07 0.69
CA LYS A 34 12.36 6.41 1.71
C LYS A 34 12.03 7.02 3.06
N MET A 35 11.36 6.25 3.90
CA MET A 35 11.04 6.69 5.24
C MET A 35 12.12 6.21 6.18
N ILE A 36 12.85 7.15 6.75
CA ILE A 36 13.92 6.81 7.66
C ILE A 36 13.53 7.23 9.07
N LEU A 37 13.25 6.22 9.87
CA LEU A 37 12.83 6.38 11.25
C LEU A 37 13.62 5.41 12.10
N ILE A 38 13.99 5.83 13.29
CA ILE A 38 14.83 5.01 14.16
C ILE A 38 14.11 3.74 14.57
N GLN A 39 14.46 2.64 13.91
CA GLN A 39 13.97 1.32 14.26
C GLN A 39 15.03 0.62 15.09
N ASP A 40 16.20 0.49 14.48
CA ASP A 40 17.37 -0.06 15.13
C ASP A 40 18.22 1.08 15.68
N GLY A 41 19.08 0.76 16.63
CA GLY A 41 19.84 1.78 17.32
C GLY A 41 19.17 2.17 18.62
N SER A 42 19.86 1.94 19.72
CA SER A 42 19.29 2.19 21.04
C SER A 42 19.26 3.69 21.33
N GLN A 43 18.25 4.36 20.76
CA GLN A 43 18.02 5.77 21.02
C GLN A 43 16.52 6.05 21.08
N ASN A 44 15.82 5.65 20.03
CA ASN A 44 14.37 5.85 19.95
C ASN A 44 13.66 4.50 19.84
N THR A 45 14.15 3.51 20.57
CA THR A 45 13.57 2.18 20.52
C THR A 45 12.19 2.13 21.17
N ASN A 46 12.14 2.45 22.46
CA ASN A 46 10.88 2.51 23.19
C ASN A 46 10.31 3.91 23.14
N VAL A 47 11.07 4.80 22.54
CA VAL A 47 10.72 6.20 22.44
C VAL A 47 9.94 6.46 21.15
N ASP A 48 9.21 7.57 21.12
CA ASP A 48 8.56 8.03 19.90
C ASP A 48 9.60 8.23 18.81
N LYS A 49 9.22 7.95 17.58
CA LYS A 49 10.15 7.88 16.48
C LYS A 49 9.81 8.90 15.42
N PRO A 50 10.78 9.71 15.01
CA PRO A 50 10.60 10.71 13.97
C PRO A 50 10.74 10.12 12.58
N LEU A 51 9.63 10.13 11.86
CA LEU A 51 9.57 9.55 10.53
C LEU A 51 10.00 10.56 9.48
N ARG A 52 11.21 10.40 8.94
CA ARG A 52 11.66 11.24 7.85
C ARG A 52 11.26 10.64 6.51
N ILE A 53 10.20 11.18 5.92
CA ILE A 53 9.79 10.75 4.60
C ILE A 53 10.60 11.49 3.54
N ILE A 54 11.47 10.77 2.87
CA ILE A 54 12.34 11.37 1.86
C ILE A 54 11.90 10.93 0.46
N GLY A 55 11.52 11.89 -0.38
CA GLY A 55 11.12 11.52 -1.71
C GLY A 55 10.54 12.66 -2.51
N ASP A 56 9.97 12.32 -3.66
CA ASP A 56 9.25 13.25 -4.51
C ASP A 56 8.13 13.94 -3.73
N PRO A 57 8.00 15.28 -3.92
CA PRO A 57 7.08 16.12 -3.15
C PRO A 57 5.62 15.67 -3.23
N TYR A 58 5.23 15.15 -4.39
CA TYR A 58 3.86 14.69 -4.58
C TYR A 58 3.64 13.39 -3.80
N LYS A 59 4.68 12.59 -3.75
CA LYS A 59 4.64 11.30 -3.08
C LYS A 59 4.73 11.48 -1.57
N VAL A 60 5.61 12.38 -1.13
CA VAL A 60 5.73 12.71 0.28
C VAL A 60 4.41 13.23 0.82
N GLN A 61 3.70 13.99 -0.02
CA GLN A 61 2.41 14.54 0.35
C GLN A 61 1.43 13.41 0.62
N GLN A 62 1.26 12.53 -0.37
CA GLN A 62 0.29 11.45 -0.27
C GLN A 62 0.71 10.44 0.79
N ALA A 63 2.01 10.22 0.94
CA ALA A 63 2.52 9.31 1.96
C ALA A 63 2.31 9.87 3.35
N CYS A 64 2.62 11.15 3.55
CA CYS A 64 2.39 11.79 4.84
C CYS A 64 0.93 11.66 5.22
N GLU A 65 0.07 11.71 4.21
CA GLU A 65 -1.35 11.58 4.41
C GLU A 65 -1.72 10.13 4.74
N MET A 66 -1.01 9.16 4.18
CA MET A 66 -1.28 7.76 4.50
C MET A 66 -0.74 7.43 5.88
N VAL A 67 0.43 7.99 6.23
CA VAL A 67 1.01 7.75 7.53
C VAL A 67 0.03 8.12 8.64
N MET A 68 -0.49 9.34 8.57
CA MET A 68 -1.46 9.81 9.57
C MET A 68 -2.72 8.96 9.54
N ASP A 69 -2.95 8.29 8.43
CA ASP A 69 -4.13 7.45 8.24
C ASP A 69 -3.96 6.10 8.93
N ILE A 70 -2.91 5.38 8.58
CA ILE A 70 -2.70 4.04 9.09
C ILE A 70 -2.07 4.03 10.48
N LEU A 71 -1.42 5.13 10.83
CA LEU A 71 -0.82 5.30 12.15
C LEU A 71 -1.88 5.82 13.15
N ARG A 72 -3.04 6.23 12.64
CA ARG A 72 -4.13 6.72 13.48
C ARG A 72 -4.67 5.60 14.35
N GLU A 73 -4.25 4.38 14.04
CA GLU A 73 -4.64 3.19 14.77
C GLU A 73 -4.42 3.37 16.27
N ARG A 74 -5.34 2.83 17.04
CA ARG A 74 -5.33 2.99 18.48
C ARG A 74 -4.36 2.01 19.12
N ASP A 75 -4.46 0.74 18.74
CA ASP A 75 -3.58 -0.29 19.29
C ASP A 75 -3.74 -1.62 18.58
N GLN A 76 -4.27 -1.60 17.36
CA GLN A 76 -4.57 -2.84 16.66
C GLN A 76 -3.64 -3.08 15.47
N GLY A 77 -3.96 -2.53 14.31
CA GLY A 77 -3.18 -2.85 13.11
C GLY A 77 -3.16 -1.76 12.06
N GLY A 78 -4.17 -0.90 12.04
CA GLY A 78 -4.24 0.14 11.04
C GLY A 78 -5.02 -0.31 9.82
N PHE A 79 -4.42 -0.18 8.64
CA PHE A 79 -5.06 -0.62 7.40
C PHE A 79 -4.07 -1.43 6.57
N GLY A 80 -2.98 -0.78 6.19
CA GLY A 80 -1.96 -1.43 5.39
C GLY A 80 -1.42 -0.50 4.33
N ASP A 81 -0.56 0.43 4.75
CA ASP A 81 -0.01 1.47 3.86
C ASP A 81 -1.17 2.22 3.22
N ARG A 82 -2.15 2.53 4.07
CA ARG A 82 -3.41 3.17 3.70
C ARG A 82 -4.31 2.25 2.87
N ASN A 83 -3.74 1.56 1.88
CA ASN A 83 -4.51 0.69 1.00
C ASN A 83 -5.56 1.49 0.26
N GLU A 84 -5.07 2.42 -0.55
CA GLU A 84 -5.90 3.43 -1.19
C GLU A 84 -5.03 4.27 -2.11
N TYR A 85 -3.84 4.60 -1.60
CA TYR A 85 -2.80 5.32 -2.33
C TYR A 85 -1.64 5.63 -1.40
N GLY A 86 -0.44 5.74 -1.96
CA GLY A 86 0.73 6.01 -1.15
C GLY A 86 1.59 7.11 -1.73
N SER A 87 1.33 7.46 -2.98
CA SER A 87 2.13 8.42 -3.72
C SER A 87 1.46 8.72 -5.04
N ARG A 88 1.25 7.66 -5.81
CA ARG A 88 0.43 7.72 -6.99
C ARG A 88 -1.02 7.81 -6.58
N ILE A 89 -1.92 7.85 -7.56
CA ILE A 89 -3.34 7.69 -7.30
C ILE A 89 -3.96 8.93 -6.67
N GLY A 90 -3.82 9.04 -5.34
CA GLY A 90 -4.52 10.06 -4.60
C GLY A 90 -6.03 9.95 -4.79
N GLY A 91 -6.54 8.73 -4.76
CA GLY A 91 -7.97 8.49 -4.95
C GLY A 91 -8.26 7.12 -5.53
N GLY A 92 -8.47 6.15 -4.65
CA GLY A 92 -8.87 4.82 -5.08
C GLY A 92 -8.55 3.79 -4.02
N ILE A 93 -7.94 2.69 -4.42
CA ILE A 93 -7.37 1.73 -3.47
C ILE A 93 -6.13 1.08 -4.08
N ASP A 94 -5.34 0.41 -3.26
CA ASP A 94 -4.22 -0.36 -3.77
C ASP A 94 -4.49 -1.83 -3.58
N VAL A 95 -4.28 -2.61 -4.61
CA VAL A 95 -4.40 -4.06 -4.51
C VAL A 95 -3.09 -4.75 -4.88
N PRO A 96 -2.27 -5.07 -3.87
CA PRO A 96 -1.05 -5.85 -4.05
C PRO A 96 -1.38 -7.30 -4.42
N VAL A 97 -1.12 -7.66 -5.66
CA VAL A 97 -1.43 -9.00 -6.13
C VAL A 97 -0.17 -9.77 -6.52
N PRO A 98 0.02 -10.98 -5.98
CA PRO A 98 1.19 -11.82 -6.24
C PRO A 98 1.48 -11.97 -7.72
N ARG A 99 2.74 -11.75 -8.09
CA ARG A 99 3.14 -11.67 -9.50
C ARG A 99 2.92 -13.00 -10.24
N HIS A 100 2.94 -14.12 -9.53
CA HIS A 100 2.67 -15.41 -10.16
C HIS A 100 1.19 -15.66 -10.32
N SER A 101 0.36 -14.75 -9.80
CA SER A 101 -1.08 -14.92 -9.87
C SER A 101 -1.76 -13.73 -10.54
N VAL A 102 -1.00 -12.66 -10.76
CA VAL A 102 -1.53 -11.47 -11.42
C VAL A 102 -1.96 -11.79 -12.84
N GLY A 103 -1.32 -12.79 -13.44
CA GLY A 103 -1.69 -13.21 -14.78
C GLY A 103 -3.13 -13.70 -14.84
N VAL A 104 -3.61 -14.25 -13.73
CA VAL A 104 -4.98 -14.73 -13.64
C VAL A 104 -5.94 -13.55 -13.48
N VAL A 105 -5.49 -12.53 -12.73
CA VAL A 105 -6.28 -11.33 -12.50
C VAL A 105 -6.40 -10.52 -13.79
N ILE A 106 -5.33 -10.48 -14.56
CA ILE A 106 -5.32 -9.79 -15.83
C ILE A 106 -6.06 -10.63 -16.88
N GLY A 107 -5.72 -11.91 -16.91
CA GLY A 107 -6.29 -12.81 -17.90
C GLY A 107 -5.30 -13.09 -19.00
N ARG A 108 -5.61 -14.05 -19.86
CA ARG A 108 -4.74 -14.38 -20.98
C ARG A 108 -4.77 -13.27 -22.02
N SER A 109 -5.97 -12.91 -22.45
CA SER A 109 -6.15 -11.84 -23.42
C SER A 109 -6.27 -10.50 -22.69
N GLY A 110 -6.33 -10.55 -21.37
CA GLY A 110 -6.49 -9.35 -20.58
C GLY A 110 -7.95 -8.99 -20.44
N GLU A 111 -8.82 -10.00 -20.46
CA GLU A 111 -10.26 -9.78 -20.35
C GLU A 111 -10.68 -9.80 -18.89
N MET A 112 -9.92 -10.50 -18.05
CA MET A 112 -10.25 -10.62 -16.64
C MET A 112 -10.09 -9.28 -15.94
N ILE A 113 -9.02 -8.56 -16.29
CA ILE A 113 -8.77 -7.25 -15.74
C ILE A 113 -9.86 -6.28 -16.20
N LYS A 114 -10.44 -6.56 -17.36
CA LYS A 114 -11.53 -5.78 -17.90
C LYS A 114 -12.83 -6.10 -17.16
N LYS A 115 -12.95 -7.34 -16.69
CA LYS A 115 -14.13 -7.75 -15.94
C LYS A 115 -14.24 -6.94 -14.66
N ILE A 116 -13.10 -6.62 -14.05
CA ILE A 116 -13.08 -5.78 -12.87
C ILE A 116 -13.67 -4.41 -13.20
N GLN A 117 -13.23 -3.89 -14.34
CA GLN A 117 -13.66 -2.58 -14.81
C GLN A 117 -15.13 -2.61 -15.21
N ASN A 118 -15.57 -3.73 -15.74
CA ASN A 118 -16.94 -3.89 -16.23
C ASN A 118 -17.92 -4.15 -15.09
N ASP A 119 -17.51 -5.00 -14.16
CA ASP A 119 -18.40 -5.42 -13.08
C ASP A 119 -18.48 -4.37 -11.98
N ALA A 120 -17.34 -3.96 -11.46
CA ALA A 120 -17.31 -3.01 -10.36
C ALA A 120 -17.37 -1.57 -10.86
N GLY A 121 -17.13 -1.40 -12.15
CA GLY A 121 -17.19 -0.08 -12.75
C GLY A 121 -15.99 0.76 -12.40
N VAL A 122 -14.85 0.11 -12.23
CA VAL A 122 -13.63 0.78 -11.80
C VAL A 122 -12.64 0.94 -12.94
N ARG A 123 -11.58 1.69 -12.68
CA ARG A 123 -10.50 1.87 -13.64
C ARG A 123 -9.19 1.41 -13.00
N ILE A 124 -8.34 0.74 -13.78
CA ILE A 124 -7.14 0.11 -13.23
C ILE A 124 -5.89 0.93 -13.55
N GLN A 125 -4.98 0.99 -12.58
CA GLN A 125 -3.71 1.69 -12.74
C GLN A 125 -2.59 0.95 -12.00
N PHE A 126 -1.72 0.30 -12.76
CA PHE A 126 -0.54 -0.30 -12.18
C PHE A 126 0.54 0.76 -12.02
N LYS A 127 1.37 0.62 -11.02
CA LYS A 127 2.28 1.69 -10.63
C LYS A 127 3.56 1.19 -10.00
N GLN A 128 4.58 1.02 -10.87
CA GLN A 128 5.92 0.56 -10.48
C GLN A 128 5.89 -0.63 -9.54
N ASP A 129 4.97 -1.55 -9.81
CA ASP A 129 4.82 -2.76 -9.02
C ASP A 129 5.36 -3.96 -9.78
N ASP A 130 5.74 -3.73 -11.03
CA ASP A 130 6.15 -4.81 -11.92
C ASP A 130 7.58 -5.26 -11.62
N GLY A 131 7.70 -6.26 -10.77
CA GLY A 131 9.00 -6.85 -10.50
C GLY A 131 9.67 -6.28 -9.26
N THR A 132 9.18 -5.14 -8.81
CA THR A 132 9.75 -4.45 -7.67
C THR A 132 9.56 -5.24 -6.38
N GLY A 133 8.44 -5.96 -6.30
CA GLY A 133 8.17 -6.77 -5.13
C GLY A 133 7.55 -8.10 -5.48
N PRO A 134 7.19 -8.91 -4.47
CA PRO A 134 6.53 -10.20 -4.67
C PRO A 134 5.09 -10.03 -5.15
N GLU A 135 4.49 -8.90 -4.77
CA GLU A 135 3.12 -8.62 -5.09
C GLU A 135 3.02 -7.26 -5.75
N LYS A 136 2.07 -7.15 -6.65
CA LYS A 136 1.99 -6.01 -7.55
C LYS A 136 0.82 -5.12 -7.19
N ILE A 137 1.14 -3.91 -6.83
CA ILE A 137 0.17 -2.93 -6.35
C ILE A 137 -0.62 -2.32 -7.50
N ALA A 138 -1.82 -2.82 -7.71
CA ALA A 138 -2.70 -2.27 -8.73
C ALA A 138 -3.60 -1.21 -8.10
N HIS A 139 -3.86 -0.15 -8.82
CA HIS A 139 -4.80 0.86 -8.35
C HIS A 139 -6.18 0.62 -8.92
N ILE A 140 -7.14 0.49 -8.03
CA ILE A 140 -8.53 0.46 -8.40
C ILE A 140 -9.13 1.85 -8.22
N MET A 141 -9.53 2.44 -9.33
CA MET A 141 -10.05 3.81 -9.32
C MET A 141 -11.57 3.83 -9.41
N GLY A 142 -12.18 4.64 -8.57
CA GLY A 142 -13.62 4.79 -8.59
C GLY A 142 -14.14 5.21 -7.23
N PRO A 143 -15.45 5.10 -7.00
CA PRO A 143 -16.04 5.40 -5.69
C PRO A 143 -15.59 4.41 -4.61
N PRO A 144 -15.48 4.87 -3.35
CA PRO A 144 -14.98 4.06 -2.24
C PRO A 144 -15.54 2.62 -2.22
N ASP A 145 -16.86 2.52 -2.24
CA ASP A 145 -17.53 1.21 -2.16
C ASP A 145 -17.14 0.32 -3.33
N ARG A 146 -17.14 0.89 -4.53
CA ARG A 146 -16.80 0.14 -5.73
C ARG A 146 -15.35 -0.32 -5.69
N CYS A 147 -14.47 0.53 -5.20
CA CYS A 147 -13.06 0.19 -5.07
C CYS A 147 -12.88 -1.05 -4.20
N GLU A 148 -13.35 -0.97 -2.97
CA GLU A 148 -13.19 -2.05 -2.02
C GLU A 148 -13.88 -3.32 -2.49
N HIS A 149 -15.02 -3.19 -3.18
CA HIS A 149 -15.72 -4.35 -3.73
C HIS A 149 -14.90 -4.99 -4.85
N ALA A 150 -14.12 -4.18 -5.54
CA ALA A 150 -13.36 -4.64 -6.69
C ALA A 150 -12.13 -5.41 -6.24
N ALA A 151 -11.57 -4.97 -5.11
CA ALA A 151 -10.42 -5.64 -4.52
C ALA A 151 -10.76 -7.07 -4.15
N ARG A 152 -12.02 -7.30 -3.80
CA ARG A 152 -12.46 -8.60 -3.30
C ARG A 152 -12.65 -9.57 -4.45
N ILE A 153 -12.79 -9.04 -5.66
CA ILE A 153 -12.83 -9.87 -6.84
C ILE A 153 -11.44 -10.40 -7.13
N ILE A 154 -10.45 -9.54 -6.97
CA ILE A 154 -9.04 -9.91 -7.15
C ILE A 154 -8.60 -10.86 -6.04
N ASN A 155 -8.98 -10.52 -4.81
CA ASN A 155 -8.69 -11.36 -3.64
C ASN A 155 -9.27 -12.76 -3.83
N ASP A 156 -10.39 -12.84 -4.53
CA ASP A 156 -11.08 -14.11 -4.76
C ASP A 156 -10.18 -15.10 -5.50
N LEU A 157 -9.44 -14.61 -6.49
CA LEU A 157 -8.50 -15.44 -7.23
C LEU A 157 -7.39 -15.94 -6.32
N LEU A 158 -6.87 -15.04 -5.51
CA LEU A 158 -5.76 -15.35 -4.60
C LEU A 158 -6.24 -16.30 -3.50
N GLN A 159 -7.51 -16.13 -3.11
CA GLN A 159 -8.13 -16.95 -2.09
C GLN A 159 -8.25 -18.41 -2.56
N SER A 160 -8.37 -18.60 -3.87
CA SER A 160 -8.50 -19.95 -4.42
C SER A 160 -7.20 -20.73 -4.21
N LEU A 161 -6.09 -20.01 -4.09
CA LEU A 161 -4.79 -20.63 -3.88
C LEU A 161 -4.51 -20.79 -2.38
N ARG A 162 -5.50 -20.46 -1.57
CA ARG A 162 -5.38 -20.58 -0.12
C ARG A 162 -6.46 -21.52 0.40
N SER A 163 -6.06 -22.70 0.85
CA SER A 163 -7.01 -23.72 1.30
C SER A 163 -7.45 -23.48 2.75
N GLY A 164 -7.36 -22.24 3.20
CA GLY A 164 -7.74 -21.91 4.56
C GLY A 164 -6.56 -21.39 5.36
N GLY A 1 13.83 18.18 -2.77
CA GLY A 1 14.38 17.86 -1.42
C GLY A 1 13.27 17.77 -0.39
N THR A 2 12.17 17.14 -0.78
CA THR A 2 10.98 17.09 0.04
C THR A 2 11.09 16.00 1.10
N VAL A 3 11.31 16.41 2.33
CA VAL A 3 11.33 15.50 3.47
C VAL A 3 10.48 16.05 4.59
N GLN A 4 9.38 15.38 4.89
CA GLN A 4 8.49 15.81 5.96
C GLN A 4 8.60 14.85 7.13
N GLU A 5 8.53 15.39 8.33
CA GLU A 5 8.66 14.59 9.54
C GLU A 5 7.32 14.38 10.21
N ILE A 6 7.01 13.14 10.51
CA ILE A 6 5.82 12.80 11.28
C ILE A 6 6.26 12.18 12.61
N MET A 7 5.57 12.50 13.69
CA MET A 7 5.95 12.01 15.00
C MET A 7 5.26 10.69 15.32
N ILE A 8 6.02 9.61 15.24
CA ILE A 8 5.51 8.27 15.45
C ILE A 8 5.67 7.86 16.92
N PRO A 9 4.53 7.58 17.58
CA PRO A 9 4.50 7.10 18.96
C PRO A 9 5.17 5.74 19.14
N ALA A 10 5.90 5.58 20.23
CA ALA A 10 6.41 4.26 20.58
C ALA A 10 5.24 3.36 20.96
N GLY A 11 5.12 2.25 20.28
CA GLY A 11 3.92 1.45 20.38
C GLY A 11 3.18 1.44 19.05
N LYS A 12 3.22 2.58 18.37
CA LYS A 12 2.72 2.66 17.01
C LYS A 12 3.72 2.00 16.08
N ALA A 13 4.94 1.85 16.55
CA ALA A 13 6.03 1.24 15.79
C ALA A 13 5.60 -0.07 15.15
N GLY A 14 4.85 -0.88 15.86
CA GLY A 14 4.43 -2.16 15.35
C GLY A 14 3.61 -2.03 14.08
N LEU A 15 2.77 -1.01 14.01
CA LEU A 15 1.95 -0.80 12.83
C LEU A 15 2.65 0.13 11.82
N VAL A 16 3.58 0.94 12.31
CA VAL A 16 4.30 1.89 11.44
C VAL A 16 5.47 1.22 10.71
N ILE A 17 6.37 0.59 11.46
CA ILE A 17 7.50 -0.09 10.83
C ILE A 17 7.15 -1.54 10.56
N GLY A 18 6.08 -2.02 11.19
CA GLY A 18 5.68 -3.41 11.05
C GLY A 18 6.29 -4.26 12.13
N LYS A 19 6.95 -3.59 13.08
CA LYS A 19 7.68 -4.24 14.17
C LYS A 19 8.86 -5.05 13.62
N GLY A 20 8.55 -6.12 12.91
CA GLY A 20 9.59 -6.91 12.26
C GLY A 20 10.01 -6.31 10.92
N GLY A 21 9.38 -5.19 10.56
CA GLY A 21 9.79 -4.49 9.35
C GLY A 21 8.77 -4.57 8.23
N GLU A 22 7.72 -5.36 8.44
CA GLU A 22 6.70 -5.59 7.40
C GLU A 22 6.17 -4.28 6.82
N THR A 23 5.74 -3.36 7.68
CA THR A 23 5.12 -2.13 7.20
C THR A 23 6.13 -1.18 6.57
N ILE A 24 7.34 -1.10 7.15
CA ILE A 24 8.33 -0.16 6.64
C ILE A 24 8.78 -0.58 5.24
N LYS A 25 8.70 -1.87 4.96
CA LYS A 25 8.94 -2.38 3.62
C LYS A 25 8.00 -1.68 2.64
N GLN A 26 6.72 -1.84 2.90
CA GLN A 26 5.70 -1.31 2.02
C GLN A 26 5.74 0.21 1.96
N LEU A 27 6.03 0.86 3.07
CA LEU A 27 6.14 2.32 3.08
C LEU A 27 7.29 2.77 2.18
N GLN A 28 8.35 1.98 2.13
CA GLN A 28 9.50 2.30 1.29
C GLN A 28 9.31 1.82 -0.14
N GLU A 29 8.82 0.61 -0.29
CA GLU A 29 8.71 -0.01 -1.61
C GLU A 29 7.38 0.31 -2.30
N ARG A 30 6.26 0.11 -1.60
CA ARG A 30 4.94 0.36 -2.19
C ARG A 30 4.77 1.85 -2.47
N ALA A 31 5.02 2.66 -1.44
CA ALA A 31 4.93 4.10 -1.57
C ALA A 31 6.10 4.64 -2.40
N GLY A 32 7.22 3.93 -2.35
CA GLY A 32 8.36 4.31 -3.18
C GLY A 32 9.24 5.36 -2.54
N VAL A 33 8.91 5.74 -1.31
CA VAL A 33 9.70 6.75 -0.60
C VAL A 33 10.61 6.08 0.40
N LYS A 34 11.76 6.66 0.67
CA LYS A 34 12.63 6.13 1.71
C LYS A 34 12.23 6.73 3.03
N MET A 35 11.68 5.91 3.88
CA MET A 35 11.26 6.34 5.19
C MET A 35 12.40 6.11 6.16
N ILE A 36 12.96 7.20 6.66
CA ILE A 36 14.03 7.11 7.63
C ILE A 36 13.55 7.64 8.96
N LEU A 37 13.30 6.73 9.87
CA LEU A 37 12.74 7.06 11.15
C LEU A 37 13.49 6.37 12.27
N ILE A 38 13.94 7.15 13.24
CA ILE A 38 14.55 6.58 14.42
C ILE A 38 13.46 5.88 15.20
N GLN A 39 13.39 4.57 15.06
CA GLN A 39 12.31 3.81 15.66
C GLN A 39 12.87 2.72 16.57
N ASP A 40 14.00 2.18 16.17
CA ASP A 40 14.66 1.13 16.92
C ASP A 40 16.11 1.50 17.17
N GLY A 41 16.32 2.77 17.53
CA GLY A 41 17.66 3.27 17.76
C GLY A 41 17.76 4.04 19.05
N SER A 42 18.75 4.91 19.14
CA SER A 42 19.01 5.69 20.35
C SER A 42 18.25 7.02 20.33
N GLN A 43 18.65 7.95 21.20
CA GLN A 43 18.03 9.28 21.31
C GLN A 43 16.63 9.19 21.92
N ASN A 44 15.66 8.81 21.10
CA ASN A 44 14.29 8.66 21.57
C ASN A 44 13.88 7.20 21.41
N THR A 45 14.02 6.42 22.47
CA THR A 45 13.69 5.01 22.42
C THR A 45 12.21 4.77 22.69
N ASN A 46 11.76 5.15 23.89
CA ASN A 46 10.37 4.97 24.30
C ASN A 46 9.56 6.22 24.03
N VAL A 47 10.26 7.29 23.65
CA VAL A 47 9.63 8.58 23.40
C VAL A 47 9.12 8.64 21.97
N ASP A 48 8.25 9.62 21.67
CA ASP A 48 7.80 9.85 20.30
C ASP A 48 8.98 10.05 19.38
N LYS A 49 8.86 9.53 18.17
CA LYS A 49 10.00 9.41 17.28
C LYS A 49 9.70 9.94 15.89
N PRO A 50 10.59 10.78 15.35
CA PRO A 50 10.38 11.45 14.07
C PRO A 50 10.68 10.55 12.86
N LEU A 51 9.74 10.56 11.93
CA LEU A 51 9.85 9.80 10.70
C LEU A 51 10.01 10.75 9.52
N ARG A 52 11.07 10.57 8.74
CA ARG A 52 11.32 11.40 7.56
C ARG A 52 10.91 10.67 6.29
N ILE A 53 9.96 11.24 5.56
CA ILE A 53 9.59 10.71 4.25
C ILE A 53 10.42 11.40 3.17
N ILE A 54 11.25 10.62 2.48
CA ILE A 54 12.14 11.17 1.46
C ILE A 54 11.64 10.86 0.05
N GLY A 55 11.37 11.90 -0.73
CA GLY A 55 10.92 11.70 -2.09
C GLY A 55 10.50 12.98 -2.78
N ASP A 56 9.89 12.84 -3.95
CA ASP A 56 9.32 13.96 -4.69
C ASP A 56 8.04 14.44 -3.99
N PRO A 57 7.77 15.76 -3.97
CA PRO A 57 6.64 16.35 -3.26
C PRO A 57 5.32 15.56 -3.35
N TYR A 58 4.92 15.19 -4.58
CA TYR A 58 3.62 14.55 -4.78
C TYR A 58 3.54 13.23 -4.03
N LYS A 59 4.63 12.47 -4.03
CA LYS A 59 4.64 11.16 -3.43
C LYS A 59 4.78 11.28 -1.92
N VAL A 60 5.55 12.28 -1.49
CA VAL A 60 5.70 12.56 -0.07
C VAL A 60 4.36 12.97 0.53
N GLN A 61 3.52 13.61 -0.28
CA GLN A 61 2.23 14.09 0.19
C GLN A 61 1.31 12.91 0.48
N GLN A 62 1.12 12.07 -0.53
CA GLN A 62 0.23 10.93 -0.42
C GLN A 62 0.69 10.00 0.69
N ALA A 63 1.98 9.88 0.87
CA ALA A 63 2.53 9.07 1.94
C ALA A 63 2.34 9.77 3.29
N CYS A 64 2.60 11.07 3.32
CA CYS A 64 2.52 11.84 4.56
C CYS A 64 1.11 11.78 5.15
N GLU A 65 0.11 11.90 4.29
CA GLU A 65 -1.27 11.83 4.76
C GLU A 65 -1.64 10.40 5.17
N MET A 66 -1.05 9.41 4.49
CA MET A 66 -1.39 8.03 4.78
C MET A 66 -0.68 7.55 6.03
N VAL A 67 0.58 7.95 6.23
CA VAL A 67 1.32 7.56 7.42
C VAL A 67 0.64 8.08 8.67
N MET A 68 -0.17 9.12 8.51
CA MET A 68 -0.97 9.63 9.61
C MET A 68 -2.24 8.79 9.77
N ASP A 69 -2.83 8.42 8.64
CA ASP A 69 -4.14 7.78 8.63
C ASP A 69 -4.08 6.27 8.89
N ILE A 70 -2.97 5.60 8.57
CA ILE A 70 -2.86 4.18 8.94
C ILE A 70 -2.29 4.06 10.34
N LEU A 71 -1.62 5.12 10.79
CA LEU A 71 -1.09 5.21 12.14
C LEU A 71 -2.21 5.48 13.15
N ARG A 72 -3.35 5.97 12.66
CA ARG A 72 -4.50 6.29 13.51
C ARG A 72 -5.01 5.06 14.25
N GLU A 73 -4.55 3.89 13.80
CA GLU A 73 -4.97 2.61 14.33
C GLU A 73 -4.98 2.57 15.86
N ARG A 74 -3.93 3.15 16.44
CA ARG A 74 -3.74 3.19 17.88
C ARG A 74 -3.28 1.83 18.42
N ASP A 75 -4.16 0.84 18.36
CA ASP A 75 -3.89 -0.45 19.00
C ASP A 75 -3.48 -1.53 18.01
N GLN A 76 -2.35 -1.30 17.34
CA GLN A 76 -1.70 -2.31 16.49
C GLN A 76 -2.53 -2.69 15.26
N GLY A 77 -1.90 -2.60 14.10
CA GLY A 77 -2.58 -2.90 12.84
C GLY A 77 -2.23 -1.90 11.76
N GLY A 78 -3.14 -0.98 11.49
CA GLY A 78 -2.87 0.10 10.56
C GLY A 78 -2.84 -0.35 9.11
N PHE A 79 -3.53 -1.45 8.82
CA PHE A 79 -3.62 -2.02 7.46
C PHE A 79 -2.28 -2.59 6.99
N GLY A 80 -1.24 -1.76 7.04
CA GLY A 80 0.04 -2.14 6.50
C GLY A 80 0.34 -1.31 5.27
N ASP A 81 1.19 -0.30 5.42
CA ASP A 81 1.41 0.72 4.38
C ASP A 81 0.18 1.60 4.27
N ARG A 82 -0.87 0.99 3.78
CA ARG A 82 -2.17 1.60 3.58
C ARG A 82 -2.95 0.74 2.62
N ASN A 83 -2.22 0.15 1.67
CA ASN A 83 -2.77 -0.77 0.68
C ASN A 83 -3.77 -0.01 -0.19
N GLU A 84 -3.48 1.26 -0.42
CA GLU A 84 -4.40 2.11 -1.14
C GLU A 84 -3.68 2.88 -2.25
N TYR A 85 -2.66 3.67 -1.91
CA TYR A 85 -1.94 4.41 -2.95
C TYR A 85 -0.45 4.58 -2.64
N GLY A 86 -0.10 4.56 -1.37
CA GLY A 86 1.27 4.78 -0.98
C GLY A 86 1.73 6.19 -1.31
N SER A 87 2.25 6.37 -2.51
CA SER A 87 2.70 7.66 -2.99
C SER A 87 2.48 7.76 -4.49
N ARG A 88 1.56 6.95 -5.00
CA ARG A 88 1.25 6.94 -6.42
C ARG A 88 0.04 7.81 -6.70
N ILE A 89 -1.15 7.22 -6.56
CA ILE A 89 -2.38 7.96 -6.70
C ILE A 89 -2.85 8.42 -5.32
N GLY A 90 -4.11 8.81 -5.22
CA GLY A 90 -4.68 9.21 -3.95
C GLY A 90 -6.11 8.75 -3.80
N GLY A 91 -6.59 8.03 -4.82
CA GLY A 91 -7.93 7.49 -4.78
C GLY A 91 -7.95 6.06 -5.30
N GLY A 92 -8.48 5.16 -4.50
CA GLY A 92 -8.48 3.77 -4.87
C GLY A 92 -7.41 3.01 -4.12
N ILE A 93 -7.52 1.70 -4.11
CA ILE A 93 -6.62 0.86 -3.32
C ILE A 93 -5.48 0.29 -4.17
N ASP A 94 -4.39 -0.06 -3.52
CA ASP A 94 -3.25 -0.68 -4.18
C ASP A 94 -3.31 -2.19 -3.97
N VAL A 95 -3.45 -2.94 -5.06
CA VAL A 95 -3.69 -4.37 -4.95
C VAL A 95 -2.47 -5.21 -5.35
N PRO A 96 -1.76 -5.81 -4.38
CA PRO A 96 -0.73 -6.81 -4.67
C PRO A 96 -1.37 -8.12 -5.13
N VAL A 97 -1.23 -8.42 -6.41
CA VAL A 97 -1.79 -9.64 -6.97
C VAL A 97 -0.69 -10.44 -7.68
N PRO A 98 -0.60 -11.74 -7.39
CA PRO A 98 0.42 -12.63 -7.94
C PRO A 98 0.63 -12.46 -9.44
N ARG A 99 1.90 -12.38 -9.83
CA ARG A 99 2.32 -12.10 -11.20
C ARG A 99 1.75 -13.09 -12.21
N HIS A 100 1.56 -14.33 -11.80
CA HIS A 100 1.00 -15.36 -12.68
C HIS A 100 -0.52 -15.32 -12.64
N SER A 101 -1.06 -14.65 -11.65
CA SER A 101 -2.49 -14.59 -11.44
C SER A 101 -3.08 -13.34 -12.09
N VAL A 102 -2.27 -12.28 -12.18
CA VAL A 102 -2.71 -11.03 -12.77
C VAL A 102 -3.04 -11.23 -14.25
N GLY A 103 -2.38 -12.21 -14.87
CA GLY A 103 -2.67 -12.54 -16.25
C GLY A 103 -4.08 -13.09 -16.42
N VAL A 104 -4.59 -13.70 -15.35
CA VAL A 104 -5.95 -14.21 -15.34
C VAL A 104 -6.93 -13.07 -15.09
N VAL A 105 -6.47 -12.07 -14.35
CA VAL A 105 -7.27 -10.88 -14.06
C VAL A 105 -7.47 -10.06 -15.33
N ILE A 106 -6.46 -10.05 -16.18
CA ILE A 106 -6.54 -9.36 -17.46
C ILE A 106 -7.30 -10.20 -18.48
N GLY A 107 -6.89 -11.46 -18.59
CA GLY A 107 -7.51 -12.35 -19.55
C GLY A 107 -6.60 -12.60 -20.74
N ARG A 108 -7.04 -12.20 -21.92
CA ARG A 108 -6.22 -12.31 -23.12
C ARG A 108 -6.17 -10.95 -23.80
N SER A 109 -7.34 -10.40 -24.07
CA SER A 109 -7.44 -9.07 -24.66
C SER A 109 -7.80 -8.05 -23.59
N GLY A 110 -8.27 -8.54 -22.46
CA GLY A 110 -8.72 -7.67 -21.39
C GLY A 110 -10.19 -7.86 -21.10
N GLU A 111 -10.73 -8.95 -21.62
CA GLU A 111 -12.14 -9.27 -21.48
C GLU A 111 -12.51 -9.51 -20.02
N MET A 112 -11.52 -9.91 -19.23
CA MET A 112 -11.75 -10.17 -17.81
C MET A 112 -11.63 -8.90 -17.00
N ILE A 113 -10.62 -8.09 -17.30
CA ILE A 113 -10.37 -6.90 -16.52
C ILE A 113 -11.39 -5.81 -16.81
N LYS A 114 -11.83 -5.71 -18.06
CA LYS A 114 -12.76 -4.65 -18.43
C LYS A 114 -14.14 -4.86 -17.82
N LYS A 115 -14.46 -6.11 -17.49
CA LYS A 115 -15.72 -6.38 -16.81
C LYS A 115 -15.60 -5.95 -15.35
N ILE A 116 -14.37 -5.87 -14.84
CA ILE A 116 -14.14 -5.34 -13.50
C ILE A 116 -14.53 -3.85 -13.49
N GLN A 117 -14.17 -3.16 -14.58
CA GLN A 117 -14.56 -1.76 -14.77
C GLN A 117 -16.09 -1.65 -14.89
N ASN A 118 -16.69 -2.70 -15.44
CA ASN A 118 -18.13 -2.72 -15.67
C ASN A 118 -18.91 -3.02 -14.40
N ASP A 119 -18.55 -4.12 -13.74
CA ASP A 119 -19.30 -4.61 -12.60
C ASP A 119 -18.97 -3.85 -11.33
N ALA A 120 -17.70 -3.72 -11.02
CA ALA A 120 -17.28 -3.09 -9.78
C ALA A 120 -17.21 -1.57 -9.91
N GLY A 121 -17.09 -1.10 -11.15
CA GLY A 121 -17.04 0.32 -11.41
C GLY A 121 -15.71 0.93 -11.02
N VAL A 122 -14.64 0.22 -11.30
CA VAL A 122 -13.30 0.61 -10.87
C VAL A 122 -12.35 0.82 -12.03
N ARG A 123 -11.29 1.55 -11.79
CA ARG A 123 -10.24 1.77 -12.79
C ARG A 123 -8.97 1.04 -12.35
N ILE A 124 -8.16 0.63 -13.32
CA ILE A 124 -6.95 -0.13 -13.00
C ILE A 124 -5.69 0.65 -13.37
N GLN A 125 -4.76 0.72 -12.42
CA GLN A 125 -3.50 1.41 -12.61
C GLN A 125 -2.33 0.50 -12.25
N PHE A 126 -1.56 0.10 -13.25
CA PHE A 126 -0.36 -0.67 -13.01
C PHE A 126 0.80 0.25 -12.66
N LYS A 127 1.17 0.23 -11.39
CA LYS A 127 2.19 1.14 -10.87
C LYS A 127 3.34 0.37 -10.23
N GLN A 128 4.28 1.10 -9.62
CA GLN A 128 5.41 0.49 -8.91
C GLN A 128 4.94 -0.59 -7.95
N ASP A 129 5.57 -1.76 -8.00
CA ASP A 129 5.16 -2.89 -7.18
C ASP A 129 5.85 -2.84 -5.82
N ASP A 130 5.67 -3.89 -5.03
CA ASP A 130 6.31 -3.99 -3.72
C ASP A 130 7.80 -4.29 -3.88
N GLY A 131 8.22 -4.59 -5.10
CA GLY A 131 9.63 -4.84 -5.36
C GLY A 131 10.03 -6.28 -5.14
N THR A 132 9.06 -7.11 -4.78
CA THR A 132 9.32 -8.52 -4.57
C THR A 132 9.36 -9.28 -5.89
N GLY A 133 8.22 -9.36 -6.55
CA GLY A 133 8.14 -10.09 -7.79
C GLY A 133 6.92 -11.00 -7.86
N PRO A 134 6.77 -11.95 -6.90
CA PRO A 134 5.63 -12.87 -6.86
C PRO A 134 4.28 -12.18 -7.00
N GLU A 135 4.13 -11.02 -6.38
CA GLU A 135 2.88 -10.26 -6.47
C GLU A 135 3.12 -8.87 -7.07
N LYS A 136 2.22 -8.46 -7.95
CA LYS A 136 2.28 -7.15 -8.59
C LYS A 136 1.12 -6.28 -8.09
N ILE A 137 1.43 -5.04 -7.73
CA ILE A 137 0.41 -4.10 -7.30
C ILE A 137 -0.35 -3.52 -8.50
N ALA A 138 -1.57 -3.99 -8.68
CA ALA A 138 -2.49 -3.41 -9.65
C ALA A 138 -3.47 -2.50 -8.91
N HIS A 139 -3.33 -1.20 -9.09
CA HIS A 139 -4.13 -0.25 -8.34
C HIS A 139 -5.56 -0.22 -8.84
N ILE A 140 -6.49 -0.27 -7.90
CA ILE A 140 -7.90 -0.18 -8.20
C ILE A 140 -8.41 1.21 -7.81
N MET A 141 -8.68 2.04 -8.81
CA MET A 141 -9.06 3.42 -8.59
C MET A 141 -10.57 3.58 -8.54
N GLY A 142 -11.04 4.47 -7.67
CA GLY A 142 -12.46 4.75 -7.58
C GLY A 142 -12.88 4.99 -6.14
N PRO A 143 -14.19 4.97 -5.86
CA PRO A 143 -14.70 5.03 -4.49
C PRO A 143 -14.20 3.85 -3.68
N PRO A 144 -13.77 4.10 -2.42
CA PRO A 144 -13.13 3.11 -1.55
C PRO A 144 -13.94 1.83 -1.40
N ASP A 145 -15.26 1.97 -1.45
CA ASP A 145 -16.16 0.82 -1.38
C ASP A 145 -15.97 -0.07 -2.61
N ARG A 146 -16.04 0.55 -3.80
CA ARG A 146 -15.82 -0.15 -5.04
C ARG A 146 -14.43 -0.75 -5.09
N CYS A 147 -13.46 0.02 -4.60
CA CYS A 147 -12.06 -0.40 -4.55
C CYS A 147 -11.91 -1.75 -3.87
N GLU A 148 -12.35 -1.83 -2.63
CA GLU A 148 -12.25 -3.06 -1.86
C GLU A 148 -13.13 -4.15 -2.48
N HIS A 149 -14.31 -3.77 -2.94
CA HIS A 149 -15.22 -4.70 -3.62
C HIS A 149 -14.53 -5.34 -4.82
N ALA A 150 -13.62 -4.61 -5.43
CA ALA A 150 -12.94 -5.04 -6.64
C ALA A 150 -11.85 -6.03 -6.29
N ALA A 151 -11.20 -5.78 -5.16
CA ALA A 151 -10.15 -6.67 -4.67
C ALA A 151 -10.73 -8.02 -4.30
N ARG A 152 -12.05 -8.08 -4.08
CA ARG A 152 -12.70 -9.32 -3.70
C ARG A 152 -12.87 -10.19 -4.94
N ILE A 153 -13.15 -9.55 -6.06
CA ILE A 153 -13.29 -10.25 -7.33
C ILE A 153 -11.95 -10.82 -7.76
N ILE A 154 -10.89 -10.04 -7.55
CA ILE A 154 -9.55 -10.47 -7.87
C ILE A 154 -9.12 -11.63 -6.97
N ASN A 155 -9.46 -11.52 -5.68
CA ASN A 155 -9.21 -12.59 -4.72
C ASN A 155 -9.91 -13.87 -5.12
N ASP A 156 -11.15 -13.76 -5.60
CA ASP A 156 -11.89 -14.92 -6.10
C ASP A 156 -11.09 -15.63 -7.18
N LEU A 157 -10.46 -14.86 -8.04
CA LEU A 157 -9.59 -15.40 -9.07
C LEU A 157 -8.41 -16.12 -8.42
N LEU A 158 -7.78 -15.47 -7.46
CA LEU A 158 -6.61 -16.02 -6.77
C LEU A 158 -6.97 -17.33 -6.05
N GLN A 159 -8.25 -17.49 -5.74
CA GLN A 159 -8.74 -18.74 -5.16
C GLN A 159 -9.02 -19.77 -6.25
N SER A 160 -9.74 -19.34 -7.28
CA SER A 160 -10.22 -20.23 -8.33
C SER A 160 -9.07 -20.80 -9.16
N LEU A 161 -8.01 -20.02 -9.37
CA LEU A 161 -6.92 -20.45 -10.22
C LEU A 161 -6.00 -21.44 -9.50
N ARG A 162 -6.24 -21.66 -8.20
CA ARG A 162 -5.46 -22.62 -7.45
C ARG A 162 -5.77 -24.03 -7.94
N SER A 163 -7.04 -24.25 -8.28
CA SER A 163 -7.45 -25.48 -8.92
C SER A 163 -7.30 -25.36 -10.42
N GLY A 164 -7.86 -24.29 -10.98
CA GLY A 164 -7.71 -24.02 -12.40
C GLY A 164 -8.56 -24.92 -13.27
N GLY A 1 14.00 15.44 -3.81
CA GLY A 1 12.70 15.01 -3.24
C GLY A 1 12.32 15.83 -2.03
N THR A 2 11.04 15.93 -1.74
CA THR A 2 10.57 16.73 -0.63
C THR A 2 10.40 15.85 0.60
N VAL A 3 10.54 16.45 1.78
CA VAL A 3 10.40 15.72 3.03
C VAL A 3 9.47 16.44 4.00
N GLN A 4 8.61 15.67 4.65
CA GLN A 4 7.75 16.19 5.70
C GLN A 4 7.85 15.27 6.91
N GLU A 5 7.66 15.83 8.11
CA GLU A 5 7.86 15.09 9.34
C GLU A 5 6.54 14.74 10.01
N ILE A 6 6.34 13.45 10.24
CA ILE A 6 5.19 12.98 10.97
C ILE A 6 5.64 12.41 12.31
N MET A 7 4.88 12.67 13.35
CA MET A 7 5.23 12.23 14.69
C MET A 7 4.67 10.84 14.97
N ILE A 8 5.56 9.86 15.12
CA ILE A 8 5.16 8.49 15.39
C ILE A 8 5.27 8.19 16.89
N PRO A 9 4.12 8.00 17.55
CA PRO A 9 4.07 7.61 18.97
C PRO A 9 4.74 6.27 19.23
N ALA A 10 5.46 6.16 20.33
CA ALA A 10 5.94 4.87 20.79
C ALA A 10 4.74 4.01 21.15
N GLY A 11 4.67 2.83 20.57
CA GLY A 11 3.47 2.05 20.63
C GLY A 11 2.82 1.99 19.28
N LYS A 12 2.72 3.16 18.64
CA LYS A 12 2.27 3.23 17.26
C LYS A 12 3.38 2.73 16.35
N ALA A 13 4.62 2.98 16.77
CA ALA A 13 5.81 2.60 16.02
C ALA A 13 5.76 1.13 15.61
N GLY A 14 5.14 0.30 16.44
CA GLY A 14 5.01 -1.10 16.11
C GLY A 14 4.32 -1.32 14.78
N LEU A 15 3.24 -0.60 14.54
CA LEU A 15 2.48 -0.74 13.30
C LEU A 15 3.00 0.20 12.22
N VAL A 16 3.74 1.23 12.62
CA VAL A 16 4.31 2.19 11.66
C VAL A 16 5.62 1.66 11.06
N ILE A 17 6.53 1.21 11.91
CA ILE A 17 7.81 0.70 11.43
C ILE A 17 7.71 -0.80 11.18
N GLY A 18 6.74 -1.43 11.84
CA GLY A 18 6.59 -2.87 11.74
C GLY A 18 7.26 -3.58 12.88
N LYS A 19 7.62 -2.80 13.91
CA LYS A 19 8.32 -3.29 15.10
C LYS A 19 9.74 -3.74 14.76
N GLY A 20 9.85 -4.69 13.84
CA GLY A 20 11.16 -5.12 13.38
C GLY A 20 11.47 -4.57 12.00
N GLY A 21 10.57 -3.75 11.48
CA GLY A 21 10.81 -3.11 10.19
C GLY A 21 9.92 -3.65 9.09
N GLU A 22 8.88 -4.40 9.47
CA GLU A 22 7.99 -5.04 8.50
C GLU A 22 7.15 -4.01 7.74
N THR A 23 6.62 -3.03 8.47
CA THR A 23 5.76 -2.02 7.87
C THR A 23 6.56 -1.07 6.97
N ILE A 24 7.76 -0.68 7.41
CA ILE A 24 8.56 0.28 6.67
C ILE A 24 8.96 -0.29 5.31
N LYS A 25 8.94 -1.61 5.20
CA LYS A 25 9.17 -2.29 3.94
C LYS A 25 8.16 -1.84 2.90
N GLN A 26 6.89 -1.86 3.30
CA GLN A 26 5.81 -1.54 2.41
C GLN A 26 5.67 -0.03 2.25
N LEU A 27 6.03 0.73 3.26
CA LEU A 27 6.00 2.18 3.16
C LEU A 27 7.06 2.67 2.17
N GLN A 28 8.13 1.90 2.03
CA GLN A 28 9.18 2.22 1.08
C GLN A 28 8.83 1.71 -0.32
N GLU A 29 8.36 0.47 -0.41
CA GLU A 29 8.11 -0.14 -1.71
C GLU A 29 6.71 0.15 -2.24
N ARG A 30 5.70 0.13 -1.37
CA ARG A 30 4.33 0.30 -1.80
C ARG A 30 4.07 1.77 -2.14
N ALA A 31 4.51 2.65 -1.25
CA ALA A 31 4.38 4.09 -1.46
C ALA A 31 5.48 4.63 -2.36
N GLY A 32 6.62 3.94 -2.35
CA GLY A 32 7.72 4.34 -3.21
C GLY A 32 8.54 5.47 -2.61
N VAL A 33 8.46 5.62 -1.29
CA VAL A 33 9.19 6.68 -0.62
C VAL A 33 10.12 6.13 0.44
N LYS A 34 11.25 6.79 0.64
CA LYS A 34 12.14 6.42 1.72
C LYS A 34 11.78 7.20 2.96
N MET A 35 11.26 6.50 3.95
CA MET A 35 10.91 7.11 5.21
C MET A 35 12.06 6.92 6.18
N ILE A 36 12.56 8.01 6.72
CA ILE A 36 13.69 7.94 7.64
C ILE A 36 13.24 8.31 9.05
N LEU A 37 13.04 7.27 9.84
CA LEU A 37 12.65 7.40 11.23
C LEU A 37 13.50 6.45 12.07
N ILE A 38 13.86 6.88 13.27
CA ILE A 38 14.75 6.10 14.12
C ILE A 38 14.10 4.79 14.56
N GLN A 39 14.44 3.71 13.88
CA GLN A 39 13.96 2.38 14.21
C GLN A 39 15.01 1.61 14.98
N ASP A 40 16.27 1.95 14.69
CA ASP A 40 17.42 1.27 15.31
C ASP A 40 17.57 1.72 16.76
N GLY A 41 18.51 1.10 17.46
CA GLY A 41 18.76 1.44 18.85
C GLY A 41 19.58 2.71 19.01
N SER A 42 19.17 3.75 18.29
CA SER A 42 19.83 5.03 18.34
C SER A 42 19.18 5.90 19.44
N GLN A 43 19.34 7.21 19.34
CA GLN A 43 18.82 8.13 20.34
C GLN A 43 17.33 7.94 20.57
N ASN A 44 16.53 8.16 19.54
CA ASN A 44 15.07 8.03 19.68
C ASN A 44 14.62 6.59 19.49
N THR A 45 15.28 5.67 20.17
CA THR A 45 14.90 4.27 20.12
C THR A 45 13.66 4.04 20.99
N ASN A 46 13.69 4.56 22.21
CA ASN A 46 12.53 4.50 23.11
C ASN A 46 11.72 5.78 22.98
N VAL A 47 12.34 6.79 22.40
CA VAL A 47 11.71 8.09 22.22
C VAL A 47 10.77 8.06 21.03
N ASP A 48 9.74 8.90 21.08
CA ASP A 48 8.81 9.04 19.97
C ASP A 48 9.57 9.49 18.73
N LYS A 49 9.15 9.03 17.58
CA LYS A 49 10.01 9.08 16.39
C LYS A 49 9.45 10.01 15.32
N PRO A 50 10.25 10.96 14.87
CA PRO A 50 9.90 11.84 13.78
C PRO A 50 10.24 11.19 12.43
N LEU A 51 9.24 11.11 11.57
CA LEU A 51 9.37 10.39 10.31
C LEU A 51 9.48 11.38 9.15
N ARG A 52 10.58 11.31 8.41
CA ARG A 52 10.73 12.13 7.22
C ARG A 52 10.49 11.30 5.98
N ILE A 53 9.51 11.69 5.19
CA ILE A 53 9.21 11.01 3.94
C ILE A 53 9.98 11.65 2.80
N ILE A 54 10.89 10.90 2.20
CA ILE A 54 11.70 11.40 1.09
C ILE A 54 11.19 10.84 -0.23
N GLY A 55 10.81 11.72 -1.16
CA GLY A 55 10.39 11.26 -2.46
C GLY A 55 9.80 12.36 -3.32
N ASP A 56 9.23 11.95 -4.45
CA ASP A 56 8.53 12.85 -5.36
C ASP A 56 7.39 13.56 -4.63
N PRO A 57 7.06 14.80 -5.03
CA PRO A 57 6.02 15.60 -4.38
C PRO A 57 4.73 14.81 -4.10
N TYR A 58 4.23 14.14 -5.12
CA TYR A 58 2.95 13.42 -5.00
C TYR A 58 3.05 12.22 -4.05
N LYS A 59 4.14 11.45 -4.14
CA LYS A 59 4.26 10.24 -3.32
C LYS A 59 4.50 10.59 -1.87
N VAL A 60 5.16 11.72 -1.63
CA VAL A 60 5.34 12.19 -0.26
C VAL A 60 3.99 12.60 0.35
N GLN A 61 3.11 13.12 -0.50
CA GLN A 61 1.82 13.61 -0.02
C GLN A 61 0.88 12.46 0.24
N GLN A 62 0.83 11.51 -0.70
CA GLN A 62 -0.04 10.35 -0.56
C GLN A 62 0.40 9.52 0.64
N ALA A 63 1.68 9.61 0.96
CA ALA A 63 2.22 8.90 2.10
C ALA A 63 2.02 9.66 3.40
N CYS A 64 2.23 10.97 3.38
CA CYS A 64 2.17 11.77 4.60
C CYS A 64 0.80 11.71 5.25
N GLU A 65 -0.24 11.62 4.45
CA GLU A 65 -1.58 11.54 4.98
C GLU A 65 -1.92 10.10 5.39
N MET A 66 -1.33 9.13 4.70
CA MET A 66 -1.60 7.73 4.98
C MET A 66 -0.87 7.30 6.24
N VAL A 67 0.32 7.83 6.47
CA VAL A 67 1.07 7.51 7.68
C VAL A 67 0.40 8.10 8.90
N MET A 68 -0.41 9.13 8.71
CA MET A 68 -1.23 9.66 9.79
C MET A 68 -2.49 8.82 9.94
N ASP A 69 -2.86 8.18 8.85
CA ASP A 69 -4.12 7.47 8.73
C ASP A 69 -4.02 6.05 9.29
N ILE A 70 -3.04 5.29 8.83
CA ILE A 70 -2.90 3.91 9.27
C ILE A 70 -2.30 3.83 10.66
N LEU A 71 -1.64 4.91 11.05
CA LEU A 71 -1.08 5.07 12.39
C LEU A 71 -2.18 5.39 13.41
N ARG A 72 -3.39 5.67 12.92
CA ARG A 72 -4.51 6.00 13.81
C ARG A 72 -4.65 4.91 14.88
N GLU A 73 -4.74 3.66 14.42
CA GLU A 73 -4.80 2.47 15.29
C GLU A 73 -5.91 2.51 16.36
N ARG A 74 -6.50 1.37 16.63
CA ARG A 74 -7.45 1.25 17.73
C ARG A 74 -6.96 0.20 18.73
N ASP A 75 -6.25 -0.80 18.22
CA ASP A 75 -5.83 -1.93 19.05
C ASP A 75 -4.47 -2.49 18.60
N GLN A 76 -3.54 -1.59 18.27
CA GLN A 76 -2.23 -1.97 17.74
C GLN A 76 -2.40 -2.69 16.41
N GLY A 77 -3.45 -2.32 15.68
CA GLY A 77 -3.73 -2.93 14.41
C GLY A 77 -3.83 -1.91 13.29
N GLY A 78 -2.68 -1.52 12.76
CA GLY A 78 -2.66 -0.65 11.61
C GLY A 78 -2.70 -1.48 10.34
N PHE A 79 -2.77 -0.83 9.18
CA PHE A 79 -2.95 -1.57 7.91
C PHE A 79 -1.64 -2.15 7.39
N GLY A 80 -0.55 -1.99 8.15
CA GLY A 80 0.72 -2.59 7.78
C GLY A 80 1.44 -1.81 6.70
N ASP A 81 0.77 -0.77 6.23
CA ASP A 81 1.24 0.09 5.17
C ASP A 81 0.22 1.18 4.96
N ARG A 82 -0.98 0.74 4.58
CA ARG A 82 -2.11 1.63 4.32
C ARG A 82 -3.16 0.87 3.51
N ASN A 83 -2.71 -0.01 2.64
CA ASN A 83 -3.61 -0.82 1.83
C ASN A 83 -4.53 0.08 1.00
N GLU A 84 -3.89 0.90 0.17
CA GLU A 84 -4.59 1.86 -0.68
C GLU A 84 -3.57 2.50 -1.63
N TYR A 85 -3.64 3.81 -1.82
CA TYR A 85 -2.75 4.51 -2.76
C TYR A 85 -1.26 4.35 -2.41
N GLY A 86 -0.81 5.05 -1.37
CA GLY A 86 0.62 5.08 -1.03
C GLY A 86 1.34 6.13 -1.84
N SER A 87 0.95 6.25 -3.10
CA SER A 87 1.54 7.20 -4.03
C SER A 87 0.71 7.24 -5.29
N ARG A 88 0.22 6.07 -5.69
CA ARG A 88 -0.52 5.92 -6.92
C ARG A 88 -2.00 6.05 -6.68
N ILE A 89 -2.70 6.56 -7.66
CA ILE A 89 -4.14 6.74 -7.58
C ILE A 89 -4.51 7.94 -6.71
N GLY A 90 -4.24 7.83 -5.41
CA GLY A 90 -4.63 8.86 -4.47
C GLY A 90 -6.13 8.86 -4.25
N GLY A 91 -6.68 7.66 -4.09
CA GLY A 91 -8.12 7.49 -3.92
C GLY A 91 -8.56 6.14 -4.43
N GLY A 92 -8.23 5.10 -3.66
CA GLY A 92 -8.43 3.74 -4.13
C GLY A 92 -7.37 2.82 -3.56
N ILE A 93 -7.65 1.53 -3.53
CA ILE A 93 -6.82 0.60 -2.78
C ILE A 93 -5.69 0.00 -3.60
N ASP A 94 -4.74 -0.62 -2.90
CA ASP A 94 -3.63 -1.31 -3.54
C ASP A 94 -3.92 -2.79 -3.56
N VAL A 95 -3.45 -3.47 -4.58
CA VAL A 95 -3.75 -4.88 -4.78
C VAL A 95 -2.52 -5.69 -5.14
N PRO A 96 -1.87 -6.33 -4.17
CA PRO A 96 -0.85 -7.33 -4.45
C PRO A 96 -1.48 -8.59 -5.06
N VAL A 97 -1.27 -8.79 -6.35
CA VAL A 97 -1.83 -9.95 -7.04
C VAL A 97 -0.71 -10.85 -7.59
N PRO A 98 -0.78 -12.15 -7.29
CA PRO A 98 0.23 -13.14 -7.69
C PRO A 98 0.76 -12.92 -9.11
N ARG A 99 2.09 -12.97 -9.23
CA ARG A 99 2.80 -12.61 -10.46
C ARG A 99 2.34 -13.43 -11.66
N HIS A 100 1.90 -14.67 -11.42
CA HIS A 100 1.45 -15.52 -12.51
C HIS A 100 -0.05 -15.36 -12.77
N SER A 101 -0.73 -14.69 -11.86
CA SER A 101 -2.19 -14.58 -11.91
C SER A 101 -2.63 -13.29 -12.57
N VAL A 102 -1.72 -12.32 -12.65
CA VAL A 102 -2.04 -11.02 -13.22
C VAL A 102 -2.53 -11.14 -14.67
N GLY A 103 -1.96 -12.10 -15.40
CA GLY A 103 -2.38 -12.34 -16.77
C GLY A 103 -3.83 -12.81 -16.85
N VAL A 104 -4.26 -13.53 -15.83
CA VAL A 104 -5.64 -14.02 -15.76
C VAL A 104 -6.57 -12.86 -15.39
N VAL A 105 -6.10 -11.98 -14.52
CA VAL A 105 -6.85 -10.80 -14.13
C VAL A 105 -7.07 -9.89 -15.34
N ILE A 106 -6.04 -9.77 -16.17
CA ILE A 106 -6.14 -8.99 -17.39
C ILE A 106 -7.01 -9.70 -18.42
N GLY A 107 -6.80 -11.01 -18.53
CA GLY A 107 -7.61 -11.84 -19.40
C GLY A 107 -7.04 -11.95 -20.81
N ARG A 108 -5.71 -11.98 -20.90
CA ARG A 108 -5.01 -12.06 -22.19
C ARG A 108 -5.26 -10.83 -23.05
N SER A 109 -6.43 -10.79 -23.68
CA SER A 109 -6.81 -9.71 -24.58
C SER A 109 -7.05 -8.42 -23.79
N GLY A 110 -7.19 -8.55 -22.48
CA GLY A 110 -7.45 -7.41 -21.65
C GLY A 110 -8.93 -7.15 -21.47
N GLU A 111 -9.73 -8.14 -21.77
CA GLU A 111 -11.18 -8.01 -21.70
C GLU A 111 -11.69 -8.40 -20.32
N MET A 112 -10.82 -8.93 -19.48
CA MET A 112 -11.20 -9.30 -18.13
C MET A 112 -10.97 -8.13 -17.19
N ILE A 113 -9.84 -7.45 -17.39
CA ILE A 113 -9.48 -6.28 -16.58
C ILE A 113 -10.49 -5.16 -16.82
N LYS A 114 -11.18 -5.21 -17.96
CA LYS A 114 -12.18 -4.21 -18.30
C LYS A 114 -13.51 -4.52 -17.63
N LYS A 115 -13.72 -5.78 -17.24
CA LYS A 115 -14.94 -6.15 -16.55
C LYS A 115 -14.98 -5.51 -15.18
N ILE A 116 -13.82 -5.49 -14.52
CA ILE A 116 -13.69 -4.87 -13.21
C ILE A 116 -14.03 -3.39 -13.31
N GLN A 117 -13.51 -2.77 -14.36
CA GLN A 117 -13.71 -1.35 -14.60
C GLN A 117 -15.13 -1.06 -15.09
N ASN A 118 -15.80 -2.10 -15.58
CA ASN A 118 -17.16 -1.96 -16.09
C ASN A 118 -18.19 -2.13 -14.96
N ASP A 119 -17.98 -3.17 -14.15
CA ASP A 119 -18.92 -3.50 -13.07
C ASP A 119 -18.72 -2.58 -11.88
N ALA A 120 -17.47 -2.39 -11.48
CA ALA A 120 -17.17 -1.56 -10.32
C ALA A 120 -17.03 -0.09 -10.71
N GLY A 121 -16.84 0.15 -12.00
CA GLY A 121 -16.66 1.52 -12.48
C GLY A 121 -15.32 2.08 -12.06
N VAL A 122 -14.38 1.19 -11.79
CA VAL A 122 -13.08 1.57 -11.28
C VAL A 122 -12.06 1.71 -12.40
N ARG A 123 -10.85 2.10 -12.04
CA ARG A 123 -9.75 2.17 -12.98
C ARG A 123 -8.55 1.44 -12.42
N ILE A 124 -7.93 0.59 -13.23
CA ILE A 124 -6.82 -0.23 -12.77
C ILE A 124 -5.49 0.39 -13.17
N GLN A 125 -4.68 0.73 -12.18
CA GLN A 125 -3.36 1.31 -12.42
C GLN A 125 -2.27 0.40 -11.90
N PHE A 126 -1.53 -0.21 -12.82
CA PHE A 126 -0.34 -0.96 -12.45
C PHE A 126 0.82 0.01 -12.28
N LYS A 127 1.63 -0.25 -11.27
CA LYS A 127 2.68 0.68 -10.87
C LYS A 127 3.89 -0.10 -10.37
N GLN A 128 4.87 0.61 -9.81
CA GLN A 128 6.01 -0.04 -9.21
C GLN A 128 5.55 -1.09 -8.18
N ASP A 129 5.96 -2.33 -8.40
CA ASP A 129 5.59 -3.40 -7.48
C ASP A 129 6.53 -3.41 -6.30
N ASP A 130 6.23 -4.20 -5.29
CA ASP A 130 7.16 -4.34 -4.18
C ASP A 130 8.32 -5.23 -4.61
N GLY A 131 8.00 -6.33 -5.27
CA GLY A 131 9.03 -7.21 -5.81
C GLY A 131 9.55 -8.18 -4.78
N THR A 132 9.37 -7.85 -3.52
CA THR A 132 9.82 -8.68 -2.42
C THR A 132 8.88 -9.87 -2.25
N GLY A 133 7.60 -9.63 -2.41
CA GLY A 133 6.63 -10.69 -2.37
C GLY A 133 6.38 -11.27 -3.75
N PRO A 134 5.61 -12.35 -3.85
CA PRO A 134 5.32 -13.00 -5.12
C PRO A 134 4.12 -12.38 -5.84
N GLU A 135 3.77 -11.17 -5.45
CA GLU A 135 2.57 -10.53 -5.97
C GLU A 135 2.89 -9.15 -6.55
N LYS A 136 2.04 -8.70 -7.45
CA LYS A 136 2.17 -7.41 -8.11
C LYS A 136 1.08 -6.47 -7.64
N ILE A 137 1.45 -5.31 -7.13
CA ILE A 137 0.48 -4.32 -6.66
C ILE A 137 -0.22 -3.62 -7.84
N ALA A 138 -1.45 -4.04 -8.11
CA ALA A 138 -2.32 -3.33 -9.03
C ALA A 138 -3.17 -2.35 -8.23
N HIS A 139 -3.40 -1.18 -8.76
CA HIS A 139 -4.16 -0.19 -8.01
C HIS A 139 -5.56 -0.02 -8.55
N ILE A 140 -6.50 0.09 -7.63
CA ILE A 140 -7.90 0.26 -7.97
C ILE A 140 -8.35 1.68 -7.67
N MET A 141 -8.55 2.45 -8.73
CA MET A 141 -8.98 3.83 -8.61
C MET A 141 -10.50 3.92 -8.51
N GLY A 142 -10.99 4.55 -7.45
CA GLY A 142 -12.41 4.74 -7.30
C GLY A 142 -12.80 4.98 -5.86
N PRO A 143 -14.11 5.12 -5.58
CA PRO A 143 -14.61 5.31 -4.22
C PRO A 143 -14.37 4.08 -3.36
N PRO A 144 -14.15 4.25 -2.04
CA PRO A 144 -13.77 3.15 -1.13
C PRO A 144 -14.62 1.88 -1.31
N ASP A 145 -15.94 2.03 -1.40
CA ASP A 145 -16.81 0.87 -1.59
C ASP A 145 -16.49 0.16 -2.89
N ARG A 146 -16.10 0.92 -3.90
CA ARG A 146 -15.82 0.39 -5.23
C ARG A 146 -14.39 -0.10 -5.36
N CYS A 147 -13.44 0.57 -4.70
CA CYS A 147 -12.05 0.14 -4.72
C CYS A 147 -11.94 -1.26 -4.12
N GLU A 148 -12.57 -1.46 -2.97
CA GLU A 148 -12.58 -2.77 -2.35
C GLU A 148 -13.43 -3.75 -3.16
N HIS A 149 -14.52 -3.25 -3.75
CA HIS A 149 -15.40 -4.07 -4.59
C HIS A 149 -14.61 -4.75 -5.71
N ALA A 150 -13.58 -4.08 -6.18
CA ALA A 150 -12.79 -4.57 -7.29
C ALA A 150 -11.81 -5.65 -6.84
N ALA A 151 -11.39 -5.57 -5.58
CA ALA A 151 -10.46 -6.55 -5.03
C ALA A 151 -11.13 -7.91 -4.87
N ARG A 152 -12.46 -7.90 -4.76
CA ARG A 152 -13.20 -9.13 -4.58
C ARG A 152 -13.34 -9.87 -5.91
N ILE A 153 -13.27 -9.11 -7.00
CA ILE A 153 -13.32 -9.69 -8.33
C ILE A 153 -12.00 -10.39 -8.65
N ILE A 154 -10.91 -9.73 -8.28
CA ILE A 154 -9.56 -10.28 -8.48
C ILE A 154 -9.34 -11.47 -7.55
N ASN A 155 -9.84 -11.35 -6.33
CA ASN A 155 -9.68 -12.37 -5.30
C ASN A 155 -10.28 -13.71 -5.74
N ASP A 156 -11.39 -13.65 -6.47
CA ASP A 156 -12.03 -14.86 -6.98
C ASP A 156 -11.12 -15.54 -7.99
N LEU A 157 -10.50 -14.74 -8.85
CA LEU A 157 -9.67 -15.25 -9.92
C LEU A 157 -8.44 -15.98 -9.38
N LEU A 158 -7.90 -15.48 -8.26
CA LEU A 158 -6.72 -16.09 -7.64
C LEU A 158 -7.03 -17.51 -7.20
N GLN A 159 -8.30 -17.76 -6.89
CA GLN A 159 -8.77 -19.09 -6.53
C GLN A 159 -9.14 -19.88 -7.79
N SER A 160 -9.88 -19.22 -8.67
CA SER A 160 -10.47 -19.86 -9.85
C SER A 160 -9.42 -20.33 -10.86
N LEU A 161 -8.23 -19.72 -10.81
CA LEU A 161 -7.17 -20.05 -11.77
C LEU A 161 -6.71 -21.50 -11.66
N ARG A 162 -7.07 -22.17 -10.56
CA ARG A 162 -6.80 -23.59 -10.42
C ARG A 162 -7.49 -24.37 -11.54
N SER A 163 -8.66 -23.89 -11.93
CA SER A 163 -9.38 -24.43 -13.06
C SER A 163 -9.20 -23.53 -14.27
N GLY A 164 -7.94 -23.26 -14.61
CA GLY A 164 -7.64 -22.42 -15.75
C GLY A 164 -7.93 -23.10 -17.07
N GLY A 1 15.10 18.97 -1.06
CA GLY A 1 13.99 18.06 -1.42
C GLY A 1 12.91 18.04 -0.35
N THR A 2 11.78 17.44 -0.66
CA THR A 2 10.68 17.38 0.27
C THR A 2 10.88 16.30 1.33
N VAL A 3 11.18 16.74 2.55
CA VAL A 3 11.28 15.86 3.70
C VAL A 3 10.45 16.43 4.85
N GLN A 4 9.38 15.74 5.19
CA GLN A 4 8.54 16.16 6.30
C GLN A 4 8.67 15.17 7.45
N GLU A 5 8.57 15.66 8.67
CA GLU A 5 8.78 14.82 9.85
C GLU A 5 7.49 14.60 10.61
N ILE A 6 7.08 13.34 10.68
CA ILE A 6 5.94 12.95 11.48
C ILE A 6 6.44 12.12 12.66
N MET A 7 5.99 12.43 13.86
CA MET A 7 6.44 11.69 15.02
C MET A 7 5.54 10.49 15.29
N ILE A 8 6.14 9.32 15.25
CA ILE A 8 5.43 8.07 15.50
C ILE A 8 5.55 7.70 16.98
N PRO A 9 4.40 7.69 17.68
CA PRO A 9 4.31 7.27 19.08
C PRO A 9 4.83 5.85 19.30
N ALA A 10 5.51 5.63 20.42
CA ALA A 10 5.89 4.28 20.81
C ALA A 10 4.63 3.47 21.05
N GLY A 11 4.48 2.38 20.31
CA GLY A 11 3.22 1.69 20.25
C GLY A 11 2.66 1.73 18.85
N LYS A 12 2.54 2.95 18.31
CA LYS A 12 2.17 3.14 16.92
C LYS A 12 3.27 2.58 16.02
N ALA A 13 4.49 2.63 16.52
CA ALA A 13 5.64 2.07 15.82
C ALA A 13 5.36 0.65 15.36
N GLY A 14 4.60 -0.09 16.15
CA GLY A 14 4.28 -1.46 15.81
C GLY A 14 3.57 -1.58 14.48
N LEU A 15 2.63 -0.69 14.21
CA LEU A 15 1.90 -0.72 12.97
C LEU A 15 2.60 0.10 11.90
N VAL A 16 3.30 1.16 12.32
CA VAL A 16 4.02 2.02 11.38
C VAL A 16 5.19 1.30 10.72
N ILE A 17 6.02 0.63 11.50
CA ILE A 17 7.14 -0.10 10.92
C ILE A 17 6.75 -1.52 10.58
N GLY A 18 5.70 -2.00 11.23
CA GLY A 18 5.22 -3.35 10.99
C GLY A 18 5.72 -4.32 12.03
N LYS A 19 6.55 -3.80 12.95
CA LYS A 19 7.16 -4.55 14.03
C LYS A 19 8.22 -5.52 13.50
N GLY A 20 7.84 -6.30 12.50
CA GLY A 20 8.79 -7.15 11.81
C GLY A 20 9.34 -6.47 10.56
N GLY A 21 8.95 -5.21 10.37
CA GLY A 21 9.43 -4.44 9.23
C GLY A 21 8.50 -4.51 8.03
N GLU A 22 7.37 -5.18 8.20
CA GLU A 22 6.42 -5.40 7.12
C GLU A 22 5.80 -4.09 6.62
N THR A 23 5.58 -3.14 7.51
CA THR A 23 4.91 -1.91 7.13
C THR A 23 5.87 -0.88 6.55
N ILE A 24 7.07 -0.74 7.14
CA ILE A 24 8.05 0.20 6.60
C ILE A 24 8.51 -0.30 5.23
N LYS A 25 8.42 -1.62 5.07
CA LYS A 25 8.60 -2.26 3.77
C LYS A 25 7.69 -1.62 2.74
N GLN A 26 6.41 -1.51 3.10
CA GLN A 26 5.41 -0.96 2.20
C GLN A 26 5.53 0.56 2.10
N LEU A 27 5.87 1.22 3.20
CA LEU A 27 6.04 2.67 3.18
C LEU A 27 7.24 3.07 2.32
N GLN A 28 8.24 2.19 2.21
CA GLN A 28 9.38 2.44 1.34
C GLN A 28 9.10 2.00 -0.10
N GLU A 29 8.50 0.83 -0.25
CA GLU A 29 8.28 0.24 -1.58
C GLU A 29 7.00 0.75 -2.24
N ARG A 30 5.88 0.67 -1.52
CA ARG A 30 4.60 1.09 -2.09
C ARG A 30 4.57 2.60 -2.24
N ALA A 31 4.85 3.30 -1.15
CA ALA A 31 4.87 4.75 -1.17
C ALA A 31 5.99 5.27 -2.07
N GLY A 32 7.03 4.46 -2.21
CA GLY A 32 8.14 4.81 -3.08
C GLY A 32 9.05 5.82 -2.42
N VAL A 33 8.73 6.20 -1.20
CA VAL A 33 9.52 7.17 -0.47
C VAL A 33 10.36 6.47 0.58
N LYS A 34 11.51 7.04 0.90
CA LYS A 34 12.33 6.48 1.95
C LYS A 34 11.98 7.15 3.27
N MET A 35 11.36 6.38 4.13
CA MET A 35 11.02 6.86 5.45
C MET A 35 12.09 6.42 6.44
N ILE A 36 12.80 7.39 6.99
CA ILE A 36 13.87 7.10 7.93
C ILE A 36 13.45 7.50 9.34
N LEU A 37 13.14 6.49 10.12
CA LEU A 37 12.70 6.65 11.49
C LEU A 37 13.44 5.63 12.35
N ILE A 38 13.80 6.03 13.56
CA ILE A 38 14.52 5.14 14.46
C ILE A 38 13.60 4.01 14.93
N GLN A 39 13.73 2.85 14.31
CA GLN A 39 12.88 1.73 14.65
C GLN A 39 13.41 1.04 15.89
N ASP A 40 14.58 0.43 15.77
CA ASP A 40 15.24 -0.20 16.90
C ASP A 40 16.68 0.26 16.98
N GLY A 41 16.94 1.18 17.89
CA GLY A 41 18.29 1.68 18.08
C GLY A 41 18.47 2.23 19.47
N SER A 42 19.67 2.14 20.00
CA SER A 42 19.97 2.61 21.35
C SER A 42 19.92 4.14 21.44
N GLN A 43 18.71 4.67 21.36
CA GLN A 43 18.46 6.10 21.50
C GLN A 43 16.96 6.34 21.62
N ASN A 44 16.20 5.86 20.64
CA ASN A 44 14.76 6.06 20.62
C ASN A 44 14.03 4.72 20.45
N THR A 45 14.22 3.82 21.39
CA THR A 45 13.51 2.55 21.36
C THR A 45 12.13 2.70 22.00
N ASN A 46 12.11 3.10 23.26
CA ASN A 46 10.85 3.35 23.96
C ASN A 46 10.42 4.78 23.73
N VAL A 47 11.35 5.59 23.24
CA VAL A 47 11.09 6.98 22.93
C VAL A 47 10.39 7.09 21.58
N ASP A 48 9.50 8.08 21.47
CA ASP A 48 8.79 8.32 20.22
C ASP A 48 9.78 8.58 19.10
N LYS A 49 9.41 8.22 17.89
CA LYS A 49 10.35 8.15 16.80
C LYS A 49 10.00 9.16 15.72
N PRO A 50 10.94 10.05 15.40
CA PRO A 50 10.76 11.04 14.34
C PRO A 50 10.96 10.43 12.97
N LEU A 51 9.94 10.52 12.14
CA LEU A 51 9.93 9.88 10.84
C LEU A 51 10.10 10.92 9.74
N ARG A 52 11.10 10.71 8.89
CA ARG A 52 11.33 11.59 7.76
C ARG A 52 10.84 10.95 6.47
N ILE A 53 9.91 11.60 5.80
CA ILE A 53 9.46 11.14 4.50
C ILE A 53 10.32 11.76 3.41
N ILE A 54 11.15 10.93 2.78
CA ILE A 54 12.02 11.40 1.72
C ILE A 54 11.50 10.92 0.38
N GLY A 55 11.18 11.85 -0.51
CA GLY A 55 10.65 11.48 -1.81
C GLY A 55 10.18 12.67 -2.60
N ASP A 56 9.52 12.40 -3.72
CA ASP A 56 8.98 13.43 -4.58
C ASP A 56 7.82 14.15 -3.90
N PRO A 57 7.65 15.46 -4.16
CA PRO A 57 6.65 16.30 -3.48
C PRO A 57 5.26 15.67 -3.40
N TYR A 58 4.73 15.23 -4.54
CA TYR A 58 3.41 14.61 -4.59
C TYR A 58 3.36 13.39 -3.67
N LYS A 59 4.40 12.58 -3.74
CA LYS A 59 4.49 11.36 -2.96
C LYS A 59 4.49 11.68 -1.48
N VAL A 60 5.32 12.66 -1.10
CA VAL A 60 5.41 13.09 0.29
C VAL A 60 4.06 13.61 0.77
N GLN A 61 3.30 14.23 -0.13
CA GLN A 61 2.02 14.82 0.23
C GLN A 61 1.02 13.72 0.55
N GLN A 62 0.90 12.75 -0.36
CA GLN A 62 0.00 11.63 -0.17
C GLN A 62 0.42 10.78 1.02
N ALA A 63 1.74 10.69 1.23
CA ALA A 63 2.28 9.93 2.34
C ALA A 63 1.98 10.60 3.67
N CYS A 64 2.23 11.91 3.76
CA CYS A 64 1.94 12.66 4.99
C CYS A 64 0.47 12.51 5.35
N GLU A 65 -0.38 12.49 4.34
CA GLU A 65 -1.79 12.30 4.55
C GLU A 65 -2.10 10.88 5.00
N MET A 66 -1.44 9.91 4.38
CA MET A 66 -1.75 8.52 4.65
C MET A 66 -1.14 8.05 5.95
N VAL A 67 0.05 8.53 6.30
CA VAL A 67 0.69 8.13 7.54
C VAL A 67 -0.20 8.49 8.73
N MET A 68 -0.71 9.71 8.76
CA MET A 68 -1.58 10.15 9.85
C MET A 68 -2.87 9.35 9.85
N ASP A 69 -3.23 8.82 8.70
CA ASP A 69 -4.48 8.10 8.53
C ASP A 69 -4.37 6.65 8.98
N ILE A 70 -3.26 6.00 8.64
CA ILE A 70 -3.10 4.60 9.02
C ILE A 70 -2.48 4.47 10.42
N LEU A 71 -1.61 5.42 10.78
CA LEU A 71 -0.91 5.33 12.06
C LEU A 71 -1.77 5.86 13.21
N ARG A 72 -2.89 6.52 12.88
CA ARG A 72 -3.81 6.98 13.91
C ARG A 72 -4.38 5.77 14.65
N GLU A 73 -4.69 4.70 13.88
CA GLU A 73 -5.15 3.40 14.39
C GLU A 73 -6.08 3.53 15.61
N ARG A 74 -6.13 2.46 16.39
CA ARG A 74 -6.83 2.45 17.68
C ARG A 74 -6.39 1.23 18.48
N ASP A 75 -5.83 0.24 17.77
CA ASP A 75 -5.17 -0.89 18.41
C ASP A 75 -4.29 -1.61 17.39
N GLN A 76 -3.27 -0.90 16.90
CA GLN A 76 -2.28 -1.45 15.95
C GLN A 76 -2.87 -1.68 14.54
N GLY A 77 -4.19 -1.76 14.44
CA GLY A 77 -4.82 -1.93 13.16
C GLY A 77 -4.77 -0.68 12.31
N GLY A 78 -3.67 -0.51 11.58
CA GLY A 78 -3.52 0.66 10.74
C GLY A 78 -3.32 0.30 9.28
N PHE A 79 -3.98 -0.76 8.84
CA PHE A 79 -3.92 -1.25 7.45
C PHE A 79 -2.52 -1.76 7.08
N GLY A 80 -1.53 -0.88 7.13
CA GLY A 80 -0.21 -1.21 6.65
C GLY A 80 0.04 -0.48 5.36
N ASP A 81 0.89 0.55 5.41
CA ASP A 81 1.04 1.49 4.30
C ASP A 81 -0.20 2.35 4.22
N ARG A 82 -1.28 1.72 3.76
CA ARG A 82 -2.63 2.27 3.73
C ARG A 82 -3.48 1.42 2.81
N ASN A 83 -2.81 0.81 1.83
CA ASN A 83 -3.45 -0.11 0.88
C ASN A 83 -4.42 0.62 -0.02
N GLU A 84 -4.18 1.90 -0.23
CA GLU A 84 -5.06 2.70 -1.05
C GLU A 84 -4.25 3.49 -2.08
N TYR A 85 -3.45 4.42 -1.63
CA TYR A 85 -2.58 5.18 -2.51
C TYR A 85 -1.28 5.51 -1.82
N GLY A 86 -0.34 4.59 -1.91
CA GLY A 86 0.97 4.82 -1.33
C GLY A 86 1.78 5.80 -2.15
N SER A 87 1.39 7.07 -2.10
CA SER A 87 2.13 8.15 -2.76
C SER A 87 2.11 8.04 -4.29
N ARG A 88 1.40 7.04 -4.84
CA ARG A 88 1.25 6.95 -6.30
C ARG A 88 0.10 7.79 -6.76
N ILE A 89 -1.08 7.23 -6.72
CA ILE A 89 -2.26 7.97 -7.04
C ILE A 89 -2.79 8.64 -5.77
N GLY A 90 -3.99 9.15 -5.83
CA GLY A 90 -4.62 9.73 -4.66
C GLY A 90 -6.12 9.47 -4.65
N GLY A 91 -6.46 8.25 -5.06
CA GLY A 91 -7.85 7.84 -5.13
C GLY A 91 -7.97 6.40 -5.58
N GLY A 92 -8.63 5.57 -4.79
CA GLY A 92 -8.69 4.16 -5.08
C GLY A 92 -7.64 3.40 -4.30
N ILE A 93 -7.75 2.09 -4.23
CA ILE A 93 -6.88 1.27 -3.39
C ILE A 93 -5.68 0.73 -4.14
N ASP A 94 -4.61 0.41 -3.41
CA ASP A 94 -3.43 -0.21 -3.99
C ASP A 94 -3.50 -1.72 -3.83
N VAL A 95 -3.63 -2.46 -4.92
CA VAL A 95 -3.85 -3.90 -4.85
C VAL A 95 -2.65 -4.72 -5.35
N PRO A 96 -1.89 -5.32 -4.44
CA PRO A 96 -0.83 -6.28 -4.80
C PRO A 96 -1.40 -7.61 -5.31
N VAL A 97 -1.15 -7.92 -6.58
CA VAL A 97 -1.57 -9.20 -7.12
C VAL A 97 -0.35 -10.01 -7.57
N PRO A 98 -0.23 -11.24 -7.08
CA PRO A 98 0.90 -12.13 -7.37
C PRO A 98 0.99 -12.46 -8.86
N ARG A 99 2.24 -12.56 -9.33
CA ARG A 99 2.56 -12.77 -10.75
C ARG A 99 1.95 -14.07 -11.29
N HIS A 100 1.89 -15.08 -10.42
CA HIS A 100 1.40 -16.40 -10.81
C HIS A 100 -0.12 -16.48 -10.71
N SER A 101 -0.77 -15.33 -10.75
CA SER A 101 -2.22 -15.28 -10.64
C SER A 101 -2.79 -14.09 -11.40
N VAL A 102 -1.97 -13.05 -11.58
CA VAL A 102 -2.39 -11.87 -12.33
C VAL A 102 -2.77 -12.24 -13.76
N GLY A 103 -2.19 -13.32 -14.27
CA GLY A 103 -2.54 -13.80 -15.60
C GLY A 103 -4.01 -14.14 -15.72
N VAL A 104 -4.59 -14.67 -14.64
CA VAL A 104 -6.01 -15.00 -14.62
C VAL A 104 -6.83 -13.73 -14.38
N VAL A 105 -6.27 -12.83 -13.58
CA VAL A 105 -6.92 -11.55 -13.29
C VAL A 105 -7.05 -10.73 -14.56
N ILE A 106 -6.03 -10.78 -15.41
CA ILE A 106 -6.07 -10.09 -16.69
C ILE A 106 -6.99 -10.83 -17.65
N GLY A 107 -6.92 -12.15 -17.62
CA GLY A 107 -7.75 -12.96 -18.49
C GLY A 107 -7.03 -13.34 -19.76
N ARG A 108 -7.77 -13.51 -20.84
CA ARG A 108 -7.18 -13.89 -22.12
C ARG A 108 -6.47 -12.70 -22.76
N SER A 109 -7.24 -11.86 -23.46
CA SER A 109 -6.68 -10.71 -24.17
C SER A 109 -6.80 -9.45 -23.31
N GLY A 110 -6.92 -9.65 -22.01
CA GLY A 110 -7.26 -8.55 -21.14
C GLY A 110 -8.75 -8.45 -20.96
N GLU A 111 -9.35 -9.59 -20.68
CA GLU A 111 -10.79 -9.70 -20.61
C GLU A 111 -11.29 -9.54 -19.17
N MET A 112 -10.73 -10.35 -18.28
CA MET A 112 -11.15 -10.37 -16.89
C MET A 112 -10.80 -9.06 -16.19
N ILE A 113 -9.67 -8.49 -16.58
CA ILE A 113 -9.20 -7.25 -15.96
C ILE A 113 -10.14 -6.09 -16.29
N LYS A 114 -10.75 -6.14 -17.46
CA LYS A 114 -11.73 -5.13 -17.85
C LYS A 114 -13.08 -5.44 -17.20
N LYS A 115 -13.28 -6.70 -16.85
CA LYS A 115 -14.49 -7.11 -16.16
C LYS A 115 -14.56 -6.50 -14.77
N ILE A 116 -13.41 -6.40 -14.11
CA ILE A 116 -13.33 -5.73 -12.81
C ILE A 116 -13.77 -4.28 -12.97
N GLN A 117 -13.30 -3.66 -14.05
CA GLN A 117 -13.60 -2.27 -14.35
C GLN A 117 -15.08 -2.10 -14.71
N ASN A 118 -15.64 -3.12 -15.33
CA ASN A 118 -17.02 -3.09 -15.81
C ASN A 118 -18.01 -3.32 -14.68
N ASP A 119 -17.73 -4.35 -13.88
CA ASP A 119 -18.66 -4.78 -12.86
C ASP A 119 -18.63 -3.89 -11.63
N ALA A 120 -17.44 -3.51 -11.21
CA ALA A 120 -17.30 -2.66 -10.02
C ALA A 120 -17.27 -1.18 -10.39
N GLY A 121 -17.09 -0.89 -11.68
CA GLY A 121 -17.03 0.48 -12.13
C GLY A 121 -15.71 1.13 -11.76
N VAL A 122 -14.71 0.30 -11.56
CA VAL A 122 -13.40 0.77 -11.14
C VAL A 122 -12.44 0.86 -12.31
N ARG A 123 -11.25 1.37 -12.04
CA ARG A 123 -10.24 1.54 -13.06
C ARG A 123 -8.93 0.93 -12.59
N ILE A 124 -8.21 0.29 -13.51
CA ILE A 124 -7.00 -0.41 -13.14
C ILE A 124 -5.76 0.39 -13.52
N GLN A 125 -4.86 0.53 -12.58
CA GLN A 125 -3.64 1.30 -12.76
C GLN A 125 -2.42 0.48 -12.41
N PHE A 126 -1.80 -0.12 -13.42
CA PHE A 126 -0.50 -0.74 -13.24
C PHE A 126 0.56 0.36 -13.17
N LYS A 127 1.15 0.49 -12.00
CA LYS A 127 1.99 1.64 -11.69
C LYS A 127 3.28 1.20 -11.02
N GLN A 128 4.27 2.09 -10.98
CA GLN A 128 5.52 1.90 -10.22
C GLN A 128 6.09 0.48 -10.30
N ASP A 129 5.73 -0.36 -9.33
CA ASP A 129 6.18 -1.75 -9.26
C ASP A 129 5.77 -2.52 -10.51
N ASP A 130 6.78 -3.11 -11.16
CA ASP A 130 6.56 -3.85 -12.40
C ASP A 130 7.08 -5.27 -12.27
N GLY A 131 8.40 -5.41 -12.18
CA GLY A 131 9.01 -6.71 -12.05
C GLY A 131 9.62 -6.88 -10.69
N THR A 132 8.88 -6.47 -9.67
CA THR A 132 9.34 -6.53 -8.29
C THR A 132 9.48 -7.96 -7.80
N GLY A 133 8.93 -8.90 -8.55
CA GLY A 133 9.06 -10.29 -8.20
C GLY A 133 7.71 -10.95 -7.95
N PRO A 134 7.36 -11.17 -6.68
CA PRO A 134 6.16 -11.92 -6.30
C PRO A 134 4.85 -11.25 -6.69
N GLU A 135 4.74 -9.94 -6.48
CA GLU A 135 3.44 -9.27 -6.60
C GLU A 135 3.53 -7.99 -7.40
N LYS A 136 2.44 -7.70 -8.09
CA LYS A 136 2.28 -6.51 -8.90
C LYS A 136 1.06 -5.74 -8.42
N ILE A 137 1.26 -4.53 -7.94
CA ILE A 137 0.14 -3.73 -7.47
C ILE A 137 -0.70 -3.23 -8.65
N ALA A 138 -1.82 -3.87 -8.88
CA ALA A 138 -2.81 -3.37 -9.82
C ALA A 138 -3.73 -2.41 -9.08
N HIS A 139 -3.47 -1.12 -9.21
CA HIS A 139 -4.18 -0.12 -8.42
C HIS A 139 -5.62 0.01 -8.92
N ILE A 140 -6.55 -0.09 -7.99
CA ILE A 140 -7.96 0.01 -8.32
C ILE A 140 -8.47 1.42 -8.00
N MET A 141 -8.72 2.19 -9.04
CA MET A 141 -9.14 3.58 -8.90
C MET A 141 -10.65 3.69 -8.90
N GLY A 142 -11.18 4.52 -8.01
CA GLY A 142 -12.61 4.76 -7.96
C GLY A 142 -13.07 5.07 -6.55
N PRO A 143 -14.37 4.93 -6.26
CA PRO A 143 -14.92 5.15 -4.93
C PRO A 143 -14.53 4.02 -3.97
N PRO A 144 -14.21 4.36 -2.71
CA PRO A 144 -13.69 3.41 -1.71
C PRO A 144 -14.38 2.05 -1.72
N ASP A 145 -15.71 2.06 -1.69
CA ASP A 145 -16.50 0.82 -1.67
C ASP A 145 -16.21 -0.04 -2.89
N ARG A 146 -16.31 0.56 -4.08
CA ARG A 146 -16.08 -0.17 -5.32
C ARG A 146 -14.64 -0.68 -5.36
N CYS A 147 -13.73 0.10 -4.82
CA CYS A 147 -12.33 -0.28 -4.73
C CYS A 147 -12.17 -1.59 -3.97
N GLU A 148 -12.63 -1.61 -2.73
CA GLU A 148 -12.48 -2.79 -1.89
C GLU A 148 -13.31 -3.96 -2.42
N HIS A 149 -14.46 -3.64 -3.01
CA HIS A 149 -15.32 -4.63 -3.64
C HIS A 149 -14.56 -5.32 -4.78
N ALA A 150 -13.69 -4.57 -5.43
CA ALA A 150 -12.94 -5.04 -6.59
C ALA A 150 -11.78 -5.94 -6.16
N ALA A 151 -11.05 -5.49 -5.15
CA ALA A 151 -9.94 -6.28 -4.60
C ALA A 151 -10.48 -7.56 -3.98
N ARG A 152 -11.76 -7.54 -3.64
CA ARG A 152 -12.43 -8.67 -3.04
C ARG A 152 -12.75 -9.71 -4.11
N ILE A 153 -12.93 -9.26 -5.35
CA ILE A 153 -13.14 -10.16 -6.46
C ILE A 153 -11.82 -10.78 -6.89
N ILE A 154 -10.79 -9.93 -6.99
CA ILE A 154 -9.46 -10.36 -7.38
C ILE A 154 -8.85 -11.29 -6.33
N ASN A 155 -9.07 -10.95 -5.06
CA ASN A 155 -8.53 -11.74 -3.95
C ASN A 155 -8.99 -13.19 -4.01
N ASP A 156 -10.27 -13.38 -4.33
CA ASP A 156 -10.83 -14.73 -4.46
C ASP A 156 -10.13 -15.51 -5.55
N LEU A 157 -9.76 -14.82 -6.63
CA LEU A 157 -9.04 -15.44 -7.73
C LEU A 157 -7.69 -15.95 -7.25
N LEU A 158 -7.02 -15.13 -6.44
CA LEU A 158 -5.70 -15.47 -5.90
C LEU A 158 -5.83 -16.66 -4.95
N GLN A 159 -6.85 -16.62 -4.12
CA GLN A 159 -7.12 -17.67 -3.16
C GLN A 159 -7.52 -18.97 -3.87
N SER A 160 -8.23 -18.84 -4.98
CA SER A 160 -8.64 -20.00 -5.76
C SER A 160 -7.43 -20.69 -6.36
N LEU A 161 -6.40 -19.91 -6.66
CA LEU A 161 -5.20 -20.44 -7.28
C LEU A 161 -4.18 -20.90 -6.24
N ARG A 162 -4.65 -21.13 -5.02
CA ARG A 162 -3.80 -21.66 -3.95
C ARG A 162 -3.87 -23.18 -3.92
N SER A 163 -3.80 -23.79 -5.10
CA SER A 163 -3.88 -25.23 -5.21
C SER A 163 -2.50 -25.85 -5.01
N GLY A 164 -2.02 -25.81 -3.78
CA GLY A 164 -0.69 -26.28 -3.49
C GLY A 164 0.37 -25.39 -4.11
N GLY A 1 15.78 17.12 -1.19
CA GLY A 1 14.61 16.24 -1.39
C GLY A 1 13.45 16.63 -0.51
N THR A 2 12.25 16.25 -0.93
CA THR A 2 11.05 16.54 -0.16
C THR A 2 10.92 15.55 0.99
N VAL A 3 11.08 16.05 2.22
CA VAL A 3 10.94 15.21 3.40
C VAL A 3 9.89 15.78 4.34
N GLN A 4 8.86 14.98 4.62
CA GLN A 4 7.85 15.35 5.59
C GLN A 4 8.02 14.51 6.85
N GLU A 5 7.86 15.16 7.99
CA GLU A 5 8.07 14.48 9.27
C GLU A 5 6.76 14.29 10.02
N ILE A 6 6.41 13.03 10.21
CA ILE A 6 5.25 12.67 10.99
C ILE A 6 5.71 12.12 12.34
N MET A 7 5.01 12.47 13.41
CA MET A 7 5.43 12.07 14.73
C MET A 7 4.85 10.69 15.08
N ILE A 8 5.72 9.70 15.07
CA ILE A 8 5.35 8.33 15.43
C ILE A 8 5.56 8.10 16.92
N PRO A 9 4.46 7.98 17.68
CA PRO A 9 4.49 7.72 19.11
C PRO A 9 4.91 6.29 19.41
N ALA A 10 5.27 6.03 20.67
CA ALA A 10 5.59 4.68 21.10
C ALA A 10 4.39 3.78 20.87
N GLY A 11 4.63 2.52 20.58
CA GLY A 11 3.56 1.62 20.19
C GLY A 11 3.28 1.73 18.71
N LYS A 12 2.95 2.94 18.24
CA LYS A 12 2.69 3.18 16.83
C LYS A 12 3.91 2.88 15.98
N ALA A 13 5.08 3.08 16.56
CA ALA A 13 6.33 2.74 15.90
C ALA A 13 6.31 1.31 15.39
N GLY A 14 5.69 0.44 16.18
CA GLY A 14 5.62 -0.96 15.81
C GLY A 14 4.82 -1.20 14.55
N LEU A 15 3.76 -0.44 14.36
CA LEU A 15 2.92 -0.62 13.18
C LEU A 15 3.55 0.09 11.98
N VAL A 16 4.37 1.10 12.25
CA VAL A 16 5.05 1.85 11.21
C VAL A 16 6.27 1.10 10.69
N ILE A 17 7.15 0.68 11.59
CA ILE A 17 8.35 -0.06 11.18
C ILE A 17 7.98 -1.51 10.87
N GLY A 18 6.92 -1.99 11.52
CA GLY A 18 6.47 -3.35 11.31
C GLY A 18 7.03 -4.31 12.34
N LYS A 19 7.69 -3.75 13.37
CA LYS A 19 8.34 -4.55 14.42
C LYS A 19 9.09 -5.73 13.81
N GLY A 20 10.01 -5.41 12.93
CA GLY A 20 10.71 -6.42 12.17
C GLY A 20 11.05 -5.90 10.79
N GLY A 21 10.23 -4.95 10.32
CA GLY A 21 10.50 -4.32 9.04
C GLY A 21 9.37 -4.48 8.05
N GLU A 22 8.38 -5.30 8.39
CA GLU A 22 7.28 -5.61 7.49
C GLU A 22 6.66 -4.35 6.88
N THR A 23 6.15 -3.47 7.74
CA THR A 23 5.46 -2.29 7.27
C THR A 23 6.40 -1.32 6.55
N ILE A 24 7.62 -1.18 7.05
CA ILE A 24 8.55 -0.23 6.47
C ILE A 24 8.91 -0.64 5.05
N LYS A 25 8.83 -1.94 4.78
CA LYS A 25 8.97 -2.45 3.42
C LYS A 25 7.92 -1.82 2.52
N GLN A 26 6.68 -1.95 2.93
CA GLN A 26 5.56 -1.47 2.15
C GLN A 26 5.52 0.06 2.08
N LEU A 27 5.93 0.72 3.16
CA LEU A 27 5.98 2.17 3.15
C LEU A 27 7.11 2.66 2.25
N GLN A 28 8.11 1.83 2.07
CA GLN A 28 9.20 2.15 1.16
C GLN A 28 8.87 1.75 -0.28
N GLU A 29 8.32 0.55 -0.46
CA GLU A 29 8.02 0.04 -1.79
C GLU A 29 6.65 0.49 -2.30
N ARG A 30 5.59 0.25 -1.53
CA ARG A 30 4.23 0.58 -1.97
C ARG A 30 4.02 2.09 -1.98
N ALA A 31 4.52 2.75 -0.94
CA ALA A 31 4.43 4.20 -0.85
C ALA A 31 5.57 4.86 -1.63
N GLY A 32 6.52 4.05 -2.08
CA GLY A 32 7.56 4.51 -2.99
C GLY A 32 8.45 5.57 -2.39
N VAL A 33 8.54 5.63 -1.08
CA VAL A 33 9.35 6.63 -0.41
C VAL A 33 10.27 5.97 0.61
N LYS A 34 11.40 6.58 0.87
CA LYS A 34 12.30 6.08 1.89
C LYS A 34 11.91 6.66 3.24
N MET A 35 11.38 5.82 4.10
CA MET A 35 11.01 6.23 5.43
C MET A 35 12.18 5.96 6.37
N ILE A 36 12.73 7.01 6.94
CA ILE A 36 13.84 6.85 7.85
C ILE A 36 13.40 7.18 9.28
N LEU A 37 13.37 6.13 10.10
CA LEU A 37 12.89 6.23 11.46
C LEU A 37 14.06 6.35 12.41
N ILE A 38 13.95 7.24 13.38
CA ILE A 38 15.00 7.39 14.37
C ILE A 38 14.77 6.42 15.52
N GLN A 39 15.49 5.31 15.48
CA GLN A 39 15.33 4.23 16.45
C GLN A 39 16.55 3.34 16.43
N ASP A 40 17.69 3.97 16.17
CA ASP A 40 18.95 3.27 16.02
C ASP A 40 19.69 3.20 17.35
N GLY A 41 19.46 4.20 18.20
CA GLY A 41 20.12 4.25 19.48
C GLY A 41 19.21 4.71 20.59
N SER A 42 19.75 4.83 21.79
CA SER A 42 18.97 5.20 22.96
C SER A 42 18.72 6.70 23.00
N GLN A 43 17.89 7.17 22.08
CA GLN A 43 17.53 8.57 22.02
C GLN A 43 16.03 8.72 21.83
N ASN A 44 15.53 8.23 20.71
CA ASN A 44 14.10 8.30 20.41
C ASN A 44 13.54 6.92 20.12
N THR A 45 14.16 5.89 20.70
CA THR A 45 13.71 4.53 20.46
C THR A 45 12.53 4.20 21.37
N ASN A 46 12.57 4.74 22.58
CA ASN A 46 11.46 4.59 23.54
C ASN A 46 10.52 5.77 23.42
N VAL A 47 10.99 6.79 22.71
CA VAL A 47 10.28 8.06 22.61
C VAL A 47 9.60 8.16 21.24
N ASP A 48 8.67 9.10 21.11
CA ASP A 48 8.10 9.44 19.81
C ASP A 48 9.21 9.83 18.83
N LYS A 49 8.96 9.60 17.55
CA LYS A 49 10.01 9.67 16.55
C LYS A 49 9.56 10.51 15.36
N PRO A 50 10.34 11.53 15.01
CA PRO A 50 10.10 12.30 13.81
C PRO A 50 10.50 11.51 12.56
N LEU A 51 9.50 11.01 11.87
CA LEU A 51 9.71 10.15 10.71
C LEU A 51 9.91 11.01 9.47
N ARG A 52 10.99 10.76 8.74
CA ARG A 52 11.25 11.51 7.52
C ARG A 52 10.89 10.69 6.30
N ILE A 53 9.88 11.15 5.59
CA ILE A 53 9.51 10.56 4.30
C ILE A 53 10.37 11.17 3.21
N ILE A 54 11.24 10.36 2.62
CA ILE A 54 12.12 10.84 1.55
C ILE A 54 11.63 10.37 0.18
N GLY A 55 11.32 11.31 -0.70
CA GLY A 55 10.86 10.95 -2.03
C GLY A 55 10.39 12.15 -2.83
N ASP A 56 9.78 11.87 -3.97
CA ASP A 56 9.21 12.90 -4.82
C ASP A 56 7.99 13.56 -4.16
N PRO A 57 7.71 14.83 -4.51
CA PRO A 57 6.62 15.61 -3.89
C PRO A 57 5.31 14.84 -3.74
N TYR A 58 4.79 14.29 -4.84
CA TYR A 58 3.50 13.61 -4.84
C TYR A 58 3.49 12.40 -3.92
N LYS A 59 4.51 11.56 -4.05
CA LYS A 59 4.57 10.32 -3.28
C LYS A 59 4.78 10.61 -1.81
N VAL A 60 5.53 11.66 -1.50
CA VAL A 60 5.71 12.09 -0.11
C VAL A 60 4.39 12.56 0.47
N GLN A 61 3.52 13.09 -0.38
CA GLN A 61 2.30 13.70 0.10
C GLN A 61 1.27 12.63 0.38
N GLN A 62 1.10 11.73 -0.57
CA GLN A 62 0.16 10.64 -0.44
C GLN A 62 0.55 9.73 0.72
N ALA A 63 1.86 9.49 0.86
CA ALA A 63 2.36 8.67 1.96
C ALA A 63 2.23 9.41 3.28
N CYS A 64 2.52 10.71 3.29
CA CYS A 64 2.36 11.52 4.49
C CYS A 64 0.91 11.41 4.99
N GLU A 65 -0.01 11.47 4.05
CA GLU A 65 -1.42 11.35 4.33
C GLU A 65 -1.77 9.95 4.85
N MET A 66 -1.29 8.93 4.16
CA MET A 66 -1.60 7.54 4.52
C MET A 66 -0.98 7.17 5.86
N VAL A 67 0.27 7.57 6.08
CA VAL A 67 0.96 7.24 7.33
C VAL A 67 0.20 7.79 8.53
N MET A 68 -0.17 9.07 8.47
CA MET A 68 -0.92 9.69 9.56
C MET A 68 -2.23 8.95 9.80
N ASP A 69 -2.75 8.37 8.73
CA ASP A 69 -4.06 7.75 8.77
C ASP A 69 -3.99 6.30 9.26
N ILE A 70 -2.95 5.58 8.92
CA ILE A 70 -2.82 4.19 9.35
C ILE A 70 -2.16 4.08 10.72
N LEU A 71 -1.41 5.11 11.13
CA LEU A 71 -0.87 5.14 12.48
C LEU A 71 -1.89 5.74 13.45
N ARG A 72 -3.08 6.08 12.92
CA ARG A 72 -4.16 6.60 13.76
C ARG A 72 -4.60 5.53 14.75
N GLU A 73 -4.17 4.30 14.48
CA GLU A 73 -4.53 3.16 15.28
C GLU A 73 -4.26 3.44 16.76
N ARG A 74 -5.10 2.88 17.63
CA ARG A 74 -5.02 3.17 19.04
C ARG A 74 -3.69 2.69 19.62
N ASP A 75 -3.20 1.55 19.13
CA ASP A 75 -1.87 1.07 19.49
C ASP A 75 -1.43 -0.08 18.59
N GLN A 76 -0.40 0.19 17.77
CA GLN A 76 0.27 -0.81 16.91
C GLN A 76 -0.70 -1.82 16.28
N GLY A 77 -1.61 -1.33 15.45
CA GLY A 77 -2.51 -2.21 14.75
C GLY A 77 -2.98 -1.62 13.44
N GLY A 78 -2.14 -0.79 12.83
CA GLY A 78 -2.52 -0.14 11.59
C GLY A 78 -2.65 -1.12 10.43
N PHE A 79 -3.16 -0.64 9.31
CA PHE A 79 -3.46 -1.48 8.16
C PHE A 79 -2.21 -2.10 7.54
N GLY A 80 -1.06 -1.49 7.80
CA GLY A 80 0.17 -1.94 7.20
C GLY A 80 0.30 -1.30 5.84
N ASP A 81 1.08 -0.23 5.76
CA ASP A 81 1.12 0.61 4.57
C ASP A 81 -0.19 1.39 4.49
N ARG A 82 -1.22 0.76 3.96
CA ARG A 82 -2.55 1.34 3.84
C ARG A 82 -3.41 0.47 2.96
N ASN A 83 -2.79 -0.12 1.92
CA ASN A 83 -3.50 -0.98 0.97
C ASN A 83 -4.57 -0.19 0.25
N GLU A 84 -4.26 1.07 -0.03
CA GLU A 84 -5.19 1.98 -0.67
C GLU A 84 -4.43 2.87 -1.65
N TYR A 85 -3.35 3.47 -1.18
CA TYR A 85 -2.43 4.23 -2.02
C TYR A 85 -1.24 4.73 -1.22
N GLY A 86 -0.06 4.58 -1.79
CA GLY A 86 1.14 5.12 -1.19
C GLY A 86 1.77 6.21 -2.05
N SER A 87 2.36 5.82 -3.17
CA SER A 87 2.93 6.77 -4.13
C SER A 87 2.08 6.83 -5.39
N ARG A 88 1.08 5.97 -5.45
CA ARG A 88 0.28 5.80 -6.66
C ARG A 88 -1.19 5.89 -6.32
N ILE A 89 -2.03 5.90 -7.34
CA ILE A 89 -3.48 5.81 -7.17
C ILE A 89 -4.08 7.10 -6.61
N GLY A 90 -3.96 7.29 -5.29
CA GLY A 90 -4.56 8.44 -4.64
C GLY A 90 -6.08 8.46 -4.83
N GLY A 91 -6.70 7.30 -4.64
CA GLY A 91 -8.15 7.20 -4.79
C GLY A 91 -8.58 5.82 -5.24
N GLY A 92 -8.61 4.89 -4.30
CA GLY A 92 -8.96 3.52 -4.60
C GLY A 92 -8.44 2.56 -3.55
N ILE A 93 -7.75 1.51 -3.98
CA ILE A 93 -7.07 0.59 -3.06
C ILE A 93 -5.85 -0.01 -3.74
N ASP A 94 -4.92 -0.55 -2.94
CA ASP A 94 -3.75 -1.21 -3.48
C ASP A 94 -3.93 -2.73 -3.46
N VAL A 95 -3.76 -3.35 -4.61
CA VAL A 95 -4.03 -4.78 -4.76
C VAL A 95 -2.82 -5.54 -5.33
N PRO A 96 -2.05 -6.24 -4.48
CA PRO A 96 -0.98 -7.12 -4.94
C PRO A 96 -1.52 -8.42 -5.55
N VAL A 97 -1.44 -8.53 -6.87
CA VAL A 97 -1.90 -9.72 -7.57
C VAL A 97 -0.75 -10.66 -7.89
N PRO A 98 -0.92 -11.93 -7.52
CA PRO A 98 0.02 -13.00 -7.85
C PRO A 98 0.43 -12.99 -9.33
N ARG A 99 1.74 -13.02 -9.56
CA ARG A 99 2.31 -12.89 -10.90
C ARG A 99 1.78 -13.95 -11.86
N HIS A 100 1.47 -15.13 -11.35
CA HIS A 100 1.00 -16.23 -12.19
C HIS A 100 -0.52 -16.18 -12.34
N SER A 101 -1.12 -15.09 -11.92
CA SER A 101 -2.56 -14.97 -11.94
C SER A 101 -3.01 -13.70 -12.66
N VAL A 102 -2.19 -12.66 -12.59
CA VAL A 102 -2.48 -11.39 -13.27
C VAL A 102 -2.78 -11.60 -14.76
N GLY A 103 -2.15 -12.59 -15.38
CA GLY A 103 -2.40 -12.89 -16.78
C GLY A 103 -3.85 -13.25 -17.04
N VAL A 104 -4.51 -13.81 -16.05
CA VAL A 104 -5.92 -14.16 -16.16
C VAL A 104 -6.79 -12.95 -15.83
N VAL A 105 -6.34 -12.17 -14.86
CA VAL A 105 -7.06 -10.97 -14.43
C VAL A 105 -7.10 -9.93 -15.55
N ILE A 106 -5.98 -9.77 -16.23
CA ILE A 106 -5.90 -8.86 -17.36
C ILE A 106 -6.55 -9.46 -18.60
N GLY A 107 -6.24 -10.73 -18.85
CA GLY A 107 -6.76 -11.40 -20.01
C GLY A 107 -5.74 -11.46 -21.12
N ARG A 108 -6.11 -10.96 -22.29
CA ARG A 108 -5.21 -10.95 -23.44
C ARG A 108 -4.84 -9.51 -23.78
N SER A 109 -5.80 -8.77 -24.30
CA SER A 109 -5.59 -7.38 -24.69
C SER A 109 -6.11 -6.45 -23.59
N GLY A 110 -6.25 -7.00 -22.39
CA GLY A 110 -6.77 -6.21 -21.29
C GLY A 110 -8.27 -6.04 -21.38
N GLU A 111 -8.94 -7.08 -21.82
CA GLU A 111 -10.39 -7.05 -21.97
C GLU A 111 -11.06 -7.61 -20.73
N MET A 112 -10.41 -8.59 -20.11
CA MET A 112 -10.93 -9.20 -18.89
C MET A 112 -10.89 -8.22 -17.73
N ILE A 113 -9.79 -7.48 -17.65
CA ILE A 113 -9.61 -6.49 -16.58
C ILE A 113 -10.65 -5.38 -16.69
N LYS A 114 -11.22 -5.22 -17.89
CA LYS A 114 -12.25 -4.21 -18.11
C LYS A 114 -13.61 -4.69 -17.63
N LYS A 115 -13.75 -6.00 -17.46
CA LYS A 115 -15.00 -6.56 -16.94
C LYS A 115 -15.18 -6.16 -15.48
N ILE A 116 -14.07 -5.96 -14.78
CA ILE A 116 -14.09 -5.47 -13.42
C ILE A 116 -14.49 -3.99 -13.43
N GLN A 117 -14.07 -3.30 -14.47
CA GLN A 117 -14.38 -1.90 -14.68
C GLN A 117 -15.86 -1.74 -15.07
N ASN A 118 -16.43 -2.80 -15.62
CA ASN A 118 -17.83 -2.80 -16.02
C ASN A 118 -18.73 -3.03 -14.81
N ASP A 119 -18.31 -3.95 -13.94
CA ASP A 119 -19.13 -4.34 -12.80
C ASP A 119 -19.04 -3.33 -11.67
N ALA A 120 -17.83 -3.06 -11.20
CA ALA A 120 -17.64 -2.17 -10.06
C ALA A 120 -17.56 -0.71 -10.49
N GLY A 121 -17.18 -0.50 -11.75
CA GLY A 121 -17.02 0.86 -12.25
C GLY A 121 -15.68 1.44 -11.89
N VAL A 122 -14.70 0.57 -11.70
CA VAL A 122 -13.38 0.98 -11.25
C VAL A 122 -12.44 1.18 -12.43
N ARG A 123 -11.33 1.86 -12.18
CA ARG A 123 -10.31 2.08 -13.21
C ARG A 123 -9.01 1.42 -12.77
N ILE A 124 -8.32 0.80 -13.72
CA ILE A 124 -7.19 -0.06 -13.38
C ILE A 124 -5.86 0.48 -13.91
N GLN A 125 -4.82 0.31 -13.10
CA GLN A 125 -3.45 0.73 -13.43
C GLN A 125 -2.46 -0.12 -12.63
N PHE A 126 -1.79 -1.05 -13.26
CA PHE A 126 -0.80 -1.82 -12.54
C PHE A 126 0.44 -0.97 -12.29
N LYS A 127 0.57 -0.53 -11.04
CA LYS A 127 1.62 0.40 -10.66
C LYS A 127 2.70 -0.30 -9.84
N GLN A 128 3.77 -0.71 -10.53
CA GLN A 128 4.90 -1.40 -9.89
C GLN A 128 4.46 -2.75 -9.34
N ASP A 129 5.33 -3.35 -8.55
CA ASP A 129 5.02 -4.59 -7.86
C ASP A 129 4.92 -4.30 -6.37
N ASP A 130 4.65 -5.31 -5.56
CA ASP A 130 4.53 -5.10 -4.12
C ASP A 130 5.88 -4.71 -3.53
N GLY A 131 6.91 -5.39 -4.01
CA GLY A 131 8.24 -5.21 -3.45
C GLY A 131 8.56 -6.31 -2.47
N THR A 132 7.59 -6.61 -1.61
CA THR A 132 7.70 -7.69 -0.66
C THR A 132 7.76 -9.04 -1.39
N GLY A 133 7.01 -9.12 -2.48
CA GLY A 133 6.98 -10.33 -3.27
C GLY A 133 6.79 -10.03 -4.74
N PRO A 134 6.77 -11.05 -5.60
CA PRO A 134 6.64 -10.91 -7.05
C PRO A 134 5.20 -10.65 -7.49
N GLU A 135 4.39 -10.20 -6.54
CA GLU A 135 3.01 -9.85 -6.83
C GLU A 135 2.93 -8.41 -7.36
N LYS A 136 1.97 -8.17 -8.25
CA LYS A 136 1.86 -6.88 -8.91
C LYS A 136 0.65 -6.12 -8.40
N ILE A 137 0.90 -4.93 -7.87
CA ILE A 137 -0.17 -4.09 -7.32
C ILE A 137 -0.99 -3.47 -8.45
N ALA A 138 -2.30 -3.71 -8.41
CA ALA A 138 -3.22 -3.12 -9.35
C ALA A 138 -3.92 -1.90 -8.74
N HIS A 139 -3.85 -0.78 -9.43
CA HIS A 139 -4.56 0.42 -9.03
C HIS A 139 -6.05 0.26 -9.30
N ILE A 140 -6.82 0.49 -8.27
CA ILE A 140 -8.26 0.54 -8.40
C ILE A 140 -8.74 1.96 -8.10
N MET A 141 -9.73 2.43 -8.83
CA MET A 141 -10.25 3.78 -8.64
C MET A 141 -11.75 3.77 -8.54
N GLY A 142 -12.29 4.44 -7.53
CA GLY A 142 -13.72 4.53 -7.35
C GLY A 142 -14.08 4.68 -5.89
N PRO A 143 -15.37 4.53 -5.54
CA PRO A 143 -15.81 4.57 -4.14
C PRO A 143 -15.23 3.41 -3.34
N PRO A 144 -14.87 3.64 -2.06
CA PRO A 144 -14.16 2.64 -1.24
C PRO A 144 -14.76 1.25 -1.30
N ASP A 145 -16.08 1.17 -1.18
CA ASP A 145 -16.80 -0.11 -1.21
C ASP A 145 -16.59 -0.82 -2.53
N ARG A 146 -16.53 -0.05 -3.62
CA ARG A 146 -16.35 -0.61 -4.95
C ARG A 146 -14.89 -0.95 -5.20
N CYS A 147 -14.00 -0.24 -4.53
CA CYS A 147 -12.58 -0.55 -4.57
C CYS A 147 -12.35 -1.96 -4.05
N GLU A 148 -12.81 -2.20 -2.83
CA GLU A 148 -12.70 -3.52 -2.22
C GLU A 148 -13.54 -4.54 -2.98
N HIS A 149 -14.65 -4.06 -3.56
CA HIS A 149 -15.51 -4.90 -4.42
C HIS A 149 -14.71 -5.41 -5.62
N ALA A 150 -13.78 -4.59 -6.08
CA ALA A 150 -12.97 -4.93 -7.25
C ALA A 150 -11.89 -5.92 -6.87
N ALA A 151 -11.25 -5.69 -5.73
CA ALA A 151 -10.25 -6.62 -5.22
C ALA A 151 -10.88 -7.96 -4.90
N ARG A 152 -12.17 -7.92 -4.56
CA ARG A 152 -12.92 -9.11 -4.24
C ARG A 152 -13.29 -9.88 -5.51
N ILE A 153 -13.38 -9.17 -6.63
CA ILE A 153 -13.57 -9.82 -7.91
C ILE A 153 -12.27 -10.48 -8.36
N ILE A 154 -11.18 -9.73 -8.26
CA ILE A 154 -9.85 -10.22 -8.62
C ILE A 154 -9.46 -11.41 -7.75
N ASN A 155 -9.69 -11.26 -6.45
CA ASN A 155 -9.34 -12.28 -5.46
C ASN A 155 -9.97 -13.62 -5.82
N ASP A 156 -11.25 -13.59 -6.20
CA ASP A 156 -11.97 -14.80 -6.56
C ASP A 156 -11.35 -15.44 -7.80
N LEU A 157 -10.88 -14.61 -8.72
CA LEU A 157 -10.20 -15.09 -9.91
C LEU A 157 -8.92 -15.81 -9.53
N LEU A 158 -8.16 -15.18 -8.63
CA LEU A 158 -6.89 -15.74 -8.14
C LEU A 158 -7.12 -17.07 -7.43
N GLN A 159 -8.29 -17.19 -6.84
CA GLN A 159 -8.67 -18.39 -6.10
C GLN A 159 -9.12 -19.49 -7.05
N SER A 160 -9.76 -19.10 -8.14
CA SER A 160 -10.39 -20.04 -9.05
C SER A 160 -9.39 -20.71 -9.99
N LEU A 161 -8.29 -20.03 -10.30
CA LEU A 161 -7.35 -20.52 -11.31
C LEU A 161 -6.38 -21.57 -10.77
N ARG A 162 -6.73 -22.20 -9.65
CA ARG A 162 -5.88 -23.22 -9.04
C ARG A 162 -5.99 -24.56 -9.76
N SER A 163 -5.90 -24.52 -11.08
CA SER A 163 -5.98 -25.73 -11.89
C SER A 163 -4.73 -25.88 -12.75
N GLY A 164 -3.90 -24.85 -12.75
CA GLY A 164 -2.71 -24.85 -13.59
C GLY A 164 -3.06 -24.81 -15.06
N GLY A 1 15.46 19.39 -1.64
CA GLY A 1 14.73 18.10 -1.48
C GLY A 1 13.41 18.28 -0.76
N THR A 2 12.53 17.31 -0.91
CA THR A 2 11.22 17.36 -0.29
C THR A 2 11.11 16.29 0.80
N VAL A 3 11.07 16.73 2.05
CA VAL A 3 10.98 15.81 3.17
C VAL A 3 10.04 16.36 4.24
N GLN A 4 9.25 15.49 4.84
CA GLN A 4 8.35 15.86 5.93
C GLN A 4 8.59 14.98 7.13
N GLU A 5 8.55 15.58 8.32
CA GLU A 5 8.80 14.85 9.55
C GLU A 5 7.51 14.52 10.29
N ILE A 6 7.27 13.23 10.48
CA ILE A 6 6.12 12.74 11.21
C ILE A 6 6.58 12.09 12.50
N MET A 7 5.80 12.19 13.56
CA MET A 7 6.20 11.62 14.83
C MET A 7 5.42 10.34 15.12
N ILE A 8 6.14 9.22 15.20
CA ILE A 8 5.54 7.91 15.40
C ILE A 8 5.59 7.52 16.87
N PRO A 9 4.43 7.50 17.53
CA PRO A 9 4.29 7.04 18.93
C PRO A 9 4.68 5.57 19.10
N ALA A 10 5.14 5.21 20.30
CA ALA A 10 5.39 3.82 20.62
C ALA A 10 4.09 3.04 20.56
N GLY A 11 4.16 1.81 20.10
CA GLY A 11 2.95 1.06 19.83
C GLY A 11 2.53 1.23 18.38
N LYS A 12 2.57 2.48 17.93
CA LYS A 12 2.31 2.78 16.51
C LYS A 12 3.45 2.27 15.65
N ALA A 13 4.56 1.96 16.29
CA ALA A 13 5.69 1.35 15.60
C ALA A 13 5.25 0.10 14.86
N GLY A 14 4.36 -0.68 15.47
CA GLY A 14 3.93 -1.92 14.87
C GLY A 14 3.14 -1.70 13.59
N LEU A 15 2.43 -0.61 13.50
CA LEU A 15 1.67 -0.29 12.30
C LEU A 15 2.46 0.55 11.31
N VAL A 16 3.39 1.37 11.81
CA VAL A 16 4.22 2.20 10.93
C VAL A 16 5.42 1.44 10.38
N ILE A 17 6.26 0.88 11.26
CA ILE A 17 7.43 0.15 10.79
C ILE A 17 7.13 -1.33 10.66
N GLY A 18 6.10 -1.76 11.37
CA GLY A 18 5.76 -3.18 11.41
C GLY A 18 6.20 -3.76 12.73
N LYS A 19 7.50 -3.70 12.94
CA LYS A 19 8.14 -4.01 14.20
C LYS A 19 9.63 -4.08 13.95
N GLY A 20 9.98 -4.59 12.78
CA GLY A 20 11.35 -4.63 12.35
C GLY A 20 11.55 -4.01 10.99
N GLY A 21 10.46 -3.53 10.37
CA GLY A 21 10.58 -2.94 9.06
C GLY A 21 9.52 -3.43 8.08
N GLU A 22 8.65 -4.31 8.56
CA GLU A 22 7.58 -4.91 7.74
C GLU A 22 6.77 -3.85 7.01
N THR A 23 6.23 -2.89 7.75
CA THR A 23 5.42 -1.85 7.14
C THR A 23 6.28 -0.75 6.54
N ILE A 24 7.50 -0.55 7.05
CA ILE A 24 8.38 0.46 6.48
C ILE A 24 8.78 0.04 5.08
N LYS A 25 8.71 -1.27 4.83
CA LYS A 25 8.86 -1.80 3.49
C LYS A 25 7.84 -1.15 2.58
N GLN A 26 6.59 -1.23 2.97
CA GLN A 26 5.49 -0.70 2.19
C GLN A 26 5.64 0.81 2.00
N LEU A 27 5.99 1.50 3.07
CA LEU A 27 6.16 2.94 3.01
C LEU A 27 7.30 3.33 2.08
N GLN A 28 8.29 2.47 1.95
CA GLN A 28 9.39 2.71 1.03
C GLN A 28 9.07 2.20 -0.38
N GLU A 29 8.59 0.97 -0.47
CA GLU A 29 8.40 0.29 -1.75
C GLU A 29 7.04 0.61 -2.36
N ARG A 30 5.97 0.38 -1.59
CA ARG A 30 4.61 0.63 -2.06
C ARG A 30 4.43 2.12 -2.33
N ALA A 31 4.79 2.93 -1.33
CA ALA A 31 4.69 4.37 -1.45
C ALA A 31 5.75 4.94 -2.40
N GLY A 32 6.85 4.23 -2.54
CA GLY A 32 7.89 4.63 -3.49
C GLY A 32 8.71 5.80 -2.99
N VAL A 33 8.65 6.05 -1.69
CA VAL A 33 9.43 7.12 -1.08
C VAL A 33 10.35 6.55 -0.03
N LYS A 34 11.38 7.28 0.35
CA LYS A 34 12.28 6.81 1.37
C LYS A 34 11.91 7.44 2.71
N MET A 35 11.40 6.62 3.61
CA MET A 35 11.08 7.09 4.94
C MET A 35 12.17 6.64 5.89
N ILE A 36 12.73 7.61 6.60
CA ILE A 36 13.81 7.32 7.52
C ILE A 36 13.43 7.78 8.93
N LEU A 37 13.33 6.80 9.81
CA LEU A 37 12.89 7.02 11.18
C LEU A 37 13.78 6.26 12.14
N ILE A 38 14.02 6.85 13.31
CA ILE A 38 14.86 6.22 14.32
C ILE A 38 14.31 4.88 14.73
N GLN A 39 14.87 3.82 14.18
CA GLN A 39 14.54 2.47 14.55
C GLN A 39 15.69 1.53 14.24
N ASP A 40 16.89 2.11 14.18
CA ASP A 40 18.07 1.36 13.78
C ASP A 40 19.03 1.17 14.95
N GLY A 41 19.56 2.27 15.48
CA GLY A 41 20.52 2.16 16.58
C GLY A 41 20.65 3.43 17.39
N SER A 42 19.68 4.31 17.32
CA SER A 42 19.70 5.54 18.10
C SER A 42 19.01 5.34 19.45
N GLN A 43 18.71 6.41 20.16
CA GLN A 43 18.16 6.31 21.50
C GLN A 43 16.64 6.17 21.48
N ASN A 44 16.01 6.69 20.44
CA ASN A 44 14.54 6.60 20.32
C ASN A 44 14.12 5.23 19.81
N THR A 45 14.53 4.19 20.51
CA THR A 45 14.17 2.83 20.15
C THR A 45 12.79 2.49 20.69
N ASN A 46 12.59 2.74 21.98
CA ASN A 46 11.28 2.58 22.61
C ASN A 46 10.52 3.90 22.53
N VAL A 47 11.28 4.97 22.37
CA VAL A 47 10.73 6.33 22.33
C VAL A 47 10.12 6.61 20.95
N ASP A 48 9.22 7.59 20.89
CA ASP A 48 8.59 7.99 19.64
C ASP A 48 9.64 8.46 18.63
N LYS A 49 9.32 8.32 17.35
CA LYS A 49 10.33 8.40 16.32
C LYS A 49 10.00 9.47 15.28
N PRO A 50 11.01 10.26 14.91
CA PRO A 50 10.88 11.28 13.88
C PRO A 50 11.09 10.71 12.48
N LEU A 51 9.99 10.52 11.77
CA LEU A 51 9.99 9.95 10.44
C LEU A 51 10.20 11.01 9.38
N ARG A 52 11.14 10.79 8.49
CA ARG A 52 11.33 11.67 7.35
C ARG A 52 10.84 11.00 6.07
N ILE A 53 9.83 11.60 5.46
CA ILE A 53 9.33 11.11 4.18
C ILE A 53 10.03 11.84 3.04
N ILE A 54 10.88 11.11 2.32
CA ILE A 54 11.66 11.70 1.23
C ILE A 54 11.12 11.25 -0.12
N GLY A 55 10.73 12.21 -0.95
CA GLY A 55 10.27 11.88 -2.28
C GLY A 55 9.81 13.10 -3.07
N ASP A 56 9.20 12.86 -4.22
CA ASP A 56 8.63 13.92 -5.04
C ASP A 56 7.47 14.59 -4.32
N PRO A 57 7.16 15.85 -4.69
CA PRO A 57 6.12 16.65 -4.02
C PRO A 57 4.79 15.90 -3.82
N TYR A 58 4.24 15.37 -4.92
CA TYR A 58 2.95 14.68 -4.85
C TYR A 58 3.07 13.43 -3.98
N LYS A 59 4.25 12.82 -3.97
CA LYS A 59 4.49 11.62 -3.19
C LYS A 59 4.43 11.93 -1.71
N VAL A 60 5.19 12.92 -1.31
CA VAL A 60 5.31 13.27 0.10
C VAL A 60 3.97 13.72 0.68
N GLN A 61 3.11 14.27 -0.16
CA GLN A 61 1.84 14.79 0.32
C GLN A 61 0.85 13.66 0.50
N GLN A 62 0.82 12.73 -0.44
CA GLN A 62 -0.09 11.60 -0.32
C GLN A 62 0.41 10.65 0.76
N ALA A 63 1.71 10.69 1.03
CA ALA A 63 2.29 9.86 2.05
C ALA A 63 2.16 10.50 3.43
N CYS A 64 2.36 11.82 3.50
CA CYS A 64 2.14 12.54 4.76
C CYS A 64 0.68 12.40 5.18
N GLU A 65 -0.18 12.32 4.18
CA GLU A 65 -1.59 12.08 4.41
C GLU A 65 -1.83 10.65 4.89
N MET A 66 -1.22 9.69 4.20
CA MET A 66 -1.44 8.28 4.52
C MET A 66 -0.88 7.91 5.89
N VAL A 67 0.31 8.41 6.23
CA VAL A 67 0.91 8.11 7.51
C VAL A 67 0.02 8.57 8.65
N MET A 68 -0.55 9.77 8.54
CA MET A 68 -1.43 10.28 9.59
C MET A 68 -2.73 9.49 9.63
N ASP A 69 -3.08 8.88 8.50
CA ASP A 69 -4.30 8.11 8.39
C ASP A 69 -4.14 6.70 8.95
N ILE A 70 -3.01 6.08 8.69
CA ILE A 70 -2.78 4.72 9.13
C ILE A 70 -2.18 4.66 10.54
N LEU A 71 -1.38 5.66 10.88
CA LEU A 71 -0.74 5.74 12.18
C LEU A 71 -1.72 6.16 13.27
N ARG A 72 -2.88 6.68 12.88
CA ARG A 72 -3.91 7.06 13.85
C ARG A 72 -4.35 5.83 14.63
N GLU A 73 -4.75 4.79 13.89
CA GLU A 73 -5.11 3.47 14.43
C GLU A 73 -5.92 3.47 15.73
N ARG A 74 -6.06 2.29 16.30
CA ARG A 74 -6.64 2.10 17.62
C ARG A 74 -6.24 0.73 18.15
N ASP A 75 -6.05 -0.21 17.24
CA ASP A 75 -5.75 -1.59 17.59
C ASP A 75 -4.52 -2.11 16.86
N GLN A 76 -3.56 -1.22 16.59
CA GLN A 76 -2.32 -1.60 15.92
C GLN A 76 -2.59 -2.09 14.50
N GLY A 77 -3.77 -1.77 13.99
CA GLY A 77 -4.12 -2.16 12.64
C GLY A 77 -4.29 -0.94 11.75
N GLY A 78 -3.19 -0.49 11.17
CA GLY A 78 -3.23 0.70 10.35
C GLY A 78 -3.29 0.38 8.87
N PHE A 79 -4.09 -0.63 8.53
CA PHE A 79 -4.38 -1.03 7.14
C PHE A 79 -3.15 -1.65 6.43
N GLY A 80 -1.96 -1.19 6.79
CA GLY A 80 -0.75 -1.65 6.15
C GLY A 80 -0.38 -0.73 5.02
N ASP A 81 0.53 0.22 5.31
CA ASP A 81 0.85 1.31 4.38
C ASP A 81 -0.31 2.29 4.33
N ARG A 82 -1.43 1.83 3.81
CA ARG A 82 -2.69 2.55 3.88
C ARG A 82 -3.78 1.77 3.13
N ASN A 83 -3.40 0.65 2.52
CA ASN A 83 -4.32 -0.21 1.75
C ASN A 83 -4.80 0.48 0.47
N GLU A 84 -5.42 1.63 0.65
CA GLU A 84 -6.05 2.37 -0.44
C GLU A 84 -5.01 3.04 -1.36
N TYR A 85 -3.82 3.28 -0.84
CA TYR A 85 -2.73 3.88 -1.61
C TYR A 85 -1.55 4.21 -0.73
N GLY A 86 -0.38 3.97 -1.25
CA GLY A 86 0.83 4.45 -0.62
C GLY A 86 1.49 5.50 -1.49
N SER A 87 1.23 6.77 -1.18
CA SER A 87 1.88 7.92 -1.86
C SER A 87 1.37 8.10 -3.30
N ARG A 88 1.13 7.01 -4.00
CA ARG A 88 0.55 7.06 -5.34
C ARG A 88 -0.96 7.03 -5.23
N ILE A 89 -1.62 6.81 -6.37
CA ILE A 89 -3.06 6.57 -6.41
C ILE A 89 -3.88 7.80 -5.99
N GLY A 90 -3.91 8.08 -4.69
CA GLY A 90 -4.71 9.19 -4.17
C GLY A 90 -6.19 8.84 -4.03
N GLY A 91 -6.68 7.96 -4.90
CA GLY A 91 -8.06 7.51 -4.83
C GLY A 91 -8.21 6.09 -5.33
N GLY A 92 -8.66 5.19 -4.46
CA GLY A 92 -8.81 3.79 -4.81
C GLY A 92 -8.17 2.90 -3.78
N ILE A 93 -7.62 1.77 -4.23
CA ILE A 93 -6.88 0.86 -3.36
C ILE A 93 -5.67 0.30 -4.08
N ASP A 94 -4.70 -0.20 -3.32
CA ASP A 94 -3.53 -0.87 -3.89
C ASP A 94 -3.63 -2.38 -3.64
N VAL A 95 -3.69 -3.17 -4.70
CA VAL A 95 -3.86 -4.62 -4.55
C VAL A 95 -2.67 -5.42 -5.10
N PRO A 96 -1.84 -5.98 -4.21
CA PRO A 96 -0.76 -6.89 -4.60
C PRO A 96 -1.32 -8.19 -5.17
N VAL A 97 -1.20 -8.37 -6.48
CA VAL A 97 -1.72 -9.56 -7.13
C VAL A 97 -0.59 -10.55 -7.45
N PRO A 98 -0.76 -11.81 -7.03
CA PRO A 98 0.22 -12.87 -7.29
C PRO A 98 0.59 -12.99 -8.75
N ARG A 99 1.90 -12.99 -8.98
CA ARG A 99 2.52 -13.04 -10.31
C ARG A 99 1.86 -14.05 -11.25
N HIS A 100 1.53 -15.22 -10.71
CA HIS A 100 1.02 -16.32 -11.51
C HIS A 100 -0.48 -16.19 -11.78
N SER A 101 -1.11 -15.18 -11.19
CA SER A 101 -2.55 -15.03 -11.29
C SER A 101 -2.93 -13.66 -11.83
N VAL A 102 -1.94 -12.90 -12.27
CA VAL A 102 -2.21 -11.58 -12.85
C VAL A 102 -2.73 -11.73 -14.28
N GLY A 103 -2.36 -12.83 -14.92
CA GLY A 103 -2.75 -13.07 -16.29
C GLY A 103 -4.23 -13.36 -16.42
N VAL A 104 -4.74 -14.14 -15.48
CA VAL A 104 -6.16 -14.48 -15.46
C VAL A 104 -7.02 -13.23 -15.25
N VAL A 105 -6.42 -12.22 -14.63
CA VAL A 105 -7.11 -10.96 -14.39
C VAL A 105 -7.23 -10.15 -15.68
N ILE A 106 -6.14 -10.08 -16.43
CA ILE A 106 -6.12 -9.34 -17.68
C ILE A 106 -6.87 -10.11 -18.77
N GLY A 107 -6.72 -11.43 -18.74
CA GLY A 107 -7.29 -12.27 -19.77
C GLY A 107 -6.33 -12.42 -20.93
N ARG A 108 -6.21 -11.35 -21.70
CA ARG A 108 -5.25 -11.27 -22.79
C ARG A 108 -5.21 -9.85 -23.34
N SER A 109 -6.28 -9.46 -24.02
CA SER A 109 -6.39 -8.11 -24.56
C SER A 109 -7.17 -7.22 -23.61
N GLY A 110 -7.23 -7.64 -22.34
CA GLY A 110 -7.93 -6.88 -21.33
C GLY A 110 -9.41 -7.17 -21.29
N GLU A 111 -9.86 -8.10 -22.13
CA GLU A 111 -11.27 -8.48 -22.22
C GLU A 111 -11.84 -8.93 -20.87
N MET A 112 -10.98 -9.42 -20.00
CA MET A 112 -11.41 -9.88 -18.68
C MET A 112 -11.38 -8.73 -17.68
N ILE A 113 -10.24 -8.06 -17.60
CA ILE A 113 -10.04 -7.02 -16.59
C ILE A 113 -10.93 -5.81 -16.83
N LYS A 114 -11.24 -5.52 -18.09
CA LYS A 114 -12.08 -4.38 -18.42
C LYS A 114 -13.52 -4.60 -17.95
N LYS A 115 -13.88 -5.86 -17.72
CA LYS A 115 -15.20 -6.16 -17.16
C LYS A 115 -15.23 -5.80 -15.69
N ILE A 116 -14.08 -5.92 -15.03
CA ILE A 116 -13.97 -5.53 -13.62
C ILE A 116 -14.22 -4.03 -13.52
N GLN A 117 -13.71 -3.31 -14.52
CA GLN A 117 -13.82 -1.86 -14.59
C GLN A 117 -15.29 -1.44 -14.72
N ASN A 118 -16.08 -2.27 -15.38
CA ASN A 118 -17.49 -1.99 -15.60
C ASN A 118 -18.34 -2.48 -14.43
N ASP A 119 -18.03 -3.67 -13.95
CA ASP A 119 -18.86 -4.34 -12.95
C ASP A 119 -18.61 -3.75 -11.55
N ALA A 120 -17.36 -3.61 -11.18
CA ALA A 120 -17.02 -3.06 -9.88
C ALA A 120 -16.88 -1.54 -9.95
N GLY A 121 -16.77 -1.04 -11.17
CA GLY A 121 -16.66 0.40 -11.37
C GLY A 121 -15.31 0.93 -10.99
N VAL A 122 -14.26 0.35 -11.55
CA VAL A 122 -12.90 0.68 -11.15
C VAL A 122 -11.99 0.91 -12.35
N ARG A 123 -10.78 1.39 -12.06
CA ARG A 123 -9.74 1.55 -13.07
C ARG A 123 -8.43 0.97 -12.51
N ILE A 124 -7.54 0.52 -13.38
CA ILE A 124 -6.36 -0.20 -12.94
C ILE A 124 -5.07 0.57 -13.24
N GLN A 125 -4.14 0.53 -12.29
CA GLN A 125 -2.81 1.14 -12.45
C GLN A 125 -1.76 0.26 -11.75
N PHE A 126 -1.03 -0.53 -12.52
CA PHE A 126 0.00 -1.37 -11.93
C PHE A 126 1.20 -0.54 -11.49
N LYS A 127 1.45 -0.53 -10.19
CA LYS A 127 2.54 0.27 -9.63
C LYS A 127 3.29 -0.50 -8.54
N GLN A 128 4.61 -0.53 -8.66
CA GLN A 128 5.49 -1.07 -7.61
C GLN A 128 5.25 -2.56 -7.33
N ASP A 129 5.89 -3.05 -6.28
CA ASP A 129 5.77 -4.43 -5.84
C ASP A 129 5.90 -4.50 -4.33
N ASP A 130 5.59 -5.65 -3.75
CA ASP A 130 5.51 -5.79 -2.29
C ASP A 130 6.87 -6.10 -1.68
N GLY A 131 7.85 -6.41 -2.52
CA GLY A 131 9.21 -6.62 -2.06
C GLY A 131 9.46 -7.98 -1.47
N THR A 132 8.56 -8.45 -0.60
CA THR A 132 8.74 -9.74 0.05
C THR A 132 8.24 -10.86 -0.85
N GLY A 133 7.73 -10.48 -2.01
CA GLY A 133 7.30 -11.42 -3.00
C GLY A 133 7.32 -10.82 -4.39
N PRO A 134 6.98 -11.60 -5.42
CA PRO A 134 6.91 -11.15 -6.79
C PRO A 134 5.49 -10.70 -7.18
N GLU A 135 4.76 -10.20 -6.19
CA GLU A 135 3.39 -9.75 -6.42
C GLU A 135 3.37 -8.34 -7.01
N LYS A 136 2.32 -8.06 -7.76
CA LYS A 136 2.20 -6.78 -8.45
C LYS A 136 1.10 -5.94 -7.83
N ILE A 137 1.49 -4.82 -7.25
CA ILE A 137 0.53 -3.90 -6.65
C ILE A 137 -0.30 -3.22 -7.73
N ALA A 138 -1.55 -3.64 -7.85
CA ALA A 138 -2.46 -3.06 -8.82
C ALA A 138 -3.30 -1.96 -8.17
N HIS A 139 -3.31 -0.79 -8.76
CA HIS A 139 -4.19 0.27 -8.30
C HIS A 139 -5.60 0.02 -8.79
N ILE A 140 -6.51 -0.18 -7.84
CA ILE A 140 -7.92 -0.22 -8.14
C ILE A 140 -8.53 1.15 -7.86
N MET A 141 -8.84 1.87 -8.91
CA MET A 141 -9.36 3.24 -8.77
C MET A 141 -10.85 3.24 -8.56
N GLY A 142 -11.29 3.90 -7.50
CA GLY A 142 -12.71 4.04 -7.25
C GLY A 142 -12.98 4.29 -5.80
N PRO A 143 -14.15 4.88 -5.49
CA PRO A 143 -14.60 5.05 -4.10
C PRO A 143 -14.56 3.74 -3.32
N PRO A 144 -14.33 3.81 -2.00
CA PRO A 144 -14.16 2.62 -1.14
C PRO A 144 -15.09 1.45 -1.47
N ASP A 145 -16.37 1.75 -1.70
CA ASP A 145 -17.36 0.74 -2.06
C ASP A 145 -16.96 -0.01 -3.33
N ARG A 146 -16.45 0.75 -4.29
CA ARG A 146 -16.11 0.22 -5.61
C ARG A 146 -14.78 -0.52 -5.55
N CYS A 147 -13.77 0.15 -5.00
CA CYS A 147 -12.41 -0.38 -4.95
C CYS A 147 -12.33 -1.70 -4.18
N GLU A 148 -12.85 -1.69 -2.96
CA GLU A 148 -12.79 -2.85 -2.09
C GLU A 148 -13.60 -4.02 -2.67
N HIS A 149 -14.65 -3.71 -3.41
CA HIS A 149 -15.47 -4.72 -4.06
C HIS A 149 -14.71 -5.37 -5.22
N ALA A 150 -13.76 -4.63 -5.76
CA ALA A 150 -13.00 -5.08 -6.92
C ALA A 150 -11.91 -6.06 -6.51
N ALA A 151 -11.22 -5.75 -5.42
CA ALA A 151 -10.16 -6.63 -4.92
C ALA A 151 -10.69 -8.00 -4.59
N ARG A 152 -11.95 -8.05 -4.20
CA ARG A 152 -12.58 -9.30 -3.79
C ARG A 152 -12.95 -10.15 -5.01
N ILE A 153 -13.05 -9.51 -6.16
CA ILE A 153 -13.29 -10.23 -7.40
C ILE A 153 -11.97 -10.83 -7.91
N ILE A 154 -10.92 -10.01 -7.87
CA ILE A 154 -9.60 -10.45 -8.27
C ILE A 154 -9.10 -11.55 -7.33
N ASN A 155 -9.29 -11.31 -6.04
CA ASN A 155 -8.88 -12.25 -4.99
C ASN A 155 -9.48 -13.63 -5.21
N ASP A 156 -10.72 -13.66 -5.67
CA ASP A 156 -11.40 -14.93 -5.98
C ASP A 156 -10.61 -15.70 -7.03
N LEU A 157 -10.15 -14.99 -8.05
CA LEU A 157 -9.38 -15.58 -9.13
C LEU A 157 -8.06 -16.14 -8.60
N LEU A 158 -7.45 -15.41 -7.68
CA LEU A 158 -6.18 -15.82 -7.08
C LEU A 158 -6.35 -17.13 -6.33
N GLN A 159 -7.47 -17.23 -5.62
CA GLN A 159 -7.79 -18.42 -4.85
C GLN A 159 -8.08 -19.61 -5.77
N SER A 160 -8.58 -19.31 -6.95
CA SER A 160 -8.90 -20.34 -7.92
C SER A 160 -7.63 -20.92 -8.53
N LEU A 161 -6.61 -20.08 -8.66
CA LEU A 161 -5.34 -20.51 -9.24
C LEU A 161 -4.37 -20.98 -8.17
N ARG A 162 -4.89 -21.32 -7.01
CA ARG A 162 -4.06 -21.90 -5.95
C ARG A 162 -3.84 -23.38 -6.23
N SER A 163 -3.08 -23.65 -7.28
CA SER A 163 -2.75 -25.02 -7.66
C SER A 163 -1.79 -25.63 -6.64
N GLY A 164 -2.37 -26.33 -5.68
CA GLY A 164 -1.62 -26.89 -4.58
C GLY A 164 -1.76 -26.06 -3.33
N GLY A 1 14.79 17.30 -3.82
CA GLY A 1 14.49 16.47 -2.63
C GLY A 1 13.20 16.89 -1.95
N THR A 2 12.60 15.98 -1.21
CA THR A 2 11.37 16.24 -0.48
C THR A 2 11.27 15.35 0.74
N VAL A 3 11.68 15.87 1.89
CA VAL A 3 11.64 15.10 3.13
C VAL A 3 10.81 15.82 4.18
N GLN A 4 9.72 15.18 4.59
CA GLN A 4 8.90 15.69 5.68
C GLN A 4 9.09 14.81 6.91
N GLU A 5 8.70 15.30 8.08
CA GLU A 5 8.94 14.59 9.33
C GLU A 5 7.66 14.44 10.14
N ILE A 6 7.28 13.20 10.39
CA ILE A 6 6.14 12.89 11.24
C ILE A 6 6.63 12.25 12.53
N MET A 7 6.03 12.59 13.65
CA MET A 7 6.43 12.03 14.93
C MET A 7 5.65 10.76 15.23
N ILE A 8 6.38 9.67 15.42
CA ILE A 8 5.78 8.38 15.72
C ILE A 8 5.75 8.13 17.23
N PRO A 9 4.55 8.14 17.81
CA PRO A 9 4.32 7.77 19.22
C PRO A 9 4.62 6.29 19.46
N ALA A 10 5.11 5.97 20.66
CA ALA A 10 5.24 4.57 21.06
C ALA A 10 3.85 3.96 21.14
N GLY A 11 3.68 2.82 20.53
CA GLY A 11 2.36 2.26 20.35
C GLY A 11 1.96 2.36 18.90
N LYS A 12 2.32 3.48 18.29
CA LYS A 12 2.15 3.67 16.86
C LYS A 12 3.33 3.08 16.11
N ALA A 13 4.48 3.10 16.75
CA ALA A 13 5.69 2.50 16.18
C ALA A 13 5.42 1.09 15.70
N GLY A 14 4.73 0.31 16.52
CA GLY A 14 4.39 -1.06 16.16
C GLY A 14 3.60 -1.17 14.88
N LEU A 15 2.66 -0.26 14.67
CA LEU A 15 1.84 -0.30 13.47
C LEU A 15 2.54 0.40 12.30
N VAL A 16 3.26 1.48 12.60
CA VAL A 16 4.00 2.22 11.58
C VAL A 16 5.14 1.38 10.99
N ILE A 17 5.87 0.67 11.84
CA ILE A 17 6.98 -0.12 11.33
C ILE A 17 6.53 -1.56 11.03
N GLY A 18 5.50 -2.01 11.73
CA GLY A 18 5.01 -3.37 11.53
C GLY A 18 5.52 -4.29 12.62
N LYS A 19 6.30 -3.72 13.55
CA LYS A 19 6.88 -4.43 14.68
C LYS A 19 8.04 -5.33 14.26
N GLY A 20 7.94 -5.92 13.07
CA GLY A 20 9.05 -6.68 12.52
C GLY A 20 9.53 -6.07 11.22
N GLY A 21 8.93 -4.96 10.81
CA GLY A 21 9.32 -4.32 9.58
C GLY A 21 8.30 -4.52 8.46
N GLU A 22 7.26 -5.30 8.75
CA GLU A 22 6.22 -5.61 7.78
C GLU A 22 5.59 -4.37 7.18
N THR A 23 5.27 -3.40 8.02
CA THR A 23 4.61 -2.19 7.56
C THR A 23 5.57 -1.27 6.80
N ILE A 24 6.76 -1.04 7.36
CA ILE A 24 7.73 -0.14 6.73
C ILE A 24 8.14 -0.70 5.37
N LYS A 25 8.05 -2.02 5.24
CA LYS A 25 8.29 -2.70 3.97
C LYS A 25 7.37 -2.14 2.89
N GLN A 26 6.09 -1.95 3.24
CA GLN A 26 5.10 -1.47 2.30
C GLN A 26 5.12 0.05 2.24
N LEU A 27 5.65 0.69 3.25
CA LEU A 27 5.78 2.13 3.24
C LEU A 27 6.98 2.54 2.41
N GLN A 28 7.92 1.62 2.29
CA GLN A 28 9.06 1.81 1.42
C GLN A 28 8.74 1.38 0.00
N GLU A 29 7.99 0.28 -0.15
CA GLU A 29 7.63 -0.21 -1.48
C GLU A 29 6.37 0.45 -2.02
N ARG A 30 5.24 0.24 -1.35
CA ARG A 30 3.94 0.72 -1.85
C ARG A 30 3.90 2.25 -1.85
N ALA A 31 4.57 2.86 -0.88
CA ALA A 31 4.68 4.31 -0.87
C ALA A 31 5.89 4.78 -1.68
N GLY A 32 6.73 3.83 -2.07
CA GLY A 32 7.86 4.12 -2.94
C GLY A 32 8.82 5.15 -2.36
N VAL A 33 8.81 5.28 -1.04
CA VAL A 33 9.65 6.26 -0.36
C VAL A 33 10.45 5.57 0.72
N LYS A 34 11.64 6.09 0.99
CA LYS A 34 12.42 5.56 2.09
C LYS A 34 12.06 6.34 3.33
N MET A 35 11.37 5.68 4.24
CA MET A 35 11.01 6.30 5.49
C MET A 35 11.99 5.84 6.55
N ILE A 36 12.72 6.80 7.10
CA ILE A 36 13.79 6.48 8.03
C ILE A 36 13.44 6.95 9.42
N LEU A 37 13.09 5.98 10.24
CA LEU A 37 12.68 6.20 11.62
C LEU A 37 13.39 5.20 12.51
N ILE A 38 13.80 5.63 13.71
CA ILE A 38 14.56 4.77 14.59
C ILE A 38 13.69 3.63 15.12
N GLN A 39 13.85 2.46 14.52
CA GLN A 39 13.08 1.30 14.92
C GLN A 39 13.89 0.46 15.88
N ASP A 40 15.07 0.07 15.44
CA ASP A 40 15.96 -0.76 16.25
C ASP A 40 17.29 -0.05 16.46
N GLY A 41 17.42 0.63 17.59
CA GLY A 41 18.64 1.35 17.89
C GLY A 41 18.60 1.99 19.26
N SER A 42 19.77 2.28 19.81
CA SER A 42 19.86 2.87 21.13
C SER A 42 19.83 4.40 21.03
N GLN A 43 18.62 4.95 20.99
CA GLN A 43 18.45 6.39 20.92
C GLN A 43 17.01 6.76 21.27
N ASN A 44 16.12 6.60 20.32
CA ASN A 44 14.70 6.83 20.53
C ASN A 44 13.94 5.53 20.30
N THR A 45 14.18 4.56 21.16
CA THR A 45 13.61 3.25 20.98
C THR A 45 12.20 3.16 21.54
N ASN A 46 12.06 3.47 22.82
CA ASN A 46 10.74 3.53 23.44
C ASN A 46 10.23 4.96 23.38
N VAL A 47 11.11 5.82 22.91
CA VAL A 47 10.86 7.25 22.77
C VAL A 47 10.19 7.53 21.42
N ASP A 48 9.51 8.67 21.32
CA ASP A 48 8.91 9.10 20.06
C ASP A 48 9.98 9.27 18.99
N LYS A 49 9.60 9.02 17.74
CA LYS A 49 10.57 8.86 16.67
C LYS A 49 10.23 9.76 15.50
N PRO A 50 11.24 10.44 14.95
CA PRO A 50 11.07 11.31 13.80
C PRO A 50 11.10 10.54 12.48
N LEU A 51 10.02 10.65 11.73
CA LEU A 51 9.86 9.93 10.48
C LEU A 51 10.22 10.81 9.30
N ARG A 52 11.31 10.49 8.63
CA ARG A 52 11.68 11.21 7.43
C ARG A 52 11.23 10.46 6.18
N ILE A 53 10.33 11.07 5.44
CA ILE A 53 9.85 10.49 4.19
C ILE A 53 10.70 11.01 3.03
N ILE A 54 11.48 10.12 2.44
CA ILE A 54 12.35 10.50 1.34
C ILE A 54 11.82 9.97 0.02
N GLY A 55 11.53 10.87 -0.92
CA GLY A 55 11.01 10.46 -2.21
C GLY A 55 10.59 11.65 -3.06
N ASP A 56 9.95 11.37 -4.19
CA ASP A 56 9.46 12.40 -5.09
C ASP A 56 8.36 13.23 -4.43
N PRO A 57 8.35 14.55 -4.68
CA PRO A 57 7.45 15.51 -4.03
C PRO A 57 6.00 15.02 -3.92
N TYR A 58 5.41 14.63 -5.04
CA TYR A 58 4.00 14.26 -5.08
C TYR A 58 3.70 13.07 -4.17
N LYS A 59 4.59 12.08 -4.19
CA LYS A 59 4.32 10.83 -3.47
C LYS A 59 4.57 11.01 -1.98
N VAL A 60 5.44 11.95 -1.64
CA VAL A 60 5.68 12.28 -0.25
C VAL A 60 4.43 12.87 0.38
N GLN A 61 3.64 13.58 -0.43
CA GLN A 61 2.44 14.23 0.06
C GLN A 61 1.37 13.20 0.36
N GLN A 62 1.07 12.36 -0.63
CA GLN A 62 0.04 11.34 -0.48
C GLN A 62 0.41 10.37 0.64
N ALA A 63 1.70 10.05 0.74
CA ALA A 63 2.17 9.15 1.78
C ALA A 63 2.15 9.84 3.13
N CYS A 64 2.51 11.12 3.16
CA CYS A 64 2.47 11.90 4.40
C CYS A 64 1.06 11.89 4.98
N GLU A 65 0.08 11.91 4.09
CA GLU A 65 -1.31 11.87 4.50
C GLU A 65 -1.66 10.50 5.07
N MET A 66 -1.16 9.44 4.46
CA MET A 66 -1.50 8.08 4.90
C MET A 66 -0.71 7.70 6.14
N VAL A 67 0.54 8.15 6.26
CA VAL A 67 1.34 7.83 7.44
C VAL A 67 0.78 8.52 8.67
N MET A 68 0.10 9.64 8.45
CA MET A 68 -0.59 10.33 9.54
C MET A 68 -1.93 9.66 9.81
N ASP A 69 -2.42 8.94 8.80
CA ASP A 69 -3.75 8.34 8.87
C ASP A 69 -3.72 6.98 9.56
N ILE A 70 -2.90 6.04 9.07
CA ILE A 70 -2.87 4.71 9.66
C ILE A 70 -2.25 4.75 11.06
N LEU A 71 -1.51 5.82 11.32
CA LEU A 71 -0.93 6.08 12.63
C LEU A 71 -1.92 6.82 13.54
N ARG A 72 -2.97 7.39 12.95
CA ARG A 72 -3.92 8.23 13.69
C ARG A 72 -4.77 7.39 14.65
N GLU A 73 -4.63 6.08 14.54
CA GLU A 73 -5.49 5.15 15.27
C GLU A 73 -5.37 5.34 16.80
N ARG A 74 -4.50 4.55 17.42
CA ARG A 74 -4.29 4.54 18.87
C ARG A 74 -3.64 3.22 19.26
N ASP A 75 -4.37 2.15 18.95
CA ASP A 75 -3.91 0.79 19.21
C ASP A 75 -3.07 0.31 18.04
N GLN A 76 -2.09 -0.53 18.32
CA GLN A 76 -1.22 -1.10 17.29
C GLN A 76 -2.05 -1.79 16.22
N GLY A 77 -2.24 -1.09 15.11
CA GLY A 77 -3.02 -1.60 14.00
C GLY A 77 -3.16 -0.57 12.91
N GLY A 78 -4.06 0.39 13.11
CA GLY A 78 -4.32 1.38 12.08
C GLY A 78 -4.79 0.73 10.81
N PHE A 79 -4.02 0.89 9.75
CA PHE A 79 -4.23 0.18 8.51
C PHE A 79 -2.92 -0.50 8.12
N GLY A 80 -1.88 0.32 8.03
CA GLY A 80 -0.54 -0.19 7.86
C GLY A 80 0.15 0.63 6.81
N ASP A 81 -0.13 0.30 5.59
CA ASP A 81 0.29 1.10 4.45
C ASP A 81 -0.90 1.90 3.95
N ARG A 82 -1.98 1.73 4.67
CA ARG A 82 -3.28 2.31 4.37
C ARG A 82 -4.08 1.43 3.43
N ASN A 83 -3.42 0.69 2.53
CA ASN A 83 -4.10 -0.19 1.59
C ASN A 83 -5.19 0.59 0.86
N GLU A 84 -4.76 1.47 -0.02
CA GLU A 84 -5.64 2.42 -0.67
C GLU A 84 -4.88 3.24 -1.71
N TYR A 85 -3.62 3.57 -1.39
CA TYR A 85 -2.76 4.27 -2.36
C TYR A 85 -1.32 4.40 -1.90
N GLY A 86 -1.11 4.63 -0.61
CA GLY A 86 0.23 4.88 -0.12
C GLY A 86 0.74 6.24 -0.53
N SER A 87 1.43 6.30 -1.67
CA SER A 87 2.00 7.54 -2.18
C SER A 87 1.38 7.92 -3.51
N ARG A 88 0.65 6.99 -4.07
CA ARG A 88 0.17 7.10 -5.44
C ARG A 88 -1.33 7.22 -5.44
N ILE A 89 -1.95 7.00 -6.60
CA ILE A 89 -3.40 6.85 -6.70
C ILE A 89 -4.15 8.10 -6.23
N GLY A 90 -4.37 8.22 -4.92
CA GLY A 90 -5.15 9.32 -4.38
C GLY A 90 -6.61 9.22 -4.80
N GLY A 91 -7.17 8.02 -4.70
CA GLY A 91 -8.54 7.78 -5.11
C GLY A 91 -8.76 6.35 -5.57
N GLY A 92 -9.13 5.48 -4.64
CA GLY A 92 -9.31 4.09 -4.95
C GLY A 92 -8.55 3.24 -3.95
N ILE A 93 -8.09 2.08 -4.37
CA ILE A 93 -7.27 1.24 -3.50
C ILE A 93 -6.08 0.67 -4.27
N ASP A 94 -5.14 0.11 -3.52
CA ASP A 94 -4.03 -0.61 -4.09
C ASP A 94 -4.23 -2.11 -3.89
N VAL A 95 -3.85 -2.89 -4.90
CA VAL A 95 -4.01 -4.33 -4.83
C VAL A 95 -2.77 -5.05 -5.37
N PRO A 96 -1.92 -5.57 -4.46
CA PRO A 96 -0.77 -6.40 -4.83
C PRO A 96 -1.20 -7.74 -5.44
N VAL A 97 -1.02 -7.89 -6.74
CA VAL A 97 -1.42 -9.10 -7.43
C VAL A 97 -0.21 -9.96 -7.79
N PRO A 98 -0.28 -11.27 -7.47
CA PRO A 98 0.77 -12.23 -7.79
C PRO A 98 1.28 -12.10 -9.23
N ARG A 99 2.59 -11.96 -9.37
CA ARG A 99 3.23 -11.81 -10.67
C ARG A 99 3.01 -13.03 -11.56
N HIS A 100 2.69 -14.16 -10.95
CA HIS A 100 2.47 -15.40 -11.69
C HIS A 100 0.99 -15.56 -12.05
N SER A 101 0.20 -14.53 -11.81
CA SER A 101 -1.24 -14.61 -12.00
C SER A 101 -1.82 -13.32 -12.57
N VAL A 102 -0.97 -12.33 -12.83
CA VAL A 102 -1.45 -11.05 -13.31
C VAL A 102 -2.02 -11.19 -14.72
N GLY A 103 -1.45 -12.10 -15.51
CA GLY A 103 -1.95 -12.34 -16.84
C GLY A 103 -3.35 -12.93 -16.82
N VAL A 104 -3.64 -13.68 -15.76
CA VAL A 104 -4.96 -14.27 -15.57
C VAL A 104 -5.96 -13.19 -15.19
N VAL A 105 -5.52 -12.27 -14.34
CA VAL A 105 -6.34 -11.13 -13.92
C VAL A 105 -6.66 -10.23 -15.11
N ILE A 106 -5.64 -10.02 -15.95
CA ILE A 106 -5.81 -9.25 -17.17
C ILE A 106 -6.72 -9.99 -18.16
N GLY A 107 -6.44 -11.26 -18.38
CA GLY A 107 -7.24 -12.04 -19.30
C GLY A 107 -6.88 -11.79 -20.74
N ARG A 108 -5.69 -12.25 -21.11
CA ARG A 108 -5.20 -12.19 -22.48
C ARG A 108 -5.15 -10.75 -23.02
N SER A 109 -6.25 -10.29 -23.61
CA SER A 109 -6.29 -8.97 -24.24
C SER A 109 -6.92 -7.94 -23.29
N GLY A 110 -6.96 -8.26 -22.01
CA GLY A 110 -7.53 -7.35 -21.05
C GLY A 110 -9.02 -7.55 -20.88
N GLU A 111 -9.48 -8.74 -21.24
CA GLU A 111 -10.90 -9.06 -21.20
C GLU A 111 -11.39 -9.22 -19.76
N MET A 112 -10.59 -9.91 -18.97
CA MET A 112 -10.97 -10.20 -17.58
C MET A 112 -10.81 -8.94 -16.73
N ILE A 113 -9.74 -8.19 -16.97
CA ILE A 113 -9.45 -6.99 -16.19
C ILE A 113 -10.51 -5.92 -16.44
N LYS A 114 -11.05 -5.87 -17.66
CA LYS A 114 -12.10 -4.92 -17.98
C LYS A 114 -13.46 -5.41 -17.49
N LYS A 115 -13.58 -6.71 -17.30
CA LYS A 115 -14.81 -7.26 -16.73
C LYS A 115 -14.96 -6.81 -15.29
N ILE A 116 -13.84 -6.73 -14.58
CA ILE A 116 -13.83 -6.20 -13.22
C ILE A 116 -14.25 -4.73 -13.24
N GLN A 117 -13.74 -4.02 -14.25
CA GLN A 117 -14.06 -2.61 -14.42
C GLN A 117 -15.55 -2.40 -14.71
N ASN A 118 -16.16 -3.38 -15.38
CA ASN A 118 -17.56 -3.29 -15.73
C ASN A 118 -18.44 -3.78 -14.58
N ASP A 119 -18.01 -4.84 -13.92
CA ASP A 119 -18.82 -5.51 -12.92
C ASP A 119 -18.78 -4.75 -11.59
N ALA A 120 -17.61 -4.28 -11.20
CA ALA A 120 -17.45 -3.57 -9.95
C ALA A 120 -17.45 -2.05 -10.16
N GLY A 121 -17.65 -1.65 -11.41
CA GLY A 121 -17.70 -0.23 -11.73
C GLY A 121 -16.40 0.49 -11.42
N VAL A 122 -15.30 -0.22 -11.56
CA VAL A 122 -13.99 0.31 -11.20
C VAL A 122 -13.15 0.57 -12.44
N ARG A 123 -12.01 1.21 -12.23
CA ARG A 123 -11.02 1.40 -13.27
C ARG A 123 -9.68 0.83 -12.79
N ILE A 124 -8.84 0.39 -13.70
CA ILE A 124 -7.59 -0.25 -13.31
C ILE A 124 -6.36 0.55 -13.79
N GLN A 125 -5.41 0.73 -12.88
CA GLN A 125 -4.18 1.45 -13.17
C GLN A 125 -2.98 0.74 -12.52
N PHE A 126 -2.24 -0.03 -13.29
CA PHE A 126 -1.03 -0.66 -12.78
C PHE A 126 0.08 0.38 -12.64
N LYS A 127 0.84 0.28 -11.57
CA LYS A 127 1.87 1.27 -11.28
C LYS A 127 3.00 0.66 -10.45
N GLN A 128 4.25 1.02 -10.79
CA GLN A 128 5.43 0.57 -10.05
C GLN A 128 5.43 -0.96 -9.87
N ASP A 129 6.27 -1.43 -8.96
CA ASP A 129 6.27 -2.82 -8.49
C ASP A 129 6.17 -3.81 -9.65
N ASP A 130 6.88 -3.51 -10.72
CA ASP A 130 6.79 -4.32 -11.93
C ASP A 130 7.99 -5.24 -12.05
N GLY A 131 7.95 -6.34 -11.33
CA GLY A 131 9.02 -7.32 -11.38
C GLY A 131 9.87 -7.29 -10.12
N THR A 132 9.72 -6.23 -9.35
CA THR A 132 10.48 -6.05 -8.12
C THR A 132 10.14 -7.14 -7.11
N GLY A 133 8.90 -7.12 -6.62
CA GLY A 133 8.48 -8.09 -5.64
C GLY A 133 7.68 -9.22 -6.27
N PRO A 134 7.13 -10.11 -5.44
CA PRO A 134 6.33 -11.24 -5.91
C PRO A 134 4.93 -10.82 -6.35
N GLU A 135 4.48 -9.67 -5.86
CA GLU A 135 3.18 -9.15 -6.20
C GLU A 135 3.28 -7.76 -6.83
N LYS A 136 2.24 -7.38 -7.55
CA LYS A 136 2.21 -6.13 -8.30
C LYS A 136 1.06 -5.26 -7.84
N ILE A 137 1.38 -4.09 -7.30
CA ILE A 137 0.38 -3.18 -6.78
C ILE A 137 -0.44 -2.52 -7.90
N ALA A 138 -1.66 -3.01 -8.09
CA ALA A 138 -2.58 -2.43 -9.07
C ALA A 138 -3.44 -1.36 -8.42
N HIS A 139 -3.74 -0.28 -9.15
CA HIS A 139 -4.63 0.76 -8.66
C HIS A 139 -6.06 0.46 -9.09
N ILE A 140 -6.91 0.23 -8.10
CA ILE A 140 -8.33 0.09 -8.34
C ILE A 140 -9.00 1.44 -8.13
N MET A 141 -9.53 1.99 -9.20
CA MET A 141 -10.15 3.31 -9.18
C MET A 141 -11.66 3.19 -9.06
N GLY A 142 -12.25 3.96 -8.17
CA GLY A 142 -13.69 3.96 -8.02
C GLY A 142 -14.11 4.34 -6.62
N PRO A 143 -15.42 4.28 -6.34
CA PRO A 143 -15.95 4.59 -5.00
C PRO A 143 -15.50 3.57 -3.97
N PRO A 144 -15.28 4.00 -2.71
CA PRO A 144 -14.72 3.15 -1.64
C PRO A 144 -15.35 1.76 -1.57
N ASP A 145 -16.68 1.70 -1.58
CA ASP A 145 -17.39 0.42 -1.52
C ASP A 145 -17.00 -0.48 -2.69
N ARG A 146 -16.83 0.12 -3.86
CA ARG A 146 -16.56 -0.63 -5.07
C ARG A 146 -15.08 -0.96 -5.23
N CYS A 147 -14.20 -0.02 -4.85
CA CYS A 147 -12.76 -0.27 -4.92
C CYS A 147 -12.42 -1.51 -4.09
N GLU A 148 -12.93 -1.57 -2.87
CA GLU A 148 -12.68 -2.72 -2.01
C GLU A 148 -13.40 -3.96 -2.54
N HIS A 149 -14.57 -3.74 -3.16
CA HIS A 149 -15.35 -4.84 -3.76
C HIS A 149 -14.59 -5.48 -4.92
N ALA A 150 -13.73 -4.71 -5.58
CA ALA A 150 -13.02 -5.19 -6.75
C ALA A 150 -11.87 -6.11 -6.34
N ALA A 151 -11.32 -5.85 -5.16
CA ALA A 151 -10.24 -6.68 -4.63
C ALA A 151 -10.74 -8.09 -4.33
N ARG A 152 -12.03 -8.21 -4.07
CA ARG A 152 -12.62 -9.51 -3.74
C ARG A 152 -12.83 -10.33 -5.00
N ILE A 153 -12.86 -9.67 -6.14
CA ILE A 153 -12.98 -10.35 -7.41
C ILE A 153 -11.61 -10.89 -7.84
N ILE A 154 -10.58 -10.09 -7.59
CA ILE A 154 -9.20 -10.47 -7.93
C ILE A 154 -8.71 -11.58 -7.00
N ASN A 155 -8.85 -11.36 -5.70
CA ASN A 155 -8.41 -12.33 -4.69
C ASN A 155 -9.09 -13.69 -4.87
N ASP A 156 -10.32 -13.68 -5.35
CA ASP A 156 -11.05 -14.93 -5.61
C ASP A 156 -10.31 -15.76 -6.65
N LEU A 157 -9.66 -15.09 -7.57
CA LEU A 157 -8.83 -15.75 -8.56
C LEU A 157 -7.50 -16.14 -7.94
N LEU A 158 -6.92 -15.20 -7.19
CA LEU A 158 -5.58 -15.37 -6.63
C LEU A 158 -5.52 -16.51 -5.62
N GLN A 159 -6.65 -16.82 -4.99
CA GLN A 159 -6.70 -17.91 -4.04
C GLN A 159 -6.67 -19.27 -4.77
N SER A 160 -6.93 -19.24 -6.07
CA SER A 160 -6.94 -20.45 -6.87
C SER A 160 -5.51 -20.88 -7.22
N LEU A 161 -4.78 -20.01 -7.92
CA LEU A 161 -3.42 -20.30 -8.39
C LEU A 161 -2.38 -20.26 -7.26
N ARG A 162 -2.81 -20.42 -6.03
CA ARG A 162 -1.88 -20.62 -4.91
C ARG A 162 -1.77 -22.12 -4.61
N SER A 163 -1.73 -22.92 -5.67
CA SER A 163 -1.73 -24.37 -5.55
C SER A 163 -0.45 -24.90 -4.90
N GLY A 164 -0.61 -25.79 -3.93
CA GLY A 164 0.53 -26.39 -3.27
C GLY A 164 0.64 -27.88 -3.54
N GLY A 1 15.66 18.48 0.12
CA GLY A 1 14.65 17.62 -0.53
C GLY A 1 13.26 17.86 0.01
N THR A 2 12.28 17.14 -0.50
CA THR A 2 10.91 17.26 -0.05
C THR A 2 10.64 16.23 1.06
N VAL A 3 10.89 16.63 2.30
CA VAL A 3 10.70 15.75 3.45
C VAL A 3 9.79 16.38 4.48
N GLN A 4 9.00 15.55 5.13
CA GLN A 4 8.17 15.96 6.25
C GLN A 4 8.38 15.02 7.42
N GLU A 5 8.21 15.51 8.63
CA GLU A 5 8.45 14.70 9.82
C GLU A 5 7.15 14.41 10.56
N ILE A 6 6.86 13.12 10.71
CA ILE A 6 5.72 12.70 11.50
C ILE A 6 6.21 12.13 12.83
N MET A 7 5.50 12.41 13.90
CA MET A 7 5.89 11.98 15.23
C MET A 7 5.34 10.59 15.51
N ILE A 8 6.23 9.60 15.58
CA ILE A 8 5.81 8.22 15.82
C ILE A 8 6.00 7.85 17.29
N PRO A 9 4.88 7.65 18.00
CA PRO A 9 4.87 7.22 19.41
C PRO A 9 5.50 5.84 19.62
N ALA A 10 6.06 5.60 20.80
CA ALA A 10 6.51 4.28 21.16
C ALA A 10 5.29 3.39 21.37
N GLY A 11 5.33 2.19 20.80
CA GLY A 11 4.15 1.37 20.73
C GLY A 11 3.56 1.46 19.34
N LYS A 12 3.39 2.69 18.86
CA LYS A 12 3.04 2.93 17.47
C LYS A 12 4.20 2.57 16.58
N ALA A 13 5.41 2.77 17.08
CA ALA A 13 6.61 2.41 16.36
C ALA A 13 6.52 0.97 15.87
N GLY A 14 5.90 0.12 16.67
CA GLY A 14 5.73 -1.27 16.29
C GLY A 14 4.86 -1.43 15.06
N LEU A 15 3.82 -0.62 14.95
CA LEU A 15 2.92 -0.70 13.82
C LEU A 15 3.40 0.17 12.65
N VAL A 16 4.23 1.17 12.96
CA VAL A 16 4.83 2.00 11.93
C VAL A 16 6.07 1.36 11.30
N ILE A 17 6.93 0.73 12.10
CA ILE A 17 8.12 0.08 11.55
C ILE A 17 7.84 -1.39 11.23
N GLY A 18 6.84 -1.95 11.88
CA GLY A 18 6.49 -3.33 11.65
C GLY A 18 7.18 -4.27 12.63
N LYS A 19 7.70 -3.70 13.72
CA LYS A 19 8.43 -4.46 14.74
C LYS A 19 9.50 -5.35 14.10
N GLY A 20 10.31 -4.76 13.24
CA GLY A 20 11.32 -5.52 12.53
C GLY A 20 11.57 -4.98 11.15
N GLY A 21 10.56 -4.38 10.55
CA GLY A 21 10.71 -3.81 9.22
C GLY A 21 9.48 -4.03 8.35
N GLU A 22 8.58 -4.91 8.79
CA GLU A 22 7.37 -5.26 8.04
C GLU A 22 6.67 -4.03 7.44
N THR A 23 6.34 -3.07 8.27
CA THR A 23 5.59 -1.91 7.82
C THR A 23 6.47 -0.95 7.02
N ILE A 24 7.74 -0.83 7.39
CA ILE A 24 8.63 0.10 6.71
C ILE A 24 8.90 -0.37 5.28
N LYS A 25 8.81 -1.68 5.05
CA LYS A 25 8.92 -2.26 3.72
C LYS A 25 7.91 -1.60 2.80
N GLN A 26 6.67 -1.60 3.23
CA GLN A 26 5.57 -1.17 2.41
C GLN A 26 5.45 0.34 2.40
N LEU A 27 5.81 0.99 3.48
CA LEU A 27 5.83 2.45 3.52
C LEU A 27 6.92 2.98 2.59
N GLN A 28 7.92 2.16 2.31
CA GLN A 28 8.94 2.51 1.34
C GLN A 28 8.48 2.16 -0.09
N GLU A 29 7.95 0.95 -0.26
CA GLU A 29 7.58 0.48 -1.59
C GLU A 29 6.17 0.91 -1.99
N ARG A 30 5.18 0.55 -1.17
CA ARG A 30 3.78 0.87 -1.45
C ARG A 30 3.60 2.37 -1.60
N ALA A 31 4.26 3.12 -0.73
CA ALA A 31 4.19 4.57 -0.75
C ALA A 31 5.24 5.16 -1.68
N GLY A 32 6.10 4.31 -2.22
CA GLY A 32 7.07 4.72 -3.20
C GLY A 32 8.00 5.83 -2.72
N VAL A 33 8.15 5.95 -1.42
CA VAL A 33 8.99 6.98 -0.84
C VAL A 33 9.91 6.39 0.21
N LYS A 34 11.04 7.03 0.43
CA LYS A 34 11.97 6.56 1.44
C LYS A 34 11.67 7.23 2.76
N MET A 35 11.16 6.44 3.70
CA MET A 35 10.90 6.95 5.03
C MET A 35 12.07 6.63 5.93
N ILE A 36 12.78 7.65 6.37
CA ILE A 36 13.93 7.48 7.21
C ILE A 36 13.64 7.99 8.62
N LEU A 37 13.47 7.05 9.52
CA LEU A 37 13.13 7.33 10.91
C LEU A 37 14.04 6.52 11.81
N ILE A 38 14.44 7.11 12.92
CA ILE A 38 15.39 6.46 13.82
C ILE A 38 14.67 5.56 14.81
N GLN A 39 14.69 4.27 14.56
CA GLN A 39 14.10 3.29 15.46
C GLN A 39 15.04 2.10 15.66
N ASP A 40 15.89 1.86 14.66
CA ASP A 40 16.90 0.82 14.76
C ASP A 40 18.16 1.39 15.39
N GLY A 41 18.43 2.66 15.11
CA GLY A 41 19.56 3.34 15.69
C GLY A 41 19.31 3.71 17.14
N SER A 42 20.36 3.68 17.94
CA SER A 42 20.24 3.90 19.38
C SER A 42 20.11 5.38 19.73
N GLN A 43 19.37 6.13 18.93
CA GLN A 43 19.10 7.53 19.22
C GLN A 43 17.67 7.71 19.68
N ASN A 44 16.74 7.14 18.92
CA ASN A 44 15.32 7.28 19.20
C ASN A 44 14.63 5.93 19.16
N THR A 45 15.36 4.87 19.51
CA THR A 45 14.82 3.52 19.44
C THR A 45 13.75 3.31 20.52
N ASN A 46 14.00 3.82 21.72
CA ASN A 46 13.01 3.76 22.79
C ASN A 46 12.16 5.03 22.82
N VAL A 47 12.75 6.10 22.32
CA VAL A 47 12.09 7.40 22.25
C VAL A 47 11.12 7.44 21.06
N ASP A 48 10.28 8.46 20.96
CA ASP A 48 9.44 8.66 19.78
C ASP A 48 10.32 8.85 18.54
N LYS A 49 9.78 8.48 17.39
CA LYS A 49 10.55 8.43 16.15
C LYS A 49 10.14 9.55 15.22
N PRO A 50 11.12 10.28 14.68
CA PRO A 50 10.88 11.31 13.68
C PRO A 50 10.93 10.72 12.27
N LEU A 51 9.77 10.53 11.67
CA LEU A 51 9.65 9.89 10.38
C LEU A 51 9.80 10.92 9.27
N ARG A 52 10.91 10.87 8.54
CA ARG A 52 11.09 11.75 7.39
C ARG A 52 10.74 11.02 6.11
N ILE A 53 9.70 11.50 5.44
CA ILE A 53 9.30 10.97 4.16
C ILE A 53 10.06 11.68 3.04
N ILE A 54 10.89 10.94 2.32
CA ILE A 54 11.64 11.49 1.21
C ILE A 54 11.03 11.07 -0.11
N GLY A 55 10.62 12.05 -0.91
CA GLY A 55 10.04 11.75 -2.20
C GLY A 55 9.47 12.97 -2.88
N ASP A 56 8.76 12.74 -3.97
CA ASP A 56 8.06 13.81 -4.69
C ASP A 56 6.94 14.38 -3.81
N PRO A 57 6.72 15.70 -3.82
CA PRO A 57 5.73 16.37 -2.96
C PRO A 57 4.39 15.64 -2.88
N TYR A 58 3.83 15.28 -4.04
CA TYR A 58 2.52 14.63 -4.08
C TYR A 58 2.59 13.27 -3.39
N LYS A 59 3.72 12.61 -3.55
CA LYS A 59 3.96 11.32 -2.93
C LYS A 59 4.07 11.47 -1.43
N VAL A 60 4.82 12.48 -1.02
CA VAL A 60 4.97 12.80 0.38
C VAL A 60 3.62 13.10 1.01
N GLN A 61 2.72 13.70 0.23
CA GLN A 61 1.42 14.09 0.74
C GLN A 61 0.54 12.88 0.95
N GLN A 62 0.42 12.04 -0.07
CA GLN A 62 -0.42 10.84 0.01
C GLN A 62 0.06 9.93 1.14
N ALA A 63 1.37 9.93 1.36
CA ALA A 63 1.96 9.09 2.39
C ALA A 63 1.88 9.72 3.77
N CYS A 64 2.20 11.02 3.87
CA CYS A 64 2.25 11.69 5.17
C CYS A 64 0.91 11.64 5.88
N GLU A 65 -0.16 11.68 5.11
CA GLU A 65 -1.48 11.62 5.70
C GLU A 65 -1.80 10.20 6.13
N MET A 66 -1.28 9.21 5.41
CA MET A 66 -1.63 7.82 5.70
C MET A 66 -0.74 7.26 6.80
N VAL A 67 0.50 7.71 6.89
CA VAL A 67 1.37 7.27 7.97
C VAL A 67 0.76 7.70 9.29
N MET A 68 0.06 8.81 9.29
CA MET A 68 -0.65 9.27 10.47
C MET A 68 -1.98 8.54 10.59
N ASP A 69 -2.58 8.27 9.43
CA ASP A 69 -3.90 7.64 9.34
C ASP A 69 -3.90 6.22 9.90
N ILE A 70 -2.86 5.45 9.62
CA ILE A 70 -2.80 4.08 10.12
C ILE A 70 -2.16 4.04 11.51
N LEU A 71 -1.38 5.07 11.84
CA LEU A 71 -0.68 5.12 13.12
C LEU A 71 -1.58 5.67 14.22
N ARG A 72 -2.60 6.46 13.85
CA ARG A 72 -3.53 7.03 14.82
C ARG A 72 -4.40 5.95 15.45
N GLU A 73 -4.17 4.71 15.06
CA GLU A 73 -4.82 3.56 15.67
C GLU A 73 -4.53 3.53 17.16
N ARG A 74 -5.45 3.00 17.94
CA ARG A 74 -5.27 2.92 19.38
C ARG A 74 -4.35 1.74 19.73
N ASP A 75 -3.13 1.79 19.18
CA ASP A 75 -2.08 0.81 19.45
C ASP A 75 -2.46 -0.57 18.95
N GLN A 76 -2.39 -0.75 17.64
CA GLN A 76 -2.66 -2.04 17.03
C GLN A 76 -1.98 -2.18 15.66
N GLY A 77 -2.48 -1.44 14.68
CA GLY A 77 -1.93 -1.53 13.33
C GLY A 77 -2.52 -0.51 12.39
N GLY A 78 -3.81 -0.23 12.55
CA GLY A 78 -4.44 0.77 11.70
C GLY A 78 -5.13 0.15 10.51
N PHE A 79 -4.45 0.16 9.38
CA PHE A 79 -4.99 -0.38 8.14
C PHE A 79 -4.00 -1.32 7.47
N GLY A 80 -2.71 -0.99 7.57
CA GLY A 80 -1.69 -1.81 6.96
C GLY A 80 -1.12 -1.12 5.75
N ASP A 81 -0.41 -0.01 6.01
CA ASP A 81 0.12 0.84 4.94
C ASP A 81 -1.03 1.40 4.12
N ARG A 82 -2.14 1.59 4.81
CA ARG A 82 -3.36 2.20 4.28
C ARG A 82 -4.13 1.27 3.33
N ASN A 83 -3.41 0.54 2.47
CA ASN A 83 -4.03 -0.42 1.53
C ASN A 83 -4.86 0.31 0.48
N GLU A 84 -4.70 1.62 0.44
CA GLU A 84 -5.43 2.45 -0.51
C GLU A 84 -4.45 3.11 -1.48
N TYR A 85 -3.32 3.55 -0.96
CA TYR A 85 -2.24 4.12 -1.76
C TYR A 85 -1.03 4.44 -0.89
N GLY A 86 -0.21 5.36 -1.38
CA GLY A 86 0.97 5.79 -0.68
C GLY A 86 1.65 6.92 -1.43
N SER A 87 1.47 6.89 -2.74
CA SER A 87 1.95 7.95 -3.62
C SER A 87 1.26 7.78 -4.98
N ARG A 88 1.29 6.54 -5.45
CA ARG A 88 0.51 6.13 -6.61
C ARG A 88 -0.94 6.02 -6.21
N ILE A 89 -1.80 5.79 -7.18
CA ILE A 89 -3.23 5.61 -6.93
C ILE A 89 -3.91 6.94 -6.61
N GLY A 90 -3.74 7.43 -5.39
CA GLY A 90 -4.41 8.65 -4.96
C GLY A 90 -5.91 8.61 -5.21
N GLY A 91 -6.52 7.45 -4.97
CA GLY A 91 -7.92 7.26 -5.26
C GLY A 91 -8.19 5.84 -5.71
N GLY A 92 -8.66 5.02 -4.78
CA GLY A 92 -8.90 3.62 -5.07
C GLY A 92 -8.39 2.75 -3.95
N ILE A 93 -7.76 1.63 -4.29
CA ILE A 93 -7.11 0.78 -3.30
C ILE A 93 -5.83 0.18 -3.86
N ASP A 94 -4.93 -0.23 -2.98
CA ASP A 94 -3.70 -0.91 -3.39
C ASP A 94 -3.96 -2.42 -3.34
N VAL A 95 -3.84 -3.04 -4.50
CA VAL A 95 -4.27 -4.43 -4.69
C VAL A 95 -3.12 -5.36 -5.05
N PRO A 96 -2.53 -6.03 -4.06
CA PRO A 96 -1.54 -7.07 -4.31
C PRO A 96 -2.17 -8.35 -4.90
N VAL A 97 -1.85 -8.65 -6.15
CA VAL A 97 -2.31 -9.88 -6.77
C VAL A 97 -1.12 -10.77 -7.12
N PRO A 98 -1.20 -12.08 -6.80
CA PRO A 98 -0.17 -13.05 -7.10
C PRO A 98 0.30 -12.97 -8.56
N ARG A 99 1.61 -12.87 -8.73
CA ARG A 99 2.24 -12.60 -10.02
C ARG A 99 1.96 -13.72 -11.02
N HIS A 100 2.08 -14.96 -10.55
CA HIS A 100 1.83 -16.13 -11.38
C HIS A 100 0.33 -16.34 -11.62
N SER A 101 -0.49 -15.40 -11.18
CA SER A 101 -1.92 -15.56 -11.27
C SER A 101 -2.56 -14.29 -11.83
N VAL A 102 -1.74 -13.32 -12.19
CA VAL A 102 -2.24 -12.04 -12.71
C VAL A 102 -2.71 -12.20 -14.16
N GLY A 103 -2.24 -13.26 -14.82
CA GLY A 103 -2.60 -13.51 -16.19
C GLY A 103 -4.10 -13.67 -16.39
N VAL A 104 -4.74 -14.37 -15.46
CA VAL A 104 -6.18 -14.57 -15.51
C VAL A 104 -6.92 -13.27 -15.16
N VAL A 105 -6.28 -12.46 -14.34
CA VAL A 105 -6.83 -11.17 -13.94
C VAL A 105 -6.87 -10.24 -15.16
N ILE A 106 -5.81 -10.28 -15.94
CA ILE A 106 -5.75 -9.52 -17.18
C ILE A 106 -6.66 -10.16 -18.23
N GLY A 107 -6.68 -11.49 -18.21
CA GLY A 107 -7.51 -12.24 -19.15
C GLY A 107 -6.75 -12.62 -20.39
N ARG A 108 -5.48 -12.99 -20.21
CA ARG A 108 -4.61 -13.43 -21.30
C ARG A 108 -4.31 -12.29 -22.29
N SER A 109 -5.29 -11.95 -23.13
CA SER A 109 -5.12 -10.90 -24.12
C SER A 109 -5.76 -9.59 -23.65
N GLY A 110 -6.09 -9.56 -22.37
CA GLY A 110 -6.70 -8.38 -21.80
C GLY A 110 -8.21 -8.37 -21.97
N GLU A 111 -8.83 -9.52 -21.79
CA GLU A 111 -10.29 -9.63 -21.93
C GLU A 111 -10.96 -9.41 -20.59
N MET A 112 -10.28 -9.83 -19.53
CA MET A 112 -10.87 -9.84 -18.19
C MET A 112 -10.64 -8.51 -17.50
N ILE A 113 -9.43 -7.97 -17.65
CA ILE A 113 -9.06 -6.71 -17.02
C ILE A 113 -9.97 -5.59 -17.52
N LYS A 114 -10.52 -5.76 -18.71
CA LYS A 114 -11.43 -4.80 -19.31
C LYS A 114 -12.78 -4.82 -18.62
N LYS A 115 -13.31 -6.02 -18.39
CA LYS A 115 -14.64 -6.16 -17.83
C LYS A 115 -14.65 -5.78 -16.35
N ILE A 116 -13.49 -5.84 -15.70
CA ILE A 116 -13.37 -5.35 -14.33
C ILE A 116 -13.71 -3.86 -14.30
N GLN A 117 -13.19 -3.14 -15.30
CA GLN A 117 -13.44 -1.71 -15.45
C GLN A 117 -14.91 -1.48 -15.82
N ASN A 118 -15.50 -2.48 -16.45
CA ASN A 118 -16.87 -2.40 -16.91
C ASN A 118 -17.86 -2.62 -15.76
N ASP A 119 -17.61 -3.66 -14.98
CA ASP A 119 -18.52 -4.04 -13.89
C ASP A 119 -18.36 -3.14 -12.69
N ALA A 120 -17.13 -3.01 -12.22
CA ALA A 120 -16.86 -2.24 -11.02
C ALA A 120 -16.80 -0.75 -11.32
N GLY A 121 -16.59 -0.42 -12.58
CA GLY A 121 -16.49 0.97 -12.98
C GLY A 121 -15.14 1.54 -12.62
N VAL A 122 -14.14 0.67 -12.53
CA VAL A 122 -12.83 1.03 -12.05
C VAL A 122 -11.87 1.36 -13.18
N ARG A 123 -10.81 2.07 -12.84
CA ARG A 123 -9.72 2.33 -13.75
C ARG A 123 -8.52 1.51 -13.31
N ILE A 124 -7.85 0.86 -14.25
CA ILE A 124 -6.83 -0.11 -13.89
C ILE A 124 -5.43 0.30 -14.36
N GLN A 125 -4.49 0.24 -13.42
CA GLN A 125 -3.07 0.36 -13.72
C GLN A 125 -2.29 -0.56 -12.80
N PHE A 126 -1.02 -0.73 -13.08
CA PHE A 126 -0.13 -1.39 -12.15
C PHE A 126 0.93 -0.39 -11.72
N LYS A 127 0.78 0.12 -10.51
CA LYS A 127 1.54 1.30 -10.12
C LYS A 127 2.83 0.97 -9.38
N GLN A 128 2.96 -0.30 -8.98
CA GLN A 128 4.19 -0.84 -8.37
C GLN A 128 3.89 -2.18 -7.73
N ASP A 129 4.81 -3.13 -7.88
CA ASP A 129 4.58 -4.50 -7.41
C ASP A 129 5.06 -4.68 -5.98
N ASP A 130 4.70 -3.73 -5.12
CA ASP A 130 5.30 -3.62 -3.80
C ASP A 130 6.82 -3.49 -3.95
N GLY A 131 7.51 -4.61 -3.93
CA GLY A 131 8.94 -4.60 -4.08
C GLY A 131 9.60 -5.60 -3.16
N THR A 132 8.88 -5.96 -2.11
CA THR A 132 9.39 -6.92 -1.14
C THR A 132 8.56 -8.20 -1.19
N GLY A 133 7.26 -8.05 -1.41
CA GLY A 133 6.38 -9.20 -1.51
C GLY A 133 6.31 -9.76 -2.92
N PRO A 134 5.90 -11.03 -3.07
CA PRO A 134 5.80 -11.69 -4.37
C PRO A 134 4.46 -11.46 -5.05
N GLU A 135 3.91 -10.27 -4.89
CA GLU A 135 2.62 -9.93 -5.47
C GLU A 135 2.69 -8.60 -6.21
N LYS A 136 1.78 -8.42 -7.15
CA LYS A 136 1.74 -7.24 -7.99
C LYS A 136 0.54 -6.38 -7.65
N ILE A 137 0.79 -5.16 -7.22
CA ILE A 137 -0.29 -4.24 -6.91
C ILE A 137 -0.90 -3.65 -8.17
N ALA A 138 -2.19 -3.88 -8.34
CA ALA A 138 -2.96 -3.20 -9.36
C ALA A 138 -3.65 -1.99 -8.76
N HIS A 139 -3.62 -0.86 -9.45
CA HIS A 139 -4.32 0.32 -9.00
C HIS A 139 -5.76 0.27 -9.47
N ILE A 140 -6.63 -0.03 -8.54
CA ILE A 140 -8.06 0.07 -8.75
C ILE A 140 -8.53 1.48 -8.42
N MET A 141 -9.07 2.19 -9.40
CA MET A 141 -9.47 3.58 -9.20
C MET A 141 -10.99 3.73 -9.20
N GLY A 142 -11.51 4.36 -8.17
CA GLY A 142 -12.93 4.65 -8.09
C GLY A 142 -13.39 4.89 -6.67
N PRO A 143 -14.69 4.76 -6.40
CA PRO A 143 -15.24 4.86 -5.04
C PRO A 143 -14.80 3.67 -4.19
N PRO A 144 -14.46 3.93 -2.91
CA PRO A 144 -13.86 2.94 -1.99
C PRO A 144 -14.62 1.61 -1.92
N ASP A 145 -15.93 1.65 -2.09
CA ASP A 145 -16.74 0.44 -2.09
C ASP A 145 -16.49 -0.36 -3.37
N ARG A 146 -16.48 0.33 -4.50
CA ARG A 146 -16.22 -0.30 -5.80
C ARG A 146 -14.77 -0.74 -5.89
N CYS A 147 -13.91 -0.03 -5.17
CA CYS A 147 -12.50 -0.39 -5.07
C CYS A 147 -12.36 -1.81 -4.54
N GLU A 148 -12.93 -2.07 -3.38
CA GLU A 148 -12.86 -3.39 -2.79
C GLU A 148 -13.72 -4.37 -3.57
N HIS A 149 -14.82 -3.87 -4.14
CA HIS A 149 -15.68 -4.66 -5.04
C HIS A 149 -14.85 -5.24 -6.19
N ALA A 150 -13.85 -4.48 -6.61
CA ALA A 150 -13.00 -4.86 -7.72
C ALA A 150 -11.98 -5.90 -7.28
N ALA A 151 -11.36 -5.67 -6.12
CA ALA A 151 -10.41 -6.63 -5.55
C ALA A 151 -11.13 -7.92 -5.19
N ARG A 152 -12.43 -7.80 -4.96
CA ARG A 152 -13.28 -8.93 -4.60
C ARG A 152 -13.58 -9.77 -5.84
N ILE A 153 -13.54 -9.14 -7.01
CA ILE A 153 -13.66 -9.86 -8.26
C ILE A 153 -12.34 -10.53 -8.60
N ILE A 154 -11.24 -9.80 -8.36
CA ILE A 154 -9.90 -10.32 -8.60
C ILE A 154 -9.64 -11.58 -7.78
N ASN A 155 -10.04 -11.55 -6.51
CA ASN A 155 -9.95 -12.73 -5.65
C ASN A 155 -10.68 -13.92 -6.25
N ASP A 156 -11.83 -13.63 -6.85
CA ASP A 156 -12.64 -14.67 -7.49
C ASP A 156 -11.95 -15.18 -8.75
N LEU A 157 -11.23 -14.29 -9.44
CA LEU A 157 -10.47 -14.66 -10.63
C LEU A 157 -9.33 -15.60 -10.25
N LEU A 158 -8.68 -15.31 -9.13
CA LEU A 158 -7.61 -16.15 -8.63
C LEU A 158 -8.16 -17.51 -8.22
N GLN A 159 -9.42 -17.51 -7.81
CA GLN A 159 -10.11 -18.73 -7.40
C GLN A 159 -10.66 -19.47 -8.62
N SER A 160 -10.72 -18.78 -9.75
CA SER A 160 -11.21 -19.36 -11.00
C SER A 160 -10.17 -20.32 -11.57
N LEU A 161 -8.92 -20.14 -11.14
CA LEU A 161 -7.79 -20.93 -11.64
C LEU A 161 -7.91 -22.41 -11.29
N ARG A 162 -8.98 -22.80 -10.61
CA ARG A 162 -9.23 -24.21 -10.34
C ARG A 162 -9.60 -24.91 -11.65
N SER A 163 -10.54 -24.32 -12.37
CA SER A 163 -10.98 -24.82 -13.66
C SER A 163 -11.74 -23.72 -14.39
N GLY A 164 -11.21 -23.30 -15.53
CA GLY A 164 -11.84 -22.27 -16.32
C GLY A 164 -12.53 -22.81 -17.55
N GLY A 1 15.48 19.48 -0.49
CA GLY A 1 15.08 18.12 -0.04
C GLY A 1 13.77 18.14 0.71
N THR A 2 12.72 17.66 0.08
CA THR A 2 11.41 17.62 0.70
C THR A 2 11.26 16.41 1.62
N VAL A 3 11.58 16.63 2.89
CA VAL A 3 11.42 15.59 3.89
C VAL A 3 10.55 16.10 5.04
N GLN A 4 9.46 15.41 5.30
CA GLN A 4 8.53 15.81 6.34
C GLN A 4 8.60 14.82 7.50
N GLU A 5 8.32 15.30 8.71
CA GLU A 5 8.42 14.46 9.90
C GLU A 5 7.07 14.27 10.58
N ILE A 6 6.68 13.01 10.74
CA ILE A 6 5.45 12.65 11.43
C ILE A 6 5.81 11.90 12.71
N MET A 7 5.02 12.10 13.76
CA MET A 7 5.31 11.48 15.05
C MET A 7 4.68 10.10 15.15
N ILE A 8 5.53 9.10 15.43
CA ILE A 8 5.09 7.72 15.59
C ILE A 8 5.05 7.32 17.06
N PRO A 9 3.84 7.16 17.61
CA PRO A 9 3.61 6.68 18.98
C PRO A 9 4.17 5.28 19.22
N ALA A 10 4.63 5.03 20.44
CA ALA A 10 4.99 3.68 20.85
C ALA A 10 3.73 2.83 20.94
N GLY A 11 3.71 1.73 20.23
CA GLY A 11 2.49 0.96 20.08
C GLY A 11 1.95 1.14 18.67
N LYS A 12 2.06 2.36 18.16
CA LYS A 12 1.72 2.63 16.78
C LYS A 12 2.87 2.21 15.88
N ALA A 13 4.08 2.31 16.40
CA ALA A 13 5.27 1.90 15.68
C ALA A 13 5.14 0.47 15.19
N GLY A 14 4.48 -0.37 15.98
CA GLY A 14 4.24 -1.73 15.59
C GLY A 14 3.50 -1.84 14.27
N LEU A 15 2.53 -0.97 14.06
CA LEU A 15 1.76 -0.98 12.82
C LEU A 15 2.42 -0.09 11.76
N VAL A 16 3.23 0.87 12.20
CA VAL A 16 3.93 1.77 11.29
C VAL A 16 5.17 1.11 10.68
N ILE A 17 5.98 0.46 11.49
CA ILE A 17 7.16 -0.22 10.96
C ILE A 17 6.81 -1.67 10.61
N GLY A 18 5.74 -2.17 11.21
CA GLY A 18 5.33 -3.54 10.97
C GLY A 18 5.82 -4.48 12.05
N LYS A 19 6.55 -3.89 13.00
CA LYS A 19 7.16 -4.62 14.12
C LYS A 19 8.31 -5.50 13.62
N GLY A 20 8.03 -6.31 12.62
CA GLY A 20 9.07 -7.09 11.97
C GLY A 20 9.62 -6.38 10.75
N GLY A 21 9.21 -5.12 10.58
CA GLY A 21 9.71 -4.30 9.49
C GLY A 21 8.91 -4.45 8.21
N GLU A 22 7.81 -5.19 8.28
CA GLU A 22 7.04 -5.52 7.09
C GLU A 22 6.24 -4.33 6.55
N THR A 23 5.87 -3.39 7.43
CA THR A 23 5.11 -2.23 7.01
C THR A 23 6.01 -1.21 6.33
N ILE A 24 7.20 -0.97 6.92
CA ILE A 24 8.09 0.06 6.39
C ILE A 24 8.54 -0.29 4.97
N LYS A 25 8.50 -1.57 4.65
CA LYS A 25 8.81 -2.04 3.31
C LYS A 25 7.84 -1.43 2.31
N GLN A 26 6.56 -1.55 2.60
CA GLN A 26 5.52 -1.09 1.73
C GLN A 26 5.48 0.44 1.73
N LEU A 27 5.83 1.03 2.86
CA LEU A 27 5.91 2.49 2.95
C LEU A 27 7.07 3.00 2.12
N GLN A 28 8.09 2.18 1.94
CA GLN A 28 9.21 2.53 1.08
C GLN A 28 8.89 2.19 -0.37
N GLU A 29 8.39 0.99 -0.59
CA GLU A 29 8.21 0.48 -1.94
C GLU A 29 6.89 0.94 -2.56
N ARG A 30 5.79 0.72 -1.86
CA ARG A 30 4.48 1.08 -2.40
C ARG A 30 4.37 2.58 -2.54
N ALA A 31 4.82 3.30 -1.51
CA ALA A 31 4.76 4.76 -1.52
C ALA A 31 5.91 5.37 -2.31
N GLY A 32 6.86 4.54 -2.75
CA GLY A 32 7.95 5.02 -3.58
C GLY A 32 8.88 6.00 -2.87
N VAL A 33 8.70 6.16 -1.57
CA VAL A 33 9.52 7.09 -0.80
C VAL A 33 10.47 6.33 0.10
N LYS A 34 11.39 7.03 0.74
CA LYS A 34 12.22 6.44 1.75
C LYS A 34 11.88 7.05 3.09
N MET A 35 11.26 6.27 3.95
CA MET A 35 10.90 6.74 5.27
C MET A 35 11.99 6.33 6.24
N ILE A 36 12.70 7.31 6.76
CA ILE A 36 13.80 7.03 7.66
C ILE A 36 13.46 7.47 9.08
N LEU A 37 13.09 6.48 9.87
CA LEU A 37 12.76 6.67 11.27
C LEU A 37 13.45 5.58 12.07
N ILE A 38 13.90 5.91 13.28
CA ILE A 38 14.60 4.96 14.11
C ILE A 38 13.69 3.79 14.46
N GLN A 39 13.84 2.69 13.76
CA GLN A 39 13.08 1.48 14.04
C GLN A 39 13.80 0.66 15.10
N ASP A 40 14.85 -0.03 14.68
CA ASP A 40 15.69 -0.76 15.59
C ASP A 40 17.00 0.00 15.78
N GLY A 41 17.00 0.92 16.74
CA GLY A 41 18.15 1.74 16.97
C GLY A 41 18.33 2.05 18.44
N SER A 42 19.52 2.49 18.81
CA SER A 42 19.86 2.77 20.20
C SER A 42 19.00 3.89 20.78
N GLN A 43 18.55 4.80 19.93
CA GLN A 43 17.82 5.97 20.39
C GLN A 43 16.34 5.66 20.63
N ASN A 44 15.58 5.60 19.55
CA ASN A 44 14.13 5.49 19.66
C ASN A 44 13.63 4.12 19.22
N THR A 45 14.14 3.07 19.82
CA THR A 45 13.65 1.74 19.52
C THR A 45 12.35 1.48 20.30
N ASN A 46 12.36 1.85 21.58
CA ASN A 46 11.15 1.77 22.40
C ASN A 46 10.44 3.12 22.39
N VAL A 47 11.23 4.16 22.16
CA VAL A 47 10.75 5.53 22.20
C VAL A 47 10.00 5.89 20.92
N ASP A 48 9.17 6.94 21.00
CA ASP A 48 8.46 7.48 19.84
C ASP A 48 9.44 7.85 18.73
N LYS A 49 8.98 7.78 17.50
CA LYS A 49 9.88 7.83 16.35
C LYS A 49 9.45 8.91 15.35
N PRO A 50 10.40 9.76 14.95
CA PRO A 50 10.16 10.80 13.96
C PRO A 50 10.27 10.26 12.53
N LEU A 51 9.14 10.25 11.84
CA LEU A 51 9.05 9.70 10.50
C LEU A 51 9.55 10.73 9.49
N ARG A 52 10.69 10.47 8.89
CA ARG A 52 11.18 11.33 7.81
C ARG A 52 10.85 10.72 6.46
N ILE A 53 9.90 11.31 5.77
CA ILE A 53 9.54 10.87 4.43
C ILE A 53 10.34 11.64 3.39
N ILE A 54 11.22 10.94 2.69
CA ILE A 54 12.08 11.56 1.70
C ILE A 54 11.59 11.30 0.29
N GLY A 55 11.34 12.36 -0.46
CA GLY A 55 10.94 12.22 -1.85
C GLY A 55 10.53 13.55 -2.46
N ASP A 56 9.98 13.50 -3.66
CA ASP A 56 9.42 14.68 -4.31
C ASP A 56 8.13 15.10 -3.62
N PRO A 57 7.91 16.41 -3.43
CA PRO A 57 6.74 16.97 -2.74
C PRO A 57 5.44 16.19 -2.96
N TYR A 58 5.13 15.84 -4.21
CA TYR A 58 3.86 15.18 -4.51
C TYR A 58 3.77 13.82 -3.80
N LYS A 59 4.87 13.08 -3.78
CA LYS A 59 4.85 11.74 -3.22
C LYS A 59 4.97 11.81 -1.71
N VAL A 60 5.68 12.82 -1.23
CA VAL A 60 5.77 13.07 0.21
C VAL A 60 4.40 13.43 0.75
N GLN A 61 3.59 14.06 -0.09
CA GLN A 61 2.29 14.54 0.32
C GLN A 61 1.34 13.37 0.49
N GLN A 62 1.26 12.54 -0.55
CA GLN A 62 0.39 11.38 -0.53
C GLN A 62 0.86 10.37 0.52
N ALA A 63 2.14 10.43 0.87
CA ALA A 63 2.68 9.55 1.89
C ALA A 63 2.38 10.08 3.29
N CYS A 64 2.70 11.35 3.54
CA CYS A 64 2.40 11.97 4.84
C CYS A 64 0.92 11.80 5.16
N GLU A 65 0.11 11.99 4.13
CA GLU A 65 -1.33 11.77 4.22
C GLU A 65 -1.63 10.33 4.66
N MET A 66 -1.07 9.38 3.92
CA MET A 66 -1.33 7.97 4.18
C MET A 66 -0.82 7.57 5.56
N VAL A 67 0.36 8.06 5.93
CA VAL A 67 0.94 7.72 7.22
C VAL A 67 0.00 8.10 8.35
N MET A 68 -0.54 9.31 8.31
CA MET A 68 -1.45 9.78 9.35
C MET A 68 -2.77 9.03 9.30
N ASP A 69 -3.12 8.56 8.10
CA ASP A 69 -4.39 7.87 7.90
C ASP A 69 -4.31 6.39 8.23
N ILE A 70 -3.14 5.78 8.10
CA ILE A 70 -2.98 4.39 8.50
C ILE A 70 -2.56 4.27 9.97
N LEU A 71 -1.78 5.23 10.44
CA LEU A 71 -1.30 5.26 11.83
C LEU A 71 -2.44 5.60 12.80
N ARG A 72 -3.57 6.06 12.28
CA ARG A 72 -4.73 6.37 13.12
C ARG A 72 -5.32 5.11 13.73
N GLU A 73 -4.86 3.95 13.26
CA GLU A 73 -5.31 2.67 13.78
C GLU A 73 -5.07 2.60 15.29
N ARG A 74 -6.11 2.19 16.01
CA ARG A 74 -6.07 2.13 17.47
C ARG A 74 -5.09 1.06 17.94
N ASP A 75 -5.14 -0.11 17.29
CA ASP A 75 -4.29 -1.24 17.61
C ASP A 75 -4.73 -2.45 16.81
N GLN A 76 -4.12 -2.64 15.65
CA GLN A 76 -4.49 -3.71 14.74
C GLN A 76 -3.56 -3.72 13.53
N GLY A 77 -3.55 -2.61 12.80
CA GLY A 77 -2.67 -2.48 11.65
C GLY A 77 -3.12 -1.40 10.70
N GLY A 78 -2.20 -0.53 10.31
CA GLY A 78 -2.52 0.55 9.39
C GLY A 78 -2.39 0.11 7.94
N PHE A 79 -3.14 -0.92 7.56
CA PHE A 79 -3.16 -1.44 6.18
C PHE A 79 -1.77 -1.87 5.71
N GLY A 80 -0.80 -1.89 6.62
CA GLY A 80 0.56 -2.30 6.29
C GLY A 80 1.29 -1.29 5.41
N ASP A 81 0.67 -0.14 5.20
CA ASP A 81 1.16 0.87 4.25
C ASP A 81 0.12 1.96 4.07
N ARG A 82 -1.03 1.54 3.55
CA ARG A 82 -2.12 2.43 3.17
C ARG A 82 -3.07 1.68 2.27
N ASN A 83 -2.50 0.94 1.31
CA ASN A 83 -3.28 0.18 0.35
C ASN A 83 -4.22 1.12 -0.40
N GLU A 84 -3.66 1.94 -1.27
CA GLU A 84 -4.44 2.93 -2.01
C GLU A 84 -3.58 3.57 -3.10
N TYR A 85 -2.58 4.37 -2.73
CA TYR A 85 -1.70 4.99 -3.74
C TYR A 85 -0.22 4.90 -3.33
N GLY A 86 0.29 5.97 -2.71
CA GLY A 86 1.69 6.03 -2.36
C GLY A 86 2.53 6.51 -3.52
N SER A 87 2.76 7.83 -3.58
CA SER A 87 3.48 8.46 -4.70
C SER A 87 2.69 8.34 -6.01
N ARG A 88 1.48 7.82 -5.91
CA ARG A 88 0.68 7.52 -7.08
C ARG A 88 -0.72 8.05 -6.92
N ILE A 89 -1.46 7.95 -8.02
CA ILE A 89 -2.90 8.19 -8.10
C ILE A 89 -3.46 9.16 -7.08
N GLY A 90 -3.74 8.67 -5.87
CA GLY A 90 -4.43 9.47 -4.89
C GLY A 90 -5.93 9.36 -5.07
N GLY A 91 -6.37 8.16 -5.44
CA GLY A 91 -7.78 7.89 -5.69
C GLY A 91 -7.98 6.46 -6.15
N GLY A 92 -8.37 5.60 -5.22
CA GLY A 92 -8.46 4.18 -5.51
C GLY A 92 -7.40 3.42 -4.77
N ILE A 93 -7.59 2.11 -4.63
CA ILE A 93 -6.72 1.29 -3.80
C ILE A 93 -5.58 0.65 -4.59
N ASP A 94 -4.53 0.27 -3.88
CA ASP A 94 -3.36 -0.36 -4.48
C ASP A 94 -3.39 -1.87 -4.22
N VAL A 95 -3.67 -2.63 -5.26
CA VAL A 95 -3.85 -4.07 -5.13
C VAL A 95 -2.61 -4.85 -5.57
N PRO A 96 -1.84 -5.38 -4.61
CA PRO A 96 -0.67 -6.21 -4.92
C PRO A 96 -1.06 -7.60 -5.41
N VAL A 97 -0.87 -7.85 -6.69
CA VAL A 97 -1.22 -9.14 -7.27
C VAL A 97 0.02 -9.99 -7.48
N PRO A 98 -0.02 -11.24 -6.95
CA PRO A 98 1.00 -12.26 -7.21
C PRO A 98 1.46 -12.28 -8.67
N ARG A 99 2.78 -12.33 -8.85
CA ARG A 99 3.40 -12.32 -10.17
C ARG A 99 2.82 -13.38 -11.11
N HIS A 100 2.46 -14.53 -10.54
CA HIS A 100 1.94 -15.64 -11.33
C HIS A 100 0.42 -15.60 -11.42
N SER A 101 -0.18 -14.55 -10.88
CA SER A 101 -1.64 -14.45 -10.83
C SER A 101 -2.15 -13.19 -11.53
N VAL A 102 -1.28 -12.21 -11.73
CA VAL A 102 -1.67 -10.97 -12.39
C VAL A 102 -2.21 -11.24 -13.80
N GLY A 103 -1.65 -12.24 -14.46
CA GLY A 103 -2.14 -12.63 -15.77
C GLY A 103 -3.54 -13.19 -15.71
N VAL A 104 -3.86 -13.82 -14.59
CA VAL A 104 -5.19 -14.38 -14.37
C VAL A 104 -6.20 -13.26 -14.11
N VAL A 105 -5.72 -12.21 -13.45
CA VAL A 105 -6.53 -11.02 -13.21
C VAL A 105 -6.89 -10.35 -14.53
N ILE A 106 -5.96 -10.38 -15.46
CA ILE A 106 -6.18 -9.83 -16.80
C ILE A 106 -7.07 -10.77 -17.61
N GLY A 107 -6.74 -12.05 -17.55
CA GLY A 107 -7.47 -13.05 -18.30
C GLY A 107 -6.59 -13.70 -19.35
N ARG A 108 -7.05 -13.71 -20.58
CA ARG A 108 -6.25 -14.19 -21.68
C ARG A 108 -5.65 -13.01 -22.43
N SER A 109 -6.51 -12.22 -23.04
CA SER A 109 -6.08 -11.03 -23.74
C SER A 109 -6.44 -9.77 -22.94
N GLY A 110 -7.41 -9.92 -22.04
CA GLY A 110 -7.81 -8.80 -21.19
C GLY A 110 -9.30 -8.79 -20.94
N GLU A 111 -9.83 -9.93 -20.52
CA GLU A 111 -11.27 -10.06 -20.30
C GLU A 111 -11.60 -9.80 -18.83
N MET A 112 -10.97 -10.58 -17.95
CA MET A 112 -11.26 -10.53 -16.52
C MET A 112 -10.99 -9.15 -15.94
N ILE A 113 -9.94 -8.50 -16.45
CA ILE A 113 -9.55 -7.19 -15.97
C ILE A 113 -10.63 -6.14 -16.29
N LYS A 114 -11.31 -6.34 -17.41
CA LYS A 114 -12.39 -5.45 -17.80
C LYS A 114 -13.70 -5.88 -17.16
N LYS A 115 -13.75 -7.13 -16.74
CA LYS A 115 -14.89 -7.64 -16.00
C LYS A 115 -14.98 -6.96 -14.64
N ILE A 116 -13.84 -6.68 -14.03
CA ILE A 116 -13.80 -5.94 -12.78
C ILE A 116 -14.38 -4.54 -13.00
N GLN A 117 -14.07 -3.96 -14.14
CA GLN A 117 -14.58 -2.64 -14.51
C GLN A 117 -16.10 -2.68 -14.67
N ASN A 118 -16.61 -3.80 -15.15
CA ASN A 118 -18.04 -3.96 -15.38
C ASN A 118 -18.76 -4.33 -14.09
N ASP A 119 -18.13 -5.18 -13.29
CA ASP A 119 -18.76 -5.72 -12.10
C ASP A 119 -18.75 -4.71 -10.96
N ALA A 120 -17.56 -4.22 -10.62
CA ALA A 120 -17.41 -3.31 -9.49
C ALA A 120 -17.57 -1.86 -9.93
N GLY A 121 -17.29 -1.59 -11.21
CA GLY A 121 -17.38 -0.24 -11.73
C GLY A 121 -16.11 0.55 -11.48
N VAL A 122 -14.99 -0.14 -11.50
CA VAL A 122 -13.71 0.46 -11.17
C VAL A 122 -12.78 0.48 -12.38
N ARG A 123 -11.74 1.30 -12.30
CA ARG A 123 -10.74 1.36 -13.34
C ARG A 123 -9.44 0.74 -12.84
N ILE A 124 -8.53 0.40 -13.74
CA ILE A 124 -7.30 -0.28 -13.33
C ILE A 124 -6.05 0.48 -13.77
N GLN A 125 -5.21 0.79 -12.81
CA GLN A 125 -3.94 1.47 -13.06
C GLN A 125 -2.77 0.56 -12.72
N PHE A 126 -2.03 0.13 -13.71
CA PHE A 126 -0.82 -0.62 -13.45
C PHE A 126 0.35 0.33 -13.24
N LYS A 127 0.76 0.47 -11.99
CA LYS A 127 1.83 1.37 -11.62
C LYS A 127 3.10 0.60 -11.27
N GLN A 128 4.01 1.23 -10.54
CA GLN A 128 5.30 0.62 -10.19
C GLN A 128 5.14 -0.51 -9.15
N ASP A 129 4.44 -1.57 -9.56
CA ASP A 129 4.34 -2.83 -8.82
C ASP A 129 4.02 -2.64 -7.33
N ASP A 130 4.25 -3.69 -6.56
CA ASP A 130 4.06 -3.62 -5.11
C ASP A 130 5.33 -3.13 -4.43
N GLY A 131 6.39 -3.93 -4.51
CA GLY A 131 7.66 -3.51 -3.98
C GLY A 131 8.34 -4.56 -3.11
N THR A 132 7.60 -5.15 -2.17
CA THR A 132 8.20 -6.07 -1.20
C THR A 132 8.57 -7.40 -1.86
N GLY A 133 8.08 -7.60 -3.08
CA GLY A 133 8.39 -8.81 -3.81
C GLY A 133 8.06 -8.67 -5.28
N PRO A 134 7.82 -9.79 -5.97
CA PRO A 134 7.51 -9.79 -7.40
C PRO A 134 6.03 -9.48 -7.67
N GLU A 135 5.32 -9.07 -6.63
CA GLU A 135 3.91 -8.74 -6.76
C GLU A 135 3.73 -7.39 -7.44
N LYS A 136 2.62 -7.26 -8.16
CA LYS A 136 2.35 -6.07 -8.95
C LYS A 136 1.00 -5.47 -8.57
N ILE A 137 1.02 -4.20 -8.18
CA ILE A 137 -0.20 -3.48 -7.89
C ILE A 137 -1.07 -3.29 -9.13
N ALA A 138 -2.19 -3.97 -9.16
CA ALA A 138 -3.25 -3.64 -10.09
C ALA A 138 -4.17 -2.65 -9.41
N HIS A 139 -3.88 -1.37 -9.61
CA HIS A 139 -4.53 -0.31 -8.85
C HIS A 139 -5.97 -0.16 -9.26
N ILE A 140 -6.86 -0.44 -8.31
CA ILE A 140 -8.28 -0.23 -8.50
C ILE A 140 -8.61 1.24 -8.29
N MET A 141 -8.91 1.91 -9.39
CA MET A 141 -9.09 3.36 -9.36
C MET A 141 -10.57 3.72 -9.42
N GLY A 142 -10.99 4.54 -8.48
CA GLY A 142 -12.37 4.98 -8.41
C GLY A 142 -12.72 5.44 -7.01
N PRO A 143 -14.00 5.41 -6.64
CA PRO A 143 -14.44 5.78 -5.29
C PRO A 143 -13.96 4.78 -4.24
N PRO A 144 -13.48 5.28 -3.07
CA PRO A 144 -12.86 4.44 -2.03
C PRO A 144 -13.61 3.15 -1.73
N ASP A 145 -14.90 3.28 -1.38
CA ASP A 145 -15.71 2.11 -1.02
C ASP A 145 -15.87 1.16 -2.19
N ARG A 146 -15.91 1.72 -3.40
CA ARG A 146 -16.07 0.92 -4.62
C ARG A 146 -14.77 0.17 -4.89
N CYS A 147 -13.66 0.84 -4.58
CA CYS A 147 -12.33 0.25 -4.67
C CYS A 147 -12.23 -0.95 -3.74
N GLU A 148 -12.54 -0.72 -2.47
CA GLU A 148 -12.55 -1.78 -1.47
C GLU A 148 -13.44 -2.94 -1.90
N HIS A 149 -14.60 -2.60 -2.46
CA HIS A 149 -15.55 -3.59 -2.95
C HIS A 149 -14.93 -4.46 -4.05
N ALA A 150 -14.01 -3.87 -4.82
CA ALA A 150 -13.42 -4.56 -5.96
C ALA A 150 -12.33 -5.52 -5.51
N ALA A 151 -11.60 -5.15 -4.48
CA ALA A 151 -10.49 -5.96 -3.99
C ALA A 151 -10.98 -7.24 -3.32
N ARG A 152 -12.24 -7.27 -2.93
CA ARG A 152 -12.82 -8.44 -2.30
C ARG A 152 -13.13 -9.50 -3.36
N ILE A 153 -13.18 -9.07 -4.61
CA ILE A 153 -13.33 -9.99 -5.72
C ILE A 153 -11.96 -10.56 -6.10
N ILE A 154 -11.00 -9.66 -6.29
CA ILE A 154 -9.68 -10.03 -6.79
C ILE A 154 -8.87 -10.79 -5.74
N ASN A 155 -8.68 -10.17 -4.59
CA ASN A 155 -7.87 -10.77 -3.52
C ASN A 155 -8.43 -12.11 -3.09
N ASP A 156 -9.75 -12.26 -3.24
CA ASP A 156 -10.42 -13.52 -2.94
C ASP A 156 -9.93 -14.63 -3.86
N LEU A 157 -9.88 -14.34 -5.15
CA LEU A 157 -9.42 -15.31 -6.14
C LEU A 157 -7.91 -15.45 -6.10
N LEU A 158 -7.24 -14.43 -5.57
CA LEU A 158 -5.79 -14.46 -5.40
C LEU A 158 -5.38 -15.50 -4.37
N GLN A 159 -6.20 -15.68 -3.34
CA GLN A 159 -5.92 -16.68 -2.31
C GLN A 159 -6.02 -18.06 -2.91
N SER A 160 -6.88 -18.19 -3.90
CA SER A 160 -7.04 -19.43 -4.64
C SER A 160 -5.76 -19.76 -5.40
N LEU A 161 -4.95 -18.75 -5.67
CA LEU A 161 -3.71 -18.92 -6.42
C LEU A 161 -2.50 -18.70 -5.52
N ARG A 162 -2.75 -18.47 -4.23
CA ARG A 162 -1.68 -18.27 -3.27
C ARG A 162 -1.60 -19.43 -2.29
N SER A 163 -1.38 -20.62 -2.83
CA SER A 163 -1.27 -21.82 -2.02
C SER A 163 0.15 -21.97 -1.49
N GLY A 164 1.06 -21.16 -2.00
CA GLY A 164 2.43 -21.15 -1.52
C GLY A 164 2.92 -19.74 -1.24
N GLY A 1 14.84 19.24 -2.30
CA GLY A 1 14.34 18.02 -1.61
C GLY A 1 13.05 18.29 -0.86
N THR A 2 12.23 17.25 -0.72
CA THR A 2 10.95 17.37 -0.06
C THR A 2 10.80 16.28 0.99
N VAL A 3 10.94 16.65 2.27
CA VAL A 3 10.80 15.71 3.36
C VAL A 3 9.87 16.26 4.44
N GLN A 4 8.83 15.50 4.77
CA GLN A 4 7.95 15.86 5.86
C GLN A 4 8.23 14.96 7.05
N GLU A 5 7.94 15.45 8.25
CA GLU A 5 8.25 14.72 9.46
C GLU A 5 7.01 14.50 10.32
N ILE A 6 6.57 13.26 10.37
CA ILE A 6 5.48 12.86 11.26
C ILE A 6 6.08 12.07 12.40
N MET A 7 5.59 12.31 13.61
CA MET A 7 6.16 11.67 14.77
C MET A 7 5.44 10.36 15.07
N ILE A 8 6.20 9.27 15.10
CA ILE A 8 5.67 7.94 15.32
C ILE A 8 5.76 7.55 16.80
N PRO A 9 4.61 7.40 17.46
CA PRO A 9 4.52 6.92 18.83
C PRO A 9 5.06 5.49 19.00
N ALA A 10 5.52 5.17 20.21
CA ALA A 10 5.89 3.79 20.51
C ALA A 10 4.63 2.94 20.50
N GLY A 11 4.75 1.71 20.05
CA GLY A 11 3.57 0.90 19.83
C GLY A 11 3.08 1.08 18.41
N LYS A 12 2.86 2.34 18.04
CA LYS A 12 2.54 2.67 16.65
C LYS A 12 3.68 2.30 15.74
N ALA A 13 4.90 2.45 16.23
CA ALA A 13 6.10 2.05 15.51
C ALA A 13 5.94 0.63 14.97
N GLY A 14 5.25 -0.21 15.73
CA GLY A 14 5.01 -1.56 15.30
C GLY A 14 4.24 -1.63 14.01
N LEU A 15 3.20 -0.82 13.88
CA LEU A 15 2.40 -0.83 12.67
C LEU A 15 3.02 0.10 11.60
N VAL A 16 3.81 1.08 12.03
CA VAL A 16 4.53 1.95 11.10
C VAL A 16 5.71 1.24 10.43
N ILE A 17 6.49 0.48 11.20
CA ILE A 17 7.63 -0.24 10.62
C ILE A 17 7.24 -1.63 10.17
N GLY A 18 6.20 -2.18 10.79
CA GLY A 18 5.74 -3.52 10.46
C GLY A 18 6.23 -4.54 11.46
N LYS A 19 6.90 -4.06 12.50
CA LYS A 19 7.46 -4.91 13.55
C LYS A 19 8.34 -5.99 12.95
N GLY A 20 9.22 -5.57 12.05
CA GLY A 20 10.05 -6.51 11.31
C GLY A 20 10.40 -5.99 9.94
N GLY A 21 9.89 -4.82 9.59
CA GLY A 21 10.21 -4.21 8.32
C GLY A 21 9.19 -4.52 7.24
N GLU A 22 7.97 -4.79 7.66
CA GLU A 22 6.89 -5.09 6.72
C GLU A 22 6.27 -3.81 6.19
N THR A 23 5.72 -3.01 7.10
CA THR A 23 5.06 -1.76 6.74
C THR A 23 6.03 -0.80 6.05
N ILE A 24 7.24 -0.67 6.61
CA ILE A 24 8.22 0.27 6.08
C ILE A 24 8.56 -0.09 4.63
N LYS A 25 8.51 -1.38 4.32
CA LYS A 25 8.77 -1.85 2.98
C LYS A 25 7.70 -1.31 2.02
N GLN A 26 6.46 -1.27 2.48
CA GLN A 26 5.37 -0.77 1.69
C GLN A 26 5.40 0.75 1.65
N LEU A 27 5.71 1.35 2.77
CA LEU A 27 5.84 2.80 2.85
C LEU A 27 7.00 3.27 1.97
N GLN A 28 7.96 2.38 1.72
CA GLN A 28 9.04 2.68 0.79
C GLN A 28 8.65 2.37 -0.65
N GLU A 29 8.29 1.12 -0.92
CA GLU A 29 8.05 0.68 -2.30
C GLU A 29 6.64 1.03 -2.78
N ARG A 30 5.66 0.84 -1.92
CA ARG A 30 4.27 1.09 -2.27
C ARG A 30 4.00 2.58 -2.34
N ALA A 31 4.59 3.32 -1.42
CA ALA A 31 4.45 4.76 -1.43
C ALA A 31 5.47 5.41 -2.38
N GLY A 32 6.45 4.63 -2.83
CA GLY A 32 7.41 5.12 -3.81
C GLY A 32 8.40 6.11 -3.21
N VAL A 33 8.40 6.22 -1.90
CA VAL A 33 9.24 7.20 -1.21
C VAL A 33 10.07 6.54 -0.12
N LYS A 34 11.21 7.12 0.19
CA LYS A 34 12.04 6.59 1.24
C LYS A 34 11.66 7.22 2.57
N MET A 35 11.07 6.44 3.44
CA MET A 35 10.76 6.91 4.77
C MET A 35 11.85 6.48 5.73
N ILE A 36 12.43 7.44 6.42
CA ILE A 36 13.55 7.16 7.31
C ILE A 36 13.18 7.53 8.75
N LEU A 37 13.03 6.51 9.55
CA LEU A 37 12.58 6.64 10.93
C LEU A 37 13.46 5.82 11.85
N ILE A 38 13.69 6.33 13.06
CA ILE A 38 14.54 5.65 14.02
C ILE A 38 13.90 4.37 14.52
N GLN A 39 14.40 3.25 14.03
CA GLN A 39 13.91 1.93 14.44
C GLN A 39 15.04 0.92 14.44
N ASP A 40 16.26 1.46 14.51
CA ASP A 40 17.49 0.68 14.36
C ASP A 40 17.82 -0.10 15.64
N GLY A 41 16.82 -0.35 16.46
CA GLY A 41 17.04 -1.07 17.71
C GLY A 41 17.53 -0.16 18.81
N SER A 42 18.62 0.54 18.55
CA SER A 42 19.17 1.50 19.50
C SER A 42 18.57 2.88 19.24
N GLN A 43 19.26 3.93 19.70
CA GLN A 43 18.79 5.31 19.53
C GLN A 43 17.46 5.51 20.27
N ASN A 44 16.49 6.11 19.58
CA ASN A 44 15.17 6.32 20.16
C ASN A 44 14.33 5.05 20.06
N THR A 45 14.71 4.04 20.82
CA THR A 45 13.96 2.79 20.83
C THR A 45 12.71 2.90 21.70
N ASN A 46 12.88 3.49 22.88
CA ASN A 46 11.77 3.63 23.83
C ASN A 46 11.08 4.98 23.66
N VAL A 47 11.61 5.80 22.78
CA VAL A 47 11.09 7.14 22.55
C VAL A 47 10.35 7.19 21.21
N ASP A 48 9.48 8.18 21.06
CA ASP A 48 8.79 8.41 19.80
C ASP A 48 9.79 8.85 18.74
N LYS A 49 9.45 8.62 17.48
CA LYS A 49 10.43 8.60 16.41
C LYS A 49 9.99 9.48 15.24
N PRO A 50 10.86 10.38 14.79
CA PRO A 50 10.56 11.25 13.65
C PRO A 50 10.69 10.51 12.32
N LEU A 51 9.63 10.55 11.54
CA LEU A 51 9.58 9.86 10.26
C LEU A 51 9.72 10.87 9.13
N ARG A 52 10.74 10.71 8.31
CA ARG A 52 10.96 11.59 7.17
C ARG A 52 10.53 10.91 5.89
N ILE A 53 9.60 11.53 5.19
CA ILE A 53 9.19 11.05 3.89
C ILE A 53 10.03 11.72 2.81
N ILE A 54 10.89 10.95 2.18
CA ILE A 54 11.77 11.48 1.14
C ILE A 54 11.28 11.04 -0.23
N GLY A 55 10.94 12.02 -1.06
CA GLY A 55 10.45 11.73 -2.39
C GLY A 55 9.95 12.97 -3.10
N ASP A 56 9.32 12.77 -4.24
CA ASP A 56 8.74 13.88 -5.00
C ASP A 56 7.57 14.48 -4.22
N PRO A 57 7.42 15.81 -4.26
CA PRO A 57 6.42 16.54 -3.45
C PRO A 57 5.04 15.90 -3.45
N TYR A 58 4.55 15.57 -4.64
CA TYR A 58 3.22 14.98 -4.79
C TYR A 58 3.11 13.68 -4.01
N LYS A 59 4.17 12.89 -4.06
CA LYS A 59 4.21 11.61 -3.39
C LYS A 59 4.23 11.81 -1.89
N VAL A 60 5.06 12.75 -1.44
CA VAL A 60 5.16 13.09 -0.04
C VAL A 60 3.82 13.54 0.51
N GLN A 61 3.03 14.21 -0.32
CA GLN A 61 1.75 14.74 0.11
C GLN A 61 0.71 13.65 0.27
N GLN A 62 0.70 12.69 -0.64
CA GLN A 62 -0.26 11.61 -0.58
C GLN A 62 0.09 10.65 0.56
N ALA A 63 1.37 10.57 0.86
CA ALA A 63 1.87 9.68 1.90
C ALA A 63 1.81 10.35 3.27
N CYS A 64 2.08 11.66 3.34
CA CYS A 64 2.14 12.37 4.61
C CYS A 64 0.85 12.20 5.40
N GLU A 65 -0.28 12.31 4.71
CA GLU A 65 -1.57 12.15 5.32
C GLU A 65 -1.78 10.70 5.74
N MET A 66 -1.33 9.76 4.92
CA MET A 66 -1.57 8.35 5.20
C MET A 66 -0.72 7.89 6.38
N VAL A 67 0.48 8.45 6.50
CA VAL A 67 1.32 8.17 7.65
C VAL A 67 0.58 8.51 8.93
N MET A 68 -0.21 9.59 8.88
CA MET A 68 -1.01 9.99 10.03
C MET A 68 -2.30 9.17 10.10
N ASP A 69 -2.74 8.73 8.93
CA ASP A 69 -4.05 8.08 8.76
C ASP A 69 -4.05 6.65 9.26
N ILE A 70 -2.99 5.92 8.98
CA ILE A 70 -2.89 4.55 9.43
C ILE A 70 -2.25 4.43 10.82
N LEU A 71 -1.43 5.40 11.17
CA LEU A 71 -0.76 5.44 12.47
C LEU A 71 -1.77 5.72 13.60
N ARG A 72 -2.88 6.36 13.26
CA ARG A 72 -3.89 6.73 14.25
C ARG A 72 -4.45 5.51 14.96
N GLU A 73 -4.29 4.35 14.33
CA GLU A 73 -4.83 3.09 14.81
C GLU A 73 -4.49 2.81 16.29
N ARG A 74 -3.36 2.13 16.51
CA ARG A 74 -2.98 1.62 17.82
C ARG A 74 -1.81 0.66 17.64
N ASP A 75 -2.16 -0.56 17.29
CA ASP A 75 -1.18 -1.59 16.92
C ASP A 75 -1.92 -2.77 16.31
N GLN A 76 -3.20 -2.55 16.01
CA GLN A 76 -4.07 -3.61 15.52
C GLN A 76 -3.95 -3.73 14.01
N GLY A 77 -4.57 -2.79 13.29
CA GLY A 77 -4.56 -2.84 11.85
C GLY A 77 -4.41 -1.48 11.22
N GLY A 78 -3.16 -1.02 11.11
CA GLY A 78 -2.90 0.24 10.43
C GLY A 78 -2.60 0.00 8.95
N PHE A 79 -3.10 -1.13 8.44
CA PHE A 79 -3.10 -1.47 7.01
C PHE A 79 -1.69 -1.76 6.46
N GLY A 80 -0.65 -1.23 7.11
CA GLY A 80 0.71 -1.52 6.69
C GLY A 80 1.16 -0.60 5.56
N ASP A 81 0.42 0.47 5.38
CA ASP A 81 0.61 1.42 4.28
C ASP A 81 -0.53 2.41 4.31
N ARG A 82 -1.71 1.89 4.05
CA ARG A 82 -2.96 2.63 4.13
C ARG A 82 -4.06 1.82 3.46
N ASN A 83 -3.62 0.87 2.63
CA ASN A 83 -4.52 -0.06 1.94
C ASN A 83 -5.34 0.71 0.92
N GLU A 84 -4.68 1.61 0.22
CA GLU A 84 -5.37 2.51 -0.69
C GLU A 84 -4.39 3.10 -1.70
N TYR A 85 -3.29 3.66 -1.20
CA TYR A 85 -2.24 4.25 -2.04
C TYR A 85 -1.10 4.73 -1.18
N GLY A 86 -0.01 5.13 -1.82
CA GLY A 86 1.15 5.63 -1.10
C GLY A 86 1.69 6.92 -1.70
N SER A 87 1.18 7.25 -2.90
CA SER A 87 1.65 8.40 -3.66
C SER A 87 0.89 8.45 -4.97
N ARG A 88 0.99 7.35 -5.70
CA ARG A 88 0.16 7.13 -6.87
C ARG A 88 -1.27 6.89 -6.42
N ILE A 89 -2.16 6.70 -7.37
CA ILE A 89 -3.55 6.37 -7.08
C ILE A 89 -4.33 7.63 -6.67
N GLY A 90 -4.10 8.11 -5.45
CA GLY A 90 -4.80 9.28 -4.95
C GLY A 90 -6.30 9.20 -5.18
N GLY A 91 -6.88 8.04 -4.86
CA GLY A 91 -8.28 7.80 -5.13
C GLY A 91 -8.52 6.36 -5.56
N GLY A 92 -8.98 5.55 -4.62
CA GLY A 92 -9.14 4.13 -4.89
C GLY A 92 -8.18 3.32 -4.06
N ILE A 93 -8.40 2.02 -3.99
CA ILE A 93 -7.61 1.15 -3.10
C ILE A 93 -6.43 0.52 -3.83
N ASP A 94 -5.69 -0.31 -3.09
CA ASP A 94 -4.54 -1.01 -3.63
C ASP A 94 -4.87 -2.51 -3.73
N VAL A 95 -4.31 -3.18 -4.73
CA VAL A 95 -4.46 -4.63 -4.83
C VAL A 95 -3.14 -5.29 -5.24
N PRO A 96 -2.39 -5.80 -4.25
CA PRO A 96 -1.18 -6.60 -4.48
C PRO A 96 -1.51 -7.94 -5.13
N VAL A 97 -1.16 -8.07 -6.39
CA VAL A 97 -1.40 -9.31 -7.13
C VAL A 97 -0.12 -10.11 -7.27
N PRO A 98 -0.11 -11.34 -6.75
CA PRO A 98 0.97 -12.29 -6.99
C PRO A 98 1.32 -12.35 -8.48
N ARG A 99 2.61 -12.19 -8.77
CA ARG A 99 3.11 -12.07 -10.14
C ARG A 99 2.63 -13.21 -11.05
N HIS A 100 2.45 -14.39 -10.48
CA HIS A 100 2.04 -15.56 -11.26
C HIS A 100 0.52 -15.55 -11.47
N SER A 101 -0.16 -14.65 -10.78
CA SER A 101 -1.62 -14.58 -10.84
C SER A 101 -2.07 -13.37 -11.64
N VAL A 102 -1.17 -12.40 -11.78
CA VAL A 102 -1.44 -11.20 -12.58
C VAL A 102 -2.04 -11.54 -13.94
N GLY A 103 -1.46 -12.53 -14.62
CA GLY A 103 -1.93 -12.92 -15.93
C GLY A 103 -3.37 -13.43 -15.93
N VAL A 104 -3.83 -13.87 -14.76
CA VAL A 104 -5.18 -14.36 -14.60
C VAL A 104 -6.13 -13.20 -14.30
N VAL A 105 -5.65 -12.26 -13.49
CA VAL A 105 -6.41 -11.05 -13.17
C VAL A 105 -6.58 -10.19 -14.42
N ILE A 106 -5.52 -10.14 -15.22
CA ILE A 106 -5.56 -9.46 -16.50
C ILE A 106 -6.42 -10.25 -17.47
N GLY A 107 -6.25 -11.56 -17.47
CA GLY A 107 -7.08 -12.42 -18.27
C GLY A 107 -6.57 -12.56 -19.69
N ARG A 108 -5.40 -13.21 -19.82
CA ARG A 108 -4.81 -13.53 -21.12
C ARG A 108 -4.57 -12.28 -21.97
N SER A 109 -5.53 -11.97 -22.84
CA SER A 109 -5.43 -10.81 -23.72
C SER A 109 -5.73 -9.53 -22.95
N GLY A 110 -6.28 -9.69 -21.76
CA GLY A 110 -6.63 -8.56 -20.94
C GLY A 110 -8.11 -8.35 -20.85
N GLU A 111 -8.88 -9.41 -21.09
CA GLU A 111 -10.33 -9.32 -21.09
C GLU A 111 -10.91 -9.46 -19.68
N MET A 112 -10.07 -9.87 -18.73
CA MET A 112 -10.53 -10.04 -17.35
C MET A 112 -10.36 -8.73 -16.58
N ILE A 113 -9.24 -8.06 -16.81
CA ILE A 113 -8.92 -6.82 -16.13
C ILE A 113 -9.96 -5.74 -16.46
N LYS A 114 -10.59 -5.89 -17.62
CA LYS A 114 -11.58 -4.94 -18.08
C LYS A 114 -12.96 -5.29 -17.50
N LYS A 115 -13.14 -6.55 -17.11
CA LYS A 115 -14.39 -6.97 -16.49
C LYS A 115 -14.54 -6.32 -15.13
N ILE A 116 -13.41 -6.12 -14.45
CA ILE A 116 -13.42 -5.41 -13.18
C ILE A 116 -13.87 -3.97 -13.39
N GLN A 117 -13.46 -3.42 -14.53
CA GLN A 117 -13.80 -2.05 -14.90
C GLN A 117 -15.27 -1.94 -15.31
N ASN A 118 -15.82 -3.05 -15.79
CA ASN A 118 -17.22 -3.09 -16.22
C ASN A 118 -18.14 -3.43 -15.05
N ASP A 119 -17.70 -4.37 -14.23
CA ASP A 119 -18.52 -4.88 -13.13
C ASP A 119 -18.52 -3.92 -11.95
N ALA A 120 -17.34 -3.51 -11.52
CA ALA A 120 -17.24 -2.62 -10.38
C ALA A 120 -17.20 -1.16 -10.84
N GLY A 121 -17.03 -0.96 -12.14
CA GLY A 121 -17.01 0.38 -12.70
C GLY A 121 -15.75 1.14 -12.32
N VAL A 122 -14.66 0.42 -12.16
CA VAL A 122 -13.41 1.01 -11.70
C VAL A 122 -12.42 1.20 -12.84
N ARG A 123 -11.23 1.70 -12.50
CA ARG A 123 -10.15 1.86 -13.46
C ARG A 123 -8.86 1.30 -12.85
N ILE A 124 -8.02 0.68 -13.68
CA ILE A 124 -6.87 -0.05 -13.17
C ILE A 124 -5.54 0.64 -13.53
N GLN A 125 -4.59 0.58 -12.61
CA GLN A 125 -3.24 1.09 -12.82
C GLN A 125 -2.23 0.27 -12.02
N PHE A 126 -1.36 -0.45 -12.70
CA PHE A 126 -0.31 -1.18 -12.01
C PHE A 126 0.82 -0.23 -11.63
N LYS A 127 0.96 0.00 -10.33
CA LYS A 127 1.90 0.98 -9.83
C LYS A 127 2.92 0.33 -8.88
N GLN A 128 4.18 0.29 -9.31
CA GLN A 128 5.24 -0.27 -8.49
C GLN A 128 4.96 -1.73 -8.16
N ASP A 129 5.73 -2.26 -7.22
CA ASP A 129 5.52 -3.62 -6.72
C ASP A 129 5.63 -3.59 -5.22
N ASP A 130 5.31 -4.70 -4.57
CA ASP A 130 5.54 -4.79 -3.13
C ASP A 130 6.97 -5.22 -2.89
N GLY A 131 7.59 -4.61 -1.89
CA GLY A 131 9.02 -4.80 -1.65
C GLY A 131 9.42 -6.22 -1.31
N THR A 132 8.44 -7.09 -1.06
CA THR A 132 8.76 -8.48 -0.81
C THR A 132 9.06 -9.21 -2.11
N GLY A 133 8.51 -8.72 -3.22
CA GLY A 133 8.78 -9.31 -4.52
C GLY A 133 7.55 -9.87 -5.23
N PRO A 134 6.97 -10.98 -4.74
CA PRO A 134 5.89 -11.71 -5.42
C PRO A 134 4.69 -10.86 -5.86
N GLU A 135 4.15 -10.06 -4.95
CA GLU A 135 2.89 -9.37 -5.21
C GLU A 135 3.09 -7.97 -5.76
N LYS A 136 2.32 -7.66 -6.80
CA LYS A 136 2.41 -6.38 -7.49
C LYS A 136 1.15 -5.54 -7.24
N ILE A 137 1.36 -4.37 -6.67
CA ILE A 137 0.28 -3.48 -6.27
C ILE A 137 -0.40 -2.83 -7.47
N ALA A 138 -1.68 -3.14 -7.65
CA ALA A 138 -2.48 -2.51 -8.68
C ALA A 138 -3.46 -1.48 -8.09
N HIS A 139 -3.65 -0.40 -8.81
CA HIS A 139 -4.57 0.66 -8.42
C HIS A 139 -5.98 0.37 -8.90
N ILE A 140 -6.93 0.38 -7.97
CA ILE A 140 -8.34 0.32 -8.31
C ILE A 140 -8.98 1.68 -8.09
N MET A 141 -9.29 2.34 -9.19
CA MET A 141 -9.83 3.70 -9.16
C MET A 141 -11.35 3.70 -9.22
N GLY A 142 -11.99 4.41 -8.31
CA GLY A 142 -13.43 4.54 -8.33
C GLY A 142 -13.97 4.99 -7.01
N PRO A 143 -15.30 4.92 -6.81
CA PRO A 143 -15.91 5.25 -5.53
C PRO A 143 -15.47 4.27 -4.44
N PRO A 144 -15.29 4.76 -3.20
CA PRO A 144 -14.73 3.99 -2.08
C PRO A 144 -15.28 2.57 -1.98
N ASP A 145 -16.60 2.43 -2.04
CA ASP A 145 -17.25 1.13 -1.97
C ASP A 145 -16.82 0.24 -3.13
N ARG A 146 -16.87 0.81 -4.34
CA ARG A 146 -16.56 0.06 -5.54
C ARG A 146 -15.08 -0.30 -5.61
N CYS A 147 -14.26 0.46 -4.90
CA CYS A 147 -12.83 0.16 -4.80
C CYS A 147 -12.64 -1.23 -4.19
N GLU A 148 -13.28 -1.46 -3.06
CA GLU A 148 -13.20 -2.75 -2.39
C GLU A 148 -14.04 -3.79 -3.12
N HIS A 149 -15.13 -3.34 -3.72
CA HIS A 149 -15.99 -4.19 -4.53
C HIS A 149 -15.22 -4.74 -5.73
N ALA A 150 -14.25 -3.97 -6.19
CA ALA A 150 -13.41 -4.39 -7.30
C ALA A 150 -12.32 -5.34 -6.83
N ALA A 151 -11.79 -5.05 -5.66
CA ALA A 151 -10.71 -5.84 -5.07
C ALA A 151 -11.18 -7.27 -4.80
N ARG A 152 -12.48 -7.45 -4.65
CA ARG A 152 -13.03 -8.74 -4.30
C ARG A 152 -13.04 -9.66 -5.51
N ILE A 153 -13.06 -9.06 -6.69
CA ILE A 153 -12.99 -9.81 -7.93
C ILE A 153 -11.61 -10.44 -8.09
N ILE A 154 -10.60 -9.65 -7.74
CA ILE A 154 -9.21 -10.10 -7.76
C ILE A 154 -8.96 -11.09 -6.63
N ASN A 155 -9.53 -10.79 -5.47
CA ASN A 155 -9.43 -11.66 -4.30
C ASN A 155 -9.99 -13.04 -4.61
N ASP A 156 -11.15 -13.08 -5.26
CA ASP A 156 -11.77 -14.33 -5.66
C ASP A 156 -10.84 -15.14 -6.57
N LEU A 157 -10.11 -14.43 -7.43
CA LEU A 157 -9.17 -15.08 -8.33
C LEU A 157 -8.03 -15.73 -7.53
N LEU A 158 -7.42 -14.95 -6.64
CA LEU A 158 -6.32 -15.43 -5.82
C LEU A 158 -6.80 -16.56 -4.89
N GLN A 159 -8.02 -16.39 -4.40
CA GLN A 159 -8.63 -17.37 -3.50
C GLN A 159 -8.95 -18.67 -4.23
N SER A 160 -9.32 -18.55 -5.50
CA SER A 160 -9.60 -19.72 -6.33
C SER A 160 -8.32 -20.49 -6.61
N LEU A 161 -7.18 -19.81 -6.52
CA LEU A 161 -5.89 -20.43 -6.78
C LEU A 161 -5.37 -21.16 -5.53
N ARG A 162 -6.09 -21.05 -4.43
CA ARG A 162 -5.76 -21.81 -3.24
C ARG A 162 -6.21 -23.25 -3.44
N SER A 163 -5.38 -24.21 -3.08
CA SER A 163 -5.73 -25.62 -3.24
C SER A 163 -6.76 -26.02 -2.19
N GLY A 164 -8.01 -26.12 -2.63
CA GLY A 164 -9.10 -26.39 -1.71
C GLY A 164 -9.87 -25.13 -1.40
N GLY A 1 8.37 18.52 0.16
CA GLY A 1 7.87 17.31 -0.55
C GLY A 1 8.99 16.52 -1.19
N THR A 2 9.89 16.03 -0.36
CA THR A 2 11.03 15.23 -0.80
C THR A 2 11.56 14.47 0.41
N VAL A 3 11.62 15.18 1.54
CA VAL A 3 11.83 14.57 2.85
C VAL A 3 11.00 15.30 3.89
N GLN A 4 10.01 14.61 4.43
CA GLN A 4 9.17 15.15 5.49
C GLN A 4 9.21 14.23 6.71
N GLU A 5 8.87 14.74 7.87
CA GLU A 5 8.88 13.94 9.08
C GLU A 5 7.49 13.80 9.68
N ILE A 6 7.10 12.58 9.95
CA ILE A 6 5.81 12.28 10.57
C ILE A 6 6.04 11.75 11.99
N MET A 7 5.12 12.08 12.89
CA MET A 7 5.29 11.73 14.29
C MET A 7 4.71 10.34 14.59
N ILE A 8 5.60 9.40 14.88
CA ILE A 8 5.21 8.04 15.25
C ILE A 8 5.43 7.83 16.76
N PRO A 9 4.34 7.80 17.54
CA PRO A 9 4.41 7.50 18.97
C PRO A 9 4.75 6.03 19.21
N ALA A 10 5.16 5.70 20.43
CA ALA A 10 5.44 4.32 20.79
C ALA A 10 4.14 3.50 20.72
N GLY A 11 4.25 2.25 20.31
CA GLY A 11 3.08 1.46 20.06
C GLY A 11 2.72 1.51 18.59
N LYS A 12 2.50 2.72 18.09
CA LYS A 12 2.25 2.94 16.69
C LYS A 12 3.49 2.64 15.87
N ALA A 13 4.65 2.83 16.49
CA ALA A 13 5.91 2.46 15.85
C ALA A 13 5.87 1.01 15.39
N GLY A 14 5.18 0.18 16.17
CA GLY A 14 5.06 -1.22 15.85
C GLY A 14 4.32 -1.46 14.55
N LEU A 15 3.18 -0.80 14.38
CA LEU A 15 2.38 -1.02 13.18
C LEU A 15 2.94 -0.25 11.99
N VAL A 16 3.77 0.76 12.25
CA VAL A 16 4.44 1.50 11.19
C VAL A 16 5.63 0.73 10.64
N ILE A 17 6.39 0.08 11.52
CA ILE A 17 7.54 -0.70 11.06
C ILE A 17 7.14 -2.14 10.74
N GLY A 18 6.11 -2.63 11.42
CA GLY A 18 5.66 -4.00 11.22
C GLY A 18 6.23 -4.93 12.27
N LYS A 19 6.72 -4.33 13.37
CA LYS A 19 7.37 -5.07 14.45
C LYS A 19 8.54 -5.89 13.92
N GLY A 20 9.36 -5.25 13.09
CA GLY A 20 10.51 -5.93 12.52
C GLY A 20 10.86 -5.41 11.15
N GLY A 21 9.85 -5.05 10.37
CA GLY A 21 10.10 -4.56 9.03
C GLY A 21 8.96 -4.81 8.07
N GLU A 22 8.00 -5.64 8.48
CA GLU A 22 6.83 -5.97 7.64
C GLU A 22 6.20 -4.75 6.99
N THR A 23 5.93 -3.72 7.76
CA THR A 23 5.22 -2.55 7.25
C THR A 23 6.18 -1.62 6.51
N ILE A 24 7.42 -1.51 6.97
CA ILE A 24 8.37 -0.60 6.34
C ILE A 24 8.67 -1.06 4.92
N LYS A 25 8.52 -2.37 4.69
CA LYS A 25 8.61 -2.95 3.36
C LYS A 25 7.63 -2.26 2.43
N GLN A 26 6.38 -2.23 2.86
CA GLN A 26 5.31 -1.66 2.06
C GLN A 26 5.51 -0.16 1.89
N LEU A 27 5.83 0.51 2.98
CA LEU A 27 6.04 1.95 2.95
C LEU A 27 7.18 2.31 1.99
N GLN A 28 8.13 1.41 1.83
CA GLN A 28 9.23 1.59 0.91
C GLN A 28 8.87 1.16 -0.52
N GLU A 29 8.34 -0.05 -0.65
CA GLU A 29 8.08 -0.62 -1.97
C GLU A 29 6.72 -0.21 -2.52
N ARG A 30 5.67 -0.39 -1.73
CA ARG A 30 4.31 -0.09 -2.16
C ARG A 30 4.15 1.40 -2.39
N ALA A 31 4.72 2.19 -1.47
CA ALA A 31 4.69 3.64 -1.59
C ALA A 31 5.77 4.15 -2.54
N GLY A 32 6.88 3.42 -2.61
CA GLY A 32 7.94 3.79 -3.53
C GLY A 32 8.93 4.78 -2.95
N VAL A 33 8.70 5.17 -1.70
CA VAL A 33 9.56 6.13 -1.02
C VAL A 33 10.31 5.44 0.11
N LYS A 34 11.49 5.94 0.42
CA LYS A 34 12.26 5.40 1.53
C LYS A 34 11.92 6.16 2.80
N MET A 35 11.21 5.49 3.71
CA MET A 35 10.87 6.10 4.98
C MET A 35 11.89 5.69 6.02
N ILE A 36 12.65 6.65 6.49
CA ILE A 36 13.66 6.39 7.48
C ILE A 36 13.28 7.05 8.80
N LEU A 37 12.92 6.23 9.75
CA LEU A 37 12.42 6.69 11.03
C LEU A 37 13.26 6.12 12.13
N ILE A 38 13.58 6.96 13.11
CA ILE A 38 14.48 6.54 14.17
C ILE A 38 13.73 5.63 15.16
N GLN A 39 13.96 4.33 15.02
CA GLN A 39 13.21 3.35 15.79
C GLN A 39 14.18 2.33 16.40
N ASP A 40 13.96 2.02 17.68
CA ASP A 40 14.75 1.02 18.43
C ASP A 40 16.16 1.53 18.74
N GLY A 41 16.64 2.48 17.95
CA GLY A 41 17.96 3.07 18.19
C GLY A 41 17.98 3.90 19.45
N SER A 42 19.17 4.06 20.03
CA SER A 42 19.33 4.78 21.28
C SER A 42 19.19 6.30 21.08
N GLN A 43 17.96 6.74 20.92
CA GLN A 43 17.66 8.16 20.80
C GLN A 43 16.18 8.41 21.10
N ASN A 44 15.30 7.84 20.29
CA ASN A 44 13.86 7.99 20.47
C ASN A 44 13.16 6.65 20.41
N THR A 45 13.61 5.70 21.21
CA THR A 45 13.02 4.37 21.20
C THR A 45 11.76 4.33 22.07
N ASN A 46 11.82 4.97 23.23
CA ASN A 46 10.66 5.06 24.12
C ASN A 46 9.87 6.32 23.81
N VAL A 47 10.41 7.11 22.89
CA VAL A 47 9.89 8.41 22.56
C VAL A 47 9.22 8.40 21.19
N ASP A 48 8.43 9.43 20.88
CA ASP A 48 7.89 9.62 19.54
C ASP A 48 9.02 9.71 18.52
N LYS A 49 8.73 9.30 17.30
CA LYS A 49 9.77 9.11 16.30
C LYS A 49 9.41 9.86 15.01
N PRO A 50 10.34 10.69 14.52
CA PRO A 50 10.18 11.40 13.27
C PRO A 50 10.50 10.53 12.06
N LEU A 51 9.47 10.15 11.33
CA LEU A 51 9.62 9.33 10.14
C LEU A 51 9.95 10.19 8.94
N ARG A 52 11.11 9.98 8.35
CA ARG A 52 11.54 10.77 7.19
C ARG A 52 11.11 10.09 5.90
N ILE A 53 10.19 10.71 5.18
CA ILE A 53 9.76 10.21 3.88
C ILE A 53 10.63 10.80 2.79
N ILE A 54 11.43 9.97 2.13
CA ILE A 54 12.25 10.43 1.03
C ILE A 54 11.65 9.99 -0.30
N GLY A 55 11.28 10.95 -1.15
CA GLY A 55 10.75 10.60 -2.45
C GLY A 55 10.29 11.78 -3.26
N ASP A 56 9.63 11.50 -4.39
CA ASP A 56 9.09 12.54 -5.26
C ASP A 56 8.00 13.33 -4.55
N PRO A 57 7.86 14.62 -4.85
CA PRO A 57 6.94 15.52 -4.13
C PRO A 57 5.51 14.98 -3.99
N TYR A 58 4.89 14.58 -5.09
CA TYR A 58 3.51 14.10 -5.04
C TYR A 58 3.41 12.83 -4.19
N LYS A 59 4.52 12.09 -4.12
CA LYS A 59 4.57 10.87 -3.32
C LYS A 59 4.59 11.21 -1.85
N VAL A 60 5.51 12.10 -1.48
CA VAL A 60 5.71 12.47 -0.08
C VAL A 60 4.43 13.04 0.52
N GLN A 61 3.67 13.78 -0.28
CA GLN A 61 2.40 14.35 0.20
C GLN A 61 1.40 13.24 0.51
N GLN A 62 1.21 12.34 -0.45
CA GLN A 62 0.23 11.27 -0.28
C GLN A 62 0.65 10.35 0.85
N ALA A 63 1.95 10.10 0.96
CA ALA A 63 2.48 9.26 2.03
C ALA A 63 2.35 9.96 3.37
N CYS A 64 2.61 11.28 3.39
CA CYS A 64 2.47 12.07 4.60
C CYS A 64 1.10 11.86 5.22
N GLU A 65 0.09 11.87 4.36
CA GLU A 65 -1.27 11.63 4.79
C GLU A 65 -1.45 10.17 5.19
N MET A 66 -0.96 9.25 4.35
CA MET A 66 -1.24 7.84 4.55
C MET A 66 -0.63 7.32 5.83
N VAL A 67 0.59 7.76 6.14
CA VAL A 67 1.26 7.30 7.35
C VAL A 67 0.47 7.71 8.58
N MET A 68 0.09 8.98 8.67
CA MET A 68 -0.69 9.46 9.81
C MET A 68 -2.06 8.77 9.84
N ASP A 69 -2.55 8.42 8.65
CA ASP A 69 -3.85 7.77 8.51
C ASP A 69 -3.79 6.33 8.98
N ILE A 70 -2.71 5.64 8.65
CA ILE A 70 -2.58 4.24 8.99
C ILE A 70 -2.00 4.06 10.39
N LEU A 71 -1.27 5.05 10.87
CA LEU A 71 -0.78 5.02 12.24
C LEU A 71 -1.86 5.49 13.21
N ARG A 72 -3.02 5.86 12.67
CA ARG A 72 -4.17 6.24 13.51
C ARG A 72 -4.40 5.15 14.54
N GLU A 73 -4.30 3.91 14.08
CA GLU A 73 -4.37 2.73 14.94
C GLU A 73 -5.69 2.63 15.70
N ARG A 74 -6.50 1.64 15.33
CA ARG A 74 -7.68 1.31 16.11
C ARG A 74 -7.45 -0.01 16.84
N ASP A 75 -6.79 -0.95 16.17
CA ASP A 75 -6.60 -2.28 16.73
C ASP A 75 -5.22 -2.85 16.42
N GLN A 76 -4.16 -2.07 16.71
CA GLN A 76 -2.78 -2.58 16.63
C GLN A 76 -2.45 -3.07 15.22
N GLY A 77 -2.38 -2.14 14.28
CA GLY A 77 -2.06 -2.48 12.92
C GLY A 77 -2.33 -1.33 11.98
N GLY A 78 -3.43 -0.63 12.22
CA GLY A 78 -3.80 0.48 11.37
C GLY A 78 -4.38 0.02 10.05
N PHE A 79 -3.54 -0.05 9.03
CA PHE A 79 -3.94 -0.57 7.72
C PHE A 79 -2.80 -1.32 7.05
N GLY A 80 -1.57 -0.91 7.35
CA GLY A 80 -0.40 -1.49 6.70
C GLY A 80 -0.13 -0.81 5.37
N ASP A 81 0.85 0.11 5.37
CA ASP A 81 1.07 1.02 4.24
C ASP A 81 -0.08 1.99 4.15
N ARG A 82 -1.23 1.48 3.72
CA ARG A 82 -2.50 2.17 3.78
C ARG A 82 -3.61 1.33 3.15
N ASN A 83 -3.21 0.50 2.17
CA ASN A 83 -4.14 -0.41 1.49
C ASN A 83 -5.14 0.40 0.67
N GLU A 84 -4.78 1.66 0.48
CA GLU A 84 -5.52 2.58 -0.36
C GLU A 84 -4.57 3.23 -1.34
N TYR A 85 -3.33 3.40 -0.91
CA TYR A 85 -2.24 3.85 -1.76
C TYR A 85 -0.96 4.02 -0.99
N GLY A 86 0.13 3.86 -1.71
CA GLY A 86 1.41 4.23 -1.19
C GLY A 86 2.03 5.34 -2.01
N SER A 87 2.05 6.55 -1.44
CA SER A 87 2.67 7.71 -2.08
C SER A 87 2.17 7.93 -3.52
N ARG A 88 0.90 7.64 -3.75
CA ARG A 88 0.32 7.70 -5.08
C ARG A 88 -1.19 7.65 -4.99
N ILE A 89 -1.84 7.34 -6.11
CA ILE A 89 -3.27 7.11 -6.15
C ILE A 89 -4.07 8.36 -5.78
N GLY A 90 -4.14 8.66 -4.48
CA GLY A 90 -4.94 9.77 -4.00
C GLY A 90 -6.39 9.65 -4.41
N GLY A 91 -6.96 8.45 -4.19
CA GLY A 91 -8.34 8.20 -4.57
C GLY A 91 -8.53 6.77 -5.04
N GLY A 92 -8.68 5.85 -4.10
CA GLY A 92 -8.84 4.45 -4.42
C GLY A 92 -8.09 3.56 -3.45
N ILE A 93 -7.64 2.41 -3.93
CA ILE A 93 -6.88 1.48 -3.10
C ILE A 93 -5.68 0.92 -3.86
N ASP A 94 -4.78 0.29 -3.12
CA ASP A 94 -3.68 -0.46 -3.71
C ASP A 94 -3.92 -1.94 -3.53
N VAL A 95 -3.62 -2.72 -4.56
CA VAL A 95 -3.81 -4.16 -4.49
C VAL A 95 -2.57 -4.90 -5.03
N PRO A 96 -1.66 -5.29 -4.14
CA PRO A 96 -0.52 -6.15 -4.49
C PRO A 96 -1.00 -7.51 -5.01
N VAL A 97 -0.85 -7.74 -6.30
CA VAL A 97 -1.29 -8.98 -6.91
C VAL A 97 -0.10 -9.83 -7.34
N PRO A 98 -0.03 -11.08 -6.87
CA PRO A 98 1.04 -12.01 -7.21
C PRO A 98 1.28 -12.06 -8.71
N ARG A 99 2.53 -11.80 -9.12
CA ARG A 99 2.87 -11.69 -10.54
C ARG A 99 2.64 -12.99 -11.29
N HIS A 100 2.61 -14.11 -10.55
CA HIS A 100 2.37 -15.41 -11.16
C HIS A 100 0.86 -15.66 -11.32
N SER A 101 0.06 -14.70 -10.89
CA SER A 101 -1.39 -14.85 -10.91
C SER A 101 -2.07 -13.66 -11.58
N VAL A 102 -1.29 -12.67 -11.97
CA VAL A 102 -1.85 -11.45 -12.55
C VAL A 102 -2.41 -11.73 -13.95
N GLY A 103 -1.89 -12.77 -14.59
CA GLY A 103 -2.38 -13.16 -15.90
C GLY A 103 -3.85 -13.52 -15.88
N VAL A 104 -4.33 -14.01 -14.75
CA VAL A 104 -5.73 -14.36 -14.59
C VAL A 104 -6.58 -13.11 -14.39
N VAL A 105 -6.03 -12.15 -13.66
CA VAL A 105 -6.73 -10.90 -13.36
C VAL A 105 -6.84 -10.04 -14.61
N ILE A 106 -5.79 -10.05 -15.43
CA ILE A 106 -5.79 -9.31 -16.69
C ILE A 106 -6.55 -10.08 -17.76
N GLY A 107 -6.38 -11.39 -17.77
CA GLY A 107 -7.05 -12.23 -18.73
C GLY A 107 -6.15 -12.59 -19.91
N ARG A 108 -6.40 -11.95 -21.03
CA ARG A 108 -5.59 -12.17 -22.22
C ARG A 108 -5.30 -10.84 -22.91
N SER A 109 -6.34 -10.21 -23.45
CA SER A 109 -6.19 -8.92 -24.10
C SER A 109 -6.36 -7.79 -23.09
N GLY A 110 -6.66 -8.17 -21.85
CA GLY A 110 -6.92 -7.18 -20.83
C GLY A 110 -8.40 -6.90 -20.70
N GLU A 111 -9.21 -7.92 -20.97
CA GLU A 111 -10.66 -7.77 -20.90
C GLU A 111 -11.16 -8.17 -19.52
N MET A 112 -10.43 -9.05 -18.85
CA MET A 112 -10.82 -9.51 -17.52
C MET A 112 -10.68 -8.39 -16.50
N ILE A 113 -9.65 -7.58 -16.69
CA ILE A 113 -9.39 -6.43 -15.83
C ILE A 113 -10.45 -5.35 -16.07
N LYS A 114 -10.92 -5.26 -17.31
CA LYS A 114 -12.01 -4.37 -17.66
C LYS A 114 -13.32 -4.94 -17.14
N LYS A 115 -13.35 -6.26 -17.03
CA LYS A 115 -14.49 -6.97 -16.50
C LYS A 115 -14.63 -6.69 -15.00
N ILE A 116 -13.52 -6.48 -14.30
CA ILE A 116 -13.56 -6.04 -12.91
C ILE A 116 -14.24 -4.68 -12.83
N GLN A 117 -13.97 -3.86 -13.85
CA GLN A 117 -14.53 -2.53 -13.95
C GLN A 117 -16.01 -2.60 -14.32
N ASN A 118 -16.42 -3.71 -14.89
CA ASN A 118 -17.82 -3.91 -15.28
C ASN A 118 -18.66 -4.31 -14.08
N ASP A 119 -18.02 -5.00 -13.14
CA ASP A 119 -18.74 -5.52 -11.99
C ASP A 119 -18.97 -4.43 -10.95
N ALA A 120 -17.89 -3.79 -10.52
CA ALA A 120 -18.01 -2.78 -9.46
C ALA A 120 -17.98 -1.36 -10.04
N GLY A 121 -17.30 -1.18 -11.17
CA GLY A 121 -17.12 0.15 -11.72
C GLY A 121 -15.89 0.83 -11.16
N VAL A 122 -14.73 0.41 -11.62
CA VAL A 122 -13.46 0.91 -11.10
C VAL A 122 -12.50 1.24 -12.23
N ARG A 123 -11.43 1.94 -11.90
CA ARG A 123 -10.42 2.32 -12.89
C ARG A 123 -9.06 1.77 -12.43
N ILE A 124 -8.26 1.25 -13.35
CA ILE A 124 -7.07 0.50 -12.97
C ILE A 124 -5.77 1.21 -13.39
N GLN A 125 -4.82 1.21 -12.45
CA GLN A 125 -3.47 1.72 -12.66
C GLN A 125 -2.48 0.68 -12.13
N PHE A 126 -1.39 0.43 -12.83
CA PHE A 126 -0.36 -0.46 -12.33
C PHE A 126 0.88 0.34 -12.01
N LYS A 127 1.23 0.40 -10.73
CA LYS A 127 2.30 1.26 -10.28
C LYS A 127 3.30 0.50 -9.42
N GLN A 128 4.55 0.97 -9.43
CA GLN A 128 5.62 0.40 -8.62
C GLN A 128 6.01 -0.99 -9.09
N ASP A 129 6.39 -1.85 -8.13
CA ASP A 129 6.84 -3.21 -8.40
C ASP A 129 5.92 -3.92 -9.38
N ASP A 130 6.42 -4.08 -10.60
CA ASP A 130 5.64 -4.63 -11.69
C ASP A 130 6.06 -6.07 -11.97
N GLY A 131 6.85 -6.62 -11.06
CA GLY A 131 7.41 -7.94 -11.27
C GLY A 131 8.74 -8.11 -10.57
N THR A 132 9.31 -7.01 -10.14
CA THR A 132 10.50 -7.04 -9.31
C THR A 132 10.21 -7.78 -8.00
N GLY A 133 9.21 -7.29 -7.27
CA GLY A 133 8.71 -8.01 -6.13
C GLY A 133 7.80 -9.15 -6.55
N PRO A 134 7.34 -9.98 -5.60
CA PRO A 134 6.45 -11.10 -5.90
C PRO A 134 5.06 -10.64 -6.35
N GLU A 135 4.62 -9.53 -5.78
CA GLU A 135 3.30 -9.00 -6.10
C GLU A 135 3.42 -7.68 -6.87
N LYS A 136 2.38 -7.40 -7.64
CA LYS A 136 2.30 -6.17 -8.43
C LYS A 136 1.23 -5.28 -7.83
N ILE A 137 1.64 -4.14 -7.29
CA ILE A 137 0.70 -3.20 -6.70
C ILE A 137 -0.17 -2.54 -7.76
N ALA A 138 -1.42 -2.96 -7.82
CA ALA A 138 -2.37 -2.34 -8.72
C ALA A 138 -3.17 -1.25 -8.00
N HIS A 139 -3.43 -0.17 -8.70
CA HIS A 139 -4.23 0.92 -8.17
C HIS A 139 -5.67 0.78 -8.64
N ILE A 140 -6.54 0.52 -7.68
CA ILE A 140 -7.96 0.51 -7.93
C ILE A 140 -8.56 1.89 -7.65
N MET A 141 -9.14 2.48 -8.66
CA MET A 141 -9.72 3.82 -8.54
C MET A 141 -11.23 3.74 -8.50
N GLY A 142 -11.85 4.51 -7.62
CA GLY A 142 -13.29 4.55 -7.55
C GLY A 142 -13.77 4.87 -6.15
N PRO A 143 -15.09 4.95 -5.95
CA PRO A 143 -15.68 5.15 -4.62
C PRO A 143 -15.16 4.12 -3.61
N PRO A 144 -15.08 4.53 -2.33
CA PRO A 144 -14.56 3.69 -1.23
C PRO A 144 -15.22 2.31 -1.16
N ASP A 145 -16.46 2.21 -1.62
CA ASP A 145 -17.12 0.91 -1.73
C ASP A 145 -16.59 0.16 -2.94
N ARG A 146 -16.52 0.88 -4.05
CA ARG A 146 -16.10 0.30 -5.33
C ARG A 146 -14.68 -0.24 -5.26
N CYS A 147 -13.77 0.54 -4.71
CA CYS A 147 -12.38 0.13 -4.61
C CYS A 147 -12.25 -1.18 -3.85
N GLU A 148 -12.75 -1.22 -2.64
CA GLU A 148 -12.67 -2.41 -1.81
C GLU A 148 -13.53 -3.54 -2.36
N HIS A 149 -14.55 -3.20 -3.14
CA HIS A 149 -15.39 -4.18 -3.80
C HIS A 149 -14.59 -4.88 -4.91
N ALA A 150 -13.65 -4.14 -5.48
CA ALA A 150 -12.85 -4.65 -6.60
C ALA A 150 -11.74 -5.56 -6.10
N ALA A 151 -11.11 -5.17 -4.99
CA ALA A 151 -10.03 -5.95 -4.39
C ALA A 151 -10.52 -7.34 -4.02
N ARG A 152 -11.79 -7.42 -3.65
CA ARG A 152 -12.40 -8.65 -3.19
C ARG A 152 -12.72 -9.55 -4.39
N ILE A 153 -12.77 -8.96 -5.57
CA ILE A 153 -12.95 -9.73 -6.80
C ILE A 153 -11.60 -10.31 -7.23
N ILE A 154 -10.58 -9.47 -7.15
CA ILE A 154 -9.22 -9.88 -7.52
C ILE A 154 -8.73 -10.99 -6.59
N ASN A 155 -8.93 -10.79 -5.29
CA ASN A 155 -8.52 -11.77 -4.29
C ASN A 155 -9.21 -13.11 -4.50
N ASP A 156 -10.47 -13.06 -4.93
CA ASP A 156 -11.22 -14.29 -5.23
C ASP A 156 -10.50 -15.10 -6.31
N LEU A 157 -9.98 -14.41 -7.30
CA LEU A 157 -9.23 -15.05 -8.37
C LEU A 157 -7.91 -15.61 -7.85
N LEU A 158 -7.26 -14.86 -6.99
CA LEU A 158 -5.97 -15.27 -6.43
C LEU A 158 -6.15 -16.48 -5.52
N GLN A 159 -7.33 -16.57 -4.90
CA GLN A 159 -7.64 -17.67 -4.00
C GLN A 159 -8.13 -18.90 -4.78
N SER A 160 -8.74 -18.68 -5.93
CA SER A 160 -9.30 -19.77 -6.71
C SER A 160 -8.24 -20.52 -7.53
N LEU A 161 -7.13 -19.86 -7.82
CA LEU A 161 -6.09 -20.44 -8.67
C LEU A 161 -5.09 -21.28 -7.89
N ARG A 162 -5.49 -21.74 -6.71
CA ARG A 162 -4.65 -22.60 -5.87
C ARG A 162 -4.03 -23.74 -6.68
N SER A 163 -2.72 -23.92 -6.53
CA SER A 163 -2.01 -24.97 -7.23
C SER A 163 -1.93 -26.22 -6.35
N GLY A 164 -1.55 -27.34 -6.95
CA GLY A 164 -1.46 -28.58 -6.19
C GLY A 164 -0.65 -29.64 -6.92
N GLY A 1 15.00 17.60 -1.06
CA GLY A 1 13.81 16.78 -1.38
C GLY A 1 12.57 17.28 -0.66
N THR A 2 11.41 16.80 -1.07
CA THR A 2 10.17 17.13 -0.39
C THR A 2 9.97 16.21 0.81
N VAL A 3 10.75 16.44 1.86
CA VAL A 3 10.67 15.59 3.04
C VAL A 3 9.86 16.26 4.14
N GLN A 4 8.98 15.48 4.75
CA GLN A 4 8.20 15.95 5.88
C GLN A 4 8.39 14.98 7.03
N GLU A 5 8.20 15.46 8.24
CA GLU A 5 8.48 14.65 9.42
C GLU A 5 7.22 14.30 10.21
N ILE A 6 6.95 13.01 10.28
CA ILE A 6 5.84 12.50 11.06
C ILE A 6 6.38 11.85 12.32
N MET A 7 5.68 12.02 13.43
CA MET A 7 6.14 11.51 14.71
C MET A 7 5.58 10.10 14.96
N ILE A 8 6.49 9.17 15.24
CA ILE A 8 6.12 7.79 15.53
C ILE A 8 6.05 7.55 17.02
N PRO A 9 4.84 7.45 17.58
CA PRO A 9 4.63 7.12 18.99
C PRO A 9 5.07 5.69 19.30
N ALA A 10 5.54 5.46 20.52
CA ALA A 10 5.85 4.11 20.96
C ALA A 10 4.58 3.29 21.00
N GLY A 11 4.63 2.08 20.47
CA GLY A 11 3.43 1.31 20.28
C GLY A 11 3.00 1.34 18.84
N LYS A 12 3.20 2.47 18.18
CA LYS A 12 2.88 2.61 16.77
C LYS A 12 4.02 2.06 15.92
N ALA A 13 4.98 1.43 16.58
CA ALA A 13 6.08 0.80 15.87
C ALA A 13 5.54 -0.26 14.91
N GLY A 14 4.54 -1.00 15.36
CA GLY A 14 3.92 -2.00 14.51
C GLY A 14 3.14 -1.37 13.36
N LEU A 15 2.87 -0.07 13.49
CA LEU A 15 2.11 0.66 12.49
C LEU A 15 3.02 1.26 11.43
N VAL A 16 4.15 1.81 11.86
CA VAL A 16 5.09 2.45 10.93
C VAL A 16 6.16 1.49 10.43
N ILE A 17 6.84 0.79 11.33
CA ILE A 17 7.87 -0.16 10.89
C ILE A 17 7.27 -1.54 10.71
N GLY A 18 6.20 -1.82 11.45
CA GLY A 18 5.55 -3.10 11.37
C GLY A 18 6.13 -4.10 12.35
N LYS A 19 6.89 -3.59 13.32
CA LYS A 19 7.58 -4.42 14.33
C LYS A 19 8.70 -5.25 13.70
N GLY A 20 8.35 -6.09 12.73
CA GLY A 20 9.34 -6.90 12.05
C GLY A 20 9.96 -6.19 10.86
N GLY A 21 9.43 -5.02 10.54
CA GLY A 21 9.98 -4.23 9.44
C GLY A 21 9.16 -4.36 8.17
N GLU A 22 8.04 -5.06 8.25
CA GLU A 22 7.22 -5.33 7.08
C GLU A 22 6.46 -4.11 6.58
N THR A 23 6.12 -3.19 7.48
CA THR A 23 5.38 -2.01 7.09
C THR A 23 6.26 -1.05 6.29
N ILE A 24 7.51 -0.88 6.71
CA ILE A 24 8.40 0.06 6.05
C ILE A 24 8.69 -0.40 4.63
N LYS A 25 8.62 -1.72 4.40
CA LYS A 25 8.76 -2.27 3.06
C LYS A 25 7.70 -1.67 2.16
N GLN A 26 6.47 -1.71 2.63
CA GLN A 26 5.34 -1.25 1.84
C GLN A 26 5.33 0.26 1.71
N LEU A 27 5.73 0.95 2.76
CA LEU A 27 5.81 2.40 2.71
C LEU A 27 6.89 2.84 1.72
N GLN A 28 7.89 1.98 1.54
CA GLN A 28 8.94 2.22 0.55
C GLN A 28 8.52 1.73 -0.83
N GLU A 29 8.10 0.46 -0.92
CA GLU A 29 7.79 -0.15 -2.21
C GLU A 29 6.36 0.17 -2.67
N ARG A 30 5.37 -0.15 -1.84
CA ARG A 30 3.96 0.05 -2.19
C ARG A 30 3.71 1.51 -2.55
N ALA A 31 4.30 2.42 -1.76
CA ALA A 31 4.10 3.84 -1.98
C ALA A 31 5.10 4.43 -2.97
N GLY A 32 6.29 3.85 -3.03
CA GLY A 32 7.30 4.33 -3.95
C GLY A 32 8.16 5.46 -3.38
N VAL A 33 8.03 5.71 -2.08
CA VAL A 33 8.83 6.73 -1.42
C VAL A 33 9.72 6.09 -0.36
N LYS A 34 10.85 6.72 -0.08
CA LYS A 34 11.74 6.21 0.95
C LYS A 34 11.49 6.94 2.25
N MET A 35 10.93 6.23 3.21
CA MET A 35 10.71 6.81 4.52
C MET A 35 11.88 6.45 5.42
N ILE A 36 12.48 7.46 6.02
CA ILE A 36 13.64 7.27 6.85
C ILE A 36 13.34 7.71 8.27
N LEU A 37 13.35 6.74 9.17
CA LEU A 37 12.98 6.94 10.55
C LEU A 37 14.03 6.29 11.44
N ILE A 38 14.32 6.94 12.56
CA ILE A 38 15.31 6.45 13.50
C ILE A 38 14.92 5.09 14.05
N GLN A 39 15.69 4.08 13.69
CA GLN A 39 15.51 2.73 14.19
C GLN A 39 16.79 2.22 14.80
N ASP A 40 17.87 2.28 14.04
CA ASP A 40 19.18 1.90 14.55
C ASP A 40 19.84 3.11 15.20
N GLY A 41 19.31 3.47 16.35
CA GLY A 41 19.83 4.59 17.10
C GLY A 41 19.26 4.62 18.50
N SER A 42 20.06 4.24 19.48
CA SER A 42 19.58 4.10 20.84
C SER A 42 19.46 5.46 21.53
N GLN A 43 18.56 6.28 21.01
CA GLN A 43 18.23 7.55 21.63
C GLN A 43 16.71 7.66 21.72
N ASN A 44 16.04 7.47 20.59
CA ASN A 44 14.58 7.54 20.55
C ASN A 44 14.00 6.16 20.25
N THR A 45 14.49 5.15 20.95
CA THR A 45 14.01 3.79 20.75
C THR A 45 12.68 3.58 21.46
N ASN A 46 12.61 3.98 22.72
CA ASN A 46 11.37 3.94 23.48
C ASN A 46 10.65 5.28 23.37
N VAL A 47 11.39 6.26 22.84
CA VAL A 47 10.87 7.60 22.62
C VAL A 47 10.23 7.69 21.24
N ASP A 48 9.41 8.72 21.02
CA ASP A 48 8.80 8.95 19.71
C ASP A 48 9.89 9.21 18.67
N LYS A 49 9.59 8.93 17.41
CA LYS A 49 10.61 8.94 16.36
C LYS A 49 10.17 9.82 15.20
N PRO A 50 11.11 10.51 14.56
CA PRO A 50 10.83 11.35 13.41
C PRO A 50 11.00 10.61 12.07
N LEU A 51 9.92 10.57 11.29
CA LEU A 51 9.90 9.92 9.99
C LEU A 51 10.03 10.97 8.90
N ARG A 52 11.00 10.80 8.01
CA ARG A 52 11.12 11.68 6.85
C ARG A 52 10.73 10.94 5.58
N ILE A 53 9.72 11.46 4.89
CA ILE A 53 9.28 10.90 3.62
C ILE A 53 10.06 11.52 2.46
N ILE A 54 10.81 10.71 1.75
CA ILE A 54 11.59 11.20 0.62
C ILE A 54 10.92 10.81 -0.68
N GLY A 55 10.57 11.81 -1.49
CA GLY A 55 9.92 11.55 -2.75
C GLY A 55 9.43 12.82 -3.42
N ASP A 56 8.66 12.65 -4.51
CA ASP A 56 8.05 13.77 -5.21
C ASP A 56 6.92 14.38 -4.39
N PRO A 57 6.72 15.71 -4.49
CA PRO A 57 5.73 16.44 -3.68
C PRO A 57 4.37 15.73 -3.56
N TYR A 58 3.81 15.35 -4.71
CA TYR A 58 2.50 14.70 -4.74
C TYR A 58 2.51 13.41 -3.96
N LYS A 59 3.49 12.55 -4.22
CA LYS A 59 3.53 11.24 -3.60
C LYS A 59 3.92 11.35 -2.12
N VAL A 60 4.59 12.43 -1.76
CA VAL A 60 4.88 12.71 -0.35
C VAL A 60 3.61 13.11 0.37
N GLN A 61 2.82 13.96 -0.26
CA GLN A 61 1.56 14.43 0.29
C GLN A 61 0.65 13.25 0.60
N GLN A 62 0.36 12.46 -0.42
CA GLN A 62 -0.58 11.36 -0.30
C GLN A 62 -0.07 10.29 0.65
N ALA A 63 1.24 10.26 0.86
CA ALA A 63 1.83 9.33 1.81
C ALA A 63 1.79 9.91 3.22
N CYS A 64 2.04 11.20 3.33
CA CYS A 64 2.07 11.88 4.62
C CYS A 64 0.75 11.69 5.35
N GLU A 65 -0.35 11.97 4.67
CA GLU A 65 -1.67 11.83 5.25
C GLU A 65 -1.96 10.39 5.64
N MET A 66 -1.43 9.43 4.88
CA MET A 66 -1.69 8.03 5.16
C MET A 66 -0.80 7.54 6.29
N VAL A 67 0.44 8.02 6.35
CA VAL A 67 1.30 7.71 7.47
C VAL A 67 0.63 8.11 8.77
N MET A 68 0.04 9.29 8.78
CA MET A 68 -0.69 9.77 9.95
C MET A 68 -1.94 8.93 10.18
N ASP A 69 -2.52 8.44 9.10
CA ASP A 69 -3.83 7.80 9.16
C ASP A 69 -3.76 6.32 9.54
N ILE A 70 -2.68 5.63 9.21
CA ILE A 70 -2.52 4.25 9.67
C ILE A 70 -1.84 4.21 11.05
N LEU A 71 -1.12 5.29 11.35
CA LEU A 71 -0.43 5.44 12.64
C LEU A 71 -1.38 5.94 13.73
N ARG A 72 -2.44 6.64 13.32
CA ARG A 72 -3.39 7.24 14.27
C ARG A 72 -4.08 6.20 15.13
N GLU A 73 -3.97 4.94 14.74
CA GLU A 73 -4.67 3.87 15.42
C GLU A 73 -4.35 3.84 16.91
N ARG A 74 -5.38 3.67 17.73
CA ARG A 74 -5.25 3.63 19.18
C ARG A 74 -4.67 2.28 19.60
N ASP A 75 -4.78 1.31 18.70
CA ASP A 75 -4.22 -0.01 18.89
C ASP A 75 -2.99 -0.18 18.01
N GLN A 76 -2.44 -1.38 18.01
CA GLN A 76 -1.37 -1.71 17.08
C GLN A 76 -1.97 -2.38 15.85
N GLY A 77 -3.10 -1.86 15.40
CA GLY A 77 -3.82 -2.44 14.29
C GLY A 77 -4.07 -1.44 13.17
N GLY A 78 -3.04 -0.69 12.82
CA GLY A 78 -3.12 0.19 11.66
C GLY A 78 -3.19 -0.63 10.39
N PHE A 79 -3.30 0.03 9.24
CA PHE A 79 -3.47 -0.67 7.98
C PHE A 79 -2.21 -1.47 7.60
N GLY A 80 -1.04 -0.95 7.98
CA GLY A 80 0.20 -1.65 7.72
C GLY A 80 0.92 -1.04 6.54
N ASP A 81 0.27 -0.05 5.96
CA ASP A 81 0.72 0.68 4.79
C ASP A 81 -0.31 1.74 4.47
N ARG A 82 -1.51 1.27 4.14
CA ARG A 82 -2.73 2.07 4.09
C ARG A 82 -3.88 1.25 3.53
N ASN A 83 -3.57 0.29 2.65
CA ASN A 83 -4.61 -0.52 2.00
C ASN A 83 -5.66 0.36 1.35
N GLU A 84 -5.24 1.12 0.34
CA GLU A 84 -6.10 2.09 -0.34
C GLU A 84 -5.30 2.85 -1.40
N TYR A 85 -4.13 3.31 -1.01
CA TYR A 85 -3.20 3.97 -1.90
C TYR A 85 -1.90 4.24 -1.17
N GLY A 86 -0.85 4.41 -1.94
CA GLY A 86 0.43 4.76 -1.37
C GLY A 86 1.15 5.70 -2.29
N SER A 87 1.01 7.00 -2.00
CA SER A 87 1.69 8.05 -2.76
C SER A 87 1.12 8.23 -4.17
N ARG A 88 1.04 7.14 -4.93
CA ARG A 88 0.61 7.18 -6.32
C ARG A 88 -0.86 7.55 -6.44
N ILE A 89 -1.71 6.55 -6.26
CA ILE A 89 -3.13 6.67 -6.57
C ILE A 89 -3.83 7.86 -5.89
N GLY A 90 -4.35 7.64 -4.69
CA GLY A 90 -5.22 8.61 -4.06
C GLY A 90 -6.67 8.35 -4.43
N GLY A 91 -7.27 7.37 -3.76
CA GLY A 91 -8.65 7.01 -4.06
C GLY A 91 -8.75 5.62 -4.67
N GLY A 92 -8.99 4.62 -3.83
CA GLY A 92 -9.07 3.24 -4.29
C GLY A 92 -8.58 2.28 -3.24
N ILE A 93 -7.92 1.20 -3.65
CA ILE A 93 -7.29 0.25 -2.70
C ILE A 93 -6.10 -0.43 -3.37
N ASP A 94 -5.18 -0.94 -2.56
CA ASP A 94 -4.04 -1.70 -3.08
C ASP A 94 -4.23 -3.18 -2.86
N VAL A 95 -3.83 -3.98 -3.84
CA VAL A 95 -4.00 -5.41 -3.80
C VAL A 95 -2.77 -6.15 -4.30
N PRO A 96 -2.11 -6.93 -3.44
CA PRO A 96 -1.06 -7.86 -3.89
C PRO A 96 -1.64 -9.05 -4.65
N VAL A 97 -1.43 -9.07 -5.97
CA VAL A 97 -1.94 -10.15 -6.80
C VAL A 97 -0.86 -11.18 -7.10
N PRO A 98 -1.15 -12.45 -6.81
CA PRO A 98 -0.27 -13.58 -7.15
C PRO A 98 0.30 -13.49 -8.57
N ARG A 99 1.61 -13.66 -8.68
CA ARG A 99 2.31 -13.54 -9.97
C ARG A 99 1.81 -14.55 -10.99
N HIS A 100 1.24 -15.64 -10.51
CA HIS A 100 0.67 -16.67 -11.37
C HIS A 100 -0.82 -16.42 -11.61
N SER A 101 -1.25 -15.20 -11.40
CA SER A 101 -2.66 -14.84 -11.57
C SER A 101 -2.81 -13.42 -12.09
N VAL A 102 -1.88 -12.54 -11.72
CA VAL A 102 -1.89 -11.14 -12.15
C VAL A 102 -2.08 -11.00 -13.68
N GLY A 103 -1.47 -11.89 -14.46
CA GLY A 103 -1.62 -11.84 -15.90
C GLY A 103 -3.00 -12.31 -16.35
N VAL A 104 -3.58 -13.20 -15.56
CA VAL A 104 -4.92 -13.71 -15.82
C VAL A 104 -5.95 -12.65 -15.45
N VAL A 105 -5.66 -11.89 -14.40
CA VAL A 105 -6.51 -10.79 -13.97
C VAL A 105 -6.63 -9.76 -15.08
N ILE A 106 -5.51 -9.53 -15.76
CA ILE A 106 -5.48 -8.63 -16.90
C ILE A 106 -6.18 -9.26 -18.11
N GLY A 107 -5.98 -10.56 -18.26
CA GLY A 107 -6.51 -11.26 -19.41
C GLY A 107 -5.59 -11.10 -20.59
N ARG A 108 -4.28 -11.07 -20.30
CA ARG A 108 -3.24 -10.85 -21.30
C ARG A 108 -3.33 -9.46 -21.91
N SER A 109 -4.27 -9.27 -22.81
CA SER A 109 -4.39 -8.04 -23.57
C SER A 109 -5.36 -7.05 -22.91
N GLY A 110 -5.78 -7.38 -21.69
CA GLY A 110 -6.64 -6.48 -20.95
C GLY A 110 -8.11 -6.81 -21.12
N GLU A 111 -8.40 -7.95 -21.75
CA GLU A 111 -9.77 -8.36 -22.00
C GLU A 111 -10.50 -8.66 -20.69
N MET A 112 -9.75 -9.14 -19.70
CA MET A 112 -10.33 -9.52 -18.42
C MET A 112 -10.34 -8.35 -17.45
N ILE A 113 -9.29 -7.54 -17.49
CA ILE A 113 -9.17 -6.41 -16.58
C ILE A 113 -10.26 -5.37 -16.87
N LYS A 114 -10.72 -5.34 -18.12
CA LYS A 114 -11.78 -4.43 -18.52
C LYS A 114 -13.12 -4.88 -17.96
N LYS A 115 -13.24 -6.16 -17.63
CA LYS A 115 -14.47 -6.68 -17.06
C LYS A 115 -14.66 -6.18 -15.64
N ILE A 116 -13.55 -6.00 -14.92
CA ILE A 116 -13.60 -5.44 -13.57
C ILE A 116 -14.02 -3.97 -13.64
N GLN A 117 -13.48 -3.28 -14.64
CA GLN A 117 -13.80 -1.88 -14.87
C GLN A 117 -15.24 -1.73 -15.36
N ASN A 118 -15.73 -2.76 -16.03
CA ASN A 118 -17.09 -2.77 -16.57
C ASN A 118 -18.11 -3.08 -15.48
N ASP A 119 -17.73 -3.98 -14.58
CA ASP A 119 -18.63 -4.43 -13.53
C ASP A 119 -18.71 -3.42 -12.39
N ALA A 120 -17.56 -3.07 -11.82
CA ALA A 120 -17.52 -2.23 -10.63
C ALA A 120 -17.38 -0.75 -10.99
N GLY A 121 -17.01 -0.47 -12.23
CA GLY A 121 -16.82 0.91 -12.66
C GLY A 121 -15.53 1.51 -12.11
N VAL A 122 -14.54 0.65 -11.94
CA VAL A 122 -13.28 1.05 -11.30
C VAL A 122 -12.18 1.28 -12.31
N ARG A 123 -11.17 2.02 -11.87
CA ARG A 123 -9.96 2.23 -12.67
C ARG A 123 -8.85 1.32 -12.15
N ILE A 124 -8.03 0.81 -13.04
CA ILE A 124 -6.95 -0.09 -12.64
C ILE A 124 -5.59 0.53 -12.95
N GLN A 125 -4.77 0.68 -11.92
CA GLN A 125 -3.45 1.27 -12.07
C GLN A 125 -2.37 0.33 -11.55
N PHE A 126 -1.57 -0.19 -12.44
CA PHE A 126 -0.41 -0.97 -12.05
C PHE A 126 0.79 -0.06 -11.84
N LYS A 127 1.47 -0.27 -10.73
CA LYS A 127 2.52 0.60 -10.26
C LYS A 127 3.44 -0.20 -9.33
N GLN A 128 4.30 0.48 -8.59
CA GLN A 128 5.25 -0.19 -7.70
C GLN A 128 4.58 -1.28 -6.84
N ASP A 129 5.13 -2.49 -6.92
CA ASP A 129 4.65 -3.60 -6.09
C ASP A 129 5.61 -3.87 -4.95
N ASP A 130 5.50 -5.03 -4.31
CA ASP A 130 6.37 -5.36 -3.19
C ASP A 130 7.83 -5.42 -3.65
N GLY A 131 8.04 -5.93 -4.85
CA GLY A 131 9.39 -5.99 -5.39
C GLY A 131 10.06 -7.32 -5.13
N THR A 132 10.21 -7.66 -3.86
CA THR A 132 10.86 -8.91 -3.50
C THR A 132 9.82 -9.99 -3.24
N GLY A 133 8.61 -9.56 -2.90
CA GLY A 133 7.51 -10.48 -2.77
C GLY A 133 7.05 -10.98 -4.13
N PRO A 134 6.54 -12.21 -4.21
CA PRO A 134 6.14 -12.82 -5.48
C PRO A 134 4.90 -12.16 -6.09
N GLU A 135 4.15 -11.46 -5.25
CA GLU A 135 2.88 -10.88 -5.67
C GLU A 135 3.06 -9.45 -6.11
N LYS A 136 2.16 -8.99 -6.98
CA LYS A 136 2.25 -7.64 -7.50
C LYS A 136 1.00 -6.84 -7.16
N ILE A 137 1.22 -5.71 -6.53
CA ILE A 137 0.15 -4.79 -6.17
C ILE A 137 -0.54 -4.25 -7.41
N ALA A 138 -1.80 -4.58 -7.55
CA ALA A 138 -2.68 -3.89 -8.48
C ALA A 138 -3.39 -2.79 -7.70
N HIS A 139 -3.42 -1.59 -8.23
CA HIS A 139 -4.04 -0.50 -7.50
C HIS A 139 -5.35 -0.12 -8.13
N ILE A 140 -6.41 -0.33 -7.40
CA ILE A 140 -7.73 0.02 -7.84
C ILE A 140 -8.00 1.48 -7.53
N MET A 141 -8.62 2.17 -8.49
CA MET A 141 -8.86 3.59 -8.36
C MET A 141 -10.35 3.87 -8.44
N GLY A 142 -10.86 4.63 -7.48
CA GLY A 142 -12.27 4.98 -7.50
C GLY A 142 -12.84 5.12 -6.11
N PRO A 143 -14.17 5.18 -6.00
CA PRO A 143 -14.88 5.28 -4.71
C PRO A 143 -14.59 4.07 -3.81
N PRO A 144 -14.56 4.29 -2.48
CA PRO A 144 -14.26 3.26 -1.47
C PRO A 144 -15.20 2.04 -1.54
N ASP A 145 -16.35 2.21 -2.18
CA ASP A 145 -17.29 1.12 -2.36
C ASP A 145 -16.90 0.30 -3.58
N ARG A 146 -16.30 0.97 -4.56
CA ARG A 146 -15.96 0.36 -5.84
C ARG A 146 -14.64 -0.38 -5.75
N CYS A 147 -13.68 0.26 -5.11
CA CYS A 147 -12.35 -0.31 -4.95
C CYS A 147 -12.42 -1.71 -4.30
N GLU A 148 -13.07 -1.78 -3.16
CA GLU A 148 -13.21 -3.03 -2.42
C GLU A 148 -14.02 -4.06 -3.24
N HIS A 149 -15.04 -3.58 -3.95
CA HIS A 149 -15.88 -4.44 -4.77
C HIS A 149 -15.06 -5.02 -5.93
N ALA A 150 -14.02 -4.30 -6.32
CA ALA A 150 -13.16 -4.73 -7.41
C ALA A 150 -12.15 -5.77 -6.95
N ALA A 151 -11.60 -5.58 -5.75
CA ALA A 151 -10.67 -6.55 -5.19
C ALA A 151 -11.38 -7.86 -4.91
N ARG A 152 -12.68 -7.76 -4.72
CA ARG A 152 -13.52 -8.91 -4.46
C ARG A 152 -13.74 -9.69 -5.75
N ILE A 153 -13.50 -9.02 -6.87
CA ILE A 153 -13.51 -9.69 -8.17
C ILE A 153 -12.17 -10.37 -8.39
N ILE A 154 -11.09 -9.64 -8.08
CA ILE A 154 -9.73 -10.16 -8.24
C ILE A 154 -9.50 -11.37 -7.35
N ASN A 155 -10.02 -11.32 -6.13
CA ASN A 155 -9.88 -12.42 -5.16
C ASN A 155 -10.48 -13.70 -5.72
N ASP A 156 -11.58 -13.58 -6.43
CA ASP A 156 -12.23 -14.74 -7.03
C ASP A 156 -11.34 -15.32 -8.12
N LEU A 157 -10.62 -14.45 -8.81
CA LEU A 157 -9.75 -14.86 -9.91
C LEU A 157 -8.56 -15.67 -9.39
N LEU A 158 -8.09 -15.31 -8.19
CA LEU A 158 -6.96 -16.01 -7.58
C LEU A 158 -7.35 -17.45 -7.23
N GLN A 159 -8.63 -17.64 -6.96
CA GLN A 159 -9.17 -18.99 -6.76
C GLN A 159 -9.55 -19.61 -8.11
N SER A 160 -9.90 -18.75 -9.05
CA SER A 160 -10.42 -19.18 -10.35
C SER A 160 -9.33 -19.72 -11.25
N LEU A 161 -8.07 -19.37 -10.97
CA LEU A 161 -6.94 -19.77 -11.82
C LEU A 161 -6.80 -21.30 -11.92
N ARG A 162 -7.56 -22.02 -11.09
CA ARG A 162 -7.62 -23.48 -11.17
C ARG A 162 -8.30 -23.90 -12.48
N SER A 163 -9.02 -22.96 -13.08
CA SER A 163 -9.70 -23.20 -14.33
C SER A 163 -9.56 -21.94 -15.21
N GLY A 164 -10.35 -21.85 -16.26
CA GLY A 164 -10.27 -20.71 -17.15
C GLY A 164 -11.58 -20.41 -17.83
N GLY A 1 13.81 20.24 -0.11
CA GLY A 1 13.43 18.93 -0.72
C GLY A 1 12.03 18.53 -0.33
N THR A 2 11.68 17.28 -0.60
CA THR A 2 10.35 16.79 -0.30
C THR A 2 10.39 15.75 0.82
N VAL A 3 10.73 16.20 2.03
CA VAL A 3 10.71 15.34 3.19
C VAL A 3 9.81 15.95 4.27
N GLN A 4 8.92 15.14 4.80
CA GLN A 4 8.05 15.57 5.88
C GLN A 4 8.31 14.70 7.11
N GLU A 5 8.26 15.31 8.28
CA GLU A 5 8.54 14.60 9.51
C GLU A 5 7.27 14.37 10.33
N ILE A 6 6.93 13.10 10.52
CA ILE A 6 5.83 12.71 11.37
C ILE A 6 6.40 12.10 12.64
N MET A 7 5.76 12.36 13.77
CA MET A 7 6.26 11.87 15.05
C MET A 7 5.63 10.52 15.39
N ILE A 8 6.46 9.49 15.47
CA ILE A 8 6.01 8.15 15.79
C ILE A 8 6.09 7.91 17.30
N PRO A 9 4.93 7.73 17.93
CA PRO A 9 4.83 7.40 19.35
C PRO A 9 5.59 6.13 19.72
N ALA A 10 6.05 6.05 20.96
CA ALA A 10 6.64 4.83 21.47
C ALA A 10 5.63 3.69 21.38
N GLY A 11 6.05 2.58 20.81
CA GLY A 11 5.13 1.49 20.58
C GLY A 11 4.54 1.52 19.19
N LYS A 12 4.23 2.72 18.70
CA LYS A 12 3.61 2.88 17.40
C LYS A 12 4.55 2.44 16.28
N ALA A 13 5.83 2.39 16.59
CA ALA A 13 6.82 1.92 15.63
C ALA A 13 6.50 0.50 15.20
N GLY A 14 5.77 -0.22 16.03
CA GLY A 14 5.38 -1.58 15.68
C GLY A 14 4.53 -1.62 14.43
N LEU A 15 3.60 -0.67 14.31
CA LEU A 15 2.74 -0.61 13.13
C LEU A 15 3.36 0.27 12.06
N VAL A 16 4.24 1.19 12.46
CA VAL A 16 4.89 2.10 11.50
C VAL A 16 6.09 1.46 10.81
N ILE A 17 7.04 0.92 11.57
CA ILE A 17 8.19 0.28 10.96
C ILE A 17 7.92 -1.20 10.74
N GLY A 18 6.95 -1.73 11.47
CA GLY A 18 6.68 -3.15 11.42
C GLY A 18 7.35 -3.87 12.57
N LYS A 19 7.74 -3.08 13.57
CA LYS A 19 8.45 -3.58 14.76
C LYS A 19 9.71 -4.34 14.35
N GLY A 20 10.30 -3.90 13.25
CA GLY A 20 11.48 -4.54 12.72
C GLY A 20 11.75 -4.11 11.29
N GLY A 21 10.69 -3.98 10.50
CA GLY A 21 10.86 -3.58 9.12
C GLY A 21 9.69 -3.97 8.22
N GLU A 22 8.76 -4.77 8.73
CA GLU A 22 7.66 -5.28 7.91
C GLU A 22 6.82 -4.15 7.30
N THR A 23 6.51 -3.13 8.08
CA THR A 23 5.70 -2.02 7.57
C THR A 23 6.54 -1.08 6.72
N ILE A 24 7.80 -0.87 7.11
CA ILE A 24 8.66 0.05 6.36
C ILE A 24 8.90 -0.50 4.96
N LYS A 25 8.69 -1.80 4.79
CA LYS A 25 8.69 -2.41 3.47
C LYS A 25 7.63 -1.74 2.61
N GLN A 26 6.40 -1.81 3.06
CA GLN A 26 5.26 -1.33 2.31
C GLN A 26 5.31 0.18 2.17
N LEU A 27 5.78 0.86 3.19
CA LEU A 27 5.90 2.32 3.12
C LEU A 27 6.91 2.73 2.06
N GLN A 28 7.94 1.92 1.87
CA GLN A 28 8.94 2.19 0.84
C GLN A 28 8.50 1.64 -0.51
N GLU A 29 8.03 0.41 -0.52
CA GLU A 29 7.75 -0.30 -1.76
C GLU A 29 6.32 -0.06 -2.27
N ARG A 30 5.36 0.07 -1.37
CA ARG A 30 3.98 0.31 -1.80
C ARG A 30 3.78 1.79 -2.08
N ALA A 31 4.30 2.64 -1.19
CA ALA A 31 4.21 4.08 -1.37
C ALA A 31 5.30 4.61 -2.30
N GLY A 32 6.38 3.87 -2.43
CA GLY A 32 7.44 4.27 -3.34
C GLY A 32 8.32 5.38 -2.80
N VAL A 33 8.36 5.52 -1.48
CA VAL A 33 9.16 6.56 -0.85
C VAL A 33 10.06 5.98 0.22
N LYS A 34 11.21 6.60 0.44
CA LYS A 34 12.13 6.16 1.46
C LYS A 34 11.81 6.86 2.78
N MET A 35 11.29 6.11 3.73
CA MET A 35 11.01 6.67 5.04
C MET A 35 12.11 6.28 6.00
N ILE A 36 12.73 7.27 6.60
CA ILE A 36 13.82 7.03 7.52
C ILE A 36 13.49 7.59 8.90
N LEU A 37 13.36 6.68 9.85
CA LEU A 37 12.99 7.01 11.20
C LEU A 37 13.88 6.25 12.18
N ILE A 38 14.23 6.89 13.29
CA ILE A 38 15.14 6.29 14.26
C ILE A 38 14.47 5.18 15.04
N GLN A 39 14.76 3.95 14.65
CA GLN A 39 14.36 2.79 15.41
C GLN A 39 15.55 1.86 15.59
N ASP A 40 16.73 2.41 15.33
CA ASP A 40 17.98 1.67 15.39
C ASP A 40 18.38 1.42 16.84
N GLY A 41 18.00 2.34 17.72
CA GLY A 41 18.40 2.24 19.11
C GLY A 41 19.34 3.36 19.51
N SER A 42 19.52 4.33 18.61
CA SER A 42 20.42 5.44 18.84
C SER A 42 19.98 6.28 20.05
N GLN A 43 18.71 6.66 20.09
CA GLN A 43 18.19 7.47 21.18
C GLN A 43 16.66 7.45 21.20
N ASN A 44 16.05 7.56 20.02
CA ASN A 44 14.60 7.63 19.91
C ASN A 44 13.96 6.24 20.04
N THR A 45 14.33 5.54 21.10
CA THR A 45 13.72 4.25 21.40
C THR A 45 12.44 4.41 22.20
N ASN A 46 12.59 4.98 23.40
CA ASN A 46 11.46 5.27 24.27
C ASN A 46 10.97 6.69 24.00
N VAL A 47 11.73 7.40 23.19
CA VAL A 47 11.38 8.74 22.75
C VAL A 47 10.63 8.66 21.42
N ASP A 48 9.83 9.67 21.11
CA ASP A 48 9.10 9.71 19.85
C ASP A 48 10.09 9.72 18.69
N LYS A 49 9.70 9.14 17.57
CA LYS A 49 10.60 8.98 16.44
C LYS A 49 10.19 9.87 15.28
N PRO A 50 11.10 10.72 14.81
CA PRO A 50 10.84 11.59 13.68
C PRO A 50 11.04 10.86 12.35
N LEU A 51 9.93 10.68 11.64
CA LEU A 51 9.93 9.96 10.37
C LEU A 51 10.11 10.92 9.21
N ARG A 52 11.15 10.71 8.43
CA ARG A 52 11.36 11.52 7.23
C ARG A 52 10.95 10.76 5.98
N ILE A 53 9.90 11.24 5.34
CA ILE A 53 9.43 10.66 4.09
C ILE A 53 10.13 11.30 2.90
N ILE A 54 10.99 10.54 2.24
CA ILE A 54 11.76 11.02 1.10
C ILE A 54 11.20 10.45 -0.20
N GLY A 55 10.80 11.32 -1.12
CA GLY A 55 10.26 10.84 -2.38
C GLY A 55 9.71 11.95 -3.25
N ASP A 56 9.04 11.56 -4.34
CA ASP A 56 8.42 12.51 -5.26
C ASP A 56 7.35 13.32 -4.54
N PRO A 57 7.14 14.58 -4.94
CA PRO A 57 6.20 15.49 -4.27
C PRO A 57 4.83 14.89 -3.97
N TYR A 58 4.15 14.36 -4.99
CA TYR A 58 2.80 13.82 -4.79
C TYR A 58 2.86 12.55 -3.92
N LYS A 59 3.99 11.87 -3.96
CA LYS A 59 4.18 10.68 -3.16
C LYS A 59 4.20 11.05 -1.67
N VAL A 60 5.07 11.99 -1.33
CA VAL A 60 5.19 12.46 0.04
C VAL A 60 3.87 13.03 0.54
N GLN A 61 3.11 13.62 -0.36
CA GLN A 61 1.81 14.19 -0.04
C GLN A 61 0.87 13.08 0.43
N GLN A 62 0.71 12.06 -0.40
CA GLN A 62 -0.19 10.96 -0.08
C GLN A 62 0.36 10.11 1.06
N ALA A 63 1.68 9.98 1.12
CA ALA A 63 2.32 9.20 2.17
C ALA A 63 2.19 9.87 3.53
N CYS A 64 2.49 11.17 3.59
CA CYS A 64 2.38 11.92 4.84
C CYS A 64 0.98 11.79 5.41
N GLU A 65 0.00 11.80 4.51
CA GLU A 65 -1.39 11.60 4.87
C GLU A 65 -1.60 10.19 5.43
N MET A 66 -1.16 9.19 4.67
CA MET A 66 -1.40 7.80 5.05
C MET A 66 -0.66 7.44 6.33
N VAL A 67 0.54 7.98 6.51
CA VAL A 67 1.30 7.73 7.72
C VAL A 67 0.48 8.14 8.94
N MET A 68 -0.08 9.33 8.91
CA MET A 68 -0.90 9.80 10.03
C MET A 68 -2.21 9.01 10.07
N ASP A 69 -2.62 8.49 8.92
CA ASP A 69 -3.89 7.79 8.79
C ASP A 69 -3.83 6.37 9.34
N ILE A 70 -2.72 5.67 9.15
CA ILE A 70 -2.59 4.33 9.74
C ILE A 70 -1.99 4.38 11.15
N LEU A 71 -1.12 5.36 11.40
CA LEU A 71 -0.43 5.49 12.67
C LEU A 71 -1.37 5.93 13.80
N ARG A 72 -2.46 6.64 13.44
CA ARG A 72 -3.43 7.10 14.43
C ARG A 72 -3.83 5.94 15.36
N GLU A 73 -4.46 4.91 14.78
CA GLU A 73 -4.72 3.64 15.48
C GLU A 73 -5.19 3.82 16.93
N ARG A 74 -5.04 2.76 17.72
CA ARG A 74 -5.19 2.79 19.16
C ARG A 74 -4.20 1.81 19.77
N ASP A 75 -4.17 0.60 19.22
CA ASP A 75 -3.21 -0.43 19.62
C ASP A 75 -3.32 -1.63 18.69
N GLN A 76 -2.37 -1.75 17.75
CA GLN A 76 -2.36 -2.85 16.78
C GLN A 76 -3.61 -2.83 15.91
N GLY A 77 -3.68 -1.83 15.05
CA GLY A 77 -4.83 -1.68 14.17
C GLY A 77 -4.49 -0.90 12.91
N GLY A 78 -3.26 -0.39 12.85
CA GLY A 78 -2.81 0.30 11.65
C GLY A 78 -2.76 -0.63 10.46
N PHE A 79 -2.96 -0.07 9.27
CA PHE A 79 -3.15 -0.87 8.06
C PHE A 79 -1.83 -1.45 7.53
N GLY A 80 -0.73 -1.21 8.25
CA GLY A 80 0.55 -1.76 7.85
C GLY A 80 1.15 -1.06 6.63
N ASP A 81 0.46 -0.03 6.19
CA ASP A 81 0.82 0.78 5.03
C ASP A 81 -0.28 1.79 4.82
N ARG A 82 -1.48 1.25 4.52
CA ARG A 82 -2.71 1.99 4.34
C ARG A 82 -3.65 1.19 3.43
N ASN A 83 -3.08 0.49 2.45
CA ASN A 83 -3.85 -0.35 1.53
C ASN A 83 -4.93 0.50 0.83
N GLU A 84 -4.50 1.34 -0.10
CA GLU A 84 -5.38 2.30 -0.76
C GLU A 84 -4.66 3.08 -1.86
N TYR A 85 -3.49 3.66 -1.57
CA TYR A 85 -2.71 4.37 -2.60
C TYR A 85 -1.21 4.35 -2.32
N GLY A 86 -0.77 5.17 -1.38
CA GLY A 86 0.64 5.25 -1.02
C GLY A 86 1.30 6.47 -1.63
N SER A 87 0.99 6.71 -2.90
CA SER A 87 1.53 7.82 -3.65
C SER A 87 0.79 7.90 -4.96
N ARG A 88 0.83 6.79 -5.69
CA ARG A 88 -0.02 6.58 -6.82
C ARG A 88 -1.44 6.41 -6.36
N ILE A 89 -2.31 6.15 -7.31
CA ILE A 89 -3.71 5.88 -7.03
C ILE A 89 -4.43 7.15 -6.55
N GLY A 90 -4.16 7.53 -5.30
CA GLY A 90 -4.80 8.69 -4.70
C GLY A 90 -6.31 8.65 -4.83
N GLY A 91 -6.90 7.51 -4.51
CA GLY A 91 -8.33 7.33 -4.67
C GLY A 91 -8.65 5.95 -5.20
N GLY A 92 -9.03 5.06 -4.30
CA GLY A 92 -9.24 3.67 -4.65
C GLY A 92 -8.63 2.75 -3.62
N ILE A 93 -7.99 1.68 -4.08
CA ILE A 93 -7.20 0.82 -3.20
C ILE A 93 -6.00 0.29 -3.97
N ASP A 94 -4.98 -0.16 -3.24
CA ASP A 94 -3.84 -0.82 -3.86
C ASP A 94 -3.99 -2.33 -3.71
N VAL A 95 -3.79 -3.04 -4.81
CA VAL A 95 -4.08 -4.46 -4.87
C VAL A 95 -2.89 -5.30 -5.34
N PRO A 96 -2.23 -6.02 -4.44
CA PRO A 96 -1.20 -6.99 -4.82
C PRO A 96 -1.81 -8.19 -5.56
N VAL A 97 -1.35 -8.43 -6.79
CA VAL A 97 -1.82 -9.58 -7.57
C VAL A 97 -0.67 -10.53 -7.88
N PRO A 98 -0.83 -11.82 -7.52
CA PRO A 98 0.14 -12.88 -7.84
C PRO A 98 0.63 -12.83 -9.28
N ARG A 99 1.95 -12.90 -9.43
CA ARG A 99 2.65 -12.83 -10.74
C ARG A 99 2.08 -13.81 -11.74
N HIS A 100 1.73 -14.99 -11.24
CA HIS A 100 1.28 -16.10 -12.08
C HIS A 100 -0.23 -16.11 -12.23
N SER A 101 -0.89 -15.08 -11.73
CA SER A 101 -2.34 -15.07 -11.71
C SER A 101 -2.90 -13.76 -12.28
N VAL A 102 -2.11 -12.69 -12.21
CA VAL A 102 -2.47 -11.42 -12.85
C VAL A 102 -2.78 -11.61 -14.34
N GLY A 103 -2.21 -12.66 -14.93
CA GLY A 103 -2.42 -12.93 -16.35
C GLY A 103 -3.89 -13.09 -16.70
N VAL A 104 -4.63 -13.83 -15.87
CA VAL A 104 -6.04 -14.08 -16.15
C VAL A 104 -6.88 -12.86 -15.78
N VAL A 105 -6.37 -12.06 -14.85
CA VAL A 105 -7.05 -10.86 -14.41
C VAL A 105 -7.04 -9.82 -15.53
N ILE A 106 -5.97 -9.83 -16.32
CA ILE A 106 -5.85 -8.95 -17.47
C ILE A 106 -6.49 -9.60 -18.69
N GLY A 107 -5.90 -10.70 -19.14
CA GLY A 107 -6.35 -11.32 -20.37
C GLY A 107 -5.67 -10.71 -21.59
N ARG A 108 -4.33 -10.66 -21.53
CA ARG A 108 -3.49 -10.12 -22.61
C ARG A 108 -3.89 -8.70 -23.01
N SER A 109 -4.80 -8.58 -23.97
CA SER A 109 -5.27 -7.28 -24.43
C SER A 109 -6.18 -6.64 -23.38
N GLY A 110 -6.51 -7.42 -22.36
CA GLY A 110 -7.27 -6.91 -21.24
C GLY A 110 -8.74 -7.20 -21.36
N GLU A 111 -9.09 -8.43 -21.71
CA GLU A 111 -10.49 -8.81 -21.85
C GLU A 111 -11.18 -8.80 -20.49
N MET A 112 -10.52 -9.35 -19.49
CA MET A 112 -11.13 -9.50 -18.17
C MET A 112 -11.00 -8.21 -17.38
N ILE A 113 -9.87 -7.55 -17.50
CA ILE A 113 -9.61 -6.32 -16.77
C ILE A 113 -10.58 -5.22 -17.18
N LYS A 114 -11.01 -5.26 -18.45
CA LYS A 114 -11.95 -4.29 -18.97
C LYS A 114 -13.38 -4.68 -18.61
N LYS A 115 -13.59 -5.95 -18.29
CA LYS A 115 -14.86 -6.41 -17.78
C LYS A 115 -15.07 -5.89 -16.37
N ILE A 116 -13.99 -5.85 -15.59
CA ILE A 116 -14.04 -5.29 -14.24
C ILE A 116 -14.36 -3.81 -14.32
N GLN A 117 -13.81 -3.15 -15.33
CA GLN A 117 -14.08 -1.73 -15.56
C GLN A 117 -15.53 -1.50 -15.96
N ASN A 118 -16.14 -2.52 -16.55
CA ASN A 118 -17.53 -2.43 -16.99
C ASN A 118 -18.48 -2.80 -15.85
N ASP A 119 -18.18 -3.89 -15.16
CA ASP A 119 -19.06 -4.42 -14.14
C ASP A 119 -18.93 -3.66 -12.82
N ALA A 120 -17.72 -3.56 -12.30
CA ALA A 120 -17.49 -2.84 -11.06
C ALA A 120 -17.43 -1.35 -11.33
N GLY A 121 -17.04 -0.99 -12.54
CA GLY A 121 -16.96 0.41 -12.93
C GLY A 121 -15.68 1.06 -12.48
N VAL A 122 -14.68 0.24 -12.19
CA VAL A 122 -13.42 0.72 -11.65
C VAL A 122 -12.38 0.94 -12.72
N ARG A 123 -11.56 1.97 -12.53
CA ARG A 123 -10.43 2.23 -13.43
C ARG A 123 -9.20 1.50 -12.90
N ILE A 124 -8.36 0.98 -13.80
CA ILE A 124 -7.28 0.10 -13.38
C ILE A 124 -5.93 0.52 -13.96
N GLN A 125 -4.89 0.37 -13.15
CA GLN A 125 -3.51 0.46 -13.61
C GLN A 125 -2.67 -0.45 -12.73
N PHE A 126 -1.44 -0.72 -13.11
CA PHE A 126 -0.56 -1.51 -12.28
C PHE A 126 0.69 -0.72 -11.93
N LYS A 127 1.05 -0.75 -10.65
CA LYS A 127 2.12 0.11 -10.16
C LYS A 127 2.79 -0.55 -8.94
N GLN A 128 4.12 -0.64 -8.99
CA GLN A 128 4.90 -1.23 -7.90
C GLN A 128 4.48 -2.67 -7.64
N ASP A 129 4.91 -3.21 -6.51
CA ASP A 129 4.53 -4.55 -6.09
C ASP A 129 4.40 -4.62 -4.58
N ASP A 130 4.15 -5.83 -4.07
CA ASP A 130 3.85 -6.02 -2.66
C ASP A 130 5.07 -5.81 -1.77
N GLY A 131 6.24 -5.71 -2.39
CA GLY A 131 7.46 -5.58 -1.63
C GLY A 131 7.91 -6.91 -1.07
N THR A 132 7.21 -7.95 -1.47
CA THR A 132 7.51 -9.29 -1.02
C THR A 132 8.01 -10.11 -2.20
N GLY A 133 7.37 -9.95 -3.35
CA GLY A 133 7.81 -10.65 -4.54
C GLY A 133 6.66 -11.22 -5.37
N PRO A 134 5.82 -12.10 -4.79
CA PRO A 134 4.82 -12.84 -5.54
C PRO A 134 3.66 -12.01 -6.08
N GLU A 135 3.47 -10.80 -5.56
CA GLU A 135 2.28 -10.02 -5.93
C GLU A 135 2.63 -8.61 -6.42
N LYS A 136 1.90 -8.17 -7.44
CA LYS A 136 2.07 -6.85 -8.04
C LYS A 136 0.84 -5.99 -7.80
N ILE A 137 1.04 -4.78 -7.32
CA ILE A 137 -0.05 -3.89 -6.94
C ILE A 137 -0.77 -3.29 -8.16
N ALA A 138 -2.08 -3.37 -8.14
CA ALA A 138 -2.94 -2.73 -9.11
C ALA A 138 -3.62 -1.51 -8.50
N HIS A 139 -3.74 -0.46 -9.28
CA HIS A 139 -4.46 0.74 -8.89
C HIS A 139 -5.93 0.62 -9.26
N ILE A 140 -6.77 0.49 -8.25
CA ILE A 140 -8.20 0.54 -8.44
C ILE A 140 -8.70 1.95 -8.21
N MET A 141 -9.58 2.41 -9.09
CA MET A 141 -10.12 3.77 -9.00
C MET A 141 -11.64 3.75 -8.91
N GLY A 142 -12.18 4.37 -7.87
CA GLY A 142 -13.62 4.46 -7.71
C GLY A 142 -14.00 4.68 -6.26
N PRO A 143 -15.29 4.59 -5.94
CA PRO A 143 -15.76 4.68 -4.55
C PRO A 143 -15.24 3.52 -3.70
N PRO A 144 -15.02 3.74 -2.39
CA PRO A 144 -14.47 2.72 -1.48
C PRO A 144 -15.07 1.32 -1.68
N ASP A 145 -16.40 1.26 -1.68
CA ASP A 145 -17.11 -0.02 -1.87
C ASP A 145 -16.69 -0.66 -3.18
N ARG A 146 -16.67 0.16 -4.24
CA ARG A 146 -16.28 -0.28 -5.57
C ARG A 146 -14.86 -0.80 -5.56
N CYS A 147 -14.00 -0.09 -4.86
CA CYS A 147 -12.58 -0.42 -4.75
C CYS A 147 -12.39 -1.84 -4.24
N GLU A 148 -12.88 -2.09 -3.03
CA GLU A 148 -12.72 -3.39 -2.42
C GLU A 148 -13.50 -4.47 -3.17
N HIS A 149 -14.63 -4.09 -3.74
CA HIS A 149 -15.42 -5.03 -4.55
C HIS A 149 -14.65 -5.46 -5.78
N ALA A 150 -13.75 -4.60 -6.24
CA ALA A 150 -12.95 -4.88 -7.42
C ALA A 150 -11.82 -5.84 -7.06
N ALA A 151 -11.28 -5.65 -5.87
CA ALA A 151 -10.24 -6.53 -5.36
C ALA A 151 -10.80 -7.93 -5.11
N ARG A 152 -12.09 -8.01 -4.86
CA ARG A 152 -12.74 -9.28 -4.57
C ARG A 152 -12.95 -10.07 -5.85
N ILE A 153 -13.14 -9.37 -6.96
CA ILE A 153 -13.24 -10.00 -8.27
C ILE A 153 -11.87 -10.57 -8.65
N ILE A 154 -10.83 -9.77 -8.43
CA ILE A 154 -9.46 -10.17 -8.72
C ILE A 154 -9.07 -11.37 -7.84
N ASN A 155 -9.24 -11.21 -6.53
CA ASN A 155 -8.91 -12.27 -5.56
C ASN A 155 -9.64 -13.57 -5.90
N ASP A 156 -10.88 -13.46 -6.35
CA ASP A 156 -11.66 -14.63 -6.72
C ASP A 156 -10.99 -15.41 -7.84
N LEU A 157 -10.50 -14.69 -8.84
CA LEU A 157 -9.78 -15.29 -9.95
C LEU A 157 -8.47 -15.90 -9.47
N LEU A 158 -7.80 -15.20 -8.56
CA LEU A 158 -6.51 -15.64 -8.03
C LEU A 158 -6.64 -16.98 -7.32
N GLN A 159 -7.59 -17.07 -6.40
CA GLN A 159 -7.79 -18.29 -5.62
C GLN A 159 -8.30 -19.42 -6.50
N SER A 160 -8.88 -19.06 -7.63
CA SER A 160 -9.37 -20.04 -8.58
C SER A 160 -8.20 -20.69 -9.32
N LEU A 161 -7.07 -20.02 -9.35
CA LEU A 161 -5.89 -20.56 -10.02
C LEU A 161 -4.87 -21.08 -9.00
N ARG A 162 -4.57 -20.23 -8.01
CA ARG A 162 -3.52 -20.48 -7.02
C ARG A 162 -2.16 -20.39 -7.72
N SER A 163 -1.94 -21.29 -8.66
CA SER A 163 -0.73 -21.28 -9.46
C SER A 163 -0.93 -20.36 -10.65
N GLY A 164 -1.40 -20.91 -11.76
CA GLY A 164 -1.61 -20.12 -12.96
C GLY A 164 -0.35 -20.01 -13.80
N GLY A 1 14.78 16.65 -2.39
CA GLY A 1 13.40 16.12 -2.21
C GLY A 1 12.70 16.74 -1.02
N THR A 2 11.46 16.35 -0.80
CA THR A 2 10.69 16.84 0.33
C THR A 2 10.59 15.76 1.39
N VAL A 3 10.68 16.15 2.66
CA VAL A 3 10.57 15.20 3.75
C VAL A 3 9.60 15.71 4.82
N GLN A 4 8.72 14.83 5.25
CA GLN A 4 7.80 15.13 6.34
C GLN A 4 8.20 14.35 7.58
N GLU A 5 8.01 14.96 8.75
CA GLU A 5 8.39 14.34 10.00
C GLU A 5 7.18 13.98 10.84
N ILE A 6 6.87 12.69 10.85
CA ILE A 6 5.72 12.17 11.60
C ILE A 6 6.24 11.44 12.84
N MET A 7 5.54 11.57 13.96
CA MET A 7 5.97 10.91 15.18
C MET A 7 5.16 9.63 15.41
N ILE A 8 5.85 8.50 15.35
CA ILE A 8 5.25 7.19 15.54
C ILE A 8 5.15 6.88 17.03
N PRO A 9 3.91 6.86 17.55
CA PRO A 9 3.65 6.49 18.95
C PRO A 9 4.06 5.06 19.23
N ALA A 10 4.71 4.82 20.36
CA ALA A 10 5.04 3.47 20.77
C ALA A 10 3.75 2.67 20.92
N GLY A 11 3.59 1.66 20.07
CA GLY A 11 2.33 0.97 19.97
C GLY A 11 1.81 1.03 18.54
N LYS A 12 2.07 2.16 17.88
CA LYS A 12 1.79 2.31 16.46
C LYS A 12 2.98 1.84 15.65
N ALA A 13 3.99 1.34 16.34
CA ALA A 13 5.17 0.80 15.70
C ALA A 13 4.77 -0.36 14.80
N GLY A 14 3.86 -1.19 15.30
CA GLY A 14 3.34 -2.28 14.51
C GLY A 14 2.58 -1.79 13.27
N LEU A 15 2.25 -0.51 13.26
CA LEU A 15 1.50 0.08 12.15
C LEU A 15 2.44 0.59 11.06
N VAL A 16 3.35 1.49 11.43
CA VAL A 16 4.27 2.06 10.44
C VAL A 16 5.43 1.13 10.12
N ILE A 17 6.15 0.70 11.14
CA ILE A 17 7.32 -0.13 10.92
C ILE A 17 6.99 -1.61 10.96
N GLY A 18 5.79 -1.94 11.41
CA GLY A 18 5.42 -3.33 11.58
C GLY A 18 6.19 -3.95 12.72
N LYS A 19 6.48 -3.11 13.71
CA LYS A 19 7.25 -3.47 14.90
C LYS A 19 8.73 -3.66 14.58
N GLY A 20 9.03 -4.56 13.65
CA GLY A 20 10.42 -4.85 13.35
C GLY A 20 10.76 -4.72 11.88
N GLY A 21 10.01 -3.93 11.14
CA GLY A 21 10.37 -3.67 9.75
C GLY A 21 9.35 -4.18 8.75
N GLU A 22 8.42 -5.02 9.21
CA GLU A 22 7.46 -5.67 8.33
C GLU A 22 6.63 -4.67 7.51
N THR A 23 6.11 -3.63 8.16
CA THR A 23 5.32 -2.64 7.44
C THR A 23 6.21 -1.65 6.70
N ILE A 24 7.36 -1.32 7.29
CA ILE A 24 8.25 -0.34 6.68
C ILE A 24 8.72 -0.84 5.32
N LYS A 25 8.71 -2.16 5.17
CA LYS A 25 8.94 -2.79 3.87
C LYS A 25 7.92 -2.28 2.87
N GLN A 26 6.65 -2.50 3.18
CA GLN A 26 5.56 -2.18 2.28
C GLN A 26 5.42 -0.69 2.08
N LEU A 27 5.96 0.10 2.98
CA LEU A 27 5.98 1.53 2.79
C LEU A 27 7.13 1.91 1.85
N GLN A 28 8.20 1.14 1.88
CA GLN A 28 9.32 1.36 0.98
C GLN A 28 9.06 0.68 -0.37
N GLU A 29 8.35 -0.45 -0.35
CA GLU A 29 7.99 -1.17 -1.56
C GLU A 29 6.72 -0.61 -2.19
N ARG A 30 5.60 -0.73 -1.45
CA ARG A 30 4.28 -0.40 -2.00
C ARG A 30 4.17 1.11 -2.27
N ALA A 31 4.86 1.92 -1.47
CA ALA A 31 4.87 3.35 -1.71
C ALA A 31 6.08 3.79 -2.51
N GLY A 32 7.16 3.03 -2.40
CA GLY A 32 8.35 3.31 -3.19
C GLY A 32 9.19 4.45 -2.65
N VAL A 33 8.78 4.99 -1.51
CA VAL A 33 9.51 6.08 -0.88
C VAL A 33 10.35 5.55 0.27
N LYS A 34 11.32 6.32 0.69
CA LYS A 34 12.14 5.92 1.81
C LYS A 34 11.74 6.69 3.05
N MET A 35 11.13 5.99 3.98
CA MET A 35 10.85 6.53 5.28
C MET A 35 11.99 6.19 6.20
N ILE A 36 12.61 7.20 6.75
CA ILE A 36 13.73 6.99 7.63
C ILE A 36 13.35 7.44 9.03
N LEU A 37 13.06 6.46 9.85
CA LEU A 37 12.61 6.69 11.20
C LEU A 37 13.39 5.82 12.16
N ILE A 38 13.70 6.39 13.32
CA ILE A 38 14.43 5.65 14.33
C ILE A 38 13.63 4.43 14.76
N GLN A 39 14.25 3.27 14.60
CA GLN A 39 13.58 2.00 14.85
C GLN A 39 14.49 1.05 15.60
N ASP A 40 15.78 1.09 15.26
CA ASP A 40 16.75 0.23 15.91
C ASP A 40 16.98 0.68 17.34
N GLY A 41 17.21 1.97 17.52
CA GLY A 41 17.39 2.52 18.83
C GLY A 41 18.52 3.53 18.88
N SER A 42 18.69 4.29 17.80
CA SER A 42 19.75 5.27 17.73
C SER A 42 19.37 6.54 18.49
N GLN A 43 18.06 6.74 18.67
CA GLN A 43 17.56 7.90 19.38
C GLN A 43 16.44 7.48 20.33
N ASN A 44 15.25 7.30 19.79
CA ASN A 44 14.10 6.93 20.59
C ASN A 44 13.71 5.48 20.33
N THR A 45 14.32 4.58 21.08
CA THR A 45 14.02 3.17 20.96
C THR A 45 12.75 2.83 21.76
N ASN A 46 12.67 3.38 22.96
CA ASN A 46 11.50 3.21 23.81
C ASN A 46 10.51 4.35 23.63
N VAL A 47 11.04 5.54 23.40
CA VAL A 47 10.24 6.74 23.23
C VAL A 47 9.68 6.81 21.81
N ASP A 48 8.62 7.60 21.63
CA ASP A 48 8.01 7.82 20.31
C ASP A 48 9.06 8.18 19.27
N LYS A 49 8.90 7.62 18.08
CA LYS A 49 9.96 7.61 17.08
C LYS A 49 9.60 8.48 15.87
N PRO A 50 10.51 9.40 15.49
CA PRO A 50 10.26 10.33 14.39
C PRO A 50 10.59 9.75 13.01
N LEU A 51 9.74 10.07 12.03
CA LEU A 51 9.82 9.50 10.69
C LEU A 51 10.07 10.61 9.67
N ARG A 52 10.93 10.35 8.68
CA ARG A 52 11.08 11.26 7.54
C ARG A 52 10.83 10.53 6.23
N ILE A 53 9.88 11.04 5.45
CA ILE A 53 9.59 10.47 4.14
C ILE A 53 10.38 11.19 3.06
N ILE A 54 11.26 10.47 2.38
CA ILE A 54 12.13 11.09 1.38
C ILE A 54 11.65 10.79 -0.03
N GLY A 55 11.36 11.83 -0.80
CA GLY A 55 10.99 11.65 -2.18
C GLY A 55 10.46 12.91 -2.85
N ASP A 56 9.95 12.73 -4.06
CA ASP A 56 9.24 13.79 -4.78
C ASP A 56 8.02 14.26 -4.01
N PRO A 57 7.78 15.58 -3.99
CA PRO A 57 6.66 16.22 -3.27
C PRO A 57 5.30 15.54 -3.48
N TYR A 58 5.09 14.92 -4.65
CA TYR A 58 3.84 14.22 -4.91
C TYR A 58 3.79 12.92 -4.12
N LYS A 59 4.84 12.11 -4.23
CA LYS A 59 4.88 10.83 -3.55
C LYS A 59 5.00 11.03 -2.05
N VAL A 60 5.63 12.13 -1.65
CA VAL A 60 5.72 12.49 -0.24
C VAL A 60 4.36 12.93 0.29
N GLN A 61 3.58 13.56 -0.57
CA GLN A 61 2.27 14.06 -0.15
C GLN A 61 1.34 12.89 0.09
N GLN A 62 1.23 12.01 -0.89
CA GLN A 62 0.36 10.86 -0.80
C GLN A 62 0.83 9.92 0.31
N ALA A 63 2.12 10.01 0.65
CA ALA A 63 2.68 9.20 1.71
C ALA A 63 2.51 9.85 3.08
N CYS A 64 2.78 11.16 3.17
CA CYS A 64 2.78 11.85 4.45
C CYS A 64 1.40 11.80 5.10
N GLU A 65 0.36 11.78 4.29
CA GLU A 65 -0.98 11.70 4.83
C GLU A 65 -1.34 10.26 5.14
N MET A 66 -0.76 9.32 4.39
CA MET A 66 -1.10 7.91 4.56
C MET A 66 -0.36 7.31 5.74
N VAL A 67 0.87 7.77 5.99
CA VAL A 67 1.61 7.29 7.15
C VAL A 67 0.90 7.71 8.42
N MET A 68 0.16 8.80 8.35
CA MET A 68 -0.71 9.21 9.45
C MET A 68 -2.03 8.45 9.36
N ASP A 69 -2.47 8.23 8.11
CA ASP A 69 -3.76 7.61 7.82
C ASP A 69 -3.84 6.18 8.37
N ILE A 70 -2.79 5.39 8.18
CA ILE A 70 -2.80 4.02 8.66
C ILE A 70 -2.31 3.93 10.11
N LEU A 71 -1.58 4.94 10.55
CA LEU A 71 -1.05 4.96 11.92
C LEU A 71 -2.07 5.50 12.92
N ARG A 72 -3.02 6.31 12.44
CA ARG A 72 -4.02 6.91 13.32
C ARG A 72 -4.83 5.84 14.02
N GLU A 73 -5.09 4.73 13.31
CA GLU A 73 -5.77 3.54 13.84
C GLU A 73 -6.90 3.89 14.82
N ARG A 74 -7.08 3.02 15.82
CA ARG A 74 -8.05 3.21 16.89
C ARG A 74 -8.08 1.95 17.76
N ASP A 75 -7.45 0.89 17.27
CA ASP A 75 -7.52 -0.42 17.94
C ASP A 75 -6.30 -1.27 17.58
N GLN A 76 -5.15 -0.60 17.45
CA GLN A 76 -3.90 -1.27 17.06
C GLN A 76 -4.08 -1.94 15.71
N GLY A 77 -4.07 -1.13 14.68
CA GLY A 77 -4.31 -1.63 13.34
C GLY A 77 -4.92 -0.58 12.46
N GLY A 78 -4.20 -0.19 11.43
CA GLY A 78 -4.70 0.81 10.52
C GLY A 78 -5.27 0.18 9.27
N PHE A 79 -4.39 -0.28 8.39
CA PHE A 79 -4.79 -0.98 7.17
C PHE A 79 -3.78 -2.07 6.88
N GLY A 80 -2.54 -1.65 6.73
CA GLY A 80 -1.44 -2.55 6.46
C GLY A 80 -0.21 -1.74 6.21
N ASP A 81 0.03 -1.43 4.95
CA ASP A 81 0.98 -0.39 4.59
C ASP A 81 0.25 0.94 4.50
N ARG A 82 -0.91 0.89 3.86
CA ARG A 82 -1.67 2.10 3.53
C ARG A 82 -2.81 1.73 2.60
N ASN A 83 -2.48 1.04 1.52
CA ASN A 83 -3.49 0.47 0.65
C ASN A 83 -4.45 1.53 0.08
N GLU A 84 -3.92 2.59 -0.54
CA GLU A 84 -4.77 3.62 -1.16
C GLU A 84 -3.96 4.68 -1.93
N TYR A 85 -2.63 4.54 -2.03
CA TYR A 85 -1.84 5.46 -2.85
C TYR A 85 -0.47 4.86 -3.17
N GLY A 86 0.36 4.82 -2.13
CA GLY A 86 1.75 4.39 -2.28
C GLY A 86 2.46 5.19 -3.35
N SER A 87 2.63 6.49 -3.08
CA SER A 87 3.27 7.44 -4.00
C SER A 87 2.38 7.79 -5.19
N ARG A 88 1.42 6.94 -5.47
CA ARG A 88 0.61 7.10 -6.67
C ARG A 88 -0.84 7.28 -6.27
N ILE A 89 -1.73 7.15 -7.26
CA ILE A 89 -3.16 7.03 -7.00
C ILE A 89 -3.78 8.34 -6.50
N GLY A 90 -3.69 8.59 -5.20
CA GLY A 90 -4.35 9.73 -4.60
C GLY A 90 -5.87 9.64 -4.72
N GLY A 91 -6.44 8.53 -4.25
CA GLY A 91 -7.88 8.33 -4.37
C GLY A 91 -8.24 7.00 -4.98
N GLY A 92 -7.80 5.92 -4.33
CA GLY A 92 -8.10 4.59 -4.79
C GLY A 92 -7.17 3.60 -4.11
N ILE A 93 -7.49 2.32 -4.12
CA ILE A 93 -6.74 1.39 -3.29
C ILE A 93 -5.53 0.80 -4.00
N ASP A 94 -4.54 0.39 -3.21
CA ASP A 94 -3.38 -0.33 -3.72
C ASP A 94 -3.66 -1.81 -3.67
N VAL A 95 -3.67 -2.46 -4.82
CA VAL A 95 -3.98 -3.87 -4.87
C VAL A 95 -2.80 -4.68 -5.39
N PRO A 96 -1.99 -5.23 -4.47
CA PRO A 96 -0.83 -6.04 -4.83
C PRO A 96 -1.24 -7.44 -5.29
N VAL A 97 -1.11 -7.69 -6.59
CA VAL A 97 -1.40 -9.00 -7.15
C VAL A 97 -0.13 -9.83 -7.23
N PRO A 98 -0.09 -10.98 -6.54
CA PRO A 98 0.98 -11.96 -6.68
C PRO A 98 1.42 -12.09 -8.13
N ARG A 99 2.71 -11.88 -8.36
CA ARG A 99 3.31 -11.71 -9.69
C ARG A 99 2.64 -12.55 -10.80
N HIS A 100 2.63 -13.88 -10.65
CA HIS A 100 2.11 -14.75 -11.70
C HIS A 100 0.59 -14.67 -11.83
N SER A 101 -0.09 -14.26 -10.76
CA SER A 101 -1.55 -14.29 -10.71
C SER A 101 -2.15 -13.12 -11.47
N VAL A 102 -1.31 -12.13 -11.76
CA VAL A 102 -1.75 -10.94 -12.49
C VAL A 102 -2.40 -11.32 -13.83
N GLY A 103 -1.87 -12.34 -14.48
CA GLY A 103 -2.40 -12.79 -15.75
C GLY A 103 -3.85 -13.20 -15.66
N VAL A 104 -4.24 -13.80 -14.54
CA VAL A 104 -5.61 -14.22 -14.31
C VAL A 104 -6.50 -13.02 -14.06
N VAL A 105 -5.96 -12.04 -13.33
CA VAL A 105 -6.70 -10.82 -13.01
C VAL A 105 -6.97 -10.02 -14.28
N ILE A 106 -6.02 -10.07 -15.21
CA ILE A 106 -6.17 -9.41 -16.50
C ILE A 106 -7.11 -10.21 -17.40
N GLY A 107 -6.92 -11.52 -17.41
CA GLY A 107 -7.77 -12.40 -18.19
C GLY A 107 -7.23 -12.61 -19.59
N ARG A 108 -5.90 -12.64 -19.71
CA ARG A 108 -5.21 -12.87 -20.99
C ARG A 108 -5.45 -11.71 -21.97
N SER A 109 -6.64 -11.65 -22.55
CA SER A 109 -6.98 -10.62 -23.53
C SER A 109 -7.52 -9.38 -22.84
N GLY A 110 -7.53 -9.41 -21.52
CA GLY A 110 -8.04 -8.28 -20.75
C GLY A 110 -9.52 -8.43 -20.44
N GLU A 111 -10.02 -9.64 -20.62
CA GLU A 111 -11.43 -9.92 -20.39
C GLU A 111 -11.79 -9.78 -18.91
N MET A 112 -10.91 -10.25 -18.04
CA MET A 112 -11.16 -10.23 -16.60
C MET A 112 -10.93 -8.84 -16.03
N ILE A 113 -9.93 -8.15 -16.55
CA ILE A 113 -9.59 -6.82 -16.05
C ILE A 113 -10.72 -5.83 -16.40
N LYS A 114 -11.40 -6.08 -17.51
CA LYS A 114 -12.58 -5.30 -17.87
C LYS A 114 -13.73 -5.63 -16.91
N LYS A 115 -13.78 -6.88 -16.48
CA LYS A 115 -14.80 -7.32 -15.54
C LYS A 115 -14.66 -6.57 -14.21
N ILE A 116 -13.44 -6.33 -13.79
CA ILE A 116 -13.20 -5.55 -12.57
C ILE A 116 -13.77 -4.14 -12.75
N GLN A 117 -13.54 -3.57 -13.93
CA GLN A 117 -14.02 -2.23 -14.26
C GLN A 117 -15.55 -2.23 -14.40
N ASN A 118 -16.10 -3.38 -14.75
CA ASN A 118 -17.53 -3.50 -14.99
C ASN A 118 -18.28 -3.79 -13.69
N ASP A 119 -17.76 -4.72 -12.90
CA ASP A 119 -18.45 -5.18 -11.69
C ASP A 119 -18.30 -4.18 -10.56
N ALA A 120 -17.14 -3.55 -10.47
CA ALA A 120 -16.88 -2.60 -9.40
C ALA A 120 -16.95 -1.15 -9.88
N GLY A 121 -16.82 -0.96 -11.19
CA GLY A 121 -16.84 0.39 -11.76
C GLY A 121 -15.54 1.12 -11.52
N VAL A 122 -14.44 0.40 -11.62
CA VAL A 122 -13.14 0.95 -11.28
C VAL A 122 -12.24 1.09 -12.50
N ARG A 123 -11.30 2.02 -12.43
CA ARG A 123 -10.31 2.19 -13.47
C ARG A 123 -8.95 1.69 -12.96
N ILE A 124 -8.25 0.93 -13.77
CA ILE A 124 -7.04 0.24 -13.32
C ILE A 124 -5.77 0.98 -13.74
N GLN A 125 -4.78 0.95 -12.86
CA GLN A 125 -3.46 1.53 -13.13
C GLN A 125 -2.39 0.71 -12.41
N PHE A 126 -1.64 -0.09 -13.15
CA PHE A 126 -0.56 -0.86 -12.56
C PHE A 126 0.62 0.05 -12.23
N LYS A 127 0.86 0.25 -10.94
CA LYS A 127 1.86 1.19 -10.49
C LYS A 127 2.89 0.55 -9.56
N GLN A 128 4.06 1.17 -9.50
CA GLN A 128 5.15 0.76 -8.62
C GLN A 128 5.77 -0.57 -9.00
N ASP A 129 5.25 -1.64 -8.44
CA ASP A 129 5.86 -2.95 -8.57
C ASP A 129 5.32 -3.69 -9.79
N ASP A 130 6.13 -3.74 -10.83
CA ASP A 130 5.82 -4.52 -12.03
C ASP A 130 7.04 -5.35 -12.43
N GLY A 131 8.19 -4.69 -12.50
CA GLY A 131 9.42 -5.38 -12.79
C GLY A 131 10.19 -5.68 -11.53
N THR A 132 9.48 -5.68 -10.41
CA THR A 132 10.07 -5.91 -9.11
C THR A 132 8.98 -6.30 -8.11
N GLY A 133 9.37 -6.96 -7.03
CA GLY A 133 8.43 -7.31 -5.99
C GLY A 133 7.77 -8.65 -6.23
N PRO A 134 7.19 -9.26 -5.18
CA PRO A 134 6.44 -10.50 -5.29
C PRO A 134 5.02 -10.26 -5.77
N GLU A 135 4.60 -9.01 -5.69
CA GLU A 135 3.25 -8.61 -6.05
C GLU A 135 3.30 -7.41 -6.98
N LYS A 136 2.27 -7.26 -7.80
CA LYS A 136 2.15 -6.10 -8.65
C LYS A 136 0.97 -5.24 -8.18
N ILE A 137 1.28 -4.07 -7.69
CA ILE A 137 0.28 -3.16 -7.16
C ILE A 137 -0.57 -2.55 -8.27
N ALA A 138 -1.83 -2.92 -8.31
CA ALA A 138 -2.76 -2.33 -9.24
C ALA A 138 -3.53 -1.21 -8.55
N HIS A 139 -3.69 -0.10 -9.23
CA HIS A 139 -4.49 1.01 -8.73
C HIS A 139 -5.93 0.81 -9.12
N ILE A 140 -6.76 0.50 -8.15
CA ILE A 140 -8.18 0.47 -8.34
C ILE A 140 -8.74 1.85 -8.00
N MET A 141 -9.44 2.46 -8.95
CA MET A 141 -9.86 3.84 -8.81
C MET A 141 -11.38 3.98 -8.68
N GLY A 142 -11.79 4.74 -7.68
CA GLY A 142 -13.20 4.99 -7.45
C GLY A 142 -13.45 5.23 -5.98
N PRO A 143 -14.70 5.45 -5.56
CA PRO A 143 -15.04 5.56 -4.15
C PRO A 143 -14.70 4.27 -3.41
N PRO A 144 -14.29 4.36 -2.13
CA PRO A 144 -13.90 3.19 -1.33
C PRO A 144 -14.80 1.97 -1.56
N ASP A 145 -16.11 2.22 -1.58
CA ASP A 145 -17.12 1.18 -1.81
C ASP A 145 -16.81 0.38 -3.07
N ARG A 146 -16.40 1.06 -4.13
CA ARG A 146 -16.12 0.41 -5.39
C ARG A 146 -14.70 -0.15 -5.40
N CYS A 147 -13.76 0.59 -4.81
CA CYS A 147 -12.38 0.15 -4.70
C CYS A 147 -12.29 -1.17 -3.94
N GLU A 148 -12.72 -1.15 -2.70
CA GLU A 148 -12.65 -2.30 -1.83
C GLU A 148 -13.41 -3.50 -2.43
N HIS A 149 -14.56 -3.23 -3.02
CA HIS A 149 -15.36 -4.26 -3.69
C HIS A 149 -14.55 -4.96 -4.78
N ALA A 150 -13.67 -4.23 -5.42
CA ALA A 150 -12.89 -4.75 -6.54
C ALA A 150 -11.74 -5.63 -6.03
N ALA A 151 -11.15 -5.24 -4.91
CA ALA A 151 -10.03 -5.96 -4.34
C ALA A 151 -10.43 -7.35 -3.87
N ARG A 152 -11.71 -7.53 -3.56
CA ARG A 152 -12.20 -8.81 -3.06
C ARG A 152 -12.38 -9.79 -4.22
N ILE A 153 -12.64 -9.26 -5.40
CA ILE A 153 -12.74 -10.09 -6.59
C ILE A 153 -11.36 -10.62 -6.96
N ILE A 154 -10.39 -9.71 -6.99
CA ILE A 154 -9.00 -10.05 -7.29
C ILE A 154 -8.44 -11.01 -6.25
N ASN A 155 -8.74 -10.72 -4.98
CA ASN A 155 -8.24 -11.52 -3.86
C ASN A 155 -8.66 -12.97 -3.97
N ASP A 156 -9.89 -13.21 -4.42
CA ASP A 156 -10.40 -14.57 -4.53
C ASP A 156 -9.62 -15.35 -5.58
N LEU A 157 -9.16 -14.64 -6.62
CA LEU A 157 -8.36 -15.25 -7.67
C LEU A 157 -7.00 -15.68 -7.11
N LEU A 158 -6.36 -14.77 -6.39
CA LEU A 158 -5.07 -15.04 -5.76
C LEU A 158 -5.20 -16.21 -4.79
N GLN A 159 -6.31 -16.23 -4.07
CA GLN A 159 -6.58 -17.24 -3.06
C GLN A 159 -6.81 -18.60 -3.69
N SER A 160 -7.35 -18.61 -4.90
CA SER A 160 -7.65 -19.86 -5.60
C SER A 160 -6.39 -20.46 -6.23
N LEU A 161 -5.44 -19.60 -6.55
CA LEU A 161 -4.18 -20.06 -7.12
C LEU A 161 -3.20 -20.44 -6.01
N ARG A 162 -3.26 -19.71 -4.89
CA ARG A 162 -2.44 -19.99 -3.72
C ARG A 162 -0.95 -19.78 -4.01
N SER A 163 -0.47 -18.59 -3.66
CA SER A 163 0.91 -18.24 -3.90
C SER A 163 1.76 -18.47 -2.65
N GLY A 164 1.94 -19.73 -2.29
CA GLY A 164 2.75 -20.07 -1.14
C GLY A 164 2.17 -21.22 -0.35
N GLY A 1 14.78 19.56 0.39
CA GLY A 1 14.06 18.30 0.08
C GLY A 1 12.65 18.30 0.62
N THR A 2 11.73 17.69 -0.11
CA THR A 2 10.36 17.60 0.34
C THR A 2 10.21 16.45 1.33
N VAL A 3 10.49 16.73 2.60
CA VAL A 3 10.37 15.74 3.65
C VAL A 3 9.45 16.20 4.76
N GLN A 4 8.49 15.36 5.11
CA GLN A 4 7.57 15.66 6.18
C GLN A 4 7.78 14.69 7.33
N GLU A 5 7.85 15.22 8.55
CA GLU A 5 8.14 14.42 9.73
C GLU A 5 6.89 14.12 10.53
N ILE A 6 6.68 12.84 10.78
CA ILE A 6 5.60 12.39 11.63
C ILE A 6 6.20 11.67 12.84
N MET A 7 5.58 11.81 13.99
CA MET A 7 6.11 11.23 15.22
C MET A 7 5.51 9.86 15.47
N ILE A 8 6.37 8.85 15.37
CA ILE A 8 5.96 7.46 15.53
C ILE A 8 6.19 7.00 16.97
N PRO A 9 5.11 6.69 17.70
CA PRO A 9 5.18 6.19 19.08
C PRO A 9 5.91 4.85 19.18
N ALA A 10 6.51 4.58 20.34
CA ALA A 10 7.07 3.26 20.60
C ALA A 10 5.92 2.27 20.73
N GLY A 11 6.03 1.14 20.04
CA GLY A 11 4.90 0.24 19.93
C GLY A 11 4.19 0.46 18.61
N LYS A 12 4.04 1.73 18.24
CA LYS A 12 3.50 2.08 16.94
C LYS A 12 4.49 1.71 15.86
N ALA A 13 5.78 1.80 16.20
CA ALA A 13 6.83 1.40 15.28
C ALA A 13 6.59 -0.01 14.77
N GLY A 14 5.98 -0.84 15.61
CA GLY A 14 5.63 -2.18 15.20
C GLY A 14 4.72 -2.20 14.00
N LEU A 15 3.73 -1.31 13.98
CA LEU A 15 2.80 -1.24 12.87
C LEU A 15 3.29 -0.30 11.78
N VAL A 16 4.23 0.58 12.12
CA VAL A 16 4.81 1.50 11.13
C VAL A 16 5.94 0.84 10.34
N ILE A 17 6.88 0.18 11.02
CA ILE A 17 7.99 -0.46 10.32
C ILE A 17 7.63 -1.90 9.97
N GLY A 18 6.71 -2.48 10.73
CA GLY A 18 6.29 -3.84 10.46
C GLY A 18 6.93 -4.84 11.39
N LYS A 19 7.58 -4.34 12.44
CA LYS A 19 8.24 -5.20 13.44
C LYS A 19 9.17 -6.20 12.77
N GLY A 20 9.93 -5.71 11.81
CA GLY A 20 10.76 -6.58 10.99
C GLY A 20 11.06 -5.95 9.65
N GLY A 21 10.20 -5.03 9.23
CA GLY A 21 10.45 -4.29 8.01
C GLY A 21 9.30 -4.36 7.01
N GLU A 22 8.35 -5.26 7.25
CA GLU A 22 7.27 -5.50 6.30
C GLU A 22 6.43 -4.25 5.99
N THR A 23 6.23 -3.39 6.97
CA THR A 23 5.40 -2.21 6.75
C THR A 23 6.19 -1.08 6.11
N ILE A 24 7.42 -0.86 6.56
CA ILE A 24 8.25 0.18 5.94
C ILE A 24 8.59 -0.24 4.51
N LYS A 25 8.70 -1.55 4.31
CA LYS A 25 8.82 -2.16 2.99
C LYS A 25 7.76 -1.60 2.05
N GLN A 26 6.52 -1.57 2.53
CA GLN A 26 5.41 -1.10 1.73
C GLN A 26 5.45 0.42 1.58
N LEU A 27 5.75 1.10 2.67
CA LEU A 27 5.86 2.56 2.66
C LEU A 27 6.96 3.01 1.69
N GLN A 28 7.96 2.15 1.50
CA GLN A 28 9.03 2.42 0.56
C GLN A 28 8.65 1.99 -0.86
N GLU A 29 8.24 0.74 -1.02
CA GLU A 29 8.02 0.17 -2.34
C GLU A 29 6.65 0.53 -2.89
N ARG A 30 5.61 0.33 -2.09
CA ARG A 30 4.24 0.56 -2.53
C ARG A 30 4.02 2.05 -2.77
N ALA A 31 4.35 2.85 -1.76
CA ALA A 31 4.24 4.29 -1.87
C ALA A 31 5.27 4.86 -2.84
N GLY A 32 6.41 4.18 -2.95
CA GLY A 32 7.43 4.61 -3.88
C GLY A 32 8.35 5.67 -3.31
N VAL A 33 8.14 6.01 -2.03
CA VAL A 33 8.98 7.00 -1.37
C VAL A 33 9.97 6.30 -0.44
N LYS A 34 10.77 7.09 0.25
CA LYS A 34 11.66 6.56 1.26
C LYS A 34 11.37 7.22 2.58
N MET A 35 10.90 6.44 3.53
CA MET A 35 10.63 6.94 4.87
C MET A 35 11.77 6.54 5.79
N ILE A 36 12.41 7.53 6.37
CA ILE A 36 13.54 7.30 7.25
C ILE A 36 13.19 7.71 8.68
N LEU A 37 13.08 6.70 9.52
CA LEU A 37 12.65 6.87 10.90
C LEU A 37 13.59 6.09 11.82
N ILE A 38 13.86 6.63 13.00
CA ILE A 38 14.75 5.98 13.95
C ILE A 38 14.21 4.61 14.34
N GLN A 39 14.77 3.58 13.73
CA GLN A 39 14.34 2.20 13.99
C GLN A 39 15.38 1.48 14.84
N ASP A 40 16.65 1.69 14.50
CA ASP A 40 17.76 1.02 15.16
C ASP A 40 17.89 1.48 16.61
N GLY A 41 17.31 2.64 16.92
CA GLY A 41 17.26 3.10 18.29
C GLY A 41 18.46 3.94 18.67
N SER A 42 18.79 4.92 17.84
CA SER A 42 19.88 5.84 18.14
C SER A 42 19.63 6.59 19.45
N GLN A 43 18.67 7.52 19.42
CA GLN A 43 18.33 8.29 20.61
C GLN A 43 16.88 8.02 21.03
N ASN A 44 16.05 7.63 20.07
CA ASN A 44 14.63 7.44 20.33
C ASN A 44 14.27 5.97 20.32
N THR A 45 14.63 5.29 21.40
CA THR A 45 14.32 3.88 21.55
C THR A 45 12.91 3.69 22.07
N ASN A 46 12.68 4.17 23.28
CA ASN A 46 11.36 4.10 23.92
C ASN A 46 10.60 5.39 23.68
N VAL A 47 11.26 6.34 23.05
CA VAL A 47 10.69 7.65 22.77
C VAL A 47 10.14 7.69 21.34
N ASP A 48 9.22 8.60 21.10
CA ASP A 48 8.65 8.80 19.76
C ASP A 48 9.76 9.02 18.74
N LYS A 49 9.54 8.52 17.53
CA LYS A 49 10.56 8.48 16.50
C LYS A 49 10.11 9.32 15.32
N PRO A 50 10.96 10.25 14.86
CA PRO A 50 10.62 11.12 13.75
C PRO A 50 10.81 10.44 12.41
N LEU A 51 9.71 10.29 11.69
CA LEU A 51 9.72 9.64 10.39
C LEU A 51 9.75 10.70 9.29
N ARG A 52 10.79 10.67 8.47
CA ARG A 52 10.88 11.59 7.35
C ARG A 52 10.46 10.90 6.06
N ILE A 53 9.38 11.36 5.46
CA ILE A 53 8.96 10.84 4.17
C ILE A 53 9.64 11.65 3.06
N ILE A 54 10.44 10.99 2.25
CA ILE A 54 11.15 11.66 1.17
C ILE A 54 10.50 11.36 -0.17
N GLY A 55 10.06 12.39 -0.87
CA GLY A 55 9.54 12.22 -2.20
C GLY A 55 9.04 13.51 -2.81
N ASP A 56 8.50 13.41 -4.02
CA ASP A 56 7.90 14.56 -4.69
C ASP A 56 6.71 15.07 -3.87
N PRO A 57 6.53 16.40 -3.78
CA PRO A 57 5.50 17.03 -2.93
C PRO A 57 4.15 16.32 -2.92
N TYR A 58 3.64 15.92 -4.08
CA TYR A 58 2.30 15.33 -4.15
C TYR A 58 2.29 13.91 -3.58
N LYS A 59 3.37 13.18 -3.78
CA LYS A 59 3.43 11.79 -3.36
C LYS A 59 3.68 11.70 -1.86
N VAL A 60 4.58 12.55 -1.37
CA VAL A 60 4.88 12.59 0.06
C VAL A 60 3.68 13.12 0.82
N GLN A 61 2.85 13.87 0.12
CA GLN A 61 1.63 14.42 0.69
C GLN A 61 0.67 13.28 1.00
N GLN A 62 0.32 12.51 -0.03
CA GLN A 62 -0.61 11.41 0.12
C GLN A 62 -0.09 10.38 1.10
N ALA A 63 1.23 10.21 1.12
CA ALA A 63 1.86 9.29 2.06
C ALA A 63 1.77 9.82 3.49
N CYS A 64 2.06 11.12 3.67
CA CYS A 64 1.94 11.75 4.98
C CYS A 64 0.51 11.63 5.49
N GLU A 65 -0.43 11.71 4.56
CA GLU A 65 -1.82 11.56 4.86
C GLU A 65 -2.11 10.12 5.31
N MET A 66 -1.45 9.15 4.71
CA MET A 66 -1.72 7.76 5.03
C MET A 66 -0.95 7.29 6.24
N VAL A 67 0.27 7.79 6.45
CA VAL A 67 1.04 7.41 7.63
C VAL A 67 0.31 7.82 8.89
N MET A 68 -0.47 8.89 8.81
CA MET A 68 -1.31 9.31 9.93
C MET A 68 -2.61 8.51 9.96
N ASP A 69 -2.95 7.92 8.81
CA ASP A 69 -4.19 7.17 8.66
C ASP A 69 -4.03 5.75 9.18
N ILE A 70 -2.95 5.10 8.79
CA ILE A 70 -2.73 3.71 9.19
C ILE A 70 -2.12 3.61 10.58
N LEU A 71 -1.40 4.65 10.99
CA LEU A 71 -0.84 4.73 12.33
C LEU A 71 -1.93 5.08 13.35
N ARG A 72 -3.06 5.62 12.86
CA ARG A 72 -4.20 5.93 13.74
C ARG A 72 -4.56 4.68 14.53
N GLU A 73 -4.55 3.54 13.83
CA GLU A 73 -4.66 2.21 14.43
C GLU A 73 -5.91 1.97 15.29
N ARG A 74 -6.51 0.80 15.11
CA ARG A 74 -7.43 0.26 16.10
C ARG A 74 -6.79 -0.98 16.72
N ASP A 75 -5.73 -1.43 16.07
CA ASP A 75 -4.89 -2.52 16.55
C ASP A 75 -3.57 -2.49 15.79
N GLN A 76 -2.46 -2.65 16.52
CA GLN A 76 -1.12 -2.67 15.94
C GLN A 76 -1.05 -3.50 14.68
N GLY A 77 -0.95 -2.79 13.58
CA GLY A 77 -0.99 -3.36 12.26
C GLY A 77 -1.56 -2.35 11.30
N GLY A 78 -2.49 -1.54 11.81
CA GLY A 78 -3.11 -0.49 11.03
C GLY A 78 -3.83 -1.06 9.82
N PHE A 79 -3.31 -0.79 8.64
CA PHE A 79 -3.84 -1.38 7.42
C PHE A 79 -2.73 -2.05 6.62
N GLY A 80 -1.48 -1.75 6.98
CA GLY A 80 -0.36 -2.23 6.22
C GLY A 80 -0.13 -1.35 5.01
N ASP A 81 0.74 -0.34 5.18
CA ASP A 81 0.90 0.72 4.17
C ASP A 81 -0.34 1.60 4.17
N ARG A 82 -1.41 1.07 3.58
CA ARG A 82 -2.72 1.71 3.58
C ARG A 82 -3.68 0.93 2.69
N ASN A 83 -3.16 0.37 1.60
CA ASN A 83 -3.95 -0.45 0.66
C ASN A 83 -4.96 0.38 -0.11
N GLU A 84 -4.81 1.69 -0.05
CA GLU A 84 -5.73 2.61 -0.70
C GLU A 84 -4.94 3.52 -1.65
N TYR A 85 -3.72 3.83 -1.23
CA TYR A 85 -2.76 4.61 -2.01
C TYR A 85 -1.58 4.96 -1.14
N GLY A 86 -0.39 4.64 -1.61
CA GLY A 86 0.81 5.00 -0.89
C GLY A 86 1.24 6.43 -1.19
N SER A 87 1.64 6.67 -2.42
CA SER A 87 2.01 8.01 -2.88
C SER A 87 1.58 8.17 -4.33
N ARG A 88 0.61 7.35 -4.72
CA ARG A 88 0.04 7.39 -6.06
C ARG A 88 -1.48 7.35 -5.92
N ILE A 89 -2.18 7.05 -7.02
CA ILE A 89 -3.62 6.89 -6.97
C ILE A 89 -4.35 8.19 -6.61
N GLY A 90 -4.39 8.49 -5.32
CA GLY A 90 -5.16 9.63 -4.84
C GLY A 90 -6.65 9.46 -5.09
N GLY A 91 -7.19 8.31 -4.69
CA GLY A 91 -8.60 8.03 -4.90
C GLY A 91 -8.83 6.63 -5.46
N GLY A 92 -8.90 5.65 -4.59
CA GLY A 92 -9.06 4.27 -5.02
C GLY A 92 -8.49 3.31 -4.01
N ILE A 93 -7.90 2.21 -4.48
CA ILE A 93 -7.23 1.26 -3.58
C ILE A 93 -6.01 0.66 -4.26
N ASP A 94 -5.11 0.11 -3.45
CA ASP A 94 -3.96 -0.61 -3.95
C ASP A 94 -4.15 -2.11 -3.72
N VAL A 95 -4.15 -2.88 -4.80
CA VAL A 95 -4.40 -4.31 -4.70
C VAL A 95 -3.16 -5.14 -5.08
N PRO A 96 -2.47 -5.71 -4.09
CA PRO A 96 -1.36 -6.62 -4.30
C PRO A 96 -1.84 -7.98 -4.82
N VAL A 97 -1.58 -8.26 -6.09
CA VAL A 97 -2.00 -9.51 -6.69
C VAL A 97 -0.84 -10.50 -6.81
N PRO A 98 -1.01 -11.70 -6.25
CA PRO A 98 -0.06 -12.81 -6.39
C PRO A 98 0.45 -12.98 -7.83
N ARG A 99 1.76 -13.13 -7.97
CA ARG A 99 2.43 -13.16 -9.27
C ARG A 99 1.91 -14.29 -10.16
N HIS A 100 1.47 -15.39 -9.57
CA HIS A 100 0.97 -16.51 -10.36
C HIS A 100 -0.52 -16.40 -10.62
N SER A 101 -1.13 -15.32 -10.14
CA SER A 101 -2.58 -15.15 -10.26
C SER A 101 -2.94 -13.91 -11.07
N VAL A 102 -2.07 -12.90 -11.04
CA VAL A 102 -2.30 -11.64 -11.76
C VAL A 102 -2.62 -11.88 -13.24
N GLY A 103 -2.02 -12.90 -13.84
CA GLY A 103 -2.30 -13.20 -15.24
C GLY A 103 -3.73 -13.63 -15.45
N VAL A 104 -4.25 -14.39 -14.51
CA VAL A 104 -5.64 -14.84 -14.56
C VAL A 104 -6.59 -13.68 -14.27
N VAL A 105 -6.19 -12.81 -13.35
CA VAL A 105 -6.99 -11.65 -12.97
C VAL A 105 -7.10 -10.68 -14.15
N ILE A 106 -6.02 -10.53 -14.89
CA ILE A 106 -6.00 -9.65 -16.04
C ILE A 106 -6.63 -10.30 -17.26
N GLY A 107 -6.57 -11.63 -17.28
CA GLY A 107 -7.03 -12.35 -18.44
C GLY A 107 -5.98 -12.38 -19.52
N ARG A 108 -4.77 -12.72 -19.10
CA ARG A 108 -3.60 -12.82 -19.99
C ARG A 108 -3.29 -11.49 -20.69
N SER A 109 -3.86 -11.30 -21.87
CA SER A 109 -3.57 -10.10 -22.66
C SER A 109 -4.29 -8.88 -22.09
N GLY A 110 -5.38 -9.11 -21.36
CA GLY A 110 -6.08 -8.02 -20.73
C GLY A 110 -7.56 -8.04 -21.00
N GLU A 111 -8.17 -9.19 -20.77
CA GLU A 111 -9.61 -9.34 -20.95
C GLU A 111 -10.34 -9.09 -19.63
N MET A 112 -10.00 -9.89 -18.62
CA MET A 112 -10.69 -9.86 -17.34
C MET A 112 -10.44 -8.55 -16.60
N ILE A 113 -9.26 -8.00 -16.79
CA ILE A 113 -8.88 -6.76 -16.12
C ILE A 113 -9.76 -5.59 -16.58
N LYS A 114 -10.34 -5.74 -17.78
CA LYS A 114 -11.29 -4.77 -18.28
C LYS A 114 -12.67 -5.03 -17.71
N LYS A 115 -12.92 -6.28 -17.33
CA LYS A 115 -14.18 -6.65 -16.67
C LYS A 115 -14.24 -5.97 -15.31
N ILE A 116 -13.09 -5.90 -14.65
CA ILE A 116 -12.97 -5.18 -13.38
C ILE A 116 -13.36 -3.73 -13.58
N GLN A 117 -12.88 -3.16 -14.69
CA GLN A 117 -13.17 -1.77 -15.03
C GLN A 117 -14.65 -1.59 -15.36
N ASN A 118 -15.25 -2.62 -15.94
CA ASN A 118 -16.62 -2.55 -16.40
C ASN A 118 -17.62 -2.72 -15.26
N ASP A 119 -17.34 -3.66 -14.37
CA ASP A 119 -18.29 -3.99 -13.32
C ASP A 119 -18.24 -2.97 -12.18
N ALA A 120 -17.04 -2.54 -11.82
CA ALA A 120 -16.90 -1.61 -10.71
C ALA A 120 -16.86 -0.16 -11.17
N GLY A 121 -16.51 0.04 -12.43
CA GLY A 121 -16.32 1.39 -12.93
C GLY A 121 -14.97 1.93 -12.52
N VAL A 122 -13.95 1.09 -12.69
CA VAL A 122 -12.63 1.34 -12.15
C VAL A 122 -11.59 1.47 -13.26
N ARG A 123 -10.62 2.35 -13.06
CA ARG A 123 -9.48 2.44 -13.96
C ARG A 123 -8.26 1.79 -13.30
N ILE A 124 -7.38 1.20 -14.09
CA ILE A 124 -6.29 0.41 -13.55
C ILE A 124 -4.93 1.04 -13.82
N GLN A 125 -4.08 1.07 -12.80
CA GLN A 125 -2.72 1.56 -12.92
C GLN A 125 -1.75 0.64 -12.17
N PHE A 126 -1.00 -0.16 -12.89
CA PHE A 126 -0.02 -1.04 -12.25
C PHE A 126 1.23 -0.24 -11.91
N LYS A 127 1.41 0.03 -10.63
CA LYS A 127 2.55 0.80 -10.16
C LYS A 127 3.31 0.00 -9.12
N GLN A 128 4.62 -0.14 -9.33
CA GLN A 128 5.50 -0.80 -8.36
C GLN A 128 5.14 -2.28 -8.18
N ASP A 129 5.76 -2.89 -7.18
CA ASP A 129 5.45 -4.27 -6.80
C ASP A 129 5.43 -4.36 -5.28
N ASP A 130 5.41 -5.56 -4.74
CA ASP A 130 5.51 -5.73 -3.29
C ASP A 130 6.91 -5.35 -2.85
N GLY A 131 7.87 -5.50 -3.75
CA GLY A 131 9.24 -5.18 -3.45
C GLY A 131 10.20 -6.27 -3.88
N THR A 132 9.70 -7.49 -4.07
CA THR A 132 10.56 -8.59 -4.45
C THR A 132 9.94 -9.47 -5.54
N GLY A 133 8.61 -9.53 -5.64
CA GLY A 133 8.00 -10.32 -6.69
C GLY A 133 6.67 -10.98 -6.34
N PRO A 134 6.56 -11.67 -5.17
CA PRO A 134 5.36 -12.44 -4.78
C PRO A 134 4.03 -11.79 -5.16
N GLU A 135 3.88 -10.51 -4.87
CA GLU A 135 2.62 -9.83 -5.16
C GLU A 135 2.85 -8.50 -5.86
N LYS A 136 1.92 -8.15 -6.74
CA LYS A 136 2.05 -6.99 -7.59
C LYS A 136 0.92 -6.00 -7.33
N ILE A 137 1.29 -4.83 -6.85
CA ILE A 137 0.35 -3.80 -6.44
C ILE A 137 -0.33 -3.12 -7.65
N ALA A 138 -1.61 -3.40 -7.83
CA ALA A 138 -2.40 -2.76 -8.86
C ALA A 138 -3.20 -1.59 -8.28
N HIS A 139 -3.32 -0.51 -9.03
CA HIS A 139 -4.13 0.63 -8.61
C HIS A 139 -5.55 0.49 -9.15
N ILE A 140 -6.50 0.39 -8.23
CA ILE A 140 -7.91 0.43 -8.58
C ILE A 140 -8.44 1.84 -8.36
N MET A 141 -8.91 2.45 -9.44
CA MET A 141 -9.33 3.85 -9.40
C MET A 141 -10.84 3.96 -9.34
N GLY A 142 -11.33 4.61 -8.31
CA GLY A 142 -12.74 4.84 -8.17
C GLY A 142 -13.10 5.25 -6.77
N PRO A 143 -14.34 5.68 -6.53
CA PRO A 143 -14.81 6.05 -5.20
C PRO A 143 -14.75 4.86 -4.24
N PRO A 144 -14.55 5.12 -2.93
CA PRO A 144 -14.32 4.07 -1.92
C PRO A 144 -15.20 2.82 -2.05
N ASP A 145 -16.47 3.00 -2.37
CA ASP A 145 -17.38 1.87 -2.51
C ASP A 145 -17.09 1.08 -3.78
N ARG A 146 -16.64 1.78 -4.82
CA ARG A 146 -16.35 1.14 -6.10
C ARG A 146 -14.94 0.56 -6.13
N CYS A 147 -14.00 1.23 -5.47
CA CYS A 147 -12.63 0.72 -5.42
C CYS A 147 -12.60 -0.63 -4.70
N GLU A 148 -13.19 -0.68 -3.52
CA GLU A 148 -13.27 -1.93 -2.77
C GLU A 148 -14.16 -2.95 -3.49
N HIS A 149 -15.13 -2.46 -4.25
CA HIS A 149 -15.99 -3.33 -5.08
C HIS A 149 -15.15 -4.18 -6.00
N ALA A 150 -14.06 -3.60 -6.49
CA ALA A 150 -13.23 -4.25 -7.48
C ALA A 150 -12.30 -5.28 -6.83
N ALA A 151 -11.85 -4.97 -5.62
CA ALA A 151 -10.96 -5.86 -4.90
C ALA A 151 -11.66 -7.15 -4.50
N ARG A 152 -12.98 -7.10 -4.38
CA ARG A 152 -13.76 -8.28 -4.00
C ARG A 152 -13.92 -9.21 -5.20
N ILE A 153 -13.71 -8.67 -6.39
CA ILE A 153 -13.69 -9.49 -7.59
C ILE A 153 -12.31 -10.14 -7.74
N ILE A 154 -11.28 -9.33 -7.54
CA ILE A 154 -9.90 -9.80 -7.65
C ILE A 154 -9.56 -10.82 -6.56
N ASN A 155 -9.83 -10.46 -5.30
CA ASN A 155 -9.54 -11.35 -4.17
C ASN A 155 -10.31 -12.65 -4.27
N ASP A 156 -11.48 -12.60 -4.89
CA ASP A 156 -12.28 -13.81 -5.07
C ASP A 156 -11.54 -14.78 -5.99
N LEU A 157 -10.91 -14.23 -7.03
CA LEU A 157 -10.08 -15.03 -7.93
C LEU A 157 -8.86 -15.55 -7.19
N LEU A 158 -8.25 -14.68 -6.41
CA LEU A 158 -7.07 -15.03 -5.63
C LEU A 158 -7.39 -16.11 -4.60
N GLN A 159 -8.60 -16.07 -4.07
CA GLN A 159 -9.05 -17.07 -3.12
C GLN A 159 -9.33 -18.39 -3.82
N SER A 160 -9.88 -18.32 -5.03
CA SER A 160 -10.20 -19.51 -5.79
C SER A 160 -8.92 -20.20 -6.29
N LEU A 161 -7.93 -19.40 -6.69
CA LEU A 161 -6.66 -19.93 -7.12
C LEU A 161 -5.81 -20.26 -5.89
N ARG A 162 -5.21 -19.22 -5.30
CA ARG A 162 -4.46 -19.33 -4.05
C ARG A 162 -3.32 -20.36 -4.10
N SER A 163 -3.70 -21.63 -4.00
CA SER A 163 -2.78 -22.75 -3.91
C SER A 163 -3.60 -23.99 -3.56
N GLY A 164 -4.60 -23.77 -2.70
CA GLY A 164 -5.49 -24.83 -2.29
C GLY A 164 -6.41 -24.36 -1.19
N GLY A 1 16.77 18.37 -0.31
CA GLY A 1 15.90 17.29 -0.83
C GLY A 1 14.44 17.54 -0.52
N THR A 2 13.68 16.46 -0.40
CA THR A 2 12.27 16.57 -0.06
C THR A 2 11.91 15.50 0.97
N VAL A 3 11.95 15.88 2.24
CA VAL A 3 11.65 14.97 3.33
C VAL A 3 10.68 15.61 4.32
N GLN A 4 9.77 14.80 4.83
CA GLN A 4 8.83 15.25 5.84
C GLN A 4 8.96 14.33 7.05
N GLU A 5 8.85 14.91 8.25
CA GLU A 5 9.06 14.16 9.48
C GLU A 5 7.77 14.03 10.27
N ILE A 6 7.37 12.78 10.50
CA ILE A 6 6.18 12.47 11.27
C ILE A 6 6.56 11.86 12.61
N MET A 7 5.74 12.07 13.63
CA MET A 7 6.04 11.55 14.95
C MET A 7 5.22 10.29 15.23
N ILE A 8 5.93 9.17 15.42
CA ILE A 8 5.30 7.89 15.71
C ILE A 8 5.36 7.61 17.22
N PRO A 9 4.22 7.76 17.91
CA PRO A 9 4.12 7.46 19.34
C PRO A 9 4.26 5.97 19.62
N ALA A 10 4.60 5.64 20.87
CA ALA A 10 4.67 4.24 21.28
C ALA A 10 3.30 3.60 21.13
N GLY A 11 3.28 2.35 20.69
CA GLY A 11 2.03 1.70 20.37
C GLY A 11 1.72 1.83 18.89
N LYS A 12 1.78 3.05 18.38
CA LYS A 12 1.62 3.30 16.95
C LYS A 12 2.80 2.74 16.18
N ALA A 13 3.94 2.63 16.86
CA ALA A 13 5.13 2.04 16.26
C ALA A 13 4.82 0.68 15.66
N GLY A 14 3.95 -0.07 16.33
CA GLY A 14 3.61 -1.41 15.86
C GLY A 14 2.93 -1.40 14.51
N LEU A 15 2.07 -0.43 14.28
CA LEU A 15 1.36 -0.36 13.01
C LEU A 15 2.13 0.47 11.97
N VAL A 16 3.11 1.24 12.43
CA VAL A 16 3.92 2.05 11.52
C VAL A 16 5.16 1.29 11.03
N ILE A 17 5.91 0.69 11.95
CA ILE A 17 7.10 -0.06 11.55
C ILE A 17 6.70 -1.50 11.23
N GLY A 18 5.59 -1.94 11.79
CA GLY A 18 5.14 -3.30 11.59
C GLY A 18 5.70 -4.24 12.63
N LYS A 19 6.17 -3.65 13.73
CA LYS A 19 6.82 -4.38 14.83
C LYS A 19 8.13 -5.02 14.38
N GLY A 20 8.05 -5.95 13.44
CA GLY A 20 9.25 -6.58 12.92
C GLY A 20 9.63 -6.03 11.55
N GLY A 21 9.13 -4.85 11.22
CA GLY A 21 9.51 -4.21 9.97
C GLY A 21 8.56 -4.53 8.83
N GLU A 22 7.45 -5.19 9.15
CA GLU A 22 6.49 -5.60 8.13
C GLU A 22 5.87 -4.39 7.42
N THR A 23 5.42 -3.41 8.18
CA THR A 23 4.78 -2.25 7.61
C THR A 23 5.77 -1.41 6.81
N ILE A 24 7.00 -1.28 7.32
CA ILE A 24 8.00 -0.44 6.67
C ILE A 24 8.37 -1.00 5.30
N LYS A 25 8.13 -2.29 5.09
CA LYS A 25 8.30 -2.91 3.79
C LYS A 25 7.45 -2.19 2.75
N GLN A 26 6.16 -2.15 3.01
CA GLN A 26 5.20 -1.57 2.09
C GLN A 26 5.37 -0.06 2.00
N LEU A 27 5.87 0.55 3.06
CA LEU A 27 6.06 1.98 3.08
C LEU A 27 7.28 2.38 2.23
N GLN A 28 8.26 1.50 2.16
CA GLN A 28 9.42 1.74 1.32
C GLN A 28 9.16 1.32 -0.12
N GLU A 29 8.52 0.16 -0.29
CA GLU A 29 8.27 -0.35 -1.64
C GLU A 29 6.95 0.16 -2.22
N ARG A 30 5.82 -0.16 -1.58
CA ARG A 30 4.50 0.22 -2.12
C ARG A 30 4.41 1.74 -2.28
N ALA A 31 4.88 2.48 -1.28
CA ALA A 31 4.86 3.93 -1.34
C ALA A 31 5.96 4.45 -2.27
N GLY A 32 6.98 3.63 -2.47
CA GLY A 32 8.06 3.99 -3.36
C GLY A 32 8.97 5.05 -2.76
N VAL A 33 8.89 5.24 -1.45
CA VAL A 33 9.71 6.22 -0.77
C VAL A 33 10.55 5.55 0.30
N LYS A 34 11.70 6.11 0.59
CA LYS A 34 12.54 5.59 1.65
C LYS A 34 12.16 6.27 2.96
N MET A 35 11.55 5.53 3.84
CA MET A 35 11.19 6.06 5.14
C MET A 35 12.24 5.65 6.16
N ILE A 36 12.94 6.62 6.67
CA ILE A 36 13.97 6.37 7.66
C ILE A 36 13.53 6.90 9.01
N LEU A 37 13.28 5.98 9.91
CA LEU A 37 12.76 6.27 11.23
C LEU A 37 13.59 5.53 12.26
N ILE A 38 13.81 6.17 13.41
CA ILE A 38 14.70 5.64 14.43
C ILE A 38 14.31 4.22 14.85
N GLN A 39 15.15 3.29 14.42
CA GLN A 39 14.98 1.89 14.76
C GLN A 39 16.26 1.34 15.38
N ASP A 40 17.33 2.12 15.22
CA ASP A 40 18.63 1.78 15.79
C ASP A 40 18.70 2.28 17.23
N GLY A 41 19.60 1.69 18.01
CA GLY A 41 19.74 2.08 19.41
C GLY A 41 20.37 3.45 19.58
N SER A 42 19.62 4.48 19.20
CA SER A 42 20.05 5.85 19.40
C SER A 42 19.57 6.34 20.77
N GLN A 43 18.25 6.39 20.94
CA GLN A 43 17.64 6.76 22.21
C GLN A 43 16.12 6.62 22.13
N ASN A 44 15.55 7.00 20.99
CA ASN A 44 14.12 6.86 20.78
C ASN A 44 13.80 5.47 20.23
N THR A 45 14.09 4.45 21.01
CA THR A 45 13.88 3.08 20.57
C THR A 45 12.42 2.65 20.78
N ASN A 46 11.99 2.65 22.03
CA ASN A 46 10.60 2.33 22.35
C ASN A 46 9.78 3.61 22.43
N VAL A 47 10.48 4.73 22.55
CA VAL A 47 9.87 6.04 22.69
C VAL A 47 9.41 6.55 21.34
N ASP A 48 8.58 7.59 21.31
CA ASP A 48 8.14 8.21 20.06
C ASP A 48 9.31 8.48 19.13
N LYS A 49 9.08 8.25 17.83
CA LYS A 49 10.13 8.24 16.84
C LYS A 49 9.78 9.13 15.66
N PRO A 50 10.74 9.91 15.15
CA PRO A 50 10.55 10.73 13.98
C PRO A 50 10.78 9.97 12.68
N LEU A 51 9.86 10.13 11.75
CA LEU A 51 9.90 9.43 10.48
C LEU A 51 10.26 10.38 9.34
N ARG A 52 11.35 10.09 8.65
CA ARG A 52 11.71 10.87 7.47
C ARG A 52 11.23 10.19 6.21
N ILE A 53 10.31 10.83 5.52
CA ILE A 53 9.83 10.32 4.25
C ILE A 53 10.66 10.89 3.11
N ILE A 54 11.46 10.03 2.48
CA ILE A 54 12.34 10.46 1.40
C ILE A 54 11.82 9.94 0.06
N GLY A 55 11.54 10.84 -0.87
CA GLY A 55 11.04 10.43 -2.16
C GLY A 55 10.62 11.60 -3.02
N ASP A 56 9.95 11.32 -4.14
CA ASP A 56 9.40 12.37 -5.00
C ASP A 56 8.56 13.34 -4.19
N PRO A 57 8.53 14.62 -4.56
CA PRO A 57 7.80 15.64 -3.80
C PRO A 57 6.33 15.26 -3.60
N TYR A 58 5.65 14.96 -4.70
CA TYR A 58 4.25 14.52 -4.64
C TYR A 58 4.12 13.24 -3.82
N LYS A 59 5.17 12.41 -3.84
CA LYS A 59 5.17 11.17 -3.08
C LYS A 59 5.15 11.48 -1.60
N VAL A 60 6.01 12.38 -1.18
CA VAL A 60 6.08 12.80 0.22
C VAL A 60 4.73 13.37 0.65
N GLN A 61 4.10 14.13 -0.24
CA GLN A 61 2.79 14.71 0.03
C GLN A 61 1.75 13.61 0.30
N GLN A 62 1.67 12.65 -0.62
CA GLN A 62 0.70 11.57 -0.48
C GLN A 62 1.06 10.65 0.68
N ALA A 63 2.35 10.44 0.89
CA ALA A 63 2.81 9.57 1.96
C ALA A 63 2.59 10.22 3.33
N CYS A 64 2.89 11.50 3.44
CA CYS A 64 2.65 12.24 4.66
C CYS A 64 1.17 12.15 5.03
N GLU A 65 0.33 12.17 4.02
CA GLU A 65 -1.10 12.01 4.22
C GLU A 65 -1.44 10.61 4.71
N MET A 66 -0.86 9.59 4.09
CA MET A 66 -1.20 8.21 4.43
C MET A 66 -0.60 7.80 5.76
N VAL A 67 0.62 8.24 6.06
CA VAL A 67 1.22 7.92 7.34
C VAL A 67 0.40 8.49 8.47
N MET A 68 -0.18 9.68 8.23
CA MET A 68 -1.09 10.28 9.20
C MET A 68 -2.40 9.51 9.25
N ASP A 69 -2.70 8.77 8.19
CA ASP A 69 -3.97 8.05 8.09
C ASP A 69 -3.88 6.68 8.77
N ILE A 70 -2.77 5.99 8.59
CA ILE A 70 -2.60 4.68 9.18
C ILE A 70 -2.05 4.75 10.61
N LEU A 71 -1.36 5.84 10.91
CA LEU A 71 -0.84 6.11 12.24
C LEU A 71 -1.88 6.79 13.14
N ARG A 72 -2.89 7.42 12.52
CA ARG A 72 -3.95 8.13 13.26
C ARG A 72 -4.71 7.19 14.18
N GLU A 73 -4.49 5.90 13.99
CA GLU A 73 -5.17 4.87 14.73
C GLU A 73 -5.10 5.12 16.24
N ARG A 74 -6.24 4.87 16.89
CA ARG A 74 -6.38 5.15 18.30
C ARG A 74 -5.49 4.25 19.13
N ASP A 75 -5.23 3.04 18.63
CA ASP A 75 -4.31 2.13 19.31
C ASP A 75 -3.33 1.47 18.33
N GLN A 76 -3.71 0.34 17.77
CA GLN A 76 -2.85 -0.42 16.88
C GLN A 76 -3.68 -1.26 15.92
N GLY A 77 -4.47 -0.58 15.10
CA GLY A 77 -5.29 -1.25 14.11
C GLY A 77 -5.28 -0.51 12.79
N GLY A 78 -4.17 0.15 12.50
CA GLY A 78 -4.00 0.87 11.26
C GLY A 78 -4.03 -0.07 10.07
N PHE A 79 -4.34 0.47 8.89
CA PHE A 79 -4.33 -0.33 7.66
C PHE A 79 -2.93 -0.88 7.45
N GLY A 80 -1.94 0.00 7.62
CA GLY A 80 -0.56 -0.41 7.66
C GLY A 80 0.23 0.43 6.70
N ASP A 81 0.06 0.11 5.44
CA ASP A 81 0.65 0.87 4.36
C ASP A 81 -0.32 1.92 3.87
N ARG A 82 -1.57 1.73 4.27
CA ARG A 82 -2.67 2.60 3.91
C ARG A 82 -3.22 2.19 2.55
N ASN A 83 -3.78 0.98 2.52
CA ASN A 83 -4.44 0.42 1.34
C ASN A 83 -5.44 1.39 0.74
N GLU A 84 -5.02 2.01 -0.36
CA GLU A 84 -5.80 2.99 -1.12
C GLU A 84 -4.86 3.78 -2.01
N TYR A 85 -3.72 4.13 -1.44
CA TYR A 85 -2.71 4.93 -2.11
C TYR A 85 -1.49 5.05 -1.21
N GLY A 86 -0.34 5.20 -1.84
CA GLY A 86 0.92 5.32 -1.11
C GLY A 86 1.92 6.07 -1.93
N SER A 87 1.80 7.39 -1.95
CA SER A 87 2.63 8.25 -2.79
C SER A 87 2.21 8.14 -4.26
N ARG A 88 1.54 7.05 -4.59
CA ARG A 88 0.92 6.90 -5.89
C ARG A 88 -0.57 7.10 -5.79
N ILE A 89 -1.14 7.51 -6.92
CA ILE A 89 -2.57 7.71 -7.06
C ILE A 89 -3.13 8.79 -6.13
N GLY A 90 -3.51 8.40 -4.92
CA GLY A 90 -4.19 9.31 -4.02
C GLY A 90 -5.69 9.06 -3.99
N GLY A 91 -6.05 7.79 -3.88
CA GLY A 91 -7.46 7.40 -3.85
C GLY A 91 -7.66 5.98 -4.40
N GLY A 92 -8.83 5.40 -4.15
CA GLY A 92 -9.11 4.07 -4.63
C GLY A 92 -8.61 3.01 -3.67
N ILE A 93 -7.74 2.14 -4.18
CA ILE A 93 -7.04 1.16 -3.35
C ILE A 93 -5.74 0.75 -4.03
N ASP A 94 -4.98 -0.11 -3.37
CA ASP A 94 -3.83 -0.76 -3.98
C ASP A 94 -4.01 -2.27 -3.95
N VAL A 95 -3.68 -2.92 -5.05
CA VAL A 95 -3.89 -4.36 -5.19
C VAL A 95 -2.61 -5.10 -5.52
N PRO A 96 -1.95 -5.70 -4.53
CA PRO A 96 -0.84 -6.61 -4.78
C PRO A 96 -1.34 -7.91 -5.40
N VAL A 97 -1.07 -8.11 -6.68
CA VAL A 97 -1.47 -9.35 -7.35
C VAL A 97 -0.24 -10.12 -7.80
N PRO A 98 -0.15 -11.40 -7.41
CA PRO A 98 0.98 -12.28 -7.74
C PRO A 98 1.36 -12.20 -9.22
N ARG A 99 2.66 -12.13 -9.46
CA ARG A 99 3.21 -11.99 -10.83
C ARG A 99 2.70 -13.09 -11.76
N HIS A 100 2.41 -14.26 -11.21
CA HIS A 100 1.93 -15.39 -12.02
C HIS A 100 0.41 -15.41 -12.08
N SER A 101 -0.23 -14.35 -11.63
CA SER A 101 -1.68 -14.30 -11.57
C SER A 101 -2.22 -13.03 -12.23
N VAL A 102 -1.35 -12.06 -12.45
CA VAL A 102 -1.76 -10.78 -13.02
C VAL A 102 -2.29 -10.94 -14.45
N GLY A 103 -1.70 -11.87 -15.20
CA GLY A 103 -2.15 -12.13 -16.56
C GLY A 103 -3.55 -12.69 -16.59
N VAL A 104 -3.93 -13.39 -15.53
CA VAL A 104 -5.28 -13.93 -15.41
C VAL A 104 -6.25 -12.82 -15.07
N VAL A 105 -5.80 -11.89 -14.24
CA VAL A 105 -6.58 -10.72 -13.90
C VAL A 105 -6.89 -9.92 -15.16
N ILE A 106 -5.89 -9.81 -16.02
CA ILE A 106 -6.06 -9.14 -17.31
C ILE A 106 -7.00 -9.93 -18.20
N GLY A 107 -6.78 -11.24 -18.25
CA GLY A 107 -7.65 -12.11 -19.02
C GLY A 107 -7.19 -12.27 -20.45
N ARG A 108 -5.87 -12.24 -20.66
CA ARG A 108 -5.27 -12.40 -21.99
C ARG A 108 -5.63 -11.25 -22.93
N SER A 109 -6.84 -11.29 -23.47
CA SER A 109 -7.30 -10.27 -24.40
C SER A 109 -7.81 -9.04 -23.64
N GLY A 110 -7.54 -9.00 -22.34
CA GLY A 110 -8.01 -7.90 -21.52
C GLY A 110 -9.49 -7.99 -21.22
N GLU A 111 -10.03 -9.21 -21.33
CA GLU A 111 -11.44 -9.43 -21.08
C GLU A 111 -11.77 -9.30 -19.60
N MET A 112 -11.00 -10.00 -18.77
CA MET A 112 -11.28 -10.09 -17.35
C MET A 112 -11.05 -8.75 -16.66
N ILE A 113 -10.00 -8.05 -17.08
CA ILE A 113 -9.65 -6.78 -16.48
C ILE A 113 -10.72 -5.73 -16.74
N LYS A 114 -11.37 -5.83 -17.89
CA LYS A 114 -12.47 -4.94 -18.23
C LYS A 114 -13.75 -5.43 -17.56
N LYS A 115 -13.84 -6.73 -17.39
CA LYS A 115 -14.98 -7.34 -16.73
C LYS A 115 -15.04 -6.95 -15.26
N ILE A 116 -13.88 -6.86 -14.60
CA ILE A 116 -13.83 -6.37 -13.21
C ILE A 116 -14.33 -4.93 -13.16
N GLN A 117 -13.95 -4.16 -14.18
CA GLN A 117 -14.36 -2.77 -14.29
C GLN A 117 -15.86 -2.66 -14.50
N ASN A 118 -16.43 -3.64 -15.18
CA ASN A 118 -17.86 -3.66 -15.46
C ASN A 118 -18.67 -4.15 -14.26
N ASP A 119 -18.18 -5.18 -13.61
CA ASP A 119 -18.91 -5.82 -12.51
C ASP A 119 -18.78 -5.02 -11.21
N ALA A 120 -17.58 -4.57 -10.89
CA ALA A 120 -17.36 -3.85 -9.65
C ALA A 120 -17.45 -2.34 -9.84
N GLY A 121 -17.32 -1.90 -11.08
CA GLY A 121 -17.38 -0.49 -11.40
C GLY A 121 -16.08 0.22 -11.06
N VAL A 122 -14.98 -0.37 -11.50
CA VAL A 122 -13.66 0.12 -11.13
C VAL A 122 -12.83 0.47 -12.36
N ARG A 123 -11.61 0.94 -12.13
CA ARG A 123 -10.66 1.24 -13.19
C ARG A 123 -9.25 0.92 -12.70
N ILE A 124 -8.40 0.46 -13.61
CA ILE A 124 -7.10 -0.12 -13.23
C ILE A 124 -5.92 0.80 -13.57
N GLN A 125 -4.98 0.88 -12.65
CA GLN A 125 -3.73 1.62 -12.83
C GLN A 125 -2.56 0.82 -12.28
N PHE A 126 -1.89 0.07 -13.14
CA PHE A 126 -0.68 -0.64 -12.75
C PHE A 126 0.45 0.36 -12.61
N LYS A 127 0.82 0.63 -11.38
CA LYS A 127 1.79 1.67 -11.08
C LYS A 127 3.16 1.06 -10.76
N GLN A 128 4.05 1.88 -10.22
CA GLN A 128 5.47 1.55 -10.05
C GLN A 128 5.77 0.48 -8.99
N ASP A 129 5.04 -0.63 -9.03
CA ASP A 129 5.36 -1.80 -8.20
C ASP A 129 5.25 -3.04 -9.06
N ASP A 130 6.14 -3.13 -10.03
CA ASP A 130 6.11 -4.20 -11.02
C ASP A 130 7.20 -5.22 -10.75
N GLY A 131 8.42 -4.73 -10.53
CA GLY A 131 9.54 -5.63 -10.29
C GLY A 131 10.07 -5.52 -8.86
N THR A 132 9.43 -4.70 -8.06
CA THR A 132 9.84 -4.51 -6.68
C THR A 132 8.98 -5.33 -5.73
N GLY A 133 8.67 -6.55 -6.13
CA GLY A 133 7.90 -7.44 -5.29
C GLY A 133 7.46 -8.68 -6.02
N PRO A 134 6.99 -9.71 -5.30
CA PRO A 134 6.48 -10.94 -5.91
C PRO A 134 5.07 -10.74 -6.45
N GLU A 135 4.49 -9.61 -6.09
CA GLU A 135 3.15 -9.25 -6.49
C GLU A 135 3.16 -7.84 -7.07
N LYS A 136 2.25 -7.58 -7.99
CA LYS A 136 2.21 -6.32 -8.68
C LYS A 136 1.00 -5.52 -8.22
N ILE A 137 1.27 -4.41 -7.55
CA ILE A 137 0.20 -3.53 -7.09
C ILE A 137 -0.53 -2.88 -8.26
N ALA A 138 -1.75 -3.28 -8.47
CA ALA A 138 -2.63 -2.62 -9.42
C ALA A 138 -3.54 -1.67 -8.66
N HIS A 139 -3.70 -0.47 -9.17
CA HIS A 139 -4.59 0.48 -8.54
C HIS A 139 -6.01 0.30 -9.03
N ILE A 140 -6.90 0.09 -8.09
CA ILE A 140 -8.32 0.08 -8.36
C ILE A 140 -8.94 1.39 -7.87
N MET A 141 -9.64 2.10 -8.75
CA MET A 141 -10.28 3.34 -8.35
C MET A 141 -11.78 3.17 -8.24
N GLY A 142 -12.42 4.13 -7.61
CA GLY A 142 -13.84 4.08 -7.39
C GLY A 142 -14.17 4.35 -5.94
N PRO A 143 -15.46 4.48 -5.60
CA PRO A 143 -15.89 4.64 -4.21
C PRO A 143 -15.45 3.47 -3.34
N PRO A 144 -15.07 3.73 -2.08
CA PRO A 144 -14.49 2.73 -1.16
C PRO A 144 -15.16 1.36 -1.22
N ASP A 145 -16.49 1.33 -1.24
CA ASP A 145 -17.22 0.07 -1.35
C ASP A 145 -16.81 -0.71 -2.59
N ARG A 146 -16.68 -0.02 -3.71
CA ARG A 146 -16.47 -0.66 -4.99
C ARG A 146 -15.01 -1.08 -5.17
N CYS A 147 -14.09 -0.24 -4.73
CA CYS A 147 -12.67 -0.57 -4.82
C CYS A 147 -12.35 -1.81 -4.01
N GLU A 148 -12.77 -1.81 -2.74
CA GLU A 148 -12.60 -2.97 -1.89
C GLU A 148 -13.35 -4.18 -2.46
N HIS A 149 -14.55 -3.93 -2.99
CA HIS A 149 -15.38 -4.99 -3.58
C HIS A 149 -14.63 -5.71 -4.70
N ALA A 150 -13.78 -4.98 -5.41
CA ALA A 150 -13.05 -5.52 -6.54
C ALA A 150 -11.88 -6.37 -6.08
N ALA A 151 -11.28 -5.98 -4.95
CA ALA A 151 -10.13 -6.69 -4.41
C ALA A 151 -10.51 -8.08 -3.92
N ARG A 152 -11.78 -8.26 -3.56
CA ARG A 152 -12.23 -9.54 -3.02
C ARG A 152 -12.43 -10.54 -4.14
N ILE A 153 -12.83 -10.05 -5.30
CA ILE A 153 -12.98 -10.89 -6.48
C ILE A 153 -11.61 -11.42 -6.91
N ILE A 154 -10.63 -10.53 -6.95
CA ILE A 154 -9.27 -10.87 -7.36
C ILE A 154 -8.65 -11.91 -6.42
N ASN A 155 -8.94 -11.77 -5.13
CA ASN A 155 -8.40 -12.70 -4.13
C ASN A 155 -8.84 -14.14 -4.40
N ASP A 156 -10.03 -14.30 -4.98
CA ASP A 156 -10.51 -15.63 -5.35
C ASP A 156 -9.86 -16.08 -6.65
N LEU A 157 -9.67 -15.14 -7.57
CA LEU A 157 -8.99 -15.43 -8.84
C LEU A 157 -7.64 -16.08 -8.60
N LEU A 158 -6.92 -15.56 -7.61
CA LEU A 158 -5.56 -16.02 -7.30
C LEU A 158 -5.55 -17.50 -6.89
N GLN A 159 -6.59 -17.92 -6.16
CA GLN A 159 -6.67 -19.30 -5.69
C GLN A 159 -7.27 -20.22 -6.75
N SER A 160 -8.06 -19.66 -7.65
CA SER A 160 -8.76 -20.43 -8.66
C SER A 160 -7.85 -20.81 -9.84
N LEU A 161 -6.83 -19.99 -10.09
CA LEU A 161 -5.99 -20.17 -11.28
C LEU A 161 -4.92 -21.25 -11.09
N ARG A 162 -5.11 -22.13 -10.12
CA ARG A 162 -4.18 -23.24 -9.90
C ARG A 162 -4.35 -24.30 -10.99
N SER A 163 -5.55 -24.35 -11.54
CA SER A 163 -5.88 -25.27 -12.62
C SER A 163 -7.11 -24.73 -13.36
N GLY A 164 -6.91 -24.29 -14.59
CA GLY A 164 -7.99 -23.67 -15.33
C GLY A 164 -8.18 -24.23 -16.72
#